data_6Z86
#
_entry.id   6Z86
#
_cell.length_a   87.861
_cell.length_b   88.595
_cell.length_c   163.567
_cell.angle_alpha   85.22
_cell.angle_beta   88.91
_cell.angle_gamma   83.55
#
_symmetry.space_group_name_H-M   'P 1'
#
loop_
_entity.id
_entity.type
_entity.pdbx_description
1 polymer 'GTP cyclohydrolase 1'
2 non-polymer 'ZINC ION'
3 non-polymer 7-deaza-GTP
4 water water
#
_entity_poly.entity_id   1
_entity_poly.type   'polypeptide(L)'
_entity_poly.pdbx_seq_one_letter_code
;MHHHHHHGSDDDDKRPEAKSAQPADGWKGERPRSEEDNELNLPNLAAAYSSILSSLGENPQRQGLLKTPWRAASAMQFFT
KGYQETISDVLNDAIFDEDHDEMVIVKDIDMFSMCEHHLVPFVGKVHIGYLPNKQVLGLSKLARIVEIYSRRLQVQERLT
KQIAVAITEALRPAGVGVVVEATHMCMVMRGVQKMNSKTVTSTMLGVFREDPKTREEFLTLIRS
;
_entity_poly.pdbx_strand_id   A,B,C,D,E,F,G,H,I,J,K,L,M,N,O,P,Q,R,S,T
#
loop_
_chem_comp.id
_chem_comp.type
_chem_comp.name
_chem_comp.formula
QBQ non-polymer 7-deaza-GTP 'C11 H17 N4 O14 P3'
ZN non-polymer 'ZINC ION' 'Zn 2'
#
# COMPACT_ATOMS: atom_id res chain seq x y z
N PRO A 32 -29.02 45.53 21.41
CA PRO A 32 -27.81 44.81 20.93
C PRO A 32 -27.74 43.38 21.46
N ARG A 33 -27.01 42.49 20.76
CA ARG A 33 -26.86 41.11 21.22
C ARG A 33 -26.00 41.09 22.52
N SER A 34 -26.29 40.16 23.44
CA SER A 34 -25.59 40.09 24.71
C SER A 34 -24.88 38.75 24.95
N GLU A 35 -24.03 38.68 26.00
CA GLU A 35 -23.35 37.43 26.33
C GLU A 35 -24.33 36.37 26.84
N GLU A 36 -25.46 36.81 27.47
CA GLU A 36 -26.50 35.90 27.93
C GLU A 36 -27.19 35.27 26.70
N ASP A 37 -27.45 36.08 25.66
CA ASP A 37 -28.05 35.61 24.41
C ASP A 37 -27.15 34.55 23.74
N ASN A 38 -25.84 34.73 23.83
CA ASN A 38 -24.88 33.80 23.27
C ASN A 38 -24.87 32.47 23.99
N GLU A 39 -24.93 32.48 25.33
CA GLU A 39 -24.94 31.25 26.13
C GLU A 39 -26.22 30.48 25.87
N LEU A 40 -27.36 31.18 25.78
CA LEU A 40 -28.67 30.57 25.58
C LEU A 40 -28.78 29.95 24.20
N ASN A 41 -28.24 30.62 23.18
CA ASN A 41 -28.37 30.14 21.82
C ASN A 41 -27.27 29.17 21.37
N LEU A 42 -26.18 29.05 22.13
CA LEU A 42 -25.10 28.15 21.74
C LEU A 42 -25.56 26.69 21.51
N PRO A 43 -26.36 26.06 22.42
CA PRO A 43 -26.88 24.69 22.14
C PRO A 43 -27.89 24.59 20.97
N ASN A 44 -28.59 25.70 20.62
CA ASN A 44 -29.47 25.75 19.44
C ASN A 44 -28.62 25.78 18.17
N LEU A 45 -27.48 26.49 18.22
CA LEU A 45 -26.59 26.55 17.08
C LEU A 45 -25.90 25.22 16.89
N ALA A 46 -25.46 24.56 17.98
CA ALA A 46 -24.79 23.26 17.85
C ALA A 46 -25.76 22.24 17.30
N ALA A 47 -27.02 22.25 17.76
CA ALA A 47 -28.05 21.35 17.27
C ALA A 47 -28.27 21.50 15.76
N ALA A 48 -28.30 22.74 15.25
CA ALA A 48 -28.47 22.99 13.83
C ALA A 48 -27.24 22.54 13.04
N TYR A 49 -26.02 22.74 13.58
CA TYR A 49 -24.80 22.29 12.90
C TYR A 49 -24.68 20.77 12.86
N SER A 50 -25.11 20.10 13.93
CA SER A 50 -25.12 18.65 14.00
C SER A 50 -26.12 18.10 12.96
N SER A 51 -27.27 18.77 12.81
CA SER A 51 -28.30 18.43 11.83
C SER A 51 -27.77 18.58 10.40
N ILE A 52 -26.91 19.59 10.16
CA ILE A 52 -26.30 19.84 8.86
C ILE A 52 -25.35 18.70 8.52
N LEU A 53 -24.53 18.26 9.48
CA LEU A 53 -23.59 17.16 9.29
C LEU A 53 -24.31 15.88 8.88
N SER A 54 -25.43 15.57 9.53
CA SER A 54 -26.24 14.40 9.21
C SER A 54 -26.88 14.51 7.83
N SER A 55 -27.42 15.72 7.48
CA SER A 55 -28.07 15.97 6.18
C SER A 55 -27.08 15.97 5.01
N LEU A 56 -25.78 16.15 5.27
CA LEU A 56 -24.76 16.07 4.22
C LEU A 56 -24.30 14.60 3.95
N GLY A 57 -24.82 13.65 4.71
CA GLY A 57 -24.43 12.24 4.61
C GLY A 57 -23.21 11.90 5.45
N GLU A 58 -22.78 12.82 6.33
CA GLU A 58 -21.61 12.58 7.17
C GLU A 58 -21.96 11.89 8.49
N ASN A 59 -20.93 11.34 9.16
CA ASN A 59 -21.07 10.68 10.44
C ASN A 59 -20.69 11.66 11.55
N PRO A 60 -21.67 12.26 12.27
CA PRO A 60 -21.33 13.21 13.33
C PRO A 60 -20.59 12.61 14.53
N GLN A 61 -20.48 11.27 14.58
CA GLN A 61 -19.81 10.57 15.66
C GLN A 61 -18.34 10.24 15.37
N ARG A 62 -17.86 10.43 14.12
CA ARG A 62 -16.44 10.19 13.84
C ARG A 62 -15.55 11.23 14.53
N GLN A 63 -14.33 10.84 14.91
CA GLN A 63 -13.40 11.68 15.67
C GLN A 63 -13.28 13.13 15.17
N GLY A 64 -13.13 13.31 13.85
CA GLY A 64 -13.00 14.65 13.29
C GLY A 64 -14.24 15.53 13.38
N LEU A 65 -15.44 14.93 13.52
CA LEU A 65 -16.68 15.69 13.60
C LEU A 65 -17.28 15.81 14.99
N LEU A 66 -16.77 15.06 15.97
CA LEU A 66 -17.35 15.05 17.31
C LEU A 66 -17.58 16.43 17.98
N LYS A 67 -16.59 17.32 17.96
CA LYS A 67 -16.75 18.64 18.56
C LYS A 67 -17.16 19.74 17.55
N THR A 68 -17.30 19.38 16.26
CA THR A 68 -17.63 20.32 15.18
C THR A 68 -18.91 21.13 15.43
N PRO A 69 -20.07 20.56 15.88
CA PRO A 69 -21.24 21.40 16.13
C PRO A 69 -20.96 22.57 17.08
N TRP A 70 -20.09 22.35 18.09
CA TRP A 70 -19.72 23.41 19.05
C TRP A 70 -18.69 24.37 18.51
N ARG A 71 -17.65 23.87 17.82
CA ARG A 71 -16.60 24.74 17.28
C ARG A 71 -17.17 25.60 16.15
N ALA A 72 -18.10 25.06 15.33
CA ALA A 72 -18.76 25.79 14.25
C ALA A 72 -19.69 26.85 14.81
N ALA A 73 -20.41 26.53 15.88
CA ALA A 73 -21.34 27.45 16.54
C ALA A 73 -20.59 28.62 17.17
N SER A 74 -19.47 28.34 17.85
CA SER A 74 -18.65 29.37 18.48
C SER A 74 -18.03 30.26 17.43
N ALA A 75 -17.57 29.67 16.30
CA ALA A 75 -16.99 30.42 15.19
C ALA A 75 -18.04 31.36 14.61
N MET A 76 -19.27 30.89 14.37
CA MET A 76 -20.35 31.71 13.82
C MET A 76 -20.74 32.86 14.76
N GLN A 77 -20.65 32.62 16.07
CA GLN A 77 -20.91 33.67 17.07
C GLN A 77 -19.82 34.74 17.06
N PHE A 78 -18.55 34.32 16.85
CA PHE A 78 -17.42 35.23 16.73
C PHE A 78 -17.54 36.04 15.45
N PHE A 79 -17.91 35.39 14.33
CA PHE A 79 -18.09 36.08 13.05
C PHE A 79 -19.23 37.10 13.10
N THR A 80 -20.17 36.98 14.05
CA THR A 80 -21.29 37.89 14.15
C THR A 80 -21.26 38.71 15.44
N LYS A 81 -20.06 38.92 16.04
CA LYS A 81 -19.95 39.66 17.30
C LYS A 81 -20.21 41.18 17.21
N GLY A 82 -20.18 41.74 16.00
CA GLY A 82 -20.43 43.16 15.77
C GLY A 82 -21.83 43.61 16.15
N TYR A 83 -22.78 42.68 16.13
CA TYR A 83 -24.16 42.97 16.53
C TYR A 83 -24.22 43.38 17.98
N GLN A 84 -23.35 42.76 18.82
CA GLN A 84 -23.21 43.02 20.27
C GLN A 84 -22.51 44.32 20.59
N GLU A 85 -22.00 45.08 19.60
CA GLU A 85 -21.19 46.28 19.85
C GLU A 85 -21.87 47.61 19.57
N THR A 86 -21.53 48.63 20.37
CA THR A 86 -22.03 49.98 20.20
C THR A 86 -20.86 50.94 19.91
N ILE A 87 -21.06 51.92 19.01
CA ILE A 87 -20.03 52.90 18.65
C ILE A 87 -19.42 53.60 19.88
N SER A 88 -20.26 54.01 20.83
CA SER A 88 -19.81 54.70 22.05
C SER A 88 -18.77 53.91 22.85
N ASP A 89 -19.01 52.61 23.04
CA ASP A 89 -18.09 51.75 23.81
C ASP A 89 -16.78 51.54 23.08
N VAL A 90 -16.86 51.38 21.76
CA VAL A 90 -15.74 51.15 20.87
C VAL A 90 -14.77 52.36 20.85
N LEU A 91 -15.32 53.59 20.76
CA LEU A 91 -14.51 54.81 20.73
C LEU A 91 -13.67 55.05 22.00
N ASN A 92 -14.21 54.71 23.19
CA ASN A 92 -13.53 54.85 24.48
C ASN A 92 -12.99 56.26 24.72
N ASP A 93 -13.72 57.28 24.26
CA ASP A 93 -13.31 58.69 24.38
C ASP A 93 -11.95 58.98 23.77
N ALA A 94 -11.58 58.26 22.71
CA ALA A 94 -10.32 58.51 22.03
C ALA A 94 -10.57 59.51 20.91
N ILE A 95 -11.28 60.61 21.22
CA ILE A 95 -11.50 61.71 20.30
C ILE A 95 -10.70 62.86 20.88
N PHE A 96 -9.52 63.10 20.35
CA PHE A 96 -8.58 64.13 20.82
C PHE A 96 -8.90 65.49 20.23
N ASP A 97 -8.35 66.54 20.86
CA ASP A 97 -8.51 67.90 20.42
C ASP A 97 -7.18 68.40 19.94
N GLU A 98 -6.88 68.09 18.69
CA GLU A 98 -5.68 68.57 18.04
C GLU A 98 -6.14 69.81 17.21
N ASP A 99 -5.21 70.47 16.49
CA ASP A 99 -5.57 71.58 15.62
C ASP A 99 -5.25 71.08 14.23
N HIS A 100 -5.90 69.96 13.84
CA HIS A 100 -5.62 69.35 12.55
C HIS A 100 -6.80 69.50 11.62
N ASP A 101 -6.55 70.06 10.44
CA ASP A 101 -7.59 70.22 9.43
C ASP A 101 -7.23 69.55 8.10
N GLU A 102 -6.26 68.60 8.11
CA GLU A 102 -5.81 67.92 6.91
C GLU A 102 -6.09 66.44 6.94
N MET A 103 -6.15 65.83 5.75
CA MET A 103 -6.53 64.44 5.57
C MET A 103 -5.71 63.43 6.35
N VAL A 104 -6.41 62.57 7.10
CA VAL A 104 -5.79 61.48 7.84
C VAL A 104 -6.30 60.19 7.19
N ILE A 105 -5.40 59.27 6.84
CA ILE A 105 -5.77 58.01 6.22
C ILE A 105 -5.29 56.84 7.04
N VAL A 106 -6.15 55.83 7.25
CA VAL A 106 -5.73 54.54 7.79
C VAL A 106 -6.08 53.51 6.71
N LYS A 107 -5.06 53.00 6.00
CA LYS A 107 -5.28 52.07 4.90
C LYS A 107 -4.81 50.65 5.22
N ASP A 108 -5.24 49.68 4.38
CA ASP A 108 -4.91 48.26 4.46
C ASP A 108 -5.39 47.62 5.74
N ILE A 109 -6.59 47.99 6.19
CA ILE A 109 -7.16 47.37 7.37
C ILE A 109 -7.75 46.03 6.91
N ASP A 110 -7.21 44.90 7.39
CA ASP A 110 -7.73 43.59 7.01
C ASP A 110 -9.14 43.43 7.53
N MET A 111 -10.04 43.03 6.64
CA MET A 111 -11.45 42.93 6.93
C MET A 111 -11.91 41.54 6.59
N PHE A 112 -12.70 40.93 7.51
CA PHE A 112 -13.25 39.58 7.32
C PHE A 112 -14.72 39.66 7.64
N SER A 113 -15.57 39.44 6.63
CA SER A 113 -17.00 39.51 6.81
C SER A 113 -17.68 38.23 6.32
N MET A 114 -19.00 38.15 6.42
CA MET A 114 -19.76 36.98 6.06
C MET A 114 -20.86 37.38 5.09
N CYS A 115 -20.91 36.74 3.93
CA CYS A 115 -21.93 37.01 2.93
C CYS A 115 -23.30 36.59 3.51
N GLU A 116 -24.26 37.53 3.55
CA GLU A 116 -25.58 37.21 4.10
C GLU A 116 -26.40 36.35 3.17
N HIS A 117 -26.03 36.22 1.89
CA HIS A 117 -26.80 35.41 0.96
C HIS A 117 -26.43 33.92 1.00
N HIS A 118 -25.16 33.58 1.22
CA HIS A 118 -24.74 32.18 1.23
C HIS A 118 -24.07 31.73 2.52
N LEU A 119 -23.78 32.66 3.45
CA LEU A 119 -23.12 32.39 4.73
C LEU A 119 -21.72 31.83 4.54
N VAL A 120 -21.01 32.38 3.55
CA VAL A 120 -19.64 32.06 3.19
C VAL A 120 -18.85 33.39 3.33
N PRO A 121 -17.58 33.36 3.79
CA PRO A 121 -16.85 34.62 3.98
C PRO A 121 -16.58 35.46 2.74
N PHE A 122 -16.44 36.76 2.96
CA PHE A 122 -15.92 37.69 1.97
C PHE A 122 -14.87 38.50 2.73
N VAL A 123 -13.64 38.48 2.21
CA VAL A 123 -12.51 39.06 2.93
C VAL A 123 -11.73 40.02 2.06
N GLY A 124 -11.12 41.03 2.68
CA GLY A 124 -10.34 42.00 1.94
C GLY A 124 -9.72 43.06 2.79
N LYS A 125 -9.69 44.29 2.27
CA LYS A 125 -9.06 45.44 2.92
C LYS A 125 -10.01 46.63 2.93
N VAL A 126 -9.92 47.45 3.98
CA VAL A 126 -10.67 48.69 4.10
C VAL A 126 -9.66 49.85 4.18
N HIS A 127 -9.94 50.93 3.43
CA HIS A 127 -9.08 52.11 3.42
C HIS A 127 -9.98 53.26 3.81
N ILE A 128 -9.65 53.94 4.90
CA ILE A 128 -10.45 55.04 5.40
C ILE A 128 -9.65 56.33 5.38
N GLY A 129 -10.30 57.40 4.97
CA GLY A 129 -9.73 58.73 4.97
C GLY A 129 -10.74 59.72 5.52
N TYR A 130 -10.28 60.77 6.19
CA TYR A 130 -11.19 61.78 6.72
C TYR A 130 -10.51 63.13 6.88
N LEU A 131 -11.30 64.21 6.89
CA LEU A 131 -10.76 65.55 7.11
C LEU A 131 -11.25 66.02 8.47
N PRO A 132 -10.37 66.01 9.48
CA PRO A 132 -10.80 66.44 10.82
C PRO A 132 -11.24 67.89 10.84
N ASN A 133 -12.20 68.19 11.69
CA ASN A 133 -12.66 69.55 11.91
C ASN A 133 -12.02 69.93 13.24
N LYS A 134 -10.67 70.08 13.19
CA LYS A 134 -9.74 70.32 14.31
C LYS A 134 -9.59 69.03 15.18
N GLN A 135 -10.70 68.41 15.67
CA GLN A 135 -10.67 67.17 16.45
C GLN A 135 -10.29 65.91 15.62
N VAL A 136 -9.35 65.11 16.12
CA VAL A 136 -8.96 63.87 15.46
C VAL A 136 -9.38 62.67 16.27
N LEU A 137 -9.62 61.55 15.59
CA LEU A 137 -9.97 60.30 16.25
C LEU A 137 -8.69 59.48 16.46
N GLY A 138 -8.71 58.65 17.49
CA GLY A 138 -7.68 57.66 17.76
C GLY A 138 -7.61 56.73 16.57
N LEU A 139 -6.41 56.44 16.07
CA LEU A 139 -6.24 55.68 14.84
C LEU A 139 -6.87 54.32 14.90
N SER A 140 -6.65 53.59 16.00
CA SER A 140 -7.16 52.23 16.10
C SER A 140 -8.67 52.17 16.07
N LYS A 141 -9.35 53.26 16.50
CA LYS A 141 -10.81 53.31 16.54
C LYS A 141 -11.43 53.21 15.13
N LEU A 142 -10.71 53.65 14.08
CA LEU A 142 -11.19 53.51 12.71
C LEU A 142 -11.28 52.02 12.35
N ALA A 143 -10.25 51.23 12.74
CA ALA A 143 -10.23 49.79 12.53
C ALA A 143 -11.27 49.10 13.41
N ARG A 144 -11.49 49.60 14.63
CA ARG A 144 -12.51 49.06 15.51
C ARG A 144 -13.95 49.31 14.99
N ILE A 145 -14.17 50.44 14.26
CA ILE A 145 -15.46 50.73 13.63
C ILE A 145 -15.66 49.71 12.46
N VAL A 146 -14.57 49.36 11.73
CA VAL A 146 -14.62 48.36 10.67
C VAL A 146 -15.10 47.02 11.26
N GLU A 147 -14.59 46.67 12.46
CA GLU A 147 -14.94 45.44 13.16
C GLU A 147 -16.37 45.38 13.63
N ILE A 148 -17.00 46.54 13.93
CA ILE A 148 -18.39 46.52 14.37
C ILE A 148 -19.28 46.02 13.24
N TYR A 149 -19.05 46.53 12.03
CA TYR A 149 -19.90 46.23 10.90
C TYR A 149 -19.46 45.03 10.09
N SER A 150 -18.17 44.70 10.02
CA SER A 150 -17.71 43.54 9.25
C SER A 150 -18.06 42.24 9.96
N ARG A 151 -18.08 42.23 11.32
CA ARG A 151 -18.44 41.03 12.06
C ARG A 151 -19.96 40.90 12.17
N ARG A 152 -20.62 40.75 11.01
CA ARG A 152 -22.07 40.64 10.87
C ARG A 152 -22.36 39.92 9.54
N LEU A 153 -23.60 39.53 9.30
CA LEU A 153 -24.00 38.97 8.00
C LEU A 153 -24.21 40.22 7.15
N GLN A 154 -23.41 40.34 6.10
CA GLN A 154 -23.34 41.55 5.33
C GLN A 154 -23.51 41.45 3.81
N VAL A 155 -23.59 42.61 3.22
CA VAL A 155 -23.53 42.93 1.81
C VAL A 155 -22.44 44.07 1.79
N GLN A 156 -21.46 43.95 0.93
CA GLN A 156 -20.33 44.86 0.88
C GLN A 156 -20.71 46.33 0.77
N GLU A 157 -21.71 46.64 -0.04
CA GLU A 157 -22.17 48.01 -0.24
C GLU A 157 -22.71 48.59 1.07
N ARG A 158 -23.44 47.78 1.86
CA ARG A 158 -23.94 48.19 3.15
C ARG A 158 -22.81 48.42 4.14
N LEU A 159 -21.89 47.44 4.22
CA LEU A 159 -20.73 47.50 5.12
C LEU A 159 -19.92 48.78 4.89
N THR A 160 -19.68 49.14 3.61
CA THR A 160 -18.93 50.34 3.24
C THR A 160 -19.61 51.61 3.75
N LYS A 161 -20.94 51.72 3.54
CA LYS A 161 -21.73 52.87 3.94
C LYS A 161 -21.79 53.00 5.45
N GLN A 162 -21.99 51.89 6.18
CA GLN A 162 -22.09 51.89 7.64
C GLN A 162 -20.82 52.41 8.29
N ILE A 163 -19.63 52.03 7.78
CA ILE A 163 -18.35 52.49 8.31
C ILE A 163 -18.24 54.02 8.13
N ALA A 164 -18.54 54.52 6.93
CA ALA A 164 -18.46 55.96 6.65
C ALA A 164 -19.44 56.77 7.49
N VAL A 165 -20.67 56.26 7.66
CA VAL A 165 -21.69 56.92 8.46
C VAL A 165 -21.34 56.90 9.96
N ALA A 166 -20.78 55.81 10.48
CA ALA A 166 -20.37 55.74 11.88
C ALA A 166 -19.29 56.78 12.18
N ILE A 167 -18.33 56.96 11.26
CA ILE A 167 -17.26 57.93 11.44
C ILE A 167 -17.82 59.36 11.42
N THR A 168 -18.73 59.66 10.49
CA THR A 168 -19.35 61.00 10.36
C THR A 168 -20.16 61.33 11.59
N GLU A 169 -20.84 60.34 12.17
CA GLU A 169 -21.64 60.59 13.36
C GLU A 169 -20.78 60.69 14.63
N ALA A 170 -19.70 59.90 14.74
CA ALA A 170 -18.83 59.93 15.92
C ALA A 170 -17.94 61.18 15.99
N LEU A 171 -17.54 61.72 14.84
CA LEU A 171 -16.58 62.82 14.80
C LEU A 171 -17.08 64.10 14.24
N ARG A 172 -18.08 64.05 13.35
CA ARG A 172 -18.58 65.21 12.60
C ARG A 172 -17.45 65.95 11.88
N PRO A 173 -16.70 65.24 11.02
CA PRO A 173 -15.59 65.89 10.32
C PRO A 173 -16.04 66.62 9.05
N ALA A 174 -15.10 67.27 8.34
CA ALA A 174 -15.40 67.93 7.07
C ALA A 174 -15.83 66.91 6.00
N GLY A 175 -15.28 65.70 6.05
CA GLY A 175 -15.65 64.65 5.13
C GLY A 175 -15.03 63.31 5.50
N VAL A 176 -15.59 62.23 4.96
CA VAL A 176 -15.10 60.86 5.15
C VAL A 176 -15.09 60.14 3.80
N GLY A 177 -14.12 59.28 3.60
CA GLY A 177 -14.03 58.44 2.42
C GLY A 177 -13.70 57.04 2.87
N VAL A 178 -14.47 56.04 2.39
CA VAL A 178 -14.21 54.64 2.74
C VAL A 178 -14.17 53.83 1.47
N VAL A 179 -13.11 53.02 1.27
CA VAL A 179 -13.02 52.15 0.11
C VAL A 179 -12.84 50.73 0.64
N VAL A 180 -13.66 49.77 0.17
CA VAL A 180 -13.52 48.38 0.55
C VAL A 180 -13.18 47.55 -0.71
N GLU A 181 -12.15 46.72 -0.66
CA GLU A 181 -11.81 45.81 -1.76
C GLU A 181 -11.83 44.41 -1.21
N ALA A 182 -12.68 43.54 -1.75
CA ALA A 182 -12.84 42.21 -1.20
C ALA A 182 -12.98 41.09 -2.22
N THR A 183 -12.62 39.87 -1.81
CA THR A 183 -12.82 38.64 -2.54
C THR A 183 -14.02 37.97 -1.88
N HIS A 184 -15.02 37.65 -2.68
CA HIS A 184 -16.18 36.94 -2.16
C HIS A 184 -15.96 35.46 -2.48
N MET A 185 -15.84 34.60 -1.45
CA MET A 185 -15.63 33.18 -1.66
C MET A 185 -16.78 32.50 -2.37
N CYS A 186 -18.01 33.02 -2.27
CA CYS A 186 -19.14 32.50 -3.06
C CYS A 186 -18.90 32.64 -4.56
N MET A 187 -18.04 33.59 -4.95
CA MET A 187 -17.72 33.83 -6.33
C MET A 187 -16.48 33.07 -6.77
N VAL A 188 -15.62 32.57 -5.84
CA VAL A 188 -14.41 31.86 -6.23
C VAL A 188 -14.56 30.35 -6.03
N MET A 189 -15.10 29.87 -4.89
CA MET A 189 -15.19 28.42 -4.67
C MET A 189 -16.55 27.81 -5.08
N ARG A 190 -17.40 28.59 -5.75
CA ARG A 190 -18.67 28.11 -6.26
C ARG A 190 -19.34 29.16 -7.17
N GLY A 191 -20.54 28.87 -7.66
CA GLY A 191 -21.28 29.77 -8.53
C GLY A 191 -20.55 30.07 -9.81
N VAL A 192 -20.20 31.36 -10.00
CA VAL A 192 -19.46 31.75 -11.22
C VAL A 192 -18.05 31.19 -11.26
N GLN A 193 -17.45 30.89 -10.09
CA GLN A 193 -16.11 30.34 -9.97
C GLN A 193 -15.08 31.17 -10.71
N LYS A 194 -15.09 32.48 -10.46
CA LYS A 194 -14.16 33.43 -11.03
C LYS A 194 -13.13 33.70 -9.96
N MET A 195 -12.01 33.01 -10.10
CA MET A 195 -10.81 32.95 -9.28
C MET A 195 -10.27 34.30 -8.80
N ASN A 196 -10.07 35.23 -9.73
CA ASN A 196 -9.41 36.48 -9.43
C ASN A 196 -10.33 37.69 -9.25
N SER A 197 -11.65 37.49 -9.27
CA SER A 197 -12.61 38.59 -9.14
C SER A 197 -12.56 39.31 -7.79
N LYS A 198 -12.47 40.62 -7.85
CA LYS A 198 -12.42 41.47 -6.66
C LYS A 198 -13.56 42.48 -6.78
N THR A 199 -14.26 42.75 -5.67
CA THR A 199 -15.31 43.76 -5.65
C THR A 199 -14.78 44.99 -4.95
N VAL A 200 -14.93 46.15 -5.56
CA VAL A 200 -14.45 47.40 -4.97
C VAL A 200 -15.68 48.30 -4.75
N THR A 201 -15.92 48.70 -3.50
CA THR A 201 -17.01 49.61 -3.19
C THR A 201 -16.43 50.85 -2.50
N SER A 202 -17.14 51.96 -2.57
CA SER A 202 -16.73 53.19 -1.92
C SER A 202 -17.92 54.00 -1.40
N THR A 203 -17.68 54.79 -0.33
CA THR A 203 -18.67 55.72 0.23
C THR A 203 -17.92 57.01 0.56
N MET A 204 -18.34 58.11 -0.06
CA MET A 204 -17.74 59.42 0.14
C MET A 204 -18.78 60.34 0.71
N LEU A 205 -18.47 60.93 1.87
CA LEU A 205 -19.35 61.85 2.55
C LEU A 205 -18.65 63.20 2.72
N GLY A 206 -19.44 64.26 2.84
CA GLY A 206 -18.92 65.60 3.02
C GLY A 206 -18.05 66.06 1.87
N VAL A 207 -16.87 66.61 2.22
CA VAL A 207 -15.90 67.14 1.28
C VAL A 207 -15.38 66.08 0.31
N PHE A 208 -15.32 64.81 0.75
CA PHE A 208 -14.88 63.71 -0.13
C PHE A 208 -15.87 63.49 -1.28
N ARG A 209 -17.16 63.77 -1.05
CA ARG A 209 -18.19 63.65 -2.06
C ARG A 209 -18.26 64.91 -2.93
N GLU A 210 -18.26 66.10 -2.29
CA GLU A 210 -18.43 67.38 -2.98
C GLU A 210 -17.18 67.96 -3.66
N ASP A 211 -15.97 67.71 -3.14
CA ASP A 211 -14.75 68.26 -3.74
C ASP A 211 -13.99 67.19 -4.48
N PRO A 212 -13.95 67.27 -5.83
CA PRO A 212 -13.22 66.26 -6.61
C PRO A 212 -11.74 66.15 -6.31
N LYS A 213 -11.06 67.26 -6.02
CA LYS A 213 -9.64 67.24 -5.70
C LYS A 213 -9.33 66.47 -4.40
N THR A 214 -10.21 66.58 -3.39
CA THR A 214 -10.05 65.86 -2.12
C THR A 214 -10.19 64.35 -2.38
N ARG A 215 -11.21 63.99 -3.14
CA ARG A 215 -11.53 62.64 -3.54
C ARG A 215 -10.37 61.97 -4.32
N GLU A 216 -9.78 62.67 -5.30
CA GLU A 216 -8.67 62.09 -6.06
C GLU A 216 -7.40 61.96 -5.25
N GLU A 217 -7.16 62.89 -4.32
CA GLU A 217 -5.99 62.81 -3.45
C GLU A 217 -6.07 61.58 -2.56
N PHE A 218 -7.27 61.32 -1.99
CA PHE A 218 -7.51 60.17 -1.14
C PHE A 218 -7.30 58.89 -1.94
N LEU A 219 -7.88 58.81 -3.15
CA LEU A 219 -7.75 57.61 -3.98
C LEU A 219 -6.32 57.30 -4.40
N THR A 220 -5.47 58.33 -4.60
CA THR A 220 -4.08 58.07 -4.97
C THR A 220 -3.26 57.68 -3.74
N LEU A 221 -3.54 58.29 -2.59
CA LEU A 221 -2.81 57.98 -1.37
C LEU A 221 -3.08 56.59 -0.82
N ILE A 222 -4.20 55.95 -1.22
CA ILE A 222 -4.50 54.61 -0.71
C ILE A 222 -3.94 53.50 -1.61
N ARG A 223 -3.32 53.84 -2.76
CA ARG A 223 -2.74 52.83 -3.64
C ARG A 223 -1.32 52.39 -3.22
N ARG B 33 -23.02 9.41 -1.98
CA ARG B 33 -24.18 10.31 -2.02
C ARG B 33 -24.85 10.32 -3.42
N SER B 34 -26.16 10.61 -3.48
CA SER B 34 -26.87 10.62 -4.76
C SER B 34 -27.66 11.92 -4.98
N GLU B 35 -28.14 12.16 -6.22
CA GLU B 35 -28.96 13.35 -6.50
C GLU B 35 -30.32 13.32 -5.78
N GLU B 36 -30.85 12.11 -5.55
CA GLU B 36 -32.09 11.92 -4.82
C GLU B 36 -31.86 12.31 -3.35
N ASP B 37 -30.70 11.94 -2.77
CA ASP B 37 -30.31 12.31 -1.40
C ASP B 37 -30.23 13.83 -1.27
N ASN B 38 -29.71 14.52 -2.30
CA ASN B 38 -29.62 15.96 -2.26
C ASN B 38 -30.99 16.63 -2.24
N GLU B 39 -31.92 16.20 -3.10
CA GLU B 39 -33.28 16.77 -3.16
C GLU B 39 -34.03 16.55 -1.84
N LEU B 40 -33.90 15.36 -1.25
CA LEU B 40 -34.53 14.97 0.00
C LEU B 40 -33.95 15.70 1.19
N ASN B 41 -32.62 15.90 1.22
CA ASN B 41 -31.96 16.57 2.35
C ASN B 41 -31.87 18.09 2.24
N LEU B 42 -32.15 18.68 1.07
CA LEU B 42 -32.12 20.13 0.91
C LEU B 42 -33.07 20.87 1.88
N PRO B 43 -34.36 20.48 2.03
CA PRO B 43 -35.22 21.19 3.00
C PRO B 43 -34.76 21.08 4.46
N ASN B 44 -34.10 19.97 4.84
CA ASN B 44 -33.57 19.78 6.21
C ASN B 44 -32.36 20.68 6.46
N LEU B 45 -31.55 20.91 5.40
CA LEU B 45 -30.40 21.80 5.48
C LEU B 45 -30.92 23.23 5.60
N ALA B 46 -31.93 23.61 4.78
CA ALA B 46 -32.54 24.95 4.81
C ALA B 46 -33.16 25.22 6.18
N ALA B 47 -33.77 24.21 6.80
CA ALA B 47 -34.38 24.36 8.13
C ALA B 47 -33.29 24.66 9.17
N ALA B 48 -32.17 23.95 9.10
CA ALA B 48 -31.06 24.16 10.02
C ALA B 48 -30.43 25.52 9.83
N TYR B 49 -30.30 26.01 8.59
CA TYR B 49 -29.73 27.33 8.33
C TYR B 49 -30.64 28.44 8.81
N SER B 50 -31.97 28.26 8.65
CA SER B 50 -32.95 29.23 9.13
C SER B 50 -32.88 29.31 10.66
N SER B 51 -32.73 28.16 11.33
CA SER B 51 -32.58 28.06 12.76
C SER B 51 -31.30 28.77 13.25
N ILE B 52 -30.23 28.72 12.45
CA ILE B 52 -28.96 29.37 12.76
C ILE B 52 -29.13 30.88 12.69
N LEU B 53 -29.82 31.39 11.63
CA LEU B 53 -30.09 32.83 11.48
C LEU B 53 -30.85 33.37 12.68
N SER B 54 -31.86 32.64 13.17
CA SER B 54 -32.62 33.06 14.35
C SER B 54 -31.78 33.04 15.62
N SER B 55 -30.95 31.98 15.80
CA SER B 55 -30.08 31.82 16.96
C SER B 55 -28.95 32.84 17.00
N LEU B 56 -28.60 33.45 15.87
CA LEU B 56 -27.57 34.50 15.85
C LEU B 56 -28.12 35.89 16.19
N GLY B 57 -29.43 35.99 16.40
CA GLY B 57 -30.08 37.26 16.68
C GLY B 57 -30.54 37.99 15.43
N GLU B 58 -30.50 37.33 14.27
CA GLU B 58 -30.89 37.95 13.01
C GLU B 58 -32.39 37.74 12.70
N ASN B 59 -32.90 38.56 11.77
CA ASN B 59 -34.28 38.49 11.32
C ASN B 59 -34.35 37.68 10.02
N PRO B 60 -34.77 36.41 10.06
CA PRO B 60 -34.83 35.62 8.82
C PRO B 60 -35.85 36.09 7.79
N GLN B 61 -36.70 37.06 8.17
CA GLN B 61 -37.72 37.59 7.29
C GLN B 61 -37.28 38.85 6.53
N ARG B 62 -36.10 39.45 6.86
CA ARG B 62 -35.66 40.63 6.14
C ARG B 62 -35.24 40.29 4.72
N GLN B 63 -35.37 41.25 3.77
CA GLN B 63 -35.07 41.03 2.34
C GLN B 63 -33.80 40.23 2.06
N GLY B 64 -32.70 40.61 2.70
CA GLY B 64 -31.42 39.97 2.47
C GLY B 64 -31.31 38.55 2.98
N LEU B 65 -32.13 38.17 3.96
CA LEU B 65 -32.08 36.82 4.51
C LEU B 65 -33.19 35.87 4.04
N LEU B 66 -34.20 36.37 3.33
CA LEU B 66 -35.35 35.54 2.89
C LEU B 66 -34.98 34.23 2.14
N LYS B 67 -34.06 34.28 1.17
CA LYS B 67 -33.66 33.07 0.42
C LYS B 67 -32.41 32.40 0.97
N THR B 68 -31.76 32.99 2.01
CA THR B 68 -30.50 32.51 2.58
C THR B 68 -30.54 31.06 3.05
N PRO B 69 -31.57 30.56 3.78
CA PRO B 69 -31.54 29.14 4.16
C PRO B 69 -31.36 28.18 2.99
N TRP B 70 -31.95 28.52 1.83
CA TRP B 70 -31.85 27.70 0.62
C TRP B 70 -30.52 27.90 -0.13
N ARG B 71 -30.08 29.17 -0.27
CA ARG B 71 -28.80 29.44 -0.97
C ARG B 71 -27.62 28.89 -0.16
N ALA B 72 -27.67 28.94 1.19
CA ALA B 72 -26.63 28.41 2.06
C ALA B 72 -26.61 26.90 2.00
N ALA B 73 -27.79 26.27 1.98
CA ALA B 73 -27.93 24.82 1.91
C ALA B 73 -27.39 24.29 0.57
N SER B 74 -27.74 24.96 -0.56
CA SER B 74 -27.26 24.59 -1.89
C SER B 74 -25.76 24.74 -1.99
N ALA B 75 -25.21 25.80 -1.39
CA ALA B 75 -23.77 26.04 -1.37
C ALA B 75 -23.07 24.92 -0.61
N MET B 76 -23.59 24.52 0.57
CA MET B 76 -22.99 23.45 1.36
C MET B 76 -23.04 22.09 0.65
N GLN B 77 -24.07 21.86 -0.14
CA GLN B 77 -24.18 20.65 -0.93
C GLN B 77 -23.12 20.67 -2.01
N PHE B 78 -22.93 21.81 -2.68
CA PHE B 78 -21.89 21.93 -3.70
C PHE B 78 -20.50 21.72 -3.09
N PHE B 79 -20.23 22.35 -1.92
CA PHE B 79 -18.96 22.20 -1.22
C PHE B 79 -18.70 20.73 -0.83
N THR B 80 -19.72 19.91 -0.73
CA THR B 80 -19.60 18.51 -0.34
C THR B 80 -19.94 17.56 -1.50
N LYS B 81 -20.01 18.05 -2.77
CA LYS B 81 -20.33 17.24 -3.94
C LYS B 81 -19.32 16.09 -4.17
N GLY B 82 -18.18 16.11 -3.49
CA GLY B 82 -17.15 15.10 -3.64
C GLY B 82 -17.57 13.74 -3.12
N TYR B 83 -18.51 13.74 -2.15
CA TYR B 83 -19.02 12.52 -1.53
C TYR B 83 -19.77 11.65 -2.54
N GLN B 84 -20.39 12.25 -3.56
CA GLN B 84 -21.15 11.52 -4.59
C GLN B 84 -20.29 11.04 -5.78
N GLU B 85 -18.95 11.22 -5.71
CA GLU B 85 -18.07 10.87 -6.81
C GLU B 85 -17.19 9.63 -6.59
N THR B 86 -16.97 8.89 -7.67
CA THR B 86 -16.17 7.66 -7.68
C THR B 86 -15.01 7.83 -8.65
N ILE B 87 -13.80 7.38 -8.29
CA ILE B 87 -12.60 7.51 -9.14
C ILE B 87 -12.82 6.95 -10.55
N SER B 88 -13.52 5.80 -10.69
CA SER B 88 -13.79 5.18 -11.99
C SER B 88 -14.57 6.07 -12.96
N ASP B 89 -15.61 6.76 -12.46
CA ASP B 89 -16.42 7.64 -13.30
C ASP B 89 -15.66 8.89 -13.71
N VAL B 90 -14.86 9.44 -12.78
CA VAL B 90 -14.04 10.62 -12.95
C VAL B 90 -12.96 10.42 -14.01
N LEU B 91 -12.28 9.24 -14.02
CA LEU B 91 -11.24 8.93 -14.99
C LEU B 91 -11.72 8.86 -16.43
N ASN B 92 -12.94 8.34 -16.69
CA ASN B 92 -13.50 8.22 -18.03
C ASN B 92 -12.56 7.51 -19.03
N ASP B 93 -11.83 6.49 -18.57
CA ASP B 93 -10.88 5.73 -19.38
C ASP B 93 -9.80 6.58 -20.03
N ALA B 94 -9.43 7.70 -19.40
CA ALA B 94 -8.40 8.57 -19.95
C ALA B 94 -6.99 8.10 -19.54
N ILE B 95 -6.61 6.90 -19.99
CA ILE B 95 -5.28 6.32 -19.75
C ILE B 95 -4.72 6.01 -21.13
N PHE B 96 -3.62 6.69 -21.50
CA PHE B 96 -3.04 6.59 -22.84
C PHE B 96 -1.68 5.91 -22.82
N ASP B 97 -1.36 5.17 -23.89
CA ASP B 97 -0.07 4.50 -24.00
C ASP B 97 0.91 5.39 -24.76
N GLU B 98 1.71 6.18 -24.03
CA GLU B 98 2.65 7.09 -24.65
C GLU B 98 4.12 6.72 -24.49
N ASP B 99 4.43 5.47 -24.02
CA ASP B 99 5.81 4.98 -23.80
C ASP B 99 6.62 5.97 -22.96
N HIS B 100 5.98 6.54 -21.95
CA HIS B 100 6.60 7.56 -21.11
C HIS B 100 6.96 7.00 -19.77
N ASP B 101 8.22 7.16 -19.37
CA ASP B 101 8.66 6.71 -18.05
C ASP B 101 9.27 7.86 -17.23
N GLU B 102 8.97 9.11 -17.59
CA GLU B 102 9.51 10.26 -16.92
C GLU B 102 8.45 11.09 -16.25
N MET B 103 8.86 11.83 -15.22
CA MET B 103 7.99 12.61 -14.37
C MET B 103 7.06 13.57 -15.09
N VAL B 104 5.77 13.47 -14.79
CA VAL B 104 4.76 14.39 -15.31
C VAL B 104 4.25 15.19 -14.10
N ILE B 105 4.21 16.52 -14.19
CA ILE B 105 3.76 17.35 -13.08
C ILE B 105 2.61 18.24 -13.51
N VAL B 106 1.54 18.29 -12.71
CA VAL B 106 0.46 19.25 -12.91
C VAL B 106 0.45 20.09 -11.63
N LYS B 107 0.92 21.32 -11.72
CA LYS B 107 1.06 22.18 -10.56
C LYS B 107 0.10 23.34 -10.62
N ASP B 108 -0.07 24.01 -9.46
CA ASP B 108 -0.92 25.16 -9.28
C ASP B 108 -2.38 24.87 -9.55
N ILE B 109 -2.85 23.70 -9.12
CA ILE B 109 -4.27 23.37 -9.24
C ILE B 109 -4.98 24.07 -8.10
N ASP B 110 -5.86 25.03 -8.38
CA ASP B 110 -6.59 25.74 -7.33
C ASP B 110 -7.51 24.79 -6.62
N MET B 111 -7.41 24.75 -5.29
CA MET B 111 -8.14 23.83 -4.45
C MET B 111 -8.98 24.61 -3.43
N PHE B 112 -10.22 24.20 -3.24
CA PHE B 112 -11.13 24.84 -2.30
C PHE B 112 -11.76 23.74 -1.49
N SER B 113 -11.49 23.71 -0.19
CA SER B 113 -12.06 22.67 0.68
C SER B 113 -12.78 23.27 1.89
N MET B 114 -13.28 22.44 2.79
CA MET B 114 -13.98 22.89 3.97
C MET B 114 -13.37 22.25 5.19
N CYS B 115 -12.94 23.08 6.18
CA CYS B 115 -12.41 22.57 7.44
C CYS B 115 -13.53 21.78 8.17
N GLU B 116 -13.26 20.50 8.50
CA GLU B 116 -14.26 19.69 9.20
C GLU B 116 -14.43 20.05 10.67
N HIS B 117 -13.51 20.85 11.25
CA HIS B 117 -13.61 21.22 12.65
C HIS B 117 -14.47 22.46 12.88
N HIS B 118 -14.46 23.43 11.95
CA HIS B 118 -15.22 24.66 12.13
C HIS B 118 -16.23 24.94 11.03
N LEU B 119 -16.19 24.18 9.91
CA LEU B 119 -17.05 24.37 8.75
C LEU B 119 -16.83 25.73 8.09
N VAL B 120 -15.57 26.11 7.98
CA VAL B 120 -15.07 27.33 7.35
C VAL B 120 -14.06 26.88 6.27
N PRO B 121 -14.03 27.54 5.10
CA PRO B 121 -13.12 27.07 4.03
C PRO B 121 -11.63 27.10 4.32
N PHE B 122 -10.91 26.24 3.63
CA PHE B 122 -9.47 26.26 3.57
C PHE B 122 -9.15 26.12 2.09
N VAL B 123 -8.38 27.08 1.56
CA VAL B 123 -8.15 27.15 0.13
C VAL B 123 -6.68 27.23 -0.18
N GLY B 124 -6.30 26.78 -1.37
CA GLY B 124 -4.91 26.85 -1.78
C GLY B 124 -4.62 26.25 -3.11
N LYS B 125 -3.48 25.60 -3.23
CA LYS B 125 -3.00 24.99 -4.47
C LYS B 125 -2.54 23.57 -4.19
N VAL B 126 -2.71 22.68 -5.19
CA VAL B 126 -2.25 21.31 -5.15
C VAL B 126 -1.26 21.14 -6.29
N HIS B 127 -0.13 20.49 -5.99
CA HIS B 127 0.91 20.22 -6.98
C HIS B 127 1.07 18.74 -7.01
N ILE B 128 0.87 18.12 -8.16
CA ILE B 128 0.96 16.68 -8.29
C ILE B 128 2.05 16.30 -9.28
N GLY B 129 2.81 15.29 -8.93
CA GLY B 129 3.83 14.73 -9.79
C GLY B 129 3.73 13.22 -9.79
N TYR B 130 4.06 12.57 -10.90
CA TYR B 130 4.04 11.10 -10.95
C TYR B 130 5.02 10.58 -11.97
N LEU B 131 5.54 9.38 -11.73
CA LEU B 131 6.43 8.72 -12.66
C LEU B 131 5.67 7.60 -13.36
N PRO B 132 5.27 7.82 -14.62
CA PRO B 132 4.48 6.81 -15.33
C PRO B 132 5.16 5.48 -15.62
N ASN B 133 4.35 4.44 -15.65
CA ASN B 133 4.82 3.10 -15.97
C ASN B 133 4.36 2.82 -17.42
N LYS B 134 4.93 3.59 -18.38
CA LYS B 134 4.64 3.61 -19.82
C LYS B 134 3.34 4.38 -20.13
N GLN B 135 2.26 4.05 -19.40
CA GLN B 135 0.96 4.70 -19.53
C GLN B 135 0.83 6.04 -18.77
N VAL B 136 0.32 7.05 -19.46
CA VAL B 136 0.04 8.32 -18.86
C VAL B 136 -1.48 8.51 -18.57
N LEU B 137 -1.81 9.43 -17.69
CA LEU B 137 -3.18 9.75 -17.35
C LEU B 137 -3.55 11.03 -18.09
N GLY B 138 -4.84 11.25 -18.35
CA GLY B 138 -5.28 12.52 -18.92
C GLY B 138 -5.01 13.64 -17.92
N LEU B 139 -4.26 14.69 -18.30
CA LEU B 139 -3.89 15.79 -17.40
C LEU B 139 -5.02 16.30 -16.53
N SER B 140 -6.22 16.52 -17.10
CA SER B 140 -7.35 17.05 -16.33
C SER B 140 -7.85 16.12 -15.24
N LYS B 141 -7.64 14.81 -15.41
CA LYS B 141 -8.08 13.84 -14.41
C LYS B 141 -7.37 14.00 -13.10
N LEU B 142 -6.14 14.54 -13.08
CA LEU B 142 -5.41 14.81 -11.84
C LEU B 142 -6.14 15.89 -11.06
N ALA B 143 -6.59 16.96 -11.75
CA ALA B 143 -7.38 18.03 -11.14
C ALA B 143 -8.76 17.53 -10.71
N ARG B 144 -9.36 16.62 -11.45
CA ARG B 144 -10.65 16.02 -11.11
C ARG B 144 -10.56 15.12 -9.89
N ILE B 145 -9.40 14.47 -9.68
CA ILE B 145 -9.16 13.65 -8.49
C ILE B 145 -9.07 14.59 -7.28
N VAL B 146 -8.45 15.76 -7.43
CA VAL B 146 -8.35 16.79 -6.39
C VAL B 146 -9.75 17.20 -5.96
N GLU B 147 -10.66 17.38 -6.93
CA GLU B 147 -12.05 17.76 -6.72
C GLU B 147 -12.87 16.71 -5.99
N ILE B 148 -12.55 15.41 -6.14
CA ILE B 148 -13.30 14.36 -5.43
C ILE B 148 -13.10 14.52 -3.93
N TYR B 149 -11.85 14.74 -3.52
CA TYR B 149 -11.52 14.79 -2.11
C TYR B 149 -11.58 16.16 -1.49
N SER B 150 -11.32 17.24 -2.26
CA SER B 150 -11.37 18.59 -1.70
C SER B 150 -12.81 19.02 -1.45
N ARG B 151 -13.78 18.57 -2.28
CA ARG B 151 -15.19 18.90 -2.08
C ARG B 151 -15.83 17.99 -1.03
N ARG B 152 -15.33 18.05 0.20
CA ARG B 152 -15.79 17.26 1.33
C ARG B 152 -15.36 18.00 2.62
N LEU B 153 -15.82 17.55 3.78
CA LEU B 153 -15.39 18.13 5.05
C LEU B 153 -14.07 17.44 5.28
N GLN B 154 -13.00 18.23 5.34
CA GLN B 154 -11.66 17.71 5.36
C GLN B 154 -10.73 18.20 6.45
N VAL B 155 -9.58 17.53 6.47
CA VAL B 155 -8.36 17.83 7.19
C VAL B 155 -7.30 17.74 6.06
N GLN B 156 -6.45 18.76 5.96
CA GLN B 156 -5.47 18.90 4.90
C GLN B 156 -4.58 17.66 4.70
N GLU B 157 -4.16 17.04 5.80
CA GLU B 157 -3.30 15.85 5.76
C GLU B 157 -4.03 14.70 5.11
N ARG B 158 -5.33 14.52 5.41
CA ARG B 158 -6.13 13.45 4.81
C ARG B 158 -6.33 13.68 3.31
N LEU B 159 -6.73 14.91 2.93
CA LEU B 159 -6.91 15.36 1.56
C LEU B 159 -5.66 15.03 0.70
N THR B 160 -4.46 15.41 1.15
CA THR B 160 -3.19 15.14 0.49
C THR B 160 -2.96 13.63 0.24
N LYS B 161 -3.16 12.79 1.29
CA LYS B 161 -2.93 11.35 1.22
C LYS B 161 -3.92 10.71 0.27
N GLN B 162 -5.21 11.11 0.37
CA GLN B 162 -6.28 10.57 -0.45
C GLN B 162 -6.01 10.84 -1.91
N ILE B 163 -5.55 12.06 -2.23
CA ILE B 163 -5.18 12.44 -3.58
C ILE B 163 -4.06 11.53 -4.12
N ALA B 164 -2.93 11.33 -3.38
CA ALA B 164 -1.85 10.45 -3.82
C ALA B 164 -2.24 8.97 -3.96
N VAL B 165 -3.13 8.47 -3.08
CA VAL B 165 -3.59 7.08 -3.10
C VAL B 165 -4.53 6.83 -4.28
N ALA B 166 -5.41 7.80 -4.61
CA ALA B 166 -6.32 7.67 -5.75
C ALA B 166 -5.55 7.60 -7.08
N ILE B 167 -4.46 8.34 -7.21
CA ILE B 167 -3.63 8.32 -8.40
C ILE B 167 -2.88 6.97 -8.51
N THR B 168 -2.35 6.48 -7.39
CA THR B 168 -1.64 5.20 -7.33
C THR B 168 -2.58 4.07 -7.70
N GLU B 169 -3.82 4.10 -7.20
CA GLU B 169 -4.79 3.06 -7.50
C GLU B 169 -5.31 3.12 -8.92
N ALA B 170 -5.50 4.32 -9.45
CA ALA B 170 -6.00 4.50 -10.81
C ALA B 170 -5.02 4.11 -11.90
N LEU B 171 -3.72 4.38 -11.68
CA LEU B 171 -2.71 4.19 -12.70
C LEU B 171 -1.67 3.14 -12.42
N ARG B 172 -1.39 2.88 -11.15
CA ARG B 172 -0.29 2.00 -10.72
C ARG B 172 1.06 2.47 -11.31
N PRO B 173 1.45 3.73 -11.05
CA PRO B 173 2.71 4.23 -11.61
C PRO B 173 3.91 3.85 -10.74
N ALA B 174 5.12 4.26 -11.16
CA ALA B 174 6.33 3.99 -10.37
C ALA B 174 6.30 4.75 -9.02
N GLY B 175 5.72 5.95 -9.04
CA GLY B 175 5.58 6.78 -7.85
C GLY B 175 4.67 7.97 -8.06
N VAL B 176 4.18 8.54 -6.95
CA VAL B 176 3.31 9.73 -6.93
C VAL B 176 3.81 10.70 -5.83
N GLY B 177 3.71 11.99 -6.08
CA GLY B 177 4.05 13.02 -5.11
C GLY B 177 2.96 14.06 -5.12
N VAL B 178 2.43 14.41 -3.95
CA VAL B 178 1.37 15.44 -3.86
C VAL B 178 1.78 16.46 -2.80
N VAL B 179 1.74 17.75 -3.13
CA VAL B 179 2.03 18.81 -2.18
C VAL B 179 0.79 19.71 -2.15
N VAL B 180 0.27 20.03 -0.97
CA VAL B 180 -0.87 20.93 -0.84
C VAL B 180 -0.41 22.12 0.01
N GLU B 181 -0.69 23.33 -0.47
CA GLU B 181 -0.36 24.55 0.27
C GLU B 181 -1.66 25.30 0.43
N ALA B 182 -2.04 25.62 1.67
CA ALA B 182 -3.34 26.22 1.92
C ALA B 182 -3.41 27.29 3.05
N THR B 183 -4.38 28.18 2.92
CA THR B 183 -4.74 29.18 3.89
C THR B 183 -6.01 28.65 4.53
N HIS B 184 -5.98 28.48 5.85
CA HIS B 184 -7.14 28.05 6.58
C HIS B 184 -7.79 29.31 7.11
N MET B 185 -9.03 29.62 6.70
CA MET B 185 -9.73 30.79 7.18
C MET B 185 -9.99 30.74 8.67
N CYS B 186 -10.07 29.53 9.27
CA CYS B 186 -10.16 29.33 10.74
C CYS B 186 -8.99 29.93 11.47
N MET B 187 -7.84 30.06 10.81
CA MET B 187 -6.65 30.64 11.40
C MET B 187 -6.44 32.10 11.01
N VAL B 188 -7.16 32.65 10.00
CA VAL B 188 -6.95 34.04 9.60
C VAL B 188 -8.10 34.92 10.12
N MET B 189 -9.38 34.50 9.96
CA MET B 189 -10.49 35.37 10.38
C MET B 189 -11.03 35.09 11.76
N ARG B 190 -10.37 34.24 12.54
CA ARG B 190 -10.85 33.84 13.86
C ARG B 190 -9.68 33.10 14.59
N GLY B 191 -9.88 32.70 15.84
CA GLY B 191 -8.90 31.94 16.62
C GLY B 191 -7.58 32.63 16.82
N VAL B 192 -6.47 32.06 16.25
CA VAL B 192 -5.14 32.68 16.38
C VAL B 192 -5.03 33.95 15.56
N GLN B 193 -5.84 34.10 14.49
CA GLN B 193 -5.84 35.28 13.64
C GLN B 193 -4.47 35.63 13.11
N LYS B 194 -3.81 34.65 12.52
CA LYS B 194 -2.50 34.77 11.91
C LYS B 194 -2.74 34.88 10.39
N MET B 195 -2.68 36.12 9.95
CA MET B 195 -2.91 36.67 8.63
C MET B 195 -2.23 35.91 7.47
N ASN B 196 -0.93 35.72 7.57
CA ASN B 196 -0.13 35.18 6.50
C ASN B 196 0.20 33.70 6.62
N SER B 197 -0.27 33.01 7.66
CA SER B 197 0.06 31.61 7.85
C SER B 197 -0.45 30.71 6.72
N LYS B 198 0.40 29.79 6.27
CA LYS B 198 0.10 28.85 5.20
C LYS B 198 0.48 27.44 5.69
N THR B 199 -0.35 26.43 5.39
CA THR B 199 -0.06 25.06 5.78
C THR B 199 0.42 24.30 4.55
N VAL B 200 1.57 23.66 4.64
CA VAL B 200 2.08 22.87 3.55
C VAL B 200 2.08 21.42 4.03
N THR B 201 1.44 20.55 3.27
CA THR B 201 1.45 19.10 3.54
C THR B 201 1.95 18.39 2.27
N SER B 202 2.45 17.17 2.44
CA SER B 202 2.91 16.37 1.31
C SER B 202 2.68 14.87 1.53
N THR B 203 2.52 14.13 0.43
CA THR B 203 2.42 12.67 0.43
C THR B 203 3.24 12.13 -0.76
N MET B 204 4.24 11.32 -0.46
CA MET B 204 5.11 10.73 -1.47
C MET B 204 4.95 9.21 -1.43
N LEU B 205 4.60 8.63 -2.57
CA LEU B 205 4.42 7.19 -2.70
C LEU B 205 5.39 6.64 -3.75
N GLY B 206 5.73 5.37 -3.61
CA GLY B 206 6.61 4.72 -4.57
C GLY B 206 8.00 5.33 -4.62
N VAL B 207 8.48 5.57 -5.84
CA VAL B 207 9.79 6.15 -6.10
C VAL B 207 9.94 7.52 -5.48
N PHE B 208 8.85 8.31 -5.36
CA PHE B 208 8.91 9.65 -4.74
C PHE B 208 9.27 9.54 -3.25
N ARG B 209 8.88 8.45 -2.60
CA ARG B 209 9.16 8.23 -1.21
C ARG B 209 10.52 7.58 -1.03
N GLU B 210 10.84 6.55 -1.84
CA GLU B 210 12.07 5.76 -1.73
C GLU B 210 13.32 6.38 -2.36
N ASP B 211 13.19 7.17 -3.43
CA ASP B 211 14.35 7.78 -4.08
C ASP B 211 14.42 9.27 -3.76
N PRO B 212 15.39 9.67 -2.93
CA PRO B 212 15.51 11.09 -2.57
C PRO B 212 15.73 12.03 -3.77
N LYS B 213 16.47 11.60 -4.80
CA LYS B 213 16.70 12.44 -5.96
C LYS B 213 15.40 12.74 -6.75
N THR B 214 14.49 11.76 -6.82
CA THR B 214 13.20 11.94 -7.50
C THR B 214 12.35 12.98 -6.75
N ARG B 215 12.34 12.85 -5.43
CA ARG B 215 11.64 13.72 -4.50
C ARG B 215 12.16 15.17 -4.60
N GLU B 216 13.49 15.39 -4.64
CA GLU B 216 14.04 16.75 -4.73
C GLU B 216 13.78 17.39 -6.07
N GLU B 217 13.80 16.58 -7.15
CA GLU B 217 13.53 17.08 -8.48
C GLU B 217 12.10 17.58 -8.58
N PHE B 218 11.15 16.82 -8.03
CA PHE B 218 9.75 17.19 -7.99
C PHE B 218 9.57 18.48 -7.20
N LEU B 219 10.17 18.57 -6.00
CA LEU B 219 10.04 19.77 -5.17
C LEU B 219 10.60 21.04 -5.80
N THR B 220 11.67 20.93 -6.62
CA THR B 220 12.22 22.11 -7.29
C THR B 220 11.37 22.49 -8.50
N LEU B 221 10.86 21.50 -9.24
CA LEU B 221 10.04 21.75 -10.42
C LEU B 221 8.67 22.36 -10.10
N ILE B 222 8.20 22.28 -8.84
CA ILE B 222 6.90 22.83 -8.47
C ILE B 222 7.02 24.23 -7.92
N PRO C 32 -33.49 31.49 -28.68
CA PRO C 32 -32.22 31.04 -28.09
C PRO C 32 -31.95 29.56 -28.34
N ARG C 33 -30.65 29.16 -28.29
CA ARG C 33 -30.27 27.76 -28.48
C ARG C 33 -30.79 26.90 -27.30
N SER C 34 -31.02 25.60 -27.52
CA SER C 34 -31.55 24.73 -26.45
C SER C 34 -30.69 23.46 -26.26
N GLU C 35 -30.92 22.71 -25.16
CA GLU C 35 -30.19 21.46 -24.94
C GLU C 35 -30.58 20.37 -25.96
N GLU C 36 -31.82 20.43 -26.49
CA GLU C 36 -32.27 19.52 -27.52
C GLU C 36 -31.50 19.82 -28.80
N ASP C 37 -31.27 21.12 -29.12
CA ASP C 37 -30.47 21.55 -30.28
C ASP C 37 -29.03 21.04 -30.16
N ASN C 38 -28.48 21.01 -28.94
CA ASN C 38 -27.13 20.51 -28.70
C ASN C 38 -27.00 19.03 -28.96
N GLU C 39 -27.97 18.23 -28.48
CA GLU C 39 -27.97 16.78 -28.68
C GLU C 39 -28.10 16.45 -30.15
N LEU C 40 -29.01 17.17 -30.89
CA LEU C 40 -29.30 16.96 -32.31
C LEU C 40 -28.13 17.33 -33.19
N ASN C 41 -27.43 18.42 -32.85
CA ASN C 41 -26.30 18.90 -33.63
C ASN C 41 -24.97 18.26 -33.28
N LEU C 42 -24.85 17.57 -32.15
CA LEU C 42 -23.60 16.94 -31.76
C LEU C 42 -23.05 15.95 -32.80
N PRO C 43 -23.83 15.00 -33.36
CA PRO C 43 -23.26 14.09 -34.39
C PRO C 43 -22.79 14.79 -35.68
N ASN C 44 -23.42 15.92 -36.06
CA ASN C 44 -23.00 16.74 -37.21
C ASN C 44 -21.69 17.46 -36.93
N LEU C 45 -21.48 17.90 -35.68
CA LEU C 45 -20.26 18.55 -35.27
C LEU C 45 -19.14 17.51 -35.27
N ALA C 46 -19.40 16.33 -34.68
CA ALA C 46 -18.42 15.27 -34.63
C ALA C 46 -18.01 14.79 -36.05
N ALA C 47 -18.97 14.75 -36.98
CA ALA C 47 -18.69 14.37 -38.36
C ALA C 47 -17.77 15.38 -39.05
N ALA C 48 -18.02 16.67 -38.81
CA ALA C 48 -17.18 17.73 -39.36
C ALA C 48 -15.77 17.72 -38.75
N TYR C 49 -15.65 17.44 -37.44
CA TYR C 49 -14.33 17.37 -36.81
C TYR C 49 -13.53 16.17 -37.30
N SER C 50 -14.20 15.04 -37.54
CA SER C 50 -13.56 13.84 -38.06
C SER C 50 -13.03 14.12 -39.48
N SER C 51 -13.82 14.84 -40.28
CA SER C 51 -13.46 15.27 -41.63
C SER C 51 -12.24 16.20 -41.60
N ILE C 52 -12.12 17.05 -40.55
CA ILE C 52 -10.99 17.97 -40.40
C ILE C 52 -9.72 17.18 -40.11
N LEU C 53 -9.80 16.17 -39.21
CA LEU C 53 -8.66 15.31 -38.88
C LEU C 53 -8.11 14.60 -40.12
N SER C 54 -9.01 14.08 -41.00
CA SER C 54 -8.60 13.42 -42.22
C SER C 54 -7.98 14.41 -43.20
N SER C 55 -8.57 15.61 -43.33
CA SER C 55 -8.08 16.66 -44.24
C SER C 55 -6.74 17.23 -43.82
N LEU C 56 -6.37 17.11 -42.53
CA LEU C 56 -5.07 17.59 -42.06
C LEU C 56 -3.95 16.55 -42.26
N GLY C 57 -4.27 15.38 -42.81
CA GLY C 57 -3.29 14.33 -43.01
C GLY C 57 -3.16 13.40 -41.82
N GLU C 58 -4.07 13.52 -40.84
CA GLU C 58 -4.00 12.69 -39.64
C GLU C 58 -4.80 11.38 -39.77
N ASN C 59 -4.51 10.43 -38.87
CA ASN C 59 -5.21 9.15 -38.82
C ASN C 59 -6.28 9.24 -37.73
N PRO C 60 -7.56 9.39 -38.10
CA PRO C 60 -8.62 9.50 -37.07
C PRO C 60 -8.85 8.23 -36.25
N GLN C 61 -8.21 7.12 -36.64
CA GLN C 61 -8.33 5.84 -35.96
C GLN C 61 -7.23 5.59 -34.91
N ARG C 62 -6.20 6.46 -34.83
CA ARG C 62 -5.17 6.28 -33.82
C ARG C 62 -5.71 6.61 -32.42
N GLN C 63 -5.17 5.93 -31.38
CA GLN C 63 -5.64 6.05 -30.01
C GLN C 63 -5.94 7.48 -29.55
N GLY C 64 -5.01 8.40 -29.79
CA GLY C 64 -5.15 9.80 -29.39
C GLY C 64 -6.24 10.57 -30.09
N LEU C 65 -6.65 10.14 -31.30
CA LEU C 65 -7.69 10.83 -32.05
C LEU C 65 -9.07 10.16 -32.04
N LEU C 66 -9.18 8.94 -31.53
CA LEU C 66 -10.45 8.18 -31.56
C LEU C 66 -11.68 8.93 -31.03
N LYS C 67 -11.57 9.57 -29.87
CA LYS C 67 -12.70 10.30 -29.27
C LYS C 67 -12.67 11.79 -29.57
N THR C 68 -11.67 12.29 -30.30
CA THR C 68 -11.48 13.70 -30.61
C THR C 68 -12.67 14.33 -31.34
N PRO C 69 -13.29 13.73 -32.38
CA PRO C 69 -14.47 14.38 -33.00
C PRO C 69 -15.56 14.74 -31.99
N TRP C 70 -15.77 13.88 -30.97
CA TRP C 70 -16.78 14.13 -29.95
C TRP C 70 -16.33 15.11 -28.89
N ARG C 71 -15.07 14.99 -28.41
CA ARG C 71 -14.55 15.90 -27.38
C ARG C 71 -14.40 17.32 -27.92
N ALA C 72 -13.99 17.46 -29.19
CA ALA C 72 -13.86 18.76 -29.85
C ALA C 72 -15.24 19.38 -30.08
N ALA C 73 -16.25 18.56 -30.47
CA ALA C 73 -17.61 19.03 -30.67
C ALA C 73 -18.24 19.53 -29.34
N SER C 74 -18.05 18.77 -28.24
CA SER C 74 -18.56 19.13 -26.92
C SER C 74 -17.88 20.39 -26.40
N ALA C 75 -16.57 20.53 -26.66
CA ALA C 75 -15.82 21.72 -26.26
C ALA C 75 -16.36 22.93 -26.99
N MET C 76 -16.58 22.83 -28.32
CA MET C 76 -17.11 23.93 -29.11
C MET C 76 -18.53 24.33 -28.70
N GLN C 77 -19.35 23.35 -28.27
CA GLN C 77 -20.68 23.62 -27.77
C GLN C 77 -20.58 24.40 -26.46
N PHE C 78 -19.64 24.03 -25.59
CA PHE C 78 -19.47 24.71 -24.31
C PHE C 78 -18.96 26.14 -24.57
N PHE C 79 -18.02 26.30 -25.51
CA PHE C 79 -17.49 27.62 -25.87
C PHE C 79 -18.57 28.54 -26.46
N THR C 80 -19.65 28.00 -27.00
CA THR C 80 -20.74 28.78 -27.58
C THR C 80 -22.06 28.64 -26.79
N LYS C 81 -21.98 28.26 -25.50
CA LYS C 81 -23.18 28.09 -24.68
C LYS C 81 -23.94 29.39 -24.34
N GLY C 82 -23.33 30.55 -24.57
CA GLY C 82 -23.94 31.83 -24.28
C GLY C 82 -25.14 32.16 -25.14
N TYR C 83 -25.21 31.56 -26.33
CA TYR C 83 -26.31 31.76 -27.25
C TYR C 83 -27.63 31.25 -26.65
N GLN C 84 -27.56 30.18 -25.84
CA GLN C 84 -28.75 29.61 -25.21
C GLN C 84 -29.17 30.31 -23.90
N GLU C 85 -28.50 31.42 -23.52
CA GLU C 85 -28.80 32.11 -22.30
C GLU C 85 -29.55 33.40 -22.48
N THR C 86 -30.44 33.69 -21.53
CA THR C 86 -31.26 34.90 -21.52
C THR C 86 -30.96 35.70 -20.25
N ILE C 87 -30.87 37.03 -20.36
CA ILE C 87 -30.58 37.89 -19.22
C ILE C 87 -31.52 37.66 -18.03
N SER C 88 -32.83 37.52 -18.29
CA SER C 88 -33.83 37.28 -17.25
C SER C 88 -33.55 36.04 -16.37
N ASP C 89 -33.16 34.92 -17.00
CA ASP C 89 -32.87 33.68 -16.29
C ASP C 89 -31.59 33.78 -15.47
N VAL C 90 -30.59 34.45 -16.05
CA VAL C 90 -29.27 34.67 -15.46
C VAL C 90 -29.35 35.53 -14.20
N LEU C 91 -30.17 36.61 -14.22
CA LEU C 91 -30.33 37.52 -13.08
C LEU C 91 -30.94 36.87 -11.85
N ASN C 92 -31.91 35.94 -12.04
CA ASN C 92 -32.56 35.24 -10.92
C ASN C 92 -33.12 36.20 -9.85
N ASP C 93 -33.69 37.34 -10.28
CA ASP C 93 -34.26 38.34 -9.38
C ASP C 93 -33.28 38.87 -8.33
N ALA C 94 -31.96 38.83 -8.62
CA ALA C 94 -30.97 39.30 -7.67
C ALA C 94 -30.75 40.81 -7.77
N ILE C 95 -31.80 41.59 -7.47
CA ILE C 95 -31.77 43.04 -7.42
C ILE C 95 -32.23 43.42 -6.02
N PHE C 96 -31.34 44.03 -5.23
CA PHE C 96 -31.58 44.35 -3.82
C PHE C 96 -31.69 45.83 -3.55
N ASP C 97 -32.52 46.22 -2.58
CA ASP C 97 -32.71 47.62 -2.24
C ASP C 97 -31.78 48.00 -1.11
N GLU C 98 -30.60 48.53 -1.44
CA GLU C 98 -29.60 48.88 -0.43
C GLU C 98 -29.39 50.39 -0.26
N ASP C 99 -30.26 51.24 -0.85
CA ASP C 99 -30.16 52.71 -0.77
C ASP C 99 -28.75 53.19 -1.16
N HIS C 100 -28.18 52.55 -2.18
CA HIS C 100 -26.82 52.84 -2.61
C HIS C 100 -26.82 53.67 -3.87
N ASP C 101 -26.11 54.80 -3.85
CA ASP C 101 -26.01 55.66 -5.02
C ASP C 101 -24.55 55.89 -5.43
N GLU C 102 -23.62 54.99 -5.01
CA GLU C 102 -22.21 55.13 -5.32
C GLU C 102 -21.67 53.99 -6.15
N MET C 103 -20.58 54.25 -6.88
CA MET C 103 -19.95 53.29 -7.79
C MET C 103 -19.59 51.94 -7.18
N VAL C 104 -20.06 50.86 -7.82
CA VAL C 104 -19.73 49.51 -7.44
C VAL C 104 -18.88 48.93 -8.58
N ILE C 105 -17.75 48.31 -8.27
CA ILE C 105 -16.88 47.73 -9.27
C ILE C 105 -16.65 46.25 -9.02
N VAL C 106 -16.76 45.42 -10.06
CA VAL C 106 -16.33 44.03 -9.99
C VAL C 106 -15.22 43.91 -11.07
N LYS C 107 -13.99 43.81 -10.63
CA LYS C 107 -12.85 43.75 -11.53
C LYS C 107 -12.19 42.37 -11.56
N ASP C 108 -11.33 42.15 -12.58
CA ASP C 108 -10.58 40.93 -12.78
C ASP C 108 -11.45 39.71 -12.97
N ILE C 109 -12.53 39.88 -13.74
CA ILE C 109 -13.39 38.74 -14.08
C ILE C 109 -12.68 38.02 -15.25
N ASP C 110 -12.26 36.77 -15.06
CA ASP C 110 -11.58 36.02 -16.11
C ASP C 110 -12.56 35.73 -17.21
N MET C 111 -12.18 36.05 -18.42
CA MET C 111 -13.04 35.96 -19.57
C MET C 111 -12.35 35.09 -20.63
N PHE C 112 -13.11 34.17 -21.23
CA PHE C 112 -12.62 33.27 -22.27
C PHE C 112 -13.61 33.33 -23.41
N SER C 113 -13.20 33.83 -24.56
CA SER C 113 -14.07 33.92 -25.71
C SER C 113 -13.44 33.25 -26.95
N MET C 114 -14.15 33.29 -28.08
CA MET C 114 -13.68 32.66 -29.29
C MET C 114 -13.68 33.66 -30.41
N CYS C 115 -12.55 33.85 -31.08
CA CYS C 115 -12.46 34.76 -32.22
C CYS C 115 -13.37 34.23 -33.36
N GLU C 116 -14.31 35.07 -33.82
CA GLU C 116 -15.21 34.64 -34.89
C GLU C 116 -14.54 34.57 -36.26
N HIS C 117 -13.34 35.16 -36.43
CA HIS C 117 -12.65 35.15 -37.70
C HIS C 117 -11.79 33.92 -37.93
N HIS C 118 -11.20 33.36 -36.89
CA HIS C 118 -10.33 32.18 -37.04
C HIS C 118 -10.73 31.00 -36.21
N LEU C 119 -11.71 31.17 -35.27
CA LEU C 119 -12.19 30.12 -34.37
C LEU C 119 -11.08 29.64 -33.42
N VAL C 120 -10.31 30.59 -32.92
CA VAL C 120 -9.21 30.38 -31.98
C VAL C 120 -9.52 31.28 -30.77
N PRO C 121 -9.22 30.84 -29.53
CA PRO C 121 -9.60 31.66 -28.37
C PRO C 121 -8.96 33.03 -28.23
N PHE C 122 -9.66 33.93 -27.54
CA PHE C 122 -9.13 35.21 -27.10
C PHE C 122 -9.56 35.31 -25.62
N VAL C 123 -8.59 35.46 -24.76
CA VAL C 123 -8.81 35.37 -23.31
C VAL C 123 -8.25 36.57 -22.58
N GLY C 124 -8.85 36.90 -21.45
CA GLY C 124 -8.39 38.03 -20.66
C GLY C 124 -9.22 38.31 -19.44
N LYS C 125 -9.41 39.59 -19.13
CA LYS C 125 -10.13 40.05 -17.95
C LYS C 125 -11.17 41.10 -18.33
N VAL C 126 -12.30 41.12 -17.59
CA VAL C 126 -13.35 42.13 -17.73
C VAL C 126 -13.45 42.88 -16.40
N HIS C 127 -13.53 44.20 -16.47
CA HIS C 127 -13.67 45.06 -15.30
C HIS C 127 -14.94 45.84 -15.51
N ILE C 128 -15.89 45.69 -14.58
CA ILE C 128 -17.18 46.36 -14.70
C ILE C 128 -17.39 47.31 -13.54
N GLY C 129 -17.91 48.49 -13.84
CA GLY C 129 -18.28 49.47 -12.85
C GLY C 129 -19.67 50.01 -13.17
N TYR C 130 -20.45 50.37 -12.15
CA TYR C 130 -21.77 50.96 -12.37
C TYR C 130 -22.19 51.85 -11.22
N LEU C 131 -23.07 52.81 -11.49
CA LEU C 131 -23.61 53.71 -10.47
C LEU C 131 -25.04 53.31 -10.21
N PRO C 132 -25.32 52.71 -9.04
CA PRO C 132 -26.69 52.26 -8.78
C PRO C 132 -27.68 53.39 -8.58
N ASN C 133 -28.92 53.13 -8.97
CA ASN C 133 -30.01 54.04 -8.78
C ASN C 133 -30.83 53.48 -7.60
N LYS C 134 -30.20 53.50 -6.38
CA LYS C 134 -30.69 52.97 -5.08
C LYS C 134 -30.57 51.44 -5.01
N GLN C 135 -31.08 50.73 -6.06
CA GLN C 135 -31.02 49.26 -6.19
C GLN C 135 -29.67 48.74 -6.73
N VAL C 136 -29.14 47.69 -6.07
CA VAL C 136 -27.91 47.06 -6.47
C VAL C 136 -28.15 45.68 -7.06
N LEU C 137 -27.35 45.29 -8.02
CA LEU C 137 -27.41 43.98 -8.64
C LEU C 137 -26.48 43.04 -7.85
N GLY C 138 -26.85 41.76 -7.73
CA GLY C 138 -26.02 40.75 -7.08
C GLY C 138 -24.68 40.65 -7.79
N LEU C 139 -23.58 40.76 -7.04
CA LEU C 139 -22.22 40.79 -7.59
C LEU C 139 -21.92 39.73 -8.63
N SER C 140 -22.32 38.48 -8.38
CA SER C 140 -22.05 37.40 -9.33
C SER C 140 -22.77 37.55 -10.67
N LYS C 141 -23.89 38.27 -10.68
CA LYS C 141 -24.67 38.46 -11.90
C LYS C 141 -23.91 39.26 -12.94
N LEU C 142 -22.98 40.15 -12.51
CA LEU C 142 -22.12 40.91 -13.43
C LEU C 142 -21.18 39.91 -14.18
N ALA C 143 -20.60 38.93 -13.46
CA ALA C 143 -19.76 37.89 -14.06
C ALA C 143 -20.58 36.96 -14.94
N ARG C 144 -21.83 36.67 -14.55
CA ARG C 144 -22.72 35.83 -15.33
C ARG C 144 -23.14 36.51 -16.63
N ILE C 145 -23.26 37.85 -16.63
CA ILE C 145 -23.58 38.61 -17.85
C ILE C 145 -22.36 38.53 -18.80
N VAL C 146 -21.12 38.58 -18.25
CA VAL C 146 -19.91 38.43 -19.03
C VAL C 146 -19.95 37.06 -19.75
N GLU C 147 -20.35 36.01 -19.05
CA GLU C 147 -20.46 34.65 -19.56
C GLU C 147 -21.50 34.48 -20.65
N ILE C 148 -22.59 35.28 -20.65
CA ILE C 148 -23.61 35.18 -21.71
C ILE C 148 -22.99 35.57 -23.05
N TYR C 149 -22.23 36.67 -23.08
CA TYR C 149 -21.68 37.18 -24.31
C TYR C 149 -20.30 36.65 -24.67
N SER C 150 -19.46 36.30 -23.69
CA SER C 150 -18.13 35.78 -23.99
C SER C 150 -18.18 34.38 -24.56
N ARG C 151 -19.19 33.57 -24.14
CA ARG C 151 -19.32 32.21 -24.64
C ARG C 151 -20.08 32.21 -25.95
N ARG C 152 -19.52 32.87 -26.95
CA ARG C 152 -20.09 33.02 -28.30
C ARG C 152 -18.92 33.23 -29.27
N LEU C 153 -19.18 33.22 -30.59
CA LEU C 153 -18.15 33.56 -31.56
C LEU C 153 -18.22 35.08 -31.56
N GLN C 154 -17.11 35.70 -31.15
CA GLN C 154 -17.07 37.13 -30.92
C GLN C 154 -15.98 37.94 -31.62
N VAL C 155 -16.13 39.25 -31.46
CA VAL C 155 -15.22 40.33 -31.76
C VAL C 155 -15.24 41.13 -30.41
N GLN C 156 -14.06 41.43 -29.87
CA GLN C 156 -13.89 42.08 -28.57
C GLN C 156 -14.70 43.35 -28.40
N GLU C 157 -14.78 44.17 -29.44
CA GLU C 157 -15.51 45.43 -29.40
C GLU C 157 -16.99 45.17 -29.17
N ARG C 158 -17.55 44.15 -29.85
CA ARG C 158 -18.95 43.79 -29.71
C ARG C 158 -19.24 43.24 -28.32
N LEU C 159 -18.39 42.32 -27.85
CA LEU C 159 -18.48 41.70 -26.54
C LEU C 159 -18.52 42.77 -25.44
N THR C 160 -17.66 43.78 -25.52
CA THR C 160 -17.57 44.87 -24.54
C THR C 160 -18.89 45.67 -24.48
N LYS C 161 -19.42 46.03 -25.66
CA LYS C 161 -20.67 46.79 -25.78
C LYS C 161 -21.87 46.00 -25.25
N GLN C 162 -21.96 44.71 -25.60
CA GLN C 162 -23.06 43.84 -25.19
C GLN C 162 -23.16 43.74 -23.68
N ILE C 163 -22.02 43.60 -22.99
CA ILE C 163 -22.01 43.50 -21.54
C ILE C 163 -22.57 44.78 -20.92
N ALA C 164 -22.10 45.96 -21.39
CA ALA C 164 -22.53 47.25 -20.86
C ALA C 164 -24.02 47.48 -21.10
N VAL C 165 -24.51 47.14 -22.29
CA VAL C 165 -25.90 47.33 -22.65
C VAL C 165 -26.80 46.39 -21.83
N ALA C 166 -26.35 45.14 -21.58
CA ALA C 166 -27.13 44.20 -20.79
C ALA C 166 -27.32 44.72 -19.36
N ILE C 167 -26.28 45.25 -18.76
CA ILE C 167 -26.34 45.78 -17.40
C ILE C 167 -27.31 46.97 -17.34
N THR C 168 -27.24 47.84 -18.35
CA THR C 168 -28.07 49.02 -18.50
C THR C 168 -29.53 48.61 -18.60
N GLU C 169 -29.85 47.62 -19.42
CA GLU C 169 -31.23 47.19 -19.58
C GLU C 169 -31.75 46.42 -18.39
N ALA C 170 -30.91 45.59 -17.74
CA ALA C 170 -31.33 44.80 -16.59
C ALA C 170 -31.61 45.61 -15.32
N LEU C 171 -30.93 46.73 -15.13
CA LEU C 171 -31.00 47.46 -13.88
C LEU C 171 -31.39 48.93 -13.99
N ARG C 172 -31.19 49.54 -15.15
CA ARG C 172 -31.41 50.96 -15.39
C ARG C 172 -30.68 51.85 -14.35
N PRO C 173 -29.35 51.71 -14.26
CA PRO C 173 -28.59 52.52 -13.30
C PRO C 173 -28.23 53.91 -13.85
N ALA C 174 -27.53 54.74 -13.05
CA ALA C 174 -27.11 56.06 -13.52
C ALA C 174 -26.09 55.96 -14.65
N GLY C 175 -25.25 54.92 -14.61
CA GLY C 175 -24.23 54.68 -15.64
C GLY C 175 -23.55 53.34 -15.48
N VAL C 176 -22.91 52.87 -16.57
CA VAL C 176 -22.16 51.62 -16.60
C VAL C 176 -20.81 51.86 -17.32
N GLY C 177 -19.76 51.17 -16.89
CA GLY C 177 -18.45 51.22 -17.54
C GLY C 177 -17.92 49.81 -17.63
N VAL C 178 -17.49 49.39 -18.81
CA VAL C 178 -16.94 48.05 -19.00
C VAL C 178 -15.59 48.16 -19.72
N VAL C 179 -14.55 47.52 -19.19
CA VAL C 179 -13.24 47.50 -19.83
C VAL C 179 -12.85 46.03 -20.02
N VAL C 180 -12.45 45.65 -21.23
CA VAL C 180 -11.99 44.29 -21.51
C VAL C 180 -10.54 44.35 -21.96
N GLU C 181 -9.69 43.51 -21.38
CA GLU C 181 -8.27 43.45 -21.77
C GLU C 181 -8.04 41.98 -22.15
N ALA C 182 -7.61 41.73 -23.39
CA ALA C 182 -7.46 40.35 -23.84
C ALA C 182 -6.26 40.09 -24.74
N THR C 183 -5.81 38.82 -24.73
CA THR C 183 -4.76 38.30 -25.59
C THR C 183 -5.52 37.49 -26.65
N HIS C 184 -5.30 37.81 -27.93
CA HIS C 184 -5.88 37.07 -28.99
C HIS C 184 -4.84 36.07 -29.43
N MET C 185 -5.11 34.77 -29.31
CA MET C 185 -4.17 33.72 -29.75
C MET C 185 -3.92 33.77 -31.26
N CYS C 186 -4.84 34.31 -32.05
CA CYS C 186 -4.66 34.53 -33.49
C CYS C 186 -3.49 35.49 -33.76
N MET C 187 -3.15 36.34 -32.78
CA MET C 187 -2.06 37.28 -32.93
C MET C 187 -0.78 36.78 -32.25
N VAL C 188 -0.83 35.74 -31.38
CA VAL C 188 0.38 35.26 -30.72
C VAL C 188 0.87 33.95 -31.34
N MET C 189 -0.01 32.97 -31.60
CA MET C 189 0.47 31.69 -32.17
C MET C 189 0.41 31.58 -33.67
N ARG C 190 0.08 32.66 -34.37
CA ARG C 190 -0.10 32.67 -35.82
C ARG C 190 -0.11 34.15 -36.33
N GLY C 191 -0.21 34.35 -37.65
CA GLY C 191 -0.31 35.67 -38.27
C GLY C 191 0.86 36.57 -37.98
N VAL C 192 0.60 37.69 -37.26
CA VAL C 192 1.66 38.63 -36.89
C VAL C 192 2.63 38.05 -35.87
N GLN C 193 2.16 37.08 -35.06
CA GLN C 193 2.98 36.44 -34.03
C GLN C 193 3.65 37.44 -33.09
N LYS C 194 2.85 38.37 -32.55
CA LYS C 194 3.25 39.37 -31.59
C LYS C 194 2.82 38.85 -30.20
N MET C 195 3.80 38.29 -29.54
CA MET C 195 3.85 37.63 -28.25
C MET C 195 3.12 38.39 -27.11
N ASN C 196 3.47 39.66 -26.93
CA ASN C 196 3.00 40.42 -25.80
C ASN C 196 1.85 41.36 -26.11
N SER C 197 1.37 41.42 -27.33
CA SER C 197 0.24 42.30 -27.69
C SER C 197 -1.07 41.96 -26.91
N LYS C 198 -1.69 43.01 -26.39
CA LYS C 198 -2.91 42.95 -25.61
C LYS C 198 -3.88 43.97 -26.22
N THR C 199 -5.15 43.60 -26.36
CA THR C 199 -6.17 44.51 -26.86
C THR C 199 -7.00 45.01 -25.67
N VAL C 200 -7.17 46.31 -25.56
CA VAL C 200 -7.97 46.92 -24.50
C VAL C 200 -9.13 47.65 -25.17
N THR C 201 -10.37 47.27 -24.81
CA THR C 201 -11.58 47.91 -25.32
C THR C 201 -12.40 48.41 -24.13
N SER C 202 -13.25 49.41 -24.36
CA SER C 202 -14.11 49.95 -23.32
C SER C 202 -15.46 50.43 -23.85
N THR C 203 -16.50 50.39 -22.99
CA THR C 203 -17.85 50.90 -23.29
C THR C 203 -18.35 51.62 -22.06
N MET C 204 -18.66 52.90 -22.21
CA MET C 204 -19.14 53.75 -21.12
C MET C 204 -20.54 54.25 -21.47
N LEU C 205 -21.49 53.99 -20.58
CA LEU C 205 -22.86 54.41 -20.76
C LEU C 205 -23.30 55.30 -19.60
N GLY C 206 -24.28 56.17 -19.84
CA GLY C 206 -24.78 57.05 -18.80
C GLY C 206 -23.74 58.00 -18.27
N VAL C 207 -23.67 58.12 -16.94
CA VAL C 207 -22.74 59.00 -16.23
C VAL C 207 -21.29 58.68 -16.55
N PHE C 208 -20.96 57.40 -16.82
CA PHE C 208 -19.59 57.01 -17.16
C PHE C 208 -19.15 57.62 -18.50
N ARG C 209 -20.09 57.85 -19.41
CA ARG C 209 -19.82 58.45 -20.70
C ARG C 209 -19.86 59.97 -20.61
N GLU C 210 -20.88 60.52 -19.93
CA GLU C 210 -21.09 61.97 -19.85
C GLU C 210 -20.21 62.72 -18.83
N ASP C 211 -19.87 62.09 -17.68
CA ASP C 211 -19.07 62.75 -16.65
C ASP C 211 -17.65 62.25 -16.66
N PRO C 212 -16.70 63.11 -17.08
CA PRO C 212 -15.29 62.69 -17.12
C PRO C 212 -14.71 62.27 -15.78
N LYS C 213 -15.10 62.93 -14.68
CA LYS C 213 -14.59 62.60 -13.35
C LYS C 213 -15.00 61.19 -12.90
N THR C 214 -16.24 60.77 -13.26
CA THR C 214 -16.73 59.41 -12.93
C THR C 214 -15.91 58.37 -13.69
N ARG C 215 -15.69 58.64 -14.97
CA ARG C 215 -14.92 57.81 -15.90
C ARG C 215 -13.44 57.65 -15.42
N GLU C 216 -12.77 58.73 -14.97
CA GLU C 216 -11.40 58.63 -14.49
C GLU C 216 -11.29 57.87 -13.19
N GLU C 217 -12.28 58.04 -12.31
CA GLU C 217 -12.30 57.34 -11.02
C GLU C 217 -12.41 55.84 -11.25
N PHE C 218 -13.27 55.43 -12.18
CA PHE C 218 -13.45 54.04 -12.54
C PHE C 218 -12.14 53.48 -13.11
N LEU C 219 -11.51 54.19 -14.05
CA LEU C 219 -10.27 53.73 -14.66
C LEU C 219 -9.12 53.59 -13.68
N THR C 220 -9.05 54.43 -12.63
CA THR C 220 -7.97 54.28 -11.64
C THR C 220 -8.27 53.15 -10.68
N LEU C 221 -9.55 52.98 -10.30
CA LEU C 221 -9.92 51.93 -9.37
C LEU C 221 -9.83 50.52 -9.94
N ILE C 222 -9.72 50.37 -11.28
CA ILE C 222 -9.60 49.04 -11.87
C ILE C 222 -8.15 48.65 -12.10
N ARG D 33 3.69 15.70 -45.20
CA ARG D 33 2.68 16.53 -45.86
C ARG D 33 3.34 17.47 -46.90
N SER D 34 2.59 17.85 -47.95
CA SER D 34 3.14 18.72 -49.00
C SER D 34 2.28 19.97 -49.24
N GLU D 35 2.80 20.96 -50.00
CA GLU D 35 2.03 22.16 -50.33
C GLU D 35 0.85 21.83 -51.28
N GLU D 36 1.00 20.79 -52.11
CA GLU D 36 -0.08 20.34 -52.99
C GLU D 36 -1.21 19.77 -52.13
N ASP D 37 -0.87 18.99 -51.08
CA ASP D 37 -1.84 18.42 -50.15
C ASP D 37 -2.62 19.54 -49.46
N ASN D 38 -1.95 20.66 -49.12
CA ASN D 38 -2.57 21.81 -48.48
C ASN D 38 -3.59 22.52 -49.39
N GLU D 39 -3.23 22.72 -50.66
CA GLU D 39 -4.11 23.38 -51.63
C GLU D 39 -5.35 22.52 -51.88
N LEU D 40 -5.14 21.20 -52.03
CA LEU D 40 -6.21 20.24 -52.28
C LEU D 40 -7.15 20.07 -51.09
N ASN D 41 -6.61 20.04 -49.88
CA ASN D 41 -7.43 19.85 -48.68
C ASN D 41 -8.01 21.13 -48.09
N LEU D 42 -7.58 22.32 -48.53
CA LEU D 42 -8.16 23.57 -48.04
C LEU D 42 -9.69 23.67 -48.23
N PRO D 43 -10.26 23.41 -49.43
CA PRO D 43 -11.74 23.49 -49.56
C PRO D 43 -12.51 22.47 -48.71
N ASN D 44 -11.92 21.30 -48.40
CA ASN D 44 -12.55 20.30 -47.53
C ASN D 44 -12.57 20.76 -46.07
N LEU D 45 -11.49 21.46 -45.65
CA LEU D 45 -11.40 22.02 -44.31
C LEU D 45 -12.43 23.15 -44.19
N ALA D 46 -12.50 24.03 -45.21
CA ALA D 46 -13.44 25.15 -45.22
C ALA D 46 -14.88 24.65 -45.19
N ALA D 47 -15.17 23.54 -45.89
CA ALA D 47 -16.51 22.97 -45.89
C ALA D 47 -16.89 22.46 -44.51
N ALA D 48 -15.95 21.80 -43.83
CA ALA D 48 -16.19 21.28 -42.50
C ALA D 48 -16.36 22.41 -41.49
N TYR D 49 -15.58 23.52 -41.62
CA TYR D 49 -15.73 24.65 -40.72
C TYR D 49 -17.06 25.39 -40.93
N SER D 50 -17.53 25.47 -42.19
CA SER D 50 -18.82 26.07 -42.51
C SER D 50 -19.94 25.25 -41.88
N SER D 51 -19.81 23.91 -41.95
CA SER D 51 -20.75 22.97 -41.38
C SER D 51 -20.81 23.13 -39.85
N ILE D 52 -19.67 23.43 -39.21
CA ILE D 52 -19.58 23.63 -37.76
C ILE D 52 -20.34 24.90 -37.37
N LEU D 53 -20.15 25.99 -38.15
CA LEU D 53 -20.83 27.27 -37.90
C LEU D 53 -22.35 27.09 -37.95
N SER D 54 -22.86 26.33 -38.93
CA SER D 54 -24.30 26.06 -39.05
C SER D 54 -24.80 25.21 -37.89
N SER D 55 -24.04 24.16 -37.49
CA SER D 55 -24.39 23.26 -36.40
C SER D 55 -24.38 23.94 -35.03
N LEU D 56 -23.64 25.05 -34.88
CA LEU D 56 -23.61 25.81 -33.62
C LEU D 56 -24.77 26.82 -33.50
N GLY D 57 -25.63 26.90 -34.51
CA GLY D 57 -26.75 27.83 -34.54
C GLY D 57 -26.38 29.20 -35.07
N GLU D 58 -25.18 29.32 -35.65
CA GLU D 58 -24.73 30.60 -36.19
C GLU D 58 -25.13 30.80 -37.66
N ASN D 59 -25.06 32.04 -38.12
CA ASN D 59 -25.40 32.40 -39.49
C ASN D 59 -24.09 32.54 -40.27
N PRO D 60 -23.73 31.55 -41.08
CA PRO D 60 -22.47 31.65 -41.84
C PRO D 60 -22.42 32.76 -42.88
N GLN D 61 -23.57 33.41 -43.14
CA GLN D 61 -23.67 34.49 -44.12
C GLN D 61 -23.47 35.89 -43.52
N ARG D 62 -23.42 36.03 -42.18
CA ARG D 62 -23.21 37.35 -41.57
C ARG D 62 -21.78 37.85 -41.80
N GLN D 63 -21.59 39.17 -41.92
CA GLN D 63 -20.30 39.79 -42.22
C GLN D 63 -19.09 39.16 -41.48
N GLY D 64 -19.21 38.99 -40.16
CA GLY D 64 -18.13 38.46 -39.34
C GLY D 64 -17.78 37.01 -39.62
N LEU D 65 -18.73 36.23 -40.16
CA LEU D 65 -18.47 34.81 -40.44
C LEU D 65 -18.24 34.46 -41.91
N LEU D 66 -18.44 35.39 -42.84
CA LEU D 66 -18.31 35.13 -44.28
C LEU D 66 -17.01 34.46 -44.71
N LYS D 67 -15.85 34.96 -44.25
CA LYS D 67 -14.56 34.38 -44.63
C LYS D 67 -14.02 33.37 -43.61
N THR D 68 -14.73 33.16 -42.47
CA THR D 68 -14.31 32.30 -41.37
C THR D 68 -14.00 30.86 -41.80
N PRO D 69 -14.82 30.15 -42.63
CA PRO D 69 -14.43 28.78 -42.99
C PRO D 69 -13.03 28.71 -43.61
N TRP D 70 -12.63 29.73 -44.38
CA TRP D 70 -11.33 29.78 -45.02
C TRP D 70 -10.21 30.20 -44.08
N ARG D 71 -10.44 31.25 -43.26
CA ARG D 71 -9.44 31.73 -42.29
C ARG D 71 -9.20 30.68 -41.21
N ALA D 72 -10.23 29.96 -40.77
CA ALA D 72 -10.11 28.90 -39.77
C ALA D 72 -9.35 27.72 -40.33
N ALA D 73 -9.62 27.35 -41.60
CA ALA D 73 -8.94 26.26 -42.29
C ALA D 73 -7.45 26.57 -42.48
N SER D 74 -7.12 27.81 -42.90
CA SER D 74 -5.74 28.24 -43.08
C SER D 74 -5.00 28.27 -41.77
N ALA D 75 -5.67 28.72 -40.68
CA ALA D 75 -5.09 28.75 -39.34
C ALA D 75 -4.77 27.32 -38.89
N MET D 76 -5.71 26.37 -39.06
CA MET D 76 -5.49 24.97 -38.69
C MET D 76 -4.38 24.31 -39.50
N GLN D 77 -4.26 24.68 -40.79
CA GLN D 77 -3.16 24.21 -41.63
C GLN D 77 -1.81 24.76 -41.09
N PHE D 78 -1.75 26.03 -40.66
CA PHE D 78 -0.53 26.61 -40.10
C PHE D 78 -0.20 25.94 -38.77
N PHE D 79 -1.21 25.70 -37.92
CA PHE D 79 -0.99 25.04 -36.64
C PHE D 79 -0.47 23.62 -36.80
N THR D 80 -0.67 22.98 -37.96
CA THR D 80 -0.23 21.61 -38.21
C THR D 80 0.87 21.55 -39.29
N LYS D 81 1.59 22.64 -39.55
CA LYS D 81 2.63 22.68 -40.57
C LYS D 81 3.89 21.85 -40.26
N GLY D 82 4.05 21.41 -39.01
CA GLY D 82 5.20 20.62 -38.59
C GLY D 82 5.26 19.24 -39.21
N TYR D 83 4.10 18.72 -39.63
CA TYR D 83 4.01 17.41 -40.29
C TYR D 83 4.79 17.42 -41.62
N GLN D 84 4.83 18.58 -42.31
CA GLN D 84 5.54 18.73 -43.59
C GLN D 84 7.03 19.07 -43.45
N GLU D 85 7.57 19.01 -42.24
CA GLU D 85 8.97 19.34 -42.01
C GLU D 85 9.83 18.15 -41.64
N THR D 86 11.07 18.19 -42.10
CA THR D 86 12.05 17.16 -41.84
C THR D 86 13.25 17.75 -41.09
N ILE D 87 13.80 17.02 -40.10
CA ILE D 87 14.95 17.48 -39.31
C ILE D 87 16.13 17.91 -40.19
N SER D 88 16.45 17.14 -41.23
CA SER D 88 17.55 17.46 -42.13
C SER D 88 17.44 18.85 -42.78
N ASP D 89 16.25 19.21 -43.27
CA ASP D 89 16.04 20.51 -43.92
C ASP D 89 16.12 21.67 -42.92
N VAL D 90 15.57 21.45 -41.73
CA VAL D 90 15.54 22.41 -40.65
C VAL D 90 16.95 22.76 -40.15
N LEU D 91 17.83 21.73 -40.00
CA LEU D 91 19.20 21.92 -39.52
C LEU D 91 20.08 22.76 -40.43
N ASN D 92 19.94 22.62 -41.75
CA ASN D 92 20.69 23.38 -42.75
C ASN D 92 22.22 23.28 -42.54
N ASP D 93 22.72 22.10 -42.14
CA ASP D 93 24.15 21.88 -41.84
C ASP D 93 24.73 22.85 -40.78
N ALA D 94 23.92 23.31 -39.83
CA ALA D 94 24.40 24.20 -38.78
C ALA D 94 25.03 23.41 -37.62
N ILE D 95 26.14 22.73 -37.89
CA ILE D 95 26.91 21.99 -36.88
C ILE D 95 28.33 22.48 -36.97
N PHE D 96 28.81 23.13 -35.91
CA PHE D 96 30.12 23.79 -35.87
C PHE D 96 31.09 23.11 -34.93
N ASP D 97 32.39 23.12 -35.28
CA ASP D 97 33.42 22.51 -34.45
C ASP D 97 34.01 23.56 -33.52
N GLU D 98 33.51 23.64 -32.28
CA GLU D 98 33.98 24.67 -31.35
C GLU D 98 34.78 24.13 -30.16
N ASP D 99 35.22 22.84 -30.19
CA ASP D 99 36.01 22.24 -29.11
C ASP D 99 35.33 22.41 -27.73
N HIS D 100 34.00 22.29 -27.74
CA HIS D 100 33.18 22.50 -26.56
C HIS D 100 32.65 21.19 -26.04
N ASP D 101 32.84 20.95 -24.75
CA ASP D 101 32.31 19.76 -24.10
C ASP D 101 31.47 20.11 -22.85
N GLU D 102 30.97 21.35 -22.78
CA GLU D 102 30.18 21.79 -21.64
C GLU D 102 28.76 22.15 -22.01
N MET D 103 27.85 22.05 -21.04
CA MET D 103 26.43 22.27 -21.23
C MET D 103 26.04 23.56 -21.91
N VAL D 104 25.24 23.47 -22.98
CA VAL D 104 24.70 24.62 -23.67
C VAL D 104 23.19 24.58 -23.45
N ILE D 105 22.59 25.70 -23.03
CA ILE D 105 21.17 25.77 -22.78
C ILE D 105 20.52 26.84 -23.62
N VAL D 106 19.37 26.56 -24.23
CA VAL D 106 18.52 27.58 -24.85
C VAL D 106 17.17 27.48 -24.10
N LYS D 107 16.91 28.44 -23.23
CA LYS D 107 15.69 28.43 -22.42
C LYS D 107 14.66 29.49 -22.85
N ASP D 108 13.42 29.36 -22.36
CA ASP D 108 12.33 30.26 -22.61
C ASP D 108 11.94 30.33 -24.08
N ILE D 109 11.97 29.19 -24.78
CA ILE D 109 11.53 29.16 -26.19
C ILE D 109 10.01 29.11 -26.15
N ASP D 110 9.33 30.13 -26.68
CA ASP D 110 7.86 30.15 -26.69
C ASP D 110 7.36 29.06 -27.61
N MET D 111 6.44 28.25 -27.10
CA MET D 111 5.92 27.07 -27.78
C MET D 111 4.40 27.18 -27.83
N PHE D 112 3.81 26.90 -29.00
CA PHE D 112 2.37 26.94 -29.22
C PHE D 112 2.01 25.64 -29.90
N SER D 113 1.21 24.82 -29.24
CA SER D 113 0.80 23.55 -29.80
C SER D 113 -0.71 23.40 -29.76
N MET D 114 -1.23 22.25 -30.23
CA MET D 114 -2.66 22.00 -30.31
C MET D 114 -2.96 20.69 -29.61
N CYS D 115 -3.84 20.73 -28.64
CA CYS D 115 -4.25 19.52 -27.92
C CYS D 115 -4.95 18.56 -28.91
N GLU D 116 -4.45 17.33 -29.04
CA GLU D 116 -5.08 16.38 -29.96
C GLU D 116 -6.41 15.84 -29.46
N HIS D 117 -6.73 16.01 -28.17
CA HIS D 117 -7.97 15.51 -27.61
C HIS D 117 -9.14 16.44 -27.80
N HIS D 118 -8.92 17.76 -27.75
CA HIS D 118 -10.03 18.72 -27.90
C HIS D 118 -9.85 19.71 -29.05
N LEU D 119 -8.66 19.75 -29.68
CA LEU D 119 -8.34 20.67 -30.77
C LEU D 119 -8.41 22.13 -30.31
N VAL D 120 -7.87 22.38 -29.12
CA VAL D 120 -7.76 23.66 -28.46
C VAL D 120 -6.25 23.84 -28.14
N PRO D 121 -5.68 25.06 -28.26
CA PRO D 121 -4.25 25.23 -27.99
C PRO D 121 -3.74 24.91 -26.56
N PHE D 122 -2.48 24.53 -26.50
CA PHE D 122 -1.73 24.41 -25.25
C PHE D 122 -0.43 25.14 -25.53
N VAL D 123 -0.15 26.14 -24.70
CA VAL D 123 0.98 27.04 -24.97
C VAL D 123 1.88 27.17 -23.75
N GLY D 124 3.15 27.41 -24.01
CA GLY D 124 4.11 27.58 -22.92
C GLY D 124 5.52 27.85 -23.38
N LYS D 125 6.47 27.28 -22.65
CA LYS D 125 7.90 27.47 -22.86
C LYS D 125 8.61 26.12 -22.91
N VAL D 126 9.67 26.04 -23.72
CA VAL D 126 10.54 24.88 -23.82
C VAL D 126 11.94 25.31 -23.38
N HIS D 127 12.60 24.49 -22.56
CA HIS D 127 13.94 24.76 -22.09
C HIS D 127 14.76 23.57 -22.52
N ILE D 128 15.81 23.80 -23.31
CA ILE D 128 16.62 22.71 -23.84
C ILE D 128 18.05 22.86 -23.38
N GLY D 129 18.66 21.76 -23.01
CA GLY D 129 20.05 21.69 -22.61
C GLY D 129 20.71 20.50 -23.26
N TYR D 130 22.01 20.61 -23.58
CA TYR D 130 22.73 19.49 -24.16
C TYR D 130 24.22 19.58 -23.87
N LEU D 131 24.89 18.43 -23.85
CA LEU D 131 26.32 18.36 -23.62
C LEU D 131 26.96 17.97 -24.93
N PRO D 132 27.64 18.91 -25.59
CA PRO D 132 28.22 18.62 -26.91
C PRO D 132 29.41 17.67 -26.88
N ASN D 133 29.56 16.94 -27.96
CA ASN D 133 30.65 16.01 -28.14
C ASN D 133 31.63 16.67 -29.14
N LYS D 134 32.27 17.78 -28.72
CA LYS D 134 33.20 18.70 -29.43
C LYS D 134 32.45 19.66 -30.39
N GLN D 135 31.45 19.12 -31.11
CA GLN D 135 30.59 19.86 -32.04
C GLN D 135 29.35 20.45 -31.39
N VAL D 136 29.06 21.70 -31.74
CA VAL D 136 27.88 22.42 -31.28
C VAL D 136 26.84 22.61 -32.40
N LEU D 137 25.56 22.61 -32.04
CA LEU D 137 24.43 22.85 -32.95
C LEU D 137 24.19 24.39 -32.99
N GLY D 138 23.76 24.91 -34.14
CA GLY D 138 23.38 26.31 -34.27
C GLY D 138 22.22 26.61 -33.34
N LEU D 139 22.34 27.65 -32.50
CA LEU D 139 21.36 27.94 -31.43
C LEU D 139 19.91 27.89 -31.86
N SER D 140 19.56 28.53 -32.98
CA SER D 140 18.19 28.63 -33.50
C SER D 140 17.61 27.30 -33.90
N LYS D 141 18.46 26.36 -34.34
CA LYS D 141 17.96 25.04 -34.77
C LYS D 141 17.27 24.28 -33.63
N LEU D 142 17.58 24.62 -32.36
CA LEU D 142 16.94 24.02 -31.21
C LEU D 142 15.48 24.51 -31.17
N ALA D 143 15.25 25.81 -31.41
CA ALA D 143 13.90 26.39 -31.47
C ALA D 143 13.15 25.89 -32.72
N ARG D 144 13.86 25.68 -33.83
CA ARG D 144 13.26 25.17 -35.06
C ARG D 144 12.84 23.70 -34.91
N ILE D 145 13.58 22.92 -34.09
CA ILE D 145 13.20 21.52 -33.79
C ILE D 145 11.93 21.53 -32.93
N VAL D 146 11.79 22.51 -32.01
CA VAL D 146 10.59 22.68 -31.20
C VAL D 146 9.37 22.91 -32.13
N GLU D 147 9.55 23.73 -33.17
CA GLU D 147 8.53 24.05 -34.16
C GLU D 147 8.09 22.87 -35.02
N ILE D 148 8.99 21.90 -35.26
CA ILE D 148 8.62 20.73 -36.06
C ILE D 148 7.56 19.94 -35.31
N TYR D 149 7.75 19.74 -34.01
CA TYR D 149 6.87 18.90 -33.24
C TYR D 149 5.72 19.64 -32.57
N SER D 150 5.88 20.91 -32.23
CA SER D 150 4.80 21.67 -31.59
C SER D 150 3.70 22.00 -32.59
N ARG D 151 4.04 22.23 -33.86
CA ARG D 151 3.05 22.53 -34.89
C ARG D 151 2.42 21.23 -35.44
N ARG D 152 1.76 20.50 -34.55
CA ARG D 152 1.11 19.23 -34.82
C ARG D 152 -0.01 19.05 -33.78
N LEU D 153 -0.86 18.04 -33.95
CA LEU D 153 -1.86 17.70 -32.94
C LEU D 153 -1.06 16.87 -31.96
N GLN D 154 -0.97 17.35 -30.71
CA GLN D 154 -0.07 16.78 -29.74
C GLN D 154 -0.63 16.40 -28.38
N VAL D 155 0.21 15.72 -27.64
CA VAL D 155 0.14 15.39 -26.24
C VAL D 155 1.55 15.89 -25.73
N GLN D 156 1.57 16.68 -24.66
CA GLN D 156 2.78 17.31 -24.13
C GLN D 156 3.92 16.33 -23.86
N GLU D 157 3.60 15.15 -23.35
CA GLU D 157 4.60 14.13 -23.04
C GLU D 157 5.30 13.66 -24.31
N ARG D 158 4.52 13.48 -25.40
CA ARG D 158 5.07 13.06 -26.69
C ARG D 158 5.95 14.17 -27.28
N LEU D 159 5.43 15.42 -27.28
CA LEU D 159 6.13 16.58 -27.78
C LEU D 159 7.50 16.73 -27.11
N THR D 160 7.57 16.50 -25.79
CA THR D 160 8.80 16.61 -25.02
C THR D 160 9.83 15.57 -25.43
N LYS D 161 9.40 14.32 -25.65
CA LYS D 161 10.26 13.20 -26.02
C LYS D 161 10.79 13.39 -27.44
N GLN D 162 9.91 13.78 -28.37
CA GLN D 162 10.25 14.00 -29.76
C GLN D 162 11.34 15.01 -29.93
N ILE D 163 11.26 16.15 -29.21
CA ILE D 163 12.30 17.16 -29.29
C ILE D 163 13.65 16.63 -28.81
N ALA D 164 13.67 15.94 -27.67
CA ALA D 164 14.92 15.41 -27.13
C ALA D 164 15.55 14.38 -28.06
N VAL D 165 14.74 13.50 -28.66
CA VAL D 165 15.20 12.47 -29.57
C VAL D 165 15.73 13.09 -30.87
N ALA D 166 15.06 14.13 -31.37
CA ALA D 166 15.49 14.80 -32.60
C ALA D 166 16.88 15.41 -32.41
N ILE D 167 17.14 16.02 -31.25
CA ILE D 167 18.44 16.62 -30.97
C ILE D 167 19.53 15.54 -30.86
N THR D 168 19.21 14.42 -30.21
CA THR D 168 20.14 13.31 -30.04
C THR D 168 20.49 12.71 -31.40
N GLU D 169 19.51 12.60 -32.30
CA GLU D 169 19.75 12.04 -33.62
C GLU D 169 20.49 13.01 -34.53
N ALA D 170 20.22 14.30 -34.43
CA ALA D 170 20.87 15.31 -35.25
C ALA D 170 22.34 15.56 -34.89
N LEU D 171 22.69 15.43 -33.62
CA LEU D 171 24.03 15.77 -33.16
C LEU D 171 24.83 14.64 -32.59
N ARG D 172 24.18 13.65 -32.00
CA ARG D 172 24.81 12.57 -31.24
C ARG D 172 25.69 13.15 -30.12
N PRO D 173 25.10 13.96 -29.22
CA PRO D 173 25.90 14.55 -28.13
C PRO D 173 26.02 13.60 -26.92
N ALA D 174 26.73 14.03 -25.88
CA ALA D 174 26.85 13.24 -24.66
C ALA D 174 25.48 13.09 -23.96
N GLY D 175 24.60 14.08 -24.11
CA GLY D 175 23.30 14.09 -23.47
C GLY D 175 22.41 15.25 -23.84
N VAL D 176 21.09 15.07 -23.66
CA VAL D 176 20.09 16.08 -23.95
C VAL D 176 19.06 16.12 -22.80
N GLY D 177 18.59 17.31 -22.47
CA GLY D 177 17.55 17.51 -21.49
C GLY D 177 16.53 18.48 -22.07
N VAL D 178 15.26 18.13 -22.02
CA VAL D 178 14.20 19.01 -22.51
C VAL D 178 13.13 19.14 -21.43
N VAL D 179 12.75 20.38 -21.07
CA VAL D 179 11.68 20.60 -20.12
C VAL D 179 10.61 21.45 -20.81
N VAL D 180 9.36 21.03 -20.79
CA VAL D 180 8.26 21.83 -21.34
C VAL D 180 7.31 22.24 -20.19
N GLU D 181 6.95 23.51 -20.12
CA GLU D 181 5.96 24.00 -19.15
C GLU D 181 4.86 24.65 -19.93
N ALA D 182 3.61 24.16 -19.79
CA ALA D 182 2.52 24.69 -20.61
C ALA D 182 1.20 24.84 -19.87
N THR D 183 0.35 25.74 -20.38
CA THR D 183 -1.02 25.96 -19.97
C THR D 183 -1.85 25.30 -21.05
N HIS D 184 -2.72 24.37 -20.64
CA HIS D 184 -3.63 23.74 -21.56
C HIS D 184 -4.93 24.51 -21.46
N MET D 185 -5.39 25.14 -22.53
CA MET D 185 -6.66 25.88 -22.52
C MET D 185 -7.86 24.97 -22.27
N CYS D 186 -7.76 23.66 -22.57
CA CYS D 186 -8.78 22.66 -22.26
C CYS D 186 -9.03 22.53 -20.76
N MET D 187 -8.01 22.91 -19.94
CA MET D 187 -8.11 22.87 -18.50
C MET D 187 -8.44 24.25 -17.92
N VAL D 188 -8.31 25.35 -18.70
CA VAL D 188 -8.61 26.66 -18.15
C VAL D 188 -9.99 27.12 -18.65
N MET D 189 -10.29 27.09 -19.96
CA MET D 189 -11.54 27.65 -20.44
C MET D 189 -12.70 26.65 -20.54
N ARG D 190 -12.51 25.42 -20.04
CA ARG D 190 -13.56 24.40 -20.01
C ARG D 190 -13.19 23.25 -19.03
N GLY D 191 -14.01 22.19 -18.97
CA GLY D 191 -13.76 21.04 -18.11
C GLY D 191 -13.53 21.35 -16.65
N VAL D 192 -12.30 21.13 -16.16
CA VAL D 192 -11.99 21.41 -14.75
C VAL D 192 -11.95 22.91 -14.45
N GLN D 193 -11.67 23.75 -15.46
CA GLN D 193 -11.62 25.19 -15.32
C GLN D 193 -10.70 25.65 -14.17
N LYS D 194 -9.46 25.13 -14.17
CA LYS D 194 -8.42 25.46 -13.22
C LYS D 194 -7.52 26.47 -13.92
N MET D 195 -7.77 27.71 -13.60
CA MET D 195 -7.15 28.94 -14.07
C MET D 195 -5.60 28.94 -14.13
N ASN D 196 -4.96 28.60 -13.03
CA ASN D 196 -3.54 28.71 -12.88
C ASN D 196 -2.76 27.41 -13.08
N SER D 197 -3.42 26.30 -13.42
CA SER D 197 -2.73 25.02 -13.57
C SER D 197 -1.74 25.02 -14.71
N LYS D 198 -0.55 24.49 -14.45
CA LYS D 198 0.53 24.41 -15.43
C LYS D 198 1.03 22.95 -15.46
N THR D 199 1.29 22.40 -16.65
CA THR D 199 1.82 21.05 -16.79
C THR D 199 3.32 21.14 -17.08
N VAL D 200 4.14 20.41 -16.32
CA VAL D 200 5.58 20.39 -16.54
C VAL D 200 5.99 18.98 -16.91
N THR D 201 6.59 18.82 -18.10
CA THR D 201 7.09 17.53 -18.55
C THR D 201 8.60 17.63 -18.84
N SER D 202 9.31 16.51 -18.78
CA SER D 202 10.73 16.49 -19.09
C SER D 202 11.17 15.20 -19.79
N THR D 203 12.26 15.28 -20.58
CA THR D 203 12.88 14.12 -21.21
C THR D 203 14.38 14.28 -21.10
N MET D 204 15.03 13.33 -20.45
CA MET D 204 16.48 13.34 -20.24
C MET D 204 17.10 12.14 -20.95
N LEU D 205 18.06 12.42 -21.84
CA LEU D 205 18.77 11.39 -22.58
C LEU D 205 20.26 11.48 -22.33
N GLY D 206 20.97 10.36 -22.48
CA GLY D 206 22.41 10.32 -22.28
C GLY D 206 22.80 10.67 -20.87
N VAL D 207 23.82 11.52 -20.72
CA VAL D 207 24.36 11.99 -19.44
C VAL D 207 23.30 12.71 -18.58
N PHE D 208 22.32 13.37 -19.22
CA PHE D 208 21.25 14.02 -18.46
C PHE D 208 20.39 13.00 -17.71
N ARG D 209 20.27 11.79 -18.25
CA ARG D 209 19.50 10.71 -17.64
C ARG D 209 20.34 9.92 -16.65
N GLU D 210 21.59 9.59 -17.04
CA GLU D 210 22.48 8.75 -16.22
C GLU D 210 23.23 9.49 -15.11
N ASP D 211 23.53 10.79 -15.29
CA ASP D 211 24.28 11.58 -14.31
C ASP D 211 23.42 12.57 -13.53
N PRO D 212 23.17 12.27 -12.25
CA PRO D 212 22.31 13.14 -11.46
C PRO D 212 22.80 14.58 -11.29
N LYS D 213 24.10 14.80 -11.17
CA LYS D 213 24.64 16.16 -11.03
C LYS D 213 24.38 17.01 -12.29
N THR D 214 24.43 16.37 -13.47
CA THR D 214 24.19 17.03 -14.75
C THR D 214 22.70 17.47 -14.84
N ARG D 215 21.79 16.57 -14.43
CA ARG D 215 20.37 16.87 -14.43
C ARG D 215 20.07 17.95 -13.37
N GLU D 216 20.72 17.89 -12.21
CA GLU D 216 20.56 18.86 -11.12
C GLU D 216 21.01 20.26 -11.57
N GLU D 217 22.10 20.34 -12.33
CA GLU D 217 22.63 21.61 -12.82
C GLU D 217 21.74 22.24 -13.88
N PHE D 218 21.27 21.46 -14.86
CA PHE D 218 20.40 21.92 -15.94
C PHE D 218 19.11 22.51 -15.35
N LEU D 219 18.48 21.76 -14.44
CA LEU D 219 17.25 22.20 -13.81
C LEU D 219 17.41 23.51 -13.05
N THR D 220 18.58 23.77 -12.47
CA THR D 220 18.78 25.04 -11.76
C THR D 220 19.06 26.18 -12.75
N LEU D 221 19.82 25.92 -13.80
CA LEU D 221 20.14 26.94 -14.77
C LEU D 221 18.96 27.37 -15.64
N ILE D 222 17.84 26.61 -15.66
CA ILE D 222 16.68 26.98 -16.46
C ILE D 222 15.65 27.78 -15.67
N ARG D 223 15.74 27.87 -14.33
CA ARG D 223 14.74 28.63 -13.58
C ARG D 223 15.15 30.10 -13.41
N ARG E 33 -48.72 -40.95 27.47
CA ARG E 33 -48.71 -42.35 27.88
C ARG E 33 -48.27 -42.50 29.34
N SER E 34 -48.73 -43.55 30.02
CA SER E 34 -48.40 -43.77 31.44
C SER E 34 -47.83 -45.17 31.69
N GLU E 35 -47.27 -45.41 32.91
CA GLU E 35 -46.77 -46.75 33.24
C GLU E 35 -47.91 -47.77 33.40
N GLU E 36 -49.10 -47.30 33.81
CA GLU E 36 -50.27 -48.17 33.90
C GLU E 36 -50.67 -48.62 32.48
N ASP E 37 -50.61 -47.70 31.50
CA ASP E 37 -50.91 -48.00 30.10
C ASP E 37 -49.95 -49.07 29.56
N ASN E 38 -48.69 -49.03 29.97
CA ASN E 38 -47.71 -49.99 29.51
C ASN E 38 -47.97 -51.37 30.08
N GLU E 39 -48.29 -51.46 31.37
CA GLU E 39 -48.58 -52.75 32.00
C GLU E 39 -49.83 -53.41 31.38
N LEU E 40 -50.86 -52.60 31.12
CA LEU E 40 -52.12 -53.05 30.53
C LEU E 40 -51.94 -53.48 29.07
N ASN E 41 -51.13 -52.74 28.31
CA ASN E 41 -50.94 -53.03 26.89
C ASN E 41 -49.83 -54.01 26.59
N LEU E 42 -48.96 -54.36 27.56
CA LEU E 42 -47.89 -55.32 27.30
C LEU E 42 -48.38 -56.70 26.82
N PRO E 43 -49.40 -57.34 27.46
CA PRO E 43 -49.88 -58.63 26.95
C PRO E 43 -50.50 -58.58 25.55
N ASN E 44 -51.09 -57.43 25.15
CA ASN E 44 -51.67 -57.25 23.82
C ASN E 44 -50.57 -57.10 22.76
N LEU E 45 -49.44 -56.48 23.14
CA LEU E 45 -48.31 -56.35 22.25
C LEU E 45 -47.70 -57.74 22.07
N ALA E 46 -47.49 -58.49 23.18
CA ALA E 46 -46.93 -59.83 23.13
C ALA E 46 -47.81 -60.78 22.29
N ALA E 47 -49.14 -60.64 22.37
CA ALA E 47 -50.06 -61.46 21.58
C ALA E 47 -49.88 -61.17 20.09
N ALA E 48 -49.73 -59.89 19.73
CA ALA E 48 -49.54 -59.50 18.34
C ALA E 48 -48.19 -59.98 17.82
N TYR E 49 -47.13 -59.94 18.64
CA TYR E 49 -45.81 -60.42 18.21
C TYR E 49 -45.77 -61.92 18.03
N SER E 50 -46.50 -62.66 18.88
CA SER E 50 -46.63 -64.11 18.79
C SER E 50 -47.35 -64.46 17.50
N SER E 51 -48.37 -63.69 17.16
CA SER E 51 -49.16 -63.85 15.95
C SER E 51 -48.29 -63.63 14.71
N ILE E 52 -47.34 -62.69 14.78
CA ILE E 52 -46.42 -62.39 13.70
C ILE E 52 -45.46 -63.55 13.50
N LEU E 53 -44.93 -64.13 14.59
CA LEU E 53 -44.04 -65.29 14.51
C LEU E 53 -44.71 -66.47 13.80
N SER E 54 -45.98 -66.74 14.12
CA SER E 54 -46.74 -67.81 13.49
C SER E 54 -47.00 -67.52 12.01
N SER E 55 -47.39 -66.27 11.66
CA SER E 55 -47.65 -65.84 10.29
C SER E 55 -46.41 -65.82 9.42
N LEU E 56 -45.20 -65.75 10.01
CA LEU E 56 -43.96 -65.79 9.22
C LEU E 56 -43.50 -67.23 8.90
N GLY E 57 -44.23 -68.23 9.41
CA GLY E 57 -43.88 -69.64 9.25
C GLY E 57 -42.93 -70.15 10.31
N GLU E 58 -42.77 -69.41 11.40
CA GLU E 58 -41.82 -69.77 12.45
C GLU E 58 -42.52 -70.51 13.62
N ASN E 59 -41.75 -71.28 14.40
CA ASN E 59 -42.28 -72.05 15.52
C ASN E 59 -42.14 -71.24 16.80
N PRO E 60 -43.23 -70.65 17.30
CA PRO E 60 -43.12 -69.82 18.52
C PRO E 60 -42.76 -70.60 19.79
N GLN E 61 -42.78 -71.95 19.71
CA GLN E 61 -42.46 -72.80 20.85
C GLN E 61 -40.99 -73.22 20.93
N ARG E 62 -40.17 -72.92 19.88
CA ARG E 62 -38.75 -73.30 19.93
C ARG E 62 -37.98 -72.43 20.93
N GLN E 63 -36.91 -72.97 21.53
CA GLN E 63 -36.10 -72.29 22.56
C GLN E 63 -35.83 -70.79 22.29
N GLY E 64 -35.35 -70.49 21.08
CA GLY E 64 -35.00 -69.12 20.72
C GLY E 64 -36.16 -68.16 20.62
N LEU E 65 -37.37 -68.68 20.35
CA LEU E 65 -38.55 -67.82 20.22
C LEU E 65 -39.49 -67.79 21.41
N LEU E 66 -39.30 -68.66 22.42
CA LEU E 66 -40.21 -68.74 23.58
C LEU E 66 -40.53 -67.41 24.26
N LYS E 67 -39.49 -66.61 24.59
CA LYS E 67 -39.70 -65.33 25.26
C LYS E 67 -39.78 -64.13 24.31
N THR E 68 -39.62 -64.35 22.99
CA THR E 68 -39.61 -63.29 21.98
C THR E 68 -40.85 -62.42 21.97
N PRO E 69 -42.11 -62.90 22.05
CA PRO E 69 -43.26 -61.98 22.07
C PRO E 69 -43.17 -60.92 23.19
N TRP E 70 -42.63 -61.31 24.36
CA TRP E 70 -42.46 -60.41 25.48
C TRP E 70 -41.26 -59.48 25.34
N ARG E 71 -40.10 -60.01 24.88
CA ARG E 71 -38.89 -59.19 24.70
C ARG E 71 -39.10 -58.19 23.57
N ALA E 72 -39.81 -58.58 22.50
CA ALA E 72 -40.13 -57.70 21.36
C ALA E 72 -41.09 -56.59 21.80
N ALA E 73 -42.10 -56.94 22.61
CA ALA E 73 -43.08 -56.00 23.11
C ALA E 73 -42.43 -54.97 24.04
N SER E 74 -41.54 -55.42 24.96
CA SER E 74 -40.82 -54.54 25.88
C SER E 74 -39.90 -53.62 25.13
N ALA E 75 -39.21 -54.15 24.08
CA ALA E 75 -38.33 -53.35 23.23
C ALA E 75 -39.15 -52.28 22.53
N MET E 76 -40.30 -52.60 21.93
CA MET E 76 -41.15 -51.63 21.24
C MET E 76 -41.70 -50.54 22.21
N GLN E 77 -41.96 -50.91 23.47
CA GLN E 77 -42.40 -49.94 24.47
C GLN E 77 -41.24 -48.99 24.80
N PHE E 78 -39.99 -49.50 24.86
CA PHE E 78 -38.83 -48.67 25.13
C PHE E 78 -38.60 -47.72 23.95
N PHE E 79 -38.70 -48.25 22.71
CA PHE E 79 -38.53 -47.45 21.51
C PHE E 79 -39.60 -46.35 21.40
N THR E 80 -40.75 -46.50 22.05
CA THR E 80 -41.82 -45.50 22.00
C THR E 80 -42.04 -44.81 23.36
N LYS E 81 -41.05 -44.82 24.26
CA LYS E 81 -41.19 -44.20 25.58
C LYS E 81 -41.30 -42.68 25.57
N GLY E 82 -40.98 -42.03 24.46
CA GLY E 82 -41.04 -40.58 24.34
C GLY E 82 -42.45 -40.01 24.40
N TYR E 83 -43.46 -40.82 24.07
CA TYR E 83 -44.85 -40.41 24.12
C TYR E 83 -45.29 -40.08 25.56
N GLN E 84 -44.70 -40.80 26.55
CA GLN E 84 -45.04 -40.57 27.95
C GLN E 84 -44.21 -39.43 28.61
N GLU E 85 -43.43 -38.68 27.82
CA GLU E 85 -42.59 -37.62 28.36
C GLU E 85 -43.06 -36.22 28.01
N THR E 86 -42.88 -35.30 28.94
CA THR E 86 -43.24 -33.91 28.80
C THR E 86 -41.97 -33.05 28.97
N ILE E 87 -41.85 -31.97 28.18
CA ILE E 87 -40.71 -31.06 28.25
C ILE E 87 -40.44 -30.54 29.67
N SER E 88 -41.49 -30.15 30.41
CA SER E 88 -41.33 -29.63 31.76
C SER E 88 -40.64 -30.60 32.74
N ASP E 89 -40.98 -31.90 32.66
CA ASP E 89 -40.37 -32.91 33.53
C ASP E 89 -38.91 -33.17 33.17
N VAL E 90 -38.65 -33.19 31.88
CA VAL E 90 -37.33 -33.41 31.29
C VAL E 90 -36.34 -32.29 31.65
N LEU E 91 -36.79 -31.01 31.61
CA LEU E 91 -35.93 -29.87 31.93
C LEU E 91 -35.44 -29.84 33.36
N ASN E 92 -36.27 -30.25 34.33
CA ASN E 92 -35.90 -30.26 35.74
C ASN E 92 -35.40 -28.88 36.24
N ASP E 93 -36.01 -27.79 35.75
CA ASP E 93 -35.60 -26.41 36.08
C ASP E 93 -34.13 -26.11 35.83
N ALA E 94 -33.47 -26.85 34.92
CA ALA E 94 -32.04 -26.63 34.63
C ALA E 94 -31.80 -25.51 33.59
N ILE E 95 -32.07 -24.26 34.02
CA ILE E 95 -31.86 -23.05 33.22
C ILE E 95 -31.00 -22.12 34.08
N PHE E 96 -29.83 -21.69 33.56
CA PHE E 96 -28.84 -20.95 34.33
C PHE E 96 -28.60 -19.60 33.77
N ASP E 97 -28.55 -18.61 34.66
CA ASP E 97 -28.33 -17.22 34.32
C ASP E 97 -26.83 -16.94 34.24
N GLU E 98 -26.28 -17.06 33.04
CA GLU E 98 -24.85 -16.93 32.83
C GLU E 98 -24.43 -15.75 31.97
N ASP E 99 -25.33 -14.79 31.74
CA ASP E 99 -25.12 -13.60 30.91
C ASP E 99 -24.59 -13.87 29.49
N HIS E 100 -25.00 -15.01 28.91
CA HIS E 100 -24.52 -15.43 27.62
C HIS E 100 -25.47 -15.02 26.51
N ASP E 101 -24.93 -14.40 25.47
CA ASP E 101 -25.72 -14.09 24.27
C ASP E 101 -25.09 -14.74 23.00
N GLU E 102 -24.12 -15.70 23.16
CA GLU E 102 -23.44 -16.31 22.03
C GLU E 102 -23.79 -17.77 21.83
N MET E 103 -23.63 -18.25 20.59
CA MET E 103 -24.01 -19.58 20.17
C MET E 103 -23.45 -20.71 20.99
N VAL E 104 -24.34 -21.60 21.44
CA VAL E 104 -23.95 -22.81 22.18
C VAL E 104 -24.31 -23.98 21.27
N ILE E 105 -23.37 -24.91 21.05
CA ILE E 105 -23.64 -26.05 20.21
C ILE E 105 -23.43 -27.33 20.97
N VAL E 106 -24.37 -28.29 20.86
CA VAL E 106 -24.18 -29.64 21.35
C VAL E 106 -24.30 -30.52 20.11
N LYS E 107 -23.17 -31.02 19.61
CA LYS E 107 -23.16 -31.83 18.40
C LYS E 107 -22.88 -33.29 18.67
N ASP E 108 -23.16 -34.13 17.66
CA ASP E 108 -22.93 -35.58 17.67
C ASP E 108 -23.73 -36.28 18.74
N ILE E 109 -24.98 -35.85 18.93
CA ILE E 109 -25.86 -36.54 19.87
C ILE E 109 -26.39 -37.78 19.13
N ASP E 110 -26.07 -38.99 19.61
CA ASP E 110 -26.54 -40.23 18.99
C ASP E 110 -28.03 -40.33 19.12
N MET E 111 -28.71 -40.54 18.02
CA MET E 111 -30.14 -40.57 17.95
C MET E 111 -30.60 -41.91 17.35
N PHE E 112 -31.61 -42.52 17.96
CA PHE E 112 -32.17 -43.81 17.52
C PHE E 112 -33.67 -43.64 17.47
N SER E 113 -34.24 -43.72 16.30
CA SER E 113 -35.69 -43.57 16.14
C SER E 113 -36.29 -44.75 15.37
N MET E 114 -37.60 -44.73 15.14
CA MET E 114 -38.29 -45.81 14.48
C MET E 114 -39.08 -45.23 13.31
N CYS E 115 -38.83 -45.73 12.08
CA CYS E 115 -39.59 -45.31 10.92
C CYS E 115 -41.10 -45.67 11.13
N GLU E 116 -42.00 -44.69 11.01
CA GLU E 116 -43.42 -44.95 11.19
C GLU E 116 -44.08 -45.64 10.00
N HIS E 117 -43.40 -45.72 8.85
CA HIS E 117 -43.93 -46.37 7.66
C HIS E 117 -43.67 -47.87 7.61
N HIS E 118 -42.52 -48.31 8.14
CA HIS E 118 -42.16 -49.73 8.11
C HIS E 118 -41.90 -50.34 9.46
N LEU E 119 -41.79 -49.54 10.52
CA LEU E 119 -41.49 -50.00 11.87
C LEU E 119 -40.10 -50.66 11.96
N VAL E 120 -39.13 -50.06 11.27
CA VAL E 120 -37.73 -50.44 11.23
C VAL E 120 -36.92 -49.20 11.67
N PRO E 121 -35.83 -49.36 12.44
CA PRO E 121 -35.10 -48.18 12.92
C PRO E 121 -34.47 -47.25 11.89
N PHE E 122 -34.29 -46.00 12.28
CA PHE E 122 -33.50 -45.01 11.56
C PHE E 122 -32.64 -44.36 12.61
N VAL E 123 -31.33 -44.41 12.42
CA VAL E 123 -30.39 -43.98 13.42
C VAL E 123 -29.37 -43.00 12.87
N GLY E 124 -28.87 -42.13 13.73
CA GLY E 124 -27.90 -41.13 13.30
C GLY E 124 -27.46 -40.20 14.39
N LYS E 125 -27.21 -38.96 14.02
CA LYS E 125 -26.71 -37.93 14.91
C LYS E 125 -27.58 -36.68 14.82
N VAL E 126 -27.71 -35.95 15.93
CA VAL E 126 -28.40 -34.67 16.00
C VAL E 126 -27.36 -33.62 16.42
N HIS E 127 -27.35 -32.49 15.74
CA HIS E 127 -26.48 -31.37 16.07
C HIS E 127 -27.40 -30.19 16.38
N ILE E 128 -27.28 -29.65 17.59
CA ILE E 128 -28.16 -28.57 18.00
C ILE E 128 -27.32 -27.32 18.33
N GLY E 129 -27.79 -26.18 17.88
CA GLY E 129 -27.17 -24.90 18.14
C GLY E 129 -28.23 -23.91 18.55
N TYR E 130 -27.92 -23.00 19.45
CA TYR E 130 -28.87 -21.98 19.88
C TYR E 130 -28.18 -20.73 20.34
N LEU E 131 -28.87 -19.61 20.24
CA LEU E 131 -28.35 -18.33 20.70
C LEU E 131 -29.12 -17.93 21.95
N PRO E 132 -28.50 -18.10 23.13
CA PRO E 132 -29.20 -17.74 24.37
C PRO E 132 -29.51 -16.25 24.47
N ASN E 133 -30.58 -15.96 25.20
CA ASN E 133 -30.98 -14.61 25.59
C ASN E 133 -30.57 -14.51 27.08
N LYS E 134 -29.26 -14.44 27.36
CA LYS E 134 -28.66 -14.35 28.71
C LYS E 134 -28.67 -15.70 29.46
N GLN E 135 -29.83 -16.40 29.47
CA GLN E 135 -29.92 -17.69 30.13
C GLN E 135 -29.47 -18.86 29.25
N VAL E 136 -28.80 -19.83 29.85
CA VAL E 136 -28.36 -21.03 29.14
C VAL E 136 -29.09 -22.30 29.65
N LEU E 137 -29.45 -23.20 28.73
CA LEU E 137 -30.10 -24.45 29.09
C LEU E 137 -29.00 -25.41 29.58
N GLY E 138 -29.30 -26.31 30.51
CA GLY E 138 -28.34 -27.35 30.92
C GLY E 138 -28.04 -28.22 29.71
N LEU E 139 -26.76 -28.45 29.41
CA LEU E 139 -26.35 -29.17 28.21
C LEU E 139 -27.05 -30.50 27.97
N SER E 140 -27.22 -31.33 29.02
CA SER E 140 -27.86 -32.63 28.85
C SER E 140 -29.31 -32.57 28.47
N LYS E 141 -29.98 -31.45 28.81
CA LYS E 141 -31.40 -31.30 28.49
C LYS E 141 -31.65 -31.19 27.00
N LEU E 142 -30.66 -30.77 26.21
CA LEU E 142 -30.78 -30.74 24.75
C LEU E 142 -30.85 -32.20 24.25
N ALA E 143 -30.01 -33.11 24.79
CA ALA E 143 -30.03 -34.52 24.42
C ALA E 143 -31.30 -35.19 24.93
N ARG E 144 -31.81 -34.76 26.10
CA ARG E 144 -33.06 -35.29 26.65
C ARG E 144 -34.26 -34.87 25.83
N ILE E 145 -34.22 -33.69 25.21
CA ILE E 145 -35.29 -33.23 24.32
C ILE E 145 -35.25 -34.09 23.02
N VAL E 146 -34.06 -34.46 22.55
CA VAL E 146 -33.89 -35.34 21.39
C VAL E 146 -34.58 -36.69 21.67
N GLU E 147 -34.40 -37.20 22.91
CA GLU E 147 -34.97 -38.46 23.37
C GLU E 147 -36.48 -38.45 23.48
N ILE E 148 -37.11 -37.28 23.76
CA ILE E 148 -38.56 -37.20 23.84
C ILE E 148 -39.16 -37.53 22.47
N TYR E 149 -38.59 -36.94 21.42
CA TYR E 149 -39.15 -37.05 20.08
C TYR E 149 -38.60 -38.21 19.28
N SER E 150 -37.35 -38.63 19.49
CA SER E 150 -36.79 -39.74 18.74
C SER E 150 -37.37 -41.07 19.20
N ARG E 151 -37.74 -41.20 20.48
CA ARG E 151 -38.33 -42.43 21.00
C ARG E 151 -39.85 -42.44 20.73
N ARG E 152 -40.22 -42.40 19.45
CA ARG E 152 -41.56 -42.39 18.95
C ARG E 152 -41.53 -42.99 17.52
N LEU E 153 -42.71 -43.23 16.93
CA LEU E 153 -42.77 -43.66 15.53
C LEU E 153 -42.69 -42.34 14.80
N GLN E 154 -41.65 -42.18 14.00
CA GLN E 154 -41.34 -40.91 13.39
C GLN E 154 -41.13 -40.87 11.87
N VAL E 155 -41.00 -39.65 11.39
CA VAL E 155 -40.59 -39.19 10.09
C VAL E 155 -39.48 -38.16 10.45
N GLN E 156 -38.30 -38.28 9.83
CA GLN E 156 -37.14 -37.47 10.14
C GLN E 156 -37.38 -35.96 10.11
N GLU E 157 -38.18 -35.50 9.15
CA GLU E 157 -38.51 -34.07 9.01
C GLU E 157 -39.29 -33.59 10.21
N ARG E 158 -40.24 -34.41 10.71
CA ARG E 158 -41.04 -34.05 11.87
C ARG E 158 -40.17 -34.03 13.13
N LEU E 159 -39.35 -35.07 13.31
CA LEU E 159 -38.44 -35.21 14.44
C LEU E 159 -37.53 -33.99 14.54
N THR E 160 -36.96 -33.53 13.41
CA THR E 160 -36.10 -32.35 13.37
C THR E 160 -36.82 -31.09 13.84
N LYS E 161 -38.04 -30.85 13.33
CA LYS E 161 -38.84 -29.68 13.68
C LYS E 161 -39.23 -29.70 15.16
N GLN E 162 -39.65 -30.86 15.68
CA GLN E 162 -40.10 -30.99 17.06
C GLN E 162 -39.00 -30.65 18.04
N ILE E 163 -37.77 -31.11 17.77
CA ILE E 163 -36.63 -30.80 18.64
C ILE E 163 -36.38 -29.28 18.68
N ALA E 164 -36.37 -28.61 17.51
CA ALA E 164 -36.16 -27.17 17.42
C ALA E 164 -37.25 -26.38 18.13
N VAL E 165 -38.51 -26.79 17.97
CA VAL E 165 -39.65 -26.13 18.60
C VAL E 165 -39.64 -26.34 20.11
N ALA E 166 -39.25 -27.54 20.58
CA ALA E 166 -39.18 -27.80 22.01
C ALA E 166 -38.15 -26.91 22.68
N ILE E 167 -37.00 -26.68 22.05
CA ILE E 167 -35.96 -25.82 22.61
C ILE E 167 -36.43 -24.36 22.67
N THR E 168 -37.13 -23.91 21.62
CA THR E 168 -37.66 -22.56 21.56
C THR E 168 -38.69 -22.34 22.65
N GLU E 169 -39.54 -23.35 22.91
CA GLU E 169 -40.58 -23.24 23.92
C GLU E 169 -40.02 -23.33 25.34
N ALA E 170 -38.99 -24.13 25.54
CA ALA E 170 -38.39 -24.31 26.86
C ALA E 170 -37.56 -23.13 27.33
N LEU E 171 -36.94 -22.41 26.41
CA LEU E 171 -35.99 -21.37 26.78
C LEU E 171 -36.34 -20.01 26.29
N ARG E 172 -37.04 -19.91 25.17
CA ARG E 172 -37.27 -18.64 24.47
C ARG E 172 -35.92 -17.92 24.15
N PRO E 173 -35.04 -18.59 23.38
CA PRO E 173 -33.76 -17.96 23.02
C PRO E 173 -33.89 -17.08 21.77
N ALA E 174 -32.78 -16.47 21.31
CA ALA E 174 -32.81 -15.63 20.11
C ALA E 174 -33.07 -16.47 18.86
N GLY E 175 -32.58 -17.71 18.85
CA GLY E 175 -32.77 -18.63 17.75
C GLY E 175 -32.28 -20.03 18.07
N VAL E 176 -32.74 -21.01 17.27
CA VAL E 176 -32.37 -22.42 17.38
C VAL E 176 -32.08 -22.99 15.98
N GLY E 177 -31.10 -23.89 15.88
CA GLY E 177 -30.77 -24.60 14.66
C GLY E 177 -30.61 -26.06 15.02
N VAL E 178 -31.26 -26.96 14.26
CA VAL E 178 -31.17 -28.40 14.50
C VAL E 178 -30.88 -29.07 13.19
N VAL E 179 -29.85 -29.94 13.14
CA VAL E 179 -29.52 -30.72 11.97
C VAL E 179 -29.55 -32.18 12.37
N VAL E 180 -30.30 -33.02 11.64
CA VAL E 180 -30.31 -34.45 11.89
C VAL E 180 -29.72 -35.13 10.66
N GLU E 181 -28.84 -36.11 10.88
CA GLU E 181 -28.25 -36.89 9.79
C GLU E 181 -28.47 -38.35 10.16
N ALA E 182 -29.17 -39.11 9.33
CA ALA E 182 -29.53 -40.49 9.68
C ALA E 182 -29.48 -41.49 8.54
N THR E 183 -29.28 -42.75 8.90
CA THR E 183 -29.35 -43.91 8.05
C THR E 183 -30.69 -44.55 8.34
N HIS E 184 -31.49 -44.73 7.29
CA HIS E 184 -32.77 -45.39 7.42
C HIS E 184 -32.54 -46.83 7.04
N MET E 185 -32.73 -47.77 7.97
CA MET E 185 -32.56 -49.20 7.65
C MET E 185 -33.56 -49.69 6.60
N CYS E 186 -34.72 -49.03 6.44
CA CYS E 186 -35.69 -49.32 5.36
C CYS E 186 -35.09 -49.11 3.97
N MET E 187 -34.05 -48.27 3.89
CA MET E 187 -33.39 -47.98 2.64
C MET E 187 -32.10 -48.78 2.48
N VAL E 188 -31.57 -49.42 3.55
CA VAL E 188 -30.32 -50.19 3.41
C VAL E 188 -30.61 -51.69 3.40
N MET E 189 -31.48 -52.21 4.30
CA MET E 189 -31.70 -53.67 4.32
C MET E 189 -32.89 -54.15 3.55
N ARG E 190 -33.57 -53.26 2.82
CA ARG E 190 -34.76 -53.60 2.03
C ARG E 190 -35.06 -52.45 1.03
N GLY E 191 -36.10 -52.60 0.22
CA GLY E 191 -36.53 -51.60 -0.75
C GLY E 191 -35.46 -51.23 -1.77
N VAL E 192 -34.99 -49.96 -1.73
CA VAL E 192 -33.95 -49.53 -2.69
C VAL E 192 -32.59 -50.17 -2.42
N GLN E 193 -32.34 -50.61 -1.17
CA GLN E 193 -31.11 -51.25 -0.76
C GLN E 193 -29.87 -50.45 -1.13
N LYS E 194 -29.88 -49.16 -0.77
CA LYS E 194 -28.80 -48.23 -0.97
C LYS E 194 -28.04 -48.11 0.35
N MET E 195 -26.95 -48.87 0.41
CA MET E 195 -26.00 -49.08 1.48
C MET E 195 -25.53 -47.82 2.21
N ASN E 196 -25.03 -46.83 1.45
CA ASN E 196 -24.40 -45.66 2.05
C ASN E 196 -25.28 -44.42 2.10
N SER E 197 -26.55 -44.50 1.67
CA SER E 197 -27.42 -43.34 1.65
C SER E 197 -27.68 -42.77 3.06
N LYS E 198 -27.65 -41.46 3.16
CA LYS E 198 -27.86 -40.74 4.41
C LYS E 198 -28.86 -39.61 4.16
N THR E 199 -29.80 -39.41 5.08
CA THR E 199 -30.76 -38.34 4.98
C THR E 199 -30.33 -37.22 5.91
N VAL E 200 -30.24 -35.99 5.40
CA VAL E 200 -29.89 -34.83 6.22
C VAL E 200 -31.07 -33.87 6.21
N THR E 201 -31.60 -33.57 7.41
CA THR E 201 -32.71 -32.62 7.56
C THR E 201 -32.25 -31.49 8.51
N SER E 202 -32.88 -30.32 8.40
CA SER E 202 -32.58 -29.20 9.27
C SER E 202 -33.81 -28.35 9.59
N THR E 203 -33.81 -27.68 10.76
CA THR E 203 -34.84 -26.74 11.17
C THR E 203 -34.17 -25.55 11.82
N MET E 204 -34.40 -24.36 11.26
CA MET E 204 -33.83 -23.12 11.76
C MET E 204 -34.92 -22.18 12.21
N LEU E 205 -34.85 -21.74 13.47
CA LEU E 205 -35.84 -20.83 14.07
C LEU E 205 -35.17 -19.57 14.56
N GLY E 206 -35.91 -18.47 14.62
CA GLY E 206 -35.37 -17.19 15.08
C GLY E 206 -34.23 -16.67 14.24
N VAL E 207 -33.13 -16.25 14.90
CA VAL E 207 -31.94 -15.72 14.26
C VAL E 207 -31.29 -16.71 13.29
N PHE E 208 -31.41 -18.03 13.58
CA PHE E 208 -30.81 -19.04 12.69
C PHE E 208 -31.53 -19.07 11.33
N ARG E 209 -32.81 -18.70 11.31
CA ARG E 209 -33.61 -18.65 10.10
C ARG E 209 -33.42 -17.32 9.40
N GLU E 210 -33.50 -16.21 10.16
CA GLU E 210 -33.43 -14.86 9.59
C GLU E 210 -32.02 -14.35 9.23
N ASP E 211 -30.98 -14.73 9.99
CA ASP E 211 -29.62 -14.26 9.72
C ASP E 211 -28.78 -15.33 9.04
N PRO E 212 -28.46 -15.13 7.75
CA PRO E 212 -27.66 -16.14 7.03
C PRO E 212 -26.27 -16.37 7.62
N LYS E 213 -25.61 -15.33 8.15
CA LYS E 213 -24.30 -15.50 8.76
C LYS E 213 -24.32 -16.39 10.01
N THR E 214 -25.38 -16.32 10.81
CA THR E 214 -25.55 -17.16 12.00
C THR E 214 -25.70 -18.62 11.57
N ARG E 215 -26.52 -18.84 10.57
CA ARG E 215 -26.80 -20.14 9.97
C ARG E 215 -25.53 -20.79 9.38
N GLU E 216 -24.70 -20.04 8.63
CA GLU E 216 -23.46 -20.60 8.07
C GLU E 216 -22.43 -20.90 9.15
N GLU E 217 -22.35 -20.07 10.19
CA GLU E 217 -21.43 -20.30 11.30
C GLU E 217 -21.76 -21.62 12.00
N PHE E 218 -23.06 -21.85 12.26
CA PHE E 218 -23.53 -23.06 12.90
C PHE E 218 -23.20 -24.27 12.03
N LEU E 219 -23.47 -24.20 10.72
CA LEU E 219 -23.21 -25.32 9.82
C LEU E 219 -21.73 -25.66 9.71
N THR E 220 -20.82 -24.66 9.82
CA THR E 220 -19.38 -24.97 9.76
C THR E 220 -18.88 -25.54 11.10
N LEU E 221 -19.42 -25.04 12.21
CA LEU E 221 -19.00 -25.51 13.53
C LEU E 221 -19.45 -26.95 13.86
N ILE E 222 -20.41 -27.50 13.09
CA ILE E 222 -20.90 -28.85 13.37
C ILE E 222 -20.21 -29.87 12.52
N ARG F 33 34.40 -40.66 -7.76
CA ARG F 33 34.88 -39.47 -8.44
C ARG F 33 35.81 -38.63 -7.50
N SER F 34 35.93 -37.31 -7.77
CA SER F 34 36.62 -36.25 -7.03
C SER F 34 36.02 -34.87 -7.43
N GLU F 35 36.35 -33.80 -6.67
CA GLU F 35 35.88 -32.44 -6.97
C GLU F 35 36.52 -31.88 -8.26
N GLU F 36 37.71 -32.39 -8.63
CA GLU F 36 38.37 -32.00 -9.87
C GLU F 36 37.63 -32.65 -11.03
N ASP F 37 37.24 -33.95 -10.89
CA ASP F 37 36.48 -34.68 -11.90
C ASP F 37 35.17 -33.98 -12.20
N ASN F 38 34.52 -33.42 -11.18
CA ASN F 38 33.25 -32.73 -11.36
C ASN F 38 33.40 -31.46 -12.12
N GLU F 39 34.42 -30.67 -11.81
CA GLU F 39 34.65 -29.41 -12.52
C GLU F 39 35.02 -29.62 -13.97
N LEU F 40 35.81 -30.67 -14.24
CA LEU F 40 36.25 -31.05 -15.58
C LEU F 40 35.12 -31.63 -16.44
N ASN F 41 34.20 -32.41 -15.81
CA ASN F 41 33.09 -33.03 -16.53
C ASN F 41 31.79 -32.21 -16.62
N LEU F 42 31.63 -31.15 -15.82
CA LEU F 42 30.43 -30.31 -15.86
C LEU F 42 30.16 -29.70 -17.27
N PRO F 43 31.17 -29.12 -17.99
CA PRO F 43 30.89 -28.59 -19.33
C PRO F 43 30.47 -29.66 -20.34
N ASN F 44 30.96 -30.91 -20.22
CA ASN F 44 30.56 -32.04 -21.09
C ASN F 44 29.13 -32.45 -20.83
N LEU F 45 28.70 -32.38 -19.59
CA LEU F 45 27.32 -32.70 -19.24
C LEU F 45 26.41 -31.59 -19.80
N ALA F 46 26.80 -30.30 -19.63
CA ALA F 46 26.04 -29.17 -20.16
C ALA F 46 25.92 -29.26 -21.70
N ALA F 47 26.99 -29.69 -22.38
CA ALA F 47 26.98 -29.83 -23.83
C ALA F 47 26.00 -30.93 -24.25
N ALA F 48 26.00 -32.06 -23.53
CA ALA F 48 25.09 -33.16 -23.82
C ALA F 48 23.64 -32.76 -23.57
N TYR F 49 23.36 -31.98 -22.52
CA TYR F 49 22.00 -31.52 -22.23
C TYR F 49 21.51 -30.52 -23.25
N SER F 50 22.40 -29.66 -23.75
CA SER F 50 22.07 -28.71 -24.80
C SER F 50 21.70 -29.48 -26.07
N SER F 51 22.46 -30.53 -26.38
CA SER F 51 22.25 -31.40 -27.52
C SER F 51 20.89 -32.09 -27.44
N ILE F 52 20.47 -32.48 -26.22
CA ILE F 52 19.19 -33.13 -25.96
C ILE F 52 18.06 -32.14 -26.21
N LEU F 53 18.18 -30.88 -25.71
CA LEU F 53 17.17 -29.85 -25.94
C LEU F 53 16.96 -29.62 -27.45
N SER F 54 18.04 -29.54 -28.24
CA SER F 54 17.94 -29.36 -29.68
C SER F 54 17.29 -30.58 -30.36
N SER F 55 17.67 -31.80 -29.96
CA SER F 55 17.12 -33.05 -30.50
C SER F 55 15.65 -33.26 -30.16
N LEU F 56 15.14 -32.61 -29.12
CA LEU F 56 13.72 -32.72 -28.76
C LEU F 56 12.84 -31.71 -29.56
N GLY F 57 13.46 -30.90 -30.42
CA GLY F 57 12.76 -29.86 -31.17
C GLY F 57 12.60 -28.55 -30.41
N GLU F 58 13.28 -28.42 -29.26
CA GLU F 58 13.20 -27.22 -28.44
C GLU F 58 14.24 -26.16 -28.82
N ASN F 59 14.01 -24.92 -28.36
CA ASN F 59 14.87 -23.78 -28.64
C ASN F 59 15.74 -23.55 -27.42
N PRO F 60 17.03 -23.96 -27.46
CA PRO F 60 17.91 -23.73 -26.30
C PRO F 60 18.23 -22.27 -26.00
N GLN F 61 17.80 -21.34 -26.86
CA GLN F 61 18.02 -19.92 -26.67
C GLN F 61 16.82 -19.20 -26.01
N ARG F 62 15.64 -19.85 -25.87
CA ARG F 62 14.50 -19.18 -25.23
C ARG F 62 14.77 -18.92 -23.75
N GLN F 63 14.14 -17.88 -23.14
CA GLN F 63 14.40 -17.51 -21.75
C GLN F 63 14.42 -18.69 -20.77
N GLY F 64 13.39 -19.54 -20.82
CA GLY F 64 13.28 -20.68 -19.92
C GLY F 64 14.36 -21.74 -20.06
N LEU F 65 14.98 -21.84 -21.25
CA LEU F 65 16.01 -22.84 -21.49
C LEU F 65 17.44 -22.34 -21.46
N LEU F 66 17.68 -21.04 -21.41
CA LEU F 66 19.04 -20.49 -21.46
C LEU F 66 20.09 -21.09 -20.47
N LYS F 67 19.71 -21.26 -19.22
CA LYS F 67 20.61 -21.82 -18.21
C LYS F 67 20.41 -23.32 -17.98
N THR F 68 19.46 -23.95 -18.69
CA THR F 68 19.09 -25.33 -18.52
C THR F 68 20.24 -26.29 -18.73
N PRO F 69 21.10 -26.20 -19.78
CA PRO F 69 22.21 -27.18 -19.89
C PRO F 69 23.07 -27.25 -18.65
N TRP F 70 23.31 -26.09 -18.01
CA TRP F 70 24.09 -26.04 -16.78
C TRP F 70 23.34 -26.49 -15.56
N ARG F 71 22.07 -26.06 -15.37
CA ARG F 71 21.28 -26.46 -14.21
C ARG F 71 20.97 -27.94 -14.24
N ALA F 72 20.74 -28.52 -15.43
CA ALA F 72 20.47 -29.94 -15.58
C ALA F 72 21.75 -30.75 -15.29
N ALA F 73 22.89 -30.26 -15.75
CA ALA F 73 24.18 -30.91 -15.50
C ALA F 73 24.57 -30.88 -14.01
N SER F 74 24.38 -29.74 -13.33
CA SER F 74 24.67 -29.61 -11.91
C SER F 74 23.72 -30.52 -11.13
N ALA F 75 22.44 -30.61 -11.54
CA ALA F 75 21.47 -31.47 -10.88
C ALA F 75 21.91 -32.92 -11.02
N MET F 76 22.32 -33.37 -12.23
CA MET F 76 22.79 -34.75 -12.45
C MET F 76 24.08 -35.07 -11.65
N GLN F 77 24.97 -34.08 -11.46
CA GLN F 77 26.15 -34.29 -10.64
C GLN F 77 25.75 -34.44 -9.19
N PHE F 78 24.77 -33.66 -8.72
CA PHE F 78 24.31 -33.77 -7.34
C PHE F 78 23.63 -35.14 -7.13
N PHE F 79 22.79 -35.57 -8.10
CA PHE F 79 22.11 -36.86 -8.03
C PHE F 79 23.09 -38.02 -8.00
N THR F 80 24.31 -37.85 -8.51
CA THR F 80 25.32 -38.90 -8.55
C THR F 80 26.51 -38.60 -7.63
N LYS F 81 26.34 -37.74 -6.61
CA LYS F 81 27.43 -37.38 -5.70
C LYS F 81 27.90 -38.51 -4.78
N GLY F 82 27.15 -39.58 -4.68
CA GLY F 82 27.50 -40.70 -3.83
C GLY F 82 28.72 -41.48 -4.30
N TYR F 83 29.04 -41.39 -5.59
CA TYR F 83 30.21 -42.06 -6.15
C TYR F 83 31.50 -41.52 -5.53
N GLN F 84 31.53 -40.20 -5.21
CA GLN F 84 32.72 -39.58 -4.62
C GLN F 84 32.83 -39.73 -3.09
N GLU F 85 31.95 -40.52 -2.46
CA GLU F 85 31.95 -40.69 -1.02
C GLU F 85 32.49 -42.03 -0.56
N THR F 86 33.20 -42.02 0.57
CA THR F 86 33.74 -43.21 1.20
C THR F 86 33.12 -43.41 2.59
N ILE F 87 32.84 -44.67 2.96
CA ILE F 87 32.25 -44.99 4.26
C ILE F 87 33.04 -44.40 5.44
N SER F 88 34.37 -44.50 5.42
CA SER F 88 35.22 -43.98 6.48
C SER F 88 35.03 -42.47 6.77
N ASP F 89 34.92 -41.65 5.71
CA ASP F 89 34.75 -40.22 5.88
C ASP F 89 33.36 -39.88 6.41
N VAL F 90 32.34 -40.61 5.91
CA VAL F 90 30.94 -40.48 6.29
C VAL F 90 30.70 -40.81 7.78
N LEU F 91 31.34 -41.87 8.30
CA LEU F 91 31.20 -42.29 9.70
C LEU F 91 31.71 -41.28 10.71
N ASN F 92 32.84 -40.62 10.40
CA ASN F 92 33.44 -39.60 11.28
C ASN F 92 33.69 -40.12 12.71
N ASP F 93 34.10 -41.39 12.85
CA ASP F 93 34.34 -42.00 14.17
C ASP F 93 33.12 -42.02 15.08
N ALA F 94 31.90 -42.00 14.54
CA ALA F 94 30.71 -42.00 15.39
C ALA F 94 30.27 -43.41 15.82
N ILE F 95 31.15 -44.10 16.56
CA ILE F 95 30.88 -45.42 17.11
C ILE F 95 31.03 -45.30 18.62
N PHE F 96 29.96 -45.53 19.38
CA PHE F 96 29.94 -45.32 20.83
C PHE F 96 29.82 -46.61 21.60
N ASP F 97 30.46 -46.69 22.77
CA ASP F 97 30.42 -47.90 23.60
C ASP F 97 29.30 -47.76 24.62
N GLU F 98 28.10 -48.28 24.27
CA GLU F 98 26.95 -48.16 25.15
C GLU F 98 26.50 -49.47 25.78
N ASP F 99 27.32 -50.56 25.67
CA ASP F 99 26.99 -51.89 26.24
C ASP F 99 25.59 -52.35 25.78
N HIS F 100 25.28 -52.09 24.52
CA HIS F 100 23.96 -52.39 23.96
C HIS F 100 24.01 -53.61 23.07
N ASP F 101 23.14 -54.57 23.35
CA ASP F 101 23.04 -55.78 22.54
C ASP F 101 21.62 -55.99 21.99
N GLU F 102 20.80 -54.91 21.91
CA GLU F 102 19.44 -55.00 21.42
C GLU F 102 19.21 -54.20 20.17
N MET F 103 18.17 -54.56 19.41
CA MET F 103 17.87 -53.98 18.12
C MET F 103 17.68 -52.49 18.11
N VAL F 104 18.39 -51.81 17.21
CA VAL F 104 18.26 -50.37 17.02
C VAL F 104 17.68 -50.18 15.62
N ILE F 105 16.61 -49.41 15.48
CA ILE F 105 15.99 -49.19 14.18
C ILE F 105 15.95 -47.71 13.84
N VAL F 106 16.31 -47.34 12.61
CA VAL F 106 16.07 -45.98 12.10
C VAL F 106 15.16 -46.19 10.87
N LYS F 107 13.89 -45.86 11.00
CA LYS F 107 12.92 -46.05 9.95
C LYS F 107 12.48 -44.73 9.30
N ASP F 108 11.82 -44.83 8.13
CA ASP F 108 11.28 -43.72 7.36
C ASP F 108 12.34 -42.74 6.91
N ILE F 109 13.47 -43.24 6.48
CA ILE F 109 14.54 -42.36 5.97
C ILE F 109 14.15 -42.07 4.51
N ASP F 110 13.87 -40.80 4.17
CA ASP F 110 13.50 -40.43 2.80
C ASP F 110 14.70 -40.67 1.91
N MET F 111 14.47 -41.37 0.80
CA MET F 111 15.51 -41.78 -0.10
C MET F 111 15.10 -41.31 -1.51
N PHE F 112 16.07 -40.75 -2.25
CA PHE F 112 15.86 -40.27 -3.61
C PHE F 112 16.99 -40.83 -4.44
N SER F 113 16.66 -41.71 -5.38
CA SER F 113 17.67 -42.30 -6.25
C SER F 113 17.34 -42.10 -7.72
N MET F 114 18.22 -42.56 -8.60
CA MET F 114 18.06 -42.44 -10.03
C MET F 114 18.05 -43.81 -10.68
N CYS F 115 17.00 -44.11 -11.46
CA CYS F 115 16.91 -45.36 -12.20
C CYS F 115 18.05 -45.39 -13.26
N GLU F 116 18.91 -46.42 -13.23
CA GLU F 116 20.01 -46.52 -14.19
C GLU F 116 19.55 -46.92 -15.59
N HIS F 117 18.30 -47.42 -15.73
CA HIS F 117 17.82 -47.86 -17.03
C HIS F 117 17.20 -46.72 -17.84
N HIS F 118 16.58 -45.74 -17.20
CA HIS F 118 15.90 -44.65 -17.90
C HIS F 118 16.37 -43.26 -17.51
N LEU F 119 17.15 -43.14 -16.41
CA LEU F 119 17.64 -41.88 -15.89
C LEU F 119 16.53 -40.97 -15.43
N VAL F 120 15.56 -41.58 -14.74
CA VAL F 120 14.39 -40.94 -14.15
C VAL F 120 14.39 -41.35 -12.67
N PRO F 121 13.98 -40.47 -11.73
CA PRO F 121 14.03 -40.83 -10.30
C PRO F 121 13.18 -41.99 -9.82
N PHE F 122 13.62 -42.62 -8.74
CA PHE F 122 12.86 -43.60 -7.98
C PHE F 122 13.05 -43.18 -6.52
N VAL F 123 11.93 -42.89 -5.86
CA VAL F 123 11.97 -42.30 -4.54
C VAL F 123 11.15 -43.11 -3.55
N GLY F 124 11.55 -43.06 -2.29
CA GLY F 124 10.81 -43.76 -1.26
C GLY F 124 11.38 -43.61 0.11
N LYS F 125 11.30 -44.69 0.88
CA LYS F 125 11.76 -44.73 2.26
C LYS F 125 12.67 -45.94 2.48
N VAL F 126 13.64 -45.80 3.39
CA VAL F 126 14.54 -46.87 3.80
C VAL F 126 14.33 -47.09 5.29
N HIS F 127 14.23 -48.36 5.71
CA HIS F 127 14.08 -48.74 7.11
C HIS F 127 15.27 -49.62 7.44
N ILE F 128 16.09 -49.22 8.40
CA ILE F 128 17.27 -49.97 8.78
C ILE F 128 17.18 -50.44 10.22
N GLY F 129 17.58 -51.66 10.46
CA GLY F 129 17.65 -52.23 11.79
C GLY F 129 18.97 -52.95 11.95
N TYR F 130 19.51 -52.98 13.18
CA TYR F 130 20.74 -53.73 13.43
C TYR F 130 20.83 -54.19 14.89
N LEU F 131 21.54 -55.30 15.13
CA LEU F 131 21.74 -55.79 16.50
C LEU F 131 23.19 -55.55 16.87
N PRO F 132 23.44 -54.49 17.66
CA PRO F 132 24.82 -54.13 17.99
C PRO F 132 25.60 -55.18 18.75
N ASN F 133 26.91 -55.14 18.60
CA ASN F 133 27.80 -56.05 19.32
C ASN F 133 28.52 -55.18 20.38
N LYS F 134 27.72 -54.72 21.39
CA LYS F 134 28.09 -53.80 22.49
C LYS F 134 28.18 -52.33 22.03
N GLN F 135 28.91 -52.09 20.90
CA GLN F 135 29.05 -50.77 20.30
C GLN F 135 27.89 -50.36 19.36
N VAL F 136 27.32 -49.16 19.59
CA VAL F 136 26.28 -48.57 18.78
C VAL F 136 26.83 -47.48 17.82
N LEU F 137 26.33 -47.41 16.59
CA LEU F 137 26.71 -46.38 15.59
C LEU F 137 25.86 -45.09 15.87
N GLY F 138 26.33 -43.95 15.38
CA GLY F 138 25.60 -42.70 15.48
C GLY F 138 24.41 -42.80 14.56
N LEU F 139 23.21 -42.50 15.06
CA LEU F 139 21.97 -42.63 14.30
C LEU F 139 21.99 -42.01 12.93
N SER F 140 22.53 -40.78 12.80
CA SER F 140 22.55 -40.10 11.51
C SER F 140 23.41 -40.79 10.48
N LYS F 141 24.44 -41.55 10.92
CA LYS F 141 25.33 -42.23 10.01
C LYS F 141 24.63 -43.31 9.20
N LEU F 142 23.51 -43.87 9.69
CA LEU F 142 22.71 -44.85 8.95
C LEU F 142 22.08 -44.16 7.73
N ALA F 143 21.54 -42.94 7.93
CA ALA F 143 20.94 -42.13 6.87
C ALA F 143 22.03 -41.64 5.90
N ARG F 144 23.23 -41.33 6.40
CA ARG F 144 24.36 -40.92 5.57
C ARG F 144 24.88 -42.08 4.70
N ILE F 145 24.78 -43.32 5.20
CA ILE F 145 25.15 -44.51 4.40
C ILE F 145 24.12 -44.68 3.27
N VAL F 146 22.82 -44.41 3.54
CA VAL F 146 21.76 -44.44 2.54
C VAL F 146 22.09 -43.47 1.40
N GLU F 147 22.57 -42.26 1.76
CA GLU F 147 22.95 -41.21 0.82
C GLU F 147 24.13 -41.56 -0.04
N ILE F 148 25.08 -42.40 0.45
CA ILE F 148 26.24 -42.77 -0.35
C ILE F 148 25.75 -43.57 -1.57
N TYR F 149 24.87 -44.52 -1.33
CA TYR F 149 24.42 -45.43 -2.38
C TYR F 149 23.20 -44.97 -3.16
N SER F 150 22.30 -44.18 -2.56
CA SER F 150 21.12 -43.71 -3.28
C SER F 150 21.50 -42.63 -4.29
N ARG F 151 22.52 -41.80 -3.98
CA ARG F 151 22.95 -40.76 -4.90
C ARG F 151 23.88 -41.33 -5.96
N ARG F 152 23.36 -42.27 -6.75
CA ARG F 152 24.07 -42.98 -7.82
C ARG F 152 23.02 -43.42 -8.85
N LEU F 153 23.46 -43.93 -10.00
CA LEU F 153 22.55 -44.54 -10.97
C LEU F 153 22.37 -45.94 -10.39
N GLN F 154 21.14 -46.27 -10.04
CA GLN F 154 20.86 -47.49 -9.32
C GLN F 154 19.79 -48.43 -9.88
N VAL F 155 19.74 -49.59 -9.23
CA VAL F 155 18.73 -50.61 -9.30
C VAL F 155 18.41 -50.83 -7.77
N GLN F 156 17.12 -50.79 -7.41
CA GLN F 156 16.66 -50.89 -6.03
C GLN F 156 17.24 -52.07 -5.25
N GLU F 157 17.35 -53.24 -5.88
CA GLU F 157 17.87 -54.44 -5.27
C GLU F 157 19.31 -54.25 -4.86
N ARG F 158 20.11 -53.60 -5.73
CA ARG F 158 21.52 -53.33 -5.47
C ARG F 158 21.67 -52.30 -4.35
N LEU F 159 20.91 -51.21 -4.43
CA LEU F 159 20.89 -50.15 -3.43
C LEU F 159 20.65 -50.71 -2.02
N THR F 160 19.60 -51.55 -1.88
CA THR F 160 19.22 -52.20 -0.62
C THR F 160 20.41 -53.03 -0.06
N LYS F 161 21.05 -53.90 -0.91
CA LYS F 161 22.18 -54.74 -0.52
C LYS F 161 23.40 -53.92 -0.09
N GLN F 162 23.76 -52.86 -0.84
CA GLN F 162 24.93 -52.03 -0.55
C GLN F 162 24.80 -51.37 0.78
N ILE F 163 23.60 -50.87 1.15
CA ILE F 163 23.40 -50.23 2.45
C ILE F 163 23.64 -51.25 3.57
N ALA F 164 23.08 -52.47 3.45
CA ALA F 164 23.23 -53.51 4.47
C ALA F 164 24.69 -53.94 4.63
N VAL F 165 25.40 -54.12 3.50
CA VAL F 165 26.79 -54.52 3.51
C VAL F 165 27.69 -53.42 4.09
N ALA F 166 27.40 -52.14 3.79
CA ALA F 166 28.17 -51.03 4.33
C ALA F 166 28.06 -50.97 5.85
N ILE F 167 26.88 -51.22 6.40
CA ILE F 167 26.67 -51.19 7.85
C ILE F 167 27.42 -52.34 8.53
N THR F 168 27.36 -53.54 7.90
CA THR F 168 28.04 -54.73 8.42
C THR F 168 29.55 -54.50 8.43
N GLU F 169 30.09 -53.88 7.38
CA GLU F 169 31.53 -53.64 7.29
C GLU F 169 31.98 -52.54 8.21
N ALA F 170 31.18 -51.50 8.40
CA ALA F 170 31.54 -50.38 9.28
C ALA F 170 31.49 -50.70 10.76
N LEU F 171 30.60 -51.60 11.18
CA LEU F 171 30.37 -51.87 12.59
C LEU F 171 30.67 -53.28 13.04
N ARG F 172 30.53 -54.26 12.15
CA ARG F 172 30.63 -55.69 12.46
C ARG F 172 29.63 -56.07 13.57
N PRO F 173 28.32 -55.80 13.34
CA PRO F 173 27.32 -56.15 14.38
C PRO F 173 26.86 -57.61 14.28
N ALA F 174 25.94 -58.02 15.17
CA ALA F 174 25.39 -59.37 15.14
C ALA F 174 24.54 -59.60 13.85
N GLY F 175 23.89 -58.54 13.38
CA GLY F 175 23.10 -58.60 12.16
C GLY F 175 22.59 -57.24 11.74
N VAL F 176 22.17 -57.14 10.46
CA VAL F 176 21.61 -55.93 9.84
C VAL F 176 20.37 -56.32 9.00
N GLY F 177 19.39 -55.45 8.98
CA GLY F 177 18.21 -55.63 8.15
C GLY F 177 17.93 -54.31 7.47
N VAL F 178 17.75 -54.32 6.13
CA VAL F 178 17.42 -53.10 5.39
C VAL F 178 16.19 -53.36 4.51
N VAL F 179 15.16 -52.50 4.60
CA VAL F 179 13.97 -52.63 3.77
C VAL F 179 13.81 -51.30 3.01
N VAL F 180 13.66 -51.36 1.68
CA VAL F 180 13.46 -50.16 0.87
C VAL F 180 12.09 -50.28 0.20
N GLU F 181 11.29 -49.22 0.26
CA GLU F 181 9.99 -49.18 -0.39
C GLU F 181 10.02 -47.96 -1.29
N ALA F 182 9.80 -48.13 -2.58
CA ALA F 182 9.95 -47.01 -3.51
C ALA F 182 8.94 -46.98 -4.65
N THR F 183 8.70 -45.78 -5.19
CA THR F 183 7.91 -45.49 -6.37
C THR F 183 8.90 -45.21 -7.47
N HIS F 184 8.80 -45.95 -8.56
CA HIS F 184 9.67 -45.73 -9.70
C HIS F 184 8.88 -44.86 -10.66
N MET F 185 9.32 -43.64 -10.95
CA MET F 185 8.63 -42.76 -11.89
C MET F 185 8.59 -43.32 -13.31
N CYS F 186 9.53 -44.20 -13.69
CA CYS F 186 9.47 -44.89 -14.99
C CYS F 186 8.24 -45.77 -15.11
N MET F 187 7.69 -46.21 -13.97
CA MET F 187 6.52 -47.05 -13.98
C MET F 187 5.26 -46.23 -13.78
N VAL F 188 5.33 -44.93 -13.33
CA VAL F 188 4.12 -44.15 -13.14
C VAL F 188 3.93 -43.15 -14.31
N MET F 189 4.98 -42.41 -14.74
CA MET F 189 4.78 -41.41 -15.80
C MET F 189 5.06 -41.89 -17.22
N ARG F 190 5.26 -43.20 -17.41
CA ARG F 190 5.54 -43.79 -18.72
C ARG F 190 5.53 -45.31 -18.61
N GLY F 191 5.75 -46.01 -19.73
CA GLY F 191 5.80 -47.46 -19.77
C GLY F 191 4.50 -48.12 -19.39
N VAL F 192 4.51 -48.88 -18.29
CA VAL F 192 3.29 -49.53 -17.81
C VAL F 192 2.27 -48.52 -17.24
N GLN F 193 2.72 -47.29 -16.87
CA GLN F 193 1.88 -46.22 -16.30
C GLN F 193 0.93 -46.73 -15.21
N LYS F 194 1.50 -47.42 -14.20
CA LYS F 194 0.76 -47.99 -13.06
C LYS F 194 1.01 -47.06 -11.85
N MET F 195 0.07 -46.14 -11.65
CA MET F 195 0.11 -45.06 -10.67
C MET F 195 0.45 -45.43 -9.25
N ASN F 196 -0.13 -46.50 -8.73
CA ASN F 196 -0.01 -46.87 -7.35
C ASN F 196 1.03 -47.92 -7.04
N SER F 197 1.74 -48.46 -8.03
CA SER F 197 2.72 -49.51 -7.82
C SER F 197 3.90 -49.06 -6.97
N LYS F 198 4.26 -49.92 -6.02
CA LYS F 198 5.36 -49.68 -5.07
C LYS F 198 6.24 -50.96 -5.12
N THR F 199 7.56 -50.79 -5.13
CA THR F 199 8.48 -51.91 -5.10
C THR F 199 9.03 -52.00 -3.69
N VAL F 200 9.01 -53.20 -3.08
CA VAL F 200 9.55 -53.40 -1.73
C VAL F 200 10.70 -54.43 -1.83
N THR F 201 11.92 -54.01 -1.44
CA THR F 201 13.07 -54.90 -1.42
C THR F 201 13.63 -54.97 0.01
N SER F 202 14.39 -56.02 0.31
CA SER F 202 15.00 -56.22 1.61
C SER F 202 16.30 -56.98 1.53
N THR F 203 17.23 -56.71 2.47
CA THR F 203 18.50 -57.43 2.62
C THR F 203 18.73 -57.68 4.10
N MET F 204 18.84 -58.95 4.48
CA MET F 204 19.02 -59.37 5.85
C MET F 204 20.36 -60.06 5.98
N LEU F 205 21.18 -59.57 6.88
CA LEU F 205 22.51 -60.12 7.14
C LEU F 205 22.64 -60.55 8.58
N GLY F 206 23.50 -61.52 8.83
CA GLY F 206 23.74 -62.01 10.17
C GLY F 206 22.50 -62.62 10.80
N VAL F 207 22.23 -62.23 12.05
CA VAL F 207 21.09 -62.70 12.84
C VAL F 207 19.75 -62.40 12.19
N PHE F 208 19.66 -61.29 11.43
CA PHE F 208 18.42 -60.95 10.73
C PHE F 208 18.07 -61.98 9.64
N ARG F 209 19.09 -62.60 9.05
CA ARG F 209 18.93 -63.61 8.04
C ARG F 209 18.73 -65.00 8.67
N GLU F 210 19.55 -65.34 9.67
CA GLU F 210 19.56 -66.66 10.30
C GLU F 210 18.47 -66.89 11.37
N ASP F 211 18.05 -65.85 12.11
CA ASP F 211 17.02 -66.02 13.14
C ASP F 211 15.69 -65.45 12.70
N PRO F 212 14.71 -66.33 12.42
CA PRO F 212 13.41 -65.84 11.97
C PRO F 212 12.69 -64.92 12.95
N LYS F 213 12.81 -65.18 14.27
CA LYS F 213 12.17 -64.32 15.26
C LYS F 213 12.72 -62.89 15.27
N THR F 214 14.05 -62.72 15.03
CA THR F 214 14.70 -61.40 14.95
C THR F 214 14.14 -60.64 13.74
N ARG F 215 14.07 -61.34 12.61
CA ARG F 215 13.57 -60.84 11.33
C ARG F 215 12.14 -60.37 11.44
N GLU F 216 11.28 -61.17 12.11
CA GLU F 216 9.87 -60.86 12.29
C GLU F 216 9.70 -59.60 13.13
N GLU F 217 10.48 -59.51 14.25
CA GLU F 217 10.42 -58.39 15.16
C GLU F 217 10.78 -57.08 14.44
N PHE F 218 11.82 -57.12 13.60
CA PHE F 218 12.23 -55.99 12.81
C PHE F 218 11.12 -55.57 11.84
N LEU F 219 10.54 -56.53 11.13
CA LEU F 219 9.47 -56.24 10.16
C LEU F 219 8.22 -55.67 10.79
N THR F 220 7.88 -56.06 12.05
CA THR F 220 6.71 -55.48 12.70
C THR F 220 7.02 -54.10 13.26
N LEU F 221 8.22 -53.90 13.78
CA LEU F 221 8.60 -52.59 14.32
C LEU F 221 8.77 -51.49 13.27
N ILE F 222 8.88 -51.84 11.98
CA ILE F 222 9.04 -50.83 10.94
C ILE F 222 7.71 -50.46 10.31
N PRO G 32 4.32 -28.67 -35.74
CA PRO G 32 4.36 -29.71 -34.70
C PRO G 32 5.43 -30.76 -34.96
N ARG G 33 5.89 -31.45 -33.90
CA ARG G 33 6.86 -32.54 -34.03
C ARG G 33 6.21 -33.75 -34.75
N SER G 34 7.02 -34.58 -35.42
CA SER G 34 6.52 -35.72 -36.19
C SER G 34 7.02 -37.07 -35.64
N GLU G 35 6.47 -38.20 -36.15
CA GLU G 35 6.96 -39.52 -35.77
C GLU G 35 8.29 -39.81 -36.53
N GLU G 36 8.42 -39.31 -37.77
CA GLU G 36 9.65 -39.40 -38.55
C GLU G 36 10.76 -38.62 -37.80
N ASP G 37 10.40 -37.46 -37.19
CA ASP G 37 11.33 -36.65 -36.42
C ASP G 37 11.89 -37.44 -35.23
N ASN G 38 11.08 -38.31 -34.64
CA ASN G 38 11.50 -39.12 -33.52
C ASN G 38 12.53 -40.13 -33.94
N GLU G 39 12.28 -40.85 -35.03
CA GLU G 39 13.18 -41.88 -35.53
C GLU G 39 14.52 -41.29 -35.92
N LEU G 40 14.50 -40.11 -36.55
CA LEU G 40 15.69 -39.38 -36.97
C LEU G 40 16.51 -38.81 -35.78
N ASN G 41 15.83 -38.31 -34.76
CA ASN G 41 16.50 -37.73 -33.60
C ASN G 41 16.86 -38.72 -32.51
N LEU G 42 16.32 -39.94 -32.53
CA LEU G 42 16.62 -40.93 -31.49
C LEU G 42 18.11 -41.26 -31.36
N PRO G 43 18.86 -41.53 -32.46
CA PRO G 43 20.31 -41.80 -32.29
C PRO G 43 21.12 -40.62 -31.73
N ASN G 44 20.70 -39.38 -32.00
CA ASN G 44 21.35 -38.18 -31.46
C ASN G 44 21.10 -38.03 -29.97
N LEU G 45 19.88 -38.40 -29.52
CA LEU G 45 19.52 -38.35 -28.12
C LEU G 45 20.30 -39.45 -27.39
N ALA G 46 20.37 -40.65 -27.96
CA ALA G 46 21.11 -41.77 -27.38
C ALA G 46 22.58 -41.43 -27.25
N ALA G 47 23.15 -40.73 -28.25
CA ALA G 47 24.56 -40.34 -28.21
C ALA G 47 24.82 -39.36 -27.05
N ALA G 48 23.91 -38.40 -26.85
CA ALA G 48 24.01 -37.42 -25.77
C ALA G 48 23.87 -38.10 -24.41
N TYR G 49 22.97 -39.07 -24.26
CA TYR G 49 22.81 -39.79 -23.01
C TYR G 49 24.03 -40.69 -22.69
N SER G 50 24.64 -41.28 -23.73
CA SER G 50 25.84 -42.11 -23.57
C SER G 50 26.99 -41.21 -23.08
N SER G 51 27.09 -40.00 -23.66
CA SER G 51 28.08 -39.01 -23.29
C SER G 51 27.90 -38.60 -21.83
N ILE G 52 26.65 -38.51 -21.34
CA ILE G 52 26.31 -38.16 -19.97
C ILE G 52 26.79 -39.27 -19.03
N LEU G 53 26.57 -40.52 -19.39
CA LEU G 53 27.00 -41.67 -18.58
C LEU G 53 28.50 -41.67 -18.35
N SER G 54 29.26 -41.37 -19.42
CA SER G 54 30.72 -41.28 -19.34
C SER G 54 31.17 -40.11 -18.47
N SER G 55 30.51 -38.92 -18.64
CA SER G 55 30.82 -37.70 -17.89
C SER G 55 30.45 -37.80 -16.41
N LEU G 56 29.58 -38.72 -16.03
CA LEU G 56 29.24 -38.93 -14.62
C LEU G 56 30.25 -39.86 -13.90
N GLY G 57 31.24 -40.38 -14.61
CA GLY G 57 32.18 -41.33 -14.06
C GLY G 57 31.70 -42.77 -14.14
N GLU G 58 30.60 -43.03 -14.86
CA GLU G 58 30.04 -44.37 -14.97
C GLU G 58 30.61 -45.17 -16.15
N ASN G 59 30.43 -46.49 -16.12
CA ASN G 59 30.90 -47.36 -17.16
C ASN G 59 29.73 -47.67 -18.09
N PRO G 60 29.66 -47.03 -19.27
CA PRO G 60 28.52 -47.31 -20.17
C PRO G 60 28.48 -48.72 -20.75
N GLN G 61 29.54 -49.51 -20.52
CA GLN G 61 29.64 -50.88 -21.03
C GLN G 61 29.14 -51.93 -20.03
N ARG G 62 28.86 -51.55 -18.76
CA ARG G 62 28.34 -52.51 -17.79
C ARG G 62 26.91 -52.90 -18.14
N GLN G 63 26.51 -54.14 -17.83
CA GLN G 63 25.20 -54.71 -18.15
C GLN G 63 24.02 -53.75 -17.92
N GLY G 64 24.01 -53.08 -16.75
CA GLY G 64 22.92 -52.20 -16.40
C GLY G 64 22.82 -50.95 -17.23
N LEU G 65 23.93 -50.50 -17.80
CA LEU G 65 23.95 -49.28 -18.60
C LEU G 65 23.97 -49.48 -20.11
N LEU G 66 24.19 -50.71 -20.60
CA LEU G 66 24.28 -51.00 -22.04
C LEU G 66 23.16 -50.41 -22.91
N LYS G 67 21.89 -50.61 -22.52
CA LYS G 67 20.75 -50.10 -23.30
C LYS G 67 20.21 -48.76 -22.81
N THR G 68 20.77 -48.19 -21.74
CA THR G 68 20.34 -46.94 -21.11
C THR G 68 20.31 -45.76 -22.07
N PRO G 69 21.32 -45.48 -22.94
CA PRO G 69 21.22 -44.32 -23.84
C PRO G 69 19.95 -44.34 -24.70
N TRP G 70 19.51 -45.54 -25.12
CA TRP G 70 18.32 -45.69 -25.92
C TRP G 70 17.06 -45.61 -25.11
N ARG G 71 17.01 -46.31 -23.95
CA ARG G 71 15.81 -46.30 -23.09
C ARG G 71 15.57 -44.90 -22.51
N ALA G 72 16.64 -44.15 -22.18
CA ALA G 72 16.55 -42.78 -21.68
C ALA G 72 16.07 -41.83 -22.77
N ALA G 73 16.56 -42.00 -23.99
CA ALA G 73 16.17 -41.19 -25.14
C ALA G 73 14.69 -41.41 -25.48
N SER G 74 14.23 -42.67 -25.48
CA SER G 74 12.83 -43.00 -25.76
C SER G 74 11.93 -42.45 -24.67
N ALA G 75 12.37 -42.52 -23.39
CA ALA G 75 11.61 -41.97 -22.25
C ALA G 75 11.50 -40.46 -22.41
N MET G 76 12.58 -39.75 -22.73
CA MET G 76 12.54 -38.30 -22.93
C MET G 76 11.63 -37.88 -24.11
N GLN G 77 11.57 -38.70 -25.18
CA GLN G 77 10.68 -38.45 -26.31
C GLN G 77 9.20 -38.65 -25.89
N PHE G 78 8.94 -39.62 -25.02
CA PHE G 78 7.60 -39.86 -24.53
C PHE G 78 7.20 -38.69 -23.61
N PHE G 79 8.12 -38.24 -22.72
CA PHE G 79 7.85 -37.13 -21.83
C PHE G 79 7.59 -35.83 -22.59
N THR G 80 8.06 -35.71 -23.83
CA THR G 80 7.88 -34.50 -24.64
C THR G 80 6.99 -34.74 -25.88
N LYS G 81 6.14 -35.78 -25.84
CA LYS G 81 5.28 -36.10 -26.97
C LYS G 81 4.15 -35.09 -27.24
N GLY G 82 3.88 -34.20 -26.29
CA GLY G 82 2.83 -33.20 -26.42
C GLY G 82 3.08 -32.16 -27.50
N TYR G 83 4.36 -31.95 -27.84
CA TYR G 83 4.75 -31.01 -28.88
C TYR G 83 4.19 -31.43 -30.24
N GLN G 84 4.09 -32.76 -30.49
CA GLN G 84 3.56 -33.27 -31.76
C GLN G 84 2.03 -33.37 -31.83
N GLU G 85 1.32 -32.85 -30.83
CA GLU G 85 -0.13 -32.94 -30.79
C GLU G 85 -0.85 -31.63 -31.07
N THR G 86 -2.00 -31.72 -31.73
CA THR G 86 -2.84 -30.57 -32.08
C THR G 86 -4.22 -30.72 -31.43
N ILE G 87 -4.79 -29.63 -30.92
CA ILE G 87 -6.10 -29.66 -30.25
C ILE G 87 -7.19 -30.31 -31.11
N SER G 88 -7.24 -29.95 -32.40
CA SER G 88 -8.24 -30.49 -33.32
C SER G 88 -8.23 -32.01 -33.45
N ASP G 89 -7.04 -32.63 -33.51
CA ASP G 89 -6.94 -34.08 -33.62
C ASP G 89 -7.34 -34.77 -32.33
N VAL G 90 -6.93 -34.18 -31.19
CA VAL G 90 -7.19 -34.67 -29.85
C VAL G 90 -8.69 -34.70 -29.54
N LEU G 91 -9.38 -33.65 -29.98
CA LEU G 91 -10.81 -33.44 -29.82
C LEU G 91 -11.66 -34.53 -30.45
N ASN G 92 -11.32 -34.94 -31.69
CA ASN G 92 -12.01 -35.98 -32.46
C ASN G 92 -13.52 -35.69 -32.62
N ASP G 93 -13.88 -34.41 -32.76
CA ASP G 93 -15.27 -33.97 -32.87
C ASP G 93 -16.14 -34.43 -31.70
N ALA G 94 -15.56 -34.60 -30.50
CA ALA G 94 -16.33 -35.01 -29.34
C ALA G 94 -16.96 -33.80 -28.64
N ILE G 95 -17.89 -33.13 -29.35
CA ILE G 95 -18.67 -32.01 -28.84
C ILE G 95 -20.12 -32.39 -29.04
N PHE G 96 -20.87 -32.54 -27.94
CA PHE G 96 -22.23 -33.02 -27.95
C PHE G 96 -23.23 -31.96 -27.54
N ASP G 97 -24.43 -31.99 -28.16
CA ASP G 97 -25.46 -31.03 -27.84
C ASP G 97 -26.37 -31.60 -26.75
N GLU G 98 -26.05 -31.31 -25.48
CA GLU G 98 -26.85 -31.85 -24.37
C GLU G 98 -27.71 -30.81 -23.65
N ASP G 99 -27.85 -29.59 -24.22
CA ASP G 99 -28.65 -28.49 -23.64
C ASP G 99 -28.28 -28.25 -22.17
N HIS G 100 -26.99 -28.32 -21.88
CA HIS G 100 -26.47 -28.17 -20.53
C HIS G 100 -25.83 -26.80 -20.38
N ASP G 101 -26.25 -26.07 -19.34
CA ASP G 101 -25.66 -24.75 -19.06
C ASP G 101 -25.08 -24.68 -17.65
N GLU G 102 -24.78 -25.84 -17.03
CA GLU G 102 -24.24 -25.88 -15.67
C GLU G 102 -22.87 -26.48 -15.59
N MET G 103 -22.15 -26.14 -14.53
CA MET G 103 -20.77 -26.53 -14.32
C MET G 103 -20.47 -28.01 -14.39
N VAL G 104 -19.50 -28.38 -15.23
CA VAL G 104 -19.02 -29.75 -15.35
C VAL G 104 -17.59 -29.76 -14.85
N ILE G 105 -17.25 -30.67 -13.93
CA ILE G 105 -15.90 -30.74 -13.38
C ILE G 105 -15.28 -32.11 -13.64
N VAL G 106 -14.02 -32.16 -14.07
CA VAL G 106 -13.25 -33.39 -14.13
C VAL G 106 -12.05 -33.13 -13.20
N LYS G 107 -12.07 -33.74 -12.02
CA LYS G 107 -11.02 -33.51 -11.04
C LYS G 107 -10.13 -34.74 -10.85
N ASP G 108 -8.96 -34.53 -10.20
CA ASP G 108 -7.97 -35.53 -9.90
C ASP G 108 -7.39 -36.17 -11.14
N ILE G 109 -7.14 -35.38 -12.19
CA ILE G 109 -6.49 -35.89 -13.39
C ILE G 109 -5.00 -35.96 -13.09
N ASP G 110 -4.41 -37.16 -13.06
CA ASP G 110 -2.97 -37.32 -12.79
C ASP G 110 -2.18 -36.70 -13.90
N MET G 111 -1.24 -35.83 -13.54
CA MET G 111 -0.46 -35.04 -14.46
C MET G 111 1.03 -35.28 -14.16
N PHE G 112 1.82 -35.49 -15.21
CA PHE G 112 3.25 -35.75 -15.11
C PHE G 112 3.90 -34.85 -16.13
N SER G 113 4.71 -33.91 -15.66
CA SER G 113 5.39 -32.98 -16.54
C SER G 113 6.90 -32.95 -16.24
N MET G 114 7.65 -32.13 -16.97
CA MET G 114 9.07 -32.06 -16.84
C MET G 114 9.48 -30.62 -16.59
N CYS G 115 10.21 -30.34 -15.51
CA CYS G 115 10.70 -29.01 -15.24
C CYS G 115 11.69 -28.59 -16.38
N GLU G 116 11.41 -27.46 -17.02
CA GLU G 116 12.27 -26.98 -18.08
C GLU G 116 13.60 -26.41 -17.57
N HIS G 117 13.71 -26.12 -16.27
CA HIS G 117 14.92 -25.55 -15.72
C HIS G 117 15.98 -26.60 -15.34
N HIS G 118 15.57 -27.77 -14.85
CA HIS G 118 16.49 -28.81 -14.44
C HIS G 118 16.30 -30.14 -15.13
N LEU G 119 15.23 -30.32 -15.92
CA LEU G 119 14.91 -31.55 -16.64
C LEU G 119 14.67 -32.70 -15.69
N VAL G 120 13.91 -32.42 -14.64
CA VAL G 120 13.52 -33.34 -13.57
C VAL G 120 11.99 -33.25 -13.50
N PRO G 121 11.27 -34.36 -13.24
CA PRO G 121 9.80 -34.29 -13.24
C PRO G 121 9.14 -33.43 -12.16
N PHE G 122 7.97 -32.94 -12.49
CA PHE G 122 7.06 -32.31 -11.55
C PHE G 122 5.71 -32.98 -11.82
N VAL G 123 5.15 -33.57 -10.79
CA VAL G 123 3.96 -34.40 -10.92
C VAL G 123 2.88 -33.98 -9.95
N GLY G 124 1.63 -34.21 -10.34
CA GLY G 124 0.51 -33.86 -9.47
C GLY G 124 -0.83 -34.16 -10.08
N LYS G 125 -1.78 -33.28 -9.80
CA LYS G 125 -3.17 -33.43 -10.21
C LYS G 125 -3.66 -32.15 -10.87
N VAL G 126 -4.57 -32.28 -11.85
CA VAL G 126 -5.22 -31.17 -12.52
C VAL G 126 -6.73 -31.29 -12.25
N HIS G 127 -7.38 -30.18 -11.91
CA HIS G 127 -8.81 -30.14 -11.67
C HIS G 127 -9.35 -29.12 -12.63
N ILE G 128 -10.24 -29.54 -13.52
CA ILE G 128 -10.81 -28.66 -14.53
C ILE G 128 -12.32 -28.53 -14.33
N GLY G 129 -12.81 -27.32 -14.50
CA GLY G 129 -14.22 -27.02 -14.44
C GLY G 129 -14.58 -26.10 -15.58
N TYR G 130 -15.79 -26.22 -16.11
CA TYR G 130 -16.24 -25.33 -17.16
C TYR G 130 -17.77 -25.16 -17.16
N LEU G 131 -18.24 -24.05 -17.72
CA LEU G 131 -19.65 -23.76 -17.82
C LEU G 131 -20.03 -23.82 -19.29
N PRO G 132 -20.71 -24.88 -19.71
CA PRO G 132 -21.04 -25.01 -21.13
C PRO G 132 -22.09 -24.03 -21.64
N ASN G 133 -21.98 -23.66 -22.91
CA ASN G 133 -22.96 -22.80 -23.57
C ASN G 133 -23.80 -23.77 -24.41
N LYS G 134 -24.62 -24.55 -23.72
CA LYS G 134 -25.47 -25.60 -24.27
C LYS G 134 -24.65 -26.86 -24.66
N GLN G 135 -23.61 -26.73 -25.52
CA GLN G 135 -22.73 -27.84 -25.96
C GLN G 135 -21.64 -28.28 -24.94
N VAL G 136 -21.56 -29.60 -24.72
CA VAL G 136 -20.62 -30.24 -23.82
C VAL G 136 -19.45 -30.94 -24.54
N LEU G 137 -18.26 -30.93 -23.93
CA LEU G 137 -17.08 -31.60 -24.46
C LEU G 137 -17.08 -33.04 -23.90
N GLY G 138 -16.51 -33.99 -24.64
CA GLY G 138 -16.35 -35.37 -24.17
C GLY G 138 -15.39 -35.37 -23.00
N LEU G 139 -15.79 -35.98 -21.86
CA LEU G 139 -15.02 -35.93 -20.62
C LEU G 139 -13.56 -36.27 -20.76
N SER G 140 -13.21 -37.31 -21.54
CA SER G 140 -11.82 -37.72 -21.69
C SER G 140 -10.98 -36.67 -22.39
N LYS G 141 -11.61 -35.83 -23.25
CA LYS G 141 -10.88 -34.81 -23.99
C LYS G 141 -10.28 -33.77 -23.09
N LEU G 142 -10.81 -33.59 -21.87
CA LEU G 142 -10.24 -32.66 -20.91
C LEU G 142 -8.92 -33.21 -20.38
N ALA G 143 -8.85 -34.53 -20.13
CA ALA G 143 -7.59 -35.16 -19.71
C ALA G 143 -6.60 -35.18 -20.89
N ARG G 144 -7.10 -35.37 -22.12
CA ARG G 144 -6.26 -35.36 -23.32
C ARG G 144 -5.65 -33.98 -23.60
N ILE G 145 -6.37 -32.89 -23.25
CA ILE G 145 -5.83 -31.53 -23.38
C ILE G 145 -4.72 -31.33 -22.34
N VAL G 146 -4.88 -31.90 -21.12
CA VAL G 146 -3.86 -31.86 -20.08
C VAL G 146 -2.57 -32.53 -20.62
N GLU G 147 -2.72 -33.66 -21.31
CA GLU G 147 -1.63 -34.43 -21.87
C GLU G 147 -0.88 -33.70 -23.00
N ILE G 148 -1.56 -32.81 -23.75
CA ILE G 148 -0.88 -32.05 -24.81
C ILE G 148 0.17 -31.16 -24.19
N TYR G 149 -0.19 -30.45 -23.11
CA TYR G 149 0.69 -29.47 -22.52
C TYR G 149 1.59 -30.00 -21.42
N SER G 150 1.17 -31.03 -20.67
CA SER G 150 2.01 -31.57 -19.61
C SER G 150 3.18 -32.36 -20.17
N ARG G 151 2.99 -33.02 -21.32
CA ARG G 151 4.06 -33.78 -21.96
C ARG G 151 4.96 -32.84 -22.78
N ARG G 152 5.58 -31.88 -22.10
CA ARG G 152 6.48 -30.88 -22.67
C ARG G 152 7.46 -30.44 -21.58
N LEU G 153 8.47 -29.63 -21.93
CA LEU G 153 9.35 -29.04 -20.92
C LEU G 153 8.55 -27.85 -20.48
N GLN G 154 8.18 -27.83 -19.20
CA GLN G 154 7.27 -26.83 -18.68
C GLN G 154 7.68 -26.02 -17.43
N VAL G 155 6.85 -25.04 -17.16
CA VAL G 155 6.77 -24.20 -15.99
C VAL G 155 5.25 -24.33 -15.62
N GLN G 156 4.95 -24.66 -14.35
CA GLN G 156 3.59 -24.92 -13.88
C GLN G 156 2.58 -23.81 -14.20
N GLU G 157 2.99 -22.55 -14.10
CA GLU G 157 2.11 -21.42 -14.39
C GLU G 157 1.71 -21.40 -15.86
N ARG G 158 2.67 -21.71 -16.76
CA ARG G 158 2.39 -21.77 -18.20
C ARG G 158 1.45 -22.93 -18.53
N LEU G 159 1.76 -24.11 -17.98
CA LEU G 159 0.97 -25.34 -18.17
C LEU G 159 -0.50 -25.10 -17.78
N THR G 160 -0.74 -24.44 -16.64
CA THR G 160 -2.09 -24.15 -16.15
C THR G 160 -2.85 -23.28 -17.14
N LYS G 161 -2.21 -22.20 -17.62
CA LYS G 161 -2.83 -21.25 -18.54
C LYS G 161 -3.16 -21.91 -19.88
N GLN G 162 -2.21 -22.71 -20.41
CA GLN G 162 -2.38 -23.40 -21.68
C GLN G 162 -3.57 -24.31 -21.70
N ILE G 163 -3.77 -25.09 -20.62
CA ILE G 163 -4.93 -25.98 -20.51
C ILE G 163 -6.25 -25.18 -20.55
N ALA G 164 -6.34 -24.09 -19.78
CA ALA G 164 -7.55 -23.27 -19.73
C ALA G 164 -7.83 -22.60 -21.06
N VAL G 165 -6.82 -22.09 -21.73
CA VAL G 165 -6.94 -21.43 -23.02
C VAL G 165 -7.35 -22.42 -24.11
N ALA G 166 -6.79 -23.65 -24.08
CA ALA G 166 -7.14 -24.69 -25.05
C ALA G 166 -8.63 -25.05 -24.95
N ILE G 167 -9.16 -25.16 -23.73
CA ILE G 167 -10.56 -25.49 -23.52
C ILE G 167 -11.46 -24.36 -24.03
N THR G 168 -11.07 -23.11 -23.75
CA THR G 168 -11.82 -21.93 -24.18
C THR G 168 -11.86 -21.85 -25.69
N GLU G 169 -10.74 -22.16 -26.35
CA GLU G 169 -10.66 -22.10 -27.80
C GLU G 169 -11.39 -23.25 -28.46
N ALA G 170 -11.36 -24.44 -27.87
CA ALA G 170 -12.02 -25.61 -28.45
C ALA G 170 -13.53 -25.60 -28.33
N LEU G 171 -14.06 -24.99 -27.27
CA LEU G 171 -15.47 -25.05 -26.98
C LEU G 171 -16.20 -23.74 -26.99
N ARG G 172 -15.49 -22.63 -26.70
CA ARG G 172 -16.07 -21.31 -26.51
C ARG G 172 -17.19 -21.35 -25.44
N PRO G 173 -16.87 -21.82 -24.20
CA PRO G 173 -17.91 -21.90 -23.16
C PRO G 173 -18.07 -20.59 -22.40
N ALA G 174 -19.00 -20.54 -21.45
CA ALA G 174 -19.21 -19.36 -20.63
C ALA G 174 -18.00 -19.05 -19.75
N GLY G 175 -17.28 -20.08 -19.34
CA GLY G 175 -16.09 -19.95 -18.51
C GLY G 175 -15.35 -21.26 -18.29
N VAL G 176 -14.07 -21.16 -17.91
CA VAL G 176 -13.20 -22.29 -17.61
C VAL G 176 -12.41 -22.00 -16.32
N GLY G 177 -12.17 -23.02 -15.52
CA GLY G 177 -11.35 -22.93 -14.34
C GLY G 177 -10.40 -24.11 -14.31
N VAL G 178 -9.10 -23.87 -14.10
CA VAL G 178 -8.11 -24.95 -14.05
C VAL G 178 -7.24 -24.76 -12.82
N VAL G 179 -7.10 -25.81 -12.00
CA VAL G 179 -6.25 -25.76 -10.81
C VAL G 179 -5.24 -26.91 -10.94
N VAL G 180 -3.93 -26.62 -10.81
CA VAL G 180 -2.89 -27.63 -10.86
C VAL G 180 -2.19 -27.66 -9.52
N GLU G 181 -2.05 -28.83 -8.91
CA GLU G 181 -1.32 -28.99 -7.67
C GLU G 181 -0.21 -30.00 -7.92
N ALA G 182 1.05 -29.60 -7.70
CA ALA G 182 2.16 -30.47 -8.05
C ALA G 182 3.32 -30.46 -7.06
N THR G 183 4.07 -31.56 -7.05
CA THR G 183 5.31 -31.77 -6.32
C THR G 183 6.40 -31.63 -7.36
N HIS G 184 7.32 -30.70 -7.13
CA HIS G 184 8.44 -30.51 -8.03
C HIS G 184 9.56 -31.27 -7.43
N MET G 185 10.08 -32.30 -8.12
CA MET G 185 11.21 -33.10 -7.63
C MET G 185 12.48 -32.29 -7.46
N CYS G 186 12.63 -31.19 -8.19
CA CYS G 186 13.73 -30.23 -8.01
C CYS G 186 13.77 -29.66 -6.62
N MET G 187 12.58 -29.51 -6.01
CA MET G 187 12.49 -28.94 -4.66
C MET G 187 12.54 -30.03 -3.59
N VAL G 188 12.39 -31.33 -3.94
CA VAL G 188 12.42 -32.39 -2.93
C VAL G 188 13.76 -33.14 -2.95
N MET G 189 14.26 -33.53 -4.13
CA MET G 189 15.48 -34.35 -4.15
C MET G 189 16.76 -33.56 -4.39
N ARG G 190 16.68 -32.23 -4.41
CA ARG G 190 17.82 -31.36 -4.60
C ARG G 190 17.41 -29.90 -4.18
N GLY G 191 18.34 -28.96 -4.30
CA GLY G 191 18.09 -27.56 -4.01
C GLY G 191 17.69 -27.28 -2.59
N VAL G 192 16.44 -26.77 -2.41
CA VAL G 192 15.94 -26.49 -1.06
C VAL G 192 15.68 -27.76 -0.25
N GLN G 193 15.41 -28.89 -0.94
CA GLN G 193 15.15 -30.18 -0.32
C GLN G 193 14.02 -30.08 0.73
N LYS G 194 12.88 -29.53 0.30
CA LYS G 194 11.67 -29.38 1.09
C LYS G 194 10.72 -30.47 0.64
N MET G 195 10.71 -31.53 1.42
CA MET G 195 10.00 -32.81 1.31
C MET G 195 8.50 -32.68 0.96
N ASN G 196 7.78 -31.86 1.73
CA ASN G 196 6.33 -31.78 1.62
C ASN G 196 5.80 -30.61 0.82
N SER G 197 6.67 -29.77 0.25
CA SER G 197 6.19 -28.60 -0.49
C SER G 197 5.38 -28.97 -1.74
N LYS G 198 4.28 -28.25 -1.94
CA LYS G 198 3.36 -28.45 -3.05
C LYS G 198 3.14 -27.06 -3.69
N THR G 199 3.10 -26.97 -5.01
CA THR G 199 2.84 -25.74 -5.72
C THR G 199 1.41 -25.79 -6.31
N VAL G 200 0.58 -24.82 -5.97
CA VAL G 200 -0.78 -24.75 -6.45
C VAL G 200 -0.91 -23.54 -7.37
N THR G 201 -1.32 -23.78 -8.62
CA THR G 201 -1.54 -22.69 -9.58
C THR G 201 -3.00 -22.78 -10.08
N SER G 202 -3.53 -21.66 -10.59
CA SER G 202 -4.87 -21.64 -11.14
C SER G 202 -5.00 -20.67 -12.31
N THR G 203 -5.96 -20.94 -13.21
CA THR G 203 -6.31 -20.06 -14.33
C THR G 203 -7.81 -20.04 -14.45
N MET G 204 -8.42 -18.87 -14.30
CA MET G 204 -9.87 -18.71 -14.39
C MET G 204 -10.20 -17.80 -15.56
N LEU G 205 -11.01 -18.29 -16.48
CA LEU G 205 -11.43 -17.54 -17.66
C LEU G 205 -12.95 -17.41 -17.70
N GLY G 206 -13.44 -16.37 -18.35
CA GLY G 206 -14.87 -16.14 -18.47
C GLY G 206 -15.55 -15.96 -17.13
N VAL G 207 -16.70 -16.64 -16.93
CA VAL G 207 -17.51 -16.58 -15.71
C VAL G 207 -16.71 -16.98 -14.46
N PHE G 208 -15.74 -17.89 -14.60
CA PHE G 208 -14.92 -18.31 -13.46
C PHE G 208 -14.04 -17.16 -12.95
N ARG G 209 -13.66 -16.23 -13.83
CA ARG G 209 -12.86 -15.08 -13.46
C ARG G 209 -13.74 -13.92 -13.00
N GLU G 210 -14.84 -13.66 -13.73
CA GLU G 210 -15.73 -12.52 -13.45
C GLU G 210 -16.74 -12.74 -12.30
N ASP G 211 -17.25 -13.95 -12.09
CA ASP G 211 -18.23 -14.21 -11.04
C ASP G 211 -17.60 -14.93 -9.86
N PRO G 212 -17.46 -14.23 -8.73
CA PRO G 212 -16.84 -14.85 -7.55
C PRO G 212 -17.57 -16.09 -7.03
N LYS G 213 -18.91 -16.10 -7.08
CA LYS G 213 -19.69 -17.25 -6.61
C LYS G 213 -19.43 -18.52 -7.44
N THR G 214 -19.22 -18.37 -8.76
CA THR G 214 -18.93 -19.49 -9.65
C THR G 214 -17.56 -20.07 -9.29
N ARG G 215 -16.59 -19.18 -9.09
CA ARG G 215 -15.22 -19.49 -8.72
C ARG G 215 -15.15 -20.24 -7.39
N GLU G 216 -15.88 -19.79 -6.36
CA GLU G 216 -15.87 -20.47 -5.06
C GLU G 216 -16.57 -21.82 -5.08
N GLU G 217 -17.62 -21.96 -5.91
CA GLU G 217 -18.34 -23.21 -6.04
C GLU G 217 -17.42 -24.27 -6.66
N PHE G 218 -16.65 -23.87 -7.70
CA PHE G 218 -15.70 -24.73 -8.36
C PHE G 218 -14.62 -25.15 -7.37
N LEU G 219 -14.06 -24.21 -6.60
CA LEU G 219 -13.01 -24.53 -5.63
C LEU G 219 -13.48 -25.47 -4.53
N THR G 220 -14.76 -25.40 -4.10
CA THR G 220 -15.24 -26.31 -3.06
C THR G 220 -15.54 -27.69 -3.65
N LEU G 221 -16.06 -27.74 -4.88
CA LEU G 221 -16.37 -29.02 -5.51
C LEU G 221 -15.15 -29.84 -5.89
N ILE G 222 -13.96 -29.20 -6.00
CA ILE G 222 -12.74 -29.94 -6.33
C ILE G 222 -12.00 -30.47 -5.11
N ARG G 223 -12.46 -30.10 -3.89
CA ARG G 223 -11.82 -30.59 -2.69
C ARG G 223 -12.33 -31.98 -2.41
N SER G 224 -11.68 -32.98 -3.02
CA SER G 224 -11.98 -34.39 -2.84
C SER G 224 -11.40 -34.89 -1.49
N ARG H 33 26.53 -11.48 8.66
CA ARG H 33 27.52 -12.39 9.24
C ARG H 33 28.38 -13.01 8.14
N SER H 34 29.63 -13.39 8.47
CA SER H 34 30.54 -13.95 7.47
C SER H 34 31.16 -15.29 7.90
N GLU H 35 31.82 -16.00 6.96
CA GLU H 35 32.49 -17.26 7.30
C GLU H 35 33.72 -17.02 8.18
N GLU H 36 34.36 -15.83 8.10
CA GLU H 36 35.48 -15.49 8.98
C GLU H 36 34.93 -15.33 10.41
N ASP H 37 33.75 -14.69 10.57
CA ASP H 37 33.09 -14.52 11.86
C ASP H 37 32.78 -15.90 12.48
N ASN H 38 32.39 -16.87 11.65
CA ASN H 38 32.06 -18.20 12.12
C ASN H 38 33.29 -18.95 12.64
N GLU H 39 34.42 -18.87 11.93
CA GLU H 39 35.66 -19.53 12.34
C GLU H 39 36.19 -18.91 13.64
N LEU H 40 36.15 -17.57 13.76
CA LEU H 40 36.61 -16.82 14.90
C LEU H 40 35.76 -17.07 16.16
N ASN H 41 34.43 -17.15 15.99
CA ASN H 41 33.54 -17.33 17.11
C ASN H 41 33.31 -18.77 17.52
N LEU H 42 33.70 -19.76 16.70
CA LEU H 42 33.50 -21.16 17.05
C LEU H 42 34.14 -21.58 18.39
N PRO H 43 35.44 -21.29 18.65
CA PRO H 43 36.00 -21.69 19.95
C PRO H 43 35.34 -21.03 21.18
N ASN H 44 34.81 -19.79 21.02
CA ASN H 44 34.11 -19.09 22.12
C ASN H 44 32.76 -19.75 22.41
N LEU H 45 32.08 -20.22 21.35
CA LEU H 45 30.82 -20.93 21.49
C LEU H 45 31.07 -22.25 22.18
N ALA H 46 32.10 -23.00 21.73
CA ALA H 46 32.48 -24.28 22.32
C ALA H 46 32.83 -24.12 23.81
N ALA H 47 33.53 -23.03 24.18
CA ALA H 47 33.87 -22.77 25.57
C ALA H 47 32.61 -22.56 26.42
N ALA H 48 31.63 -21.81 25.88
CA ALA H 48 30.39 -21.55 26.59
C ALA H 48 29.56 -22.82 26.74
N TYR H 49 29.55 -23.69 25.73
CA TYR H 49 28.81 -24.96 25.82
C TYR H 49 29.46 -25.92 26.80
N SER H 50 30.79 -25.92 26.88
CA SER H 50 31.54 -26.75 27.83
C SER H 50 31.22 -26.29 29.24
N SER H 51 31.15 -24.97 29.45
CA SER H 51 30.81 -24.34 30.71
C SER H 51 29.40 -24.73 31.15
N ILE H 52 28.45 -24.85 30.18
CA ILE H 52 27.07 -25.27 30.43
C ILE H 52 27.06 -26.74 30.88
N LEU H 53 27.86 -27.62 30.23
CA LEU H 53 27.97 -29.03 30.63
C LEU H 53 28.41 -29.16 32.09
N SER H 54 29.44 -28.42 32.50
CA SER H 54 29.94 -28.42 33.87
C SER H 54 28.90 -27.87 34.86
N SER H 55 28.21 -26.77 34.50
CA SER H 55 27.18 -26.14 35.33
C SER H 55 25.93 -26.99 35.51
N LEU H 56 25.69 -27.96 34.61
CA LEU H 56 24.54 -28.87 34.75
C LEU H 56 24.84 -30.08 35.68
N GLY H 57 26.08 -30.19 36.15
CA GLY H 57 26.50 -31.32 36.96
C GLY H 57 26.99 -32.50 36.13
N GLU H 58 27.26 -32.28 34.84
CA GLU H 58 27.73 -33.33 33.98
C GLU H 58 29.26 -33.38 33.91
N ASN H 59 29.78 -34.53 33.43
CA ASN H 59 31.22 -34.75 33.27
C ASN H 59 31.56 -34.47 31.80
N PRO H 60 32.16 -33.29 31.50
CA PRO H 60 32.49 -33.00 30.09
C PRO H 60 33.55 -33.90 29.47
N GLN H 61 34.20 -34.75 30.28
CA GLN H 61 35.24 -35.66 29.83
C GLN H 61 34.73 -37.06 29.47
N ARG H 62 33.46 -37.39 29.78
CA ARG H 62 32.95 -38.71 29.42
C ARG H 62 32.80 -38.85 27.90
N GLN H 63 32.94 -40.08 27.37
CA GLN H 63 32.91 -40.34 25.93
C GLN H 63 31.80 -39.58 25.17
N GLY H 64 30.57 -39.63 25.68
CA GLY H 64 29.42 -39.01 25.03
C GLY H 64 29.45 -37.50 24.97
N LEU H 65 30.16 -36.86 25.94
CA LEU H 65 30.23 -35.41 25.97
C LEU H 65 31.51 -34.78 25.43
N LEU H 66 32.55 -35.58 25.14
CA LEU H 66 33.85 -35.06 24.70
C LEU H 66 33.81 -34.06 23.53
N LYS H 67 33.08 -34.36 22.47
CA LYS H 67 32.99 -33.48 21.31
C LYS H 67 31.78 -32.55 21.33
N THR H 68 30.89 -32.67 22.35
CA THR H 68 29.64 -31.92 22.47
C THR H 68 29.82 -30.41 22.40
N PRO H 69 30.78 -29.76 23.10
CA PRO H 69 30.92 -28.31 22.97
C PRO H 69 31.09 -27.84 21.52
N TRP H 70 31.79 -28.62 20.69
CA TRP H 70 32.01 -28.30 19.29
C TRP H 70 30.82 -28.60 18.43
N ARG H 71 30.19 -29.77 18.62
N ARG H 71 30.19 -29.76 18.62
CA ARG H 71 29.02 -30.17 17.85
CA ARG H 71 29.03 -30.14 17.85
C ARG H 71 27.82 -29.28 18.16
C ARG H 71 27.83 -29.25 18.15
N ALA H 72 27.67 -28.83 19.42
CA ALA H 72 26.57 -27.94 19.82
C ALA H 72 26.82 -26.53 19.25
N ALA H 73 28.10 -26.08 19.24
CA ALA H 73 28.46 -24.77 18.70
C ALA H 73 28.22 -24.74 17.18
N SER H 74 28.63 -25.79 16.45
CA SER H 74 28.43 -25.88 15.00
C SER H 74 26.94 -25.90 14.67
N ALA H 75 26.14 -26.66 15.47
CA ALA H 75 24.70 -26.75 15.31
C ALA H 75 24.08 -25.38 15.48
N MET H 76 24.46 -24.61 16.53
CA MET H 76 23.92 -23.28 16.78
C MET H 76 24.28 -22.26 15.68
N GLN H 77 25.47 -22.42 15.06
CA GLN H 77 25.86 -21.57 13.94
C GLN H 77 24.97 -21.92 12.72
N PHE H 78 24.69 -23.21 12.51
CA PHE H 78 23.85 -23.62 11.39
C PHE H 78 22.44 -23.10 11.59
N PHE H 79 21.92 -23.20 12.83
CA PHE H 79 20.57 -22.72 13.17
C PHE H 79 20.46 -21.20 13.00
N THR H 80 21.56 -20.46 13.05
CA THR H 80 21.56 -19.01 12.89
C THR H 80 22.25 -18.56 11.59
N LYS H 81 22.37 -19.42 10.58
CA LYS H 81 23.05 -19.07 9.33
C LYS H 81 22.30 -18.05 8.46
N GLY H 82 21.03 -17.78 8.76
CA GLY H 82 20.23 -16.84 7.98
C GLY H 82 20.70 -15.41 8.10
N TYR H 83 21.38 -15.07 9.21
CA TYR H 83 21.91 -13.74 9.41
C TYR H 83 22.95 -13.36 8.34
N GLN H 84 23.72 -14.36 7.86
CA GLN H 84 24.74 -14.14 6.83
C GLN H 84 24.20 -14.15 5.39
N GLU H 85 22.87 -14.20 5.20
CA GLU H 85 22.27 -14.25 3.88
C GLU H 85 21.59 -12.97 3.44
N THR H 86 21.69 -12.66 2.14
CA THR H 86 21.04 -11.49 1.54
C THR H 86 20.03 -11.93 0.47
N ILE H 87 18.86 -11.25 0.39
CA ILE H 87 17.81 -11.58 -0.57
C ILE H 87 18.31 -11.65 -2.00
N SER H 88 19.15 -10.69 -2.41
CA SER H 88 19.68 -10.64 -3.77
C SER H 88 20.47 -11.87 -4.19
N ASP H 89 21.29 -12.42 -3.28
CA ASP H 89 22.10 -13.61 -3.57
C ASP H 89 21.22 -14.85 -3.65
N VAL H 90 20.23 -14.94 -2.76
CA VAL H 90 19.30 -16.04 -2.66
C VAL H 90 18.41 -16.17 -3.92
N LEU H 91 17.92 -15.02 -4.46
CA LEU H 91 17.07 -15.00 -5.65
C LEU H 91 17.76 -15.50 -6.91
N ASN H 92 19.06 -15.21 -7.09
CA ASN H 92 19.85 -15.65 -8.24
C ASN H 92 19.21 -15.29 -9.59
N ASP H 93 18.59 -14.09 -9.67
CA ASP H 93 17.92 -13.60 -10.89
C ASP H 93 16.82 -14.54 -11.40
N ALA H 94 16.21 -15.33 -10.51
CA ALA H 94 15.14 -16.24 -10.92
C ALA H 94 13.78 -15.55 -10.98
N ILE H 95 13.64 -14.57 -11.88
CA ILE H 95 12.40 -13.86 -12.12
C ILE H 95 12.11 -14.01 -13.61
N PHE H 96 11.01 -14.69 -13.95
CA PHE H 96 10.64 -15.04 -15.31
C PHE H 96 9.41 -14.32 -15.80
N ASP H 97 9.38 -13.98 -17.09
CA ASP H 97 8.23 -13.28 -17.68
C ASP H 97 7.25 -14.30 -18.25
N GLU H 98 6.24 -14.68 -17.46
CA GLU H 98 5.27 -15.67 -17.91
C GLU H 98 3.88 -15.12 -18.20
N ASP H 99 3.72 -13.76 -18.25
CA ASP H 99 2.42 -13.08 -18.50
C ASP H 99 1.34 -13.62 -17.54
N HIS H 100 1.73 -13.83 -16.28
CA HIS H 100 0.85 -14.41 -15.28
C HIS H 100 0.38 -13.37 -14.33
N ASP H 101 -0.94 -13.26 -14.16
CA ASP H 101 -1.51 -12.34 -13.20
C ASP H 101 -2.43 -13.07 -12.19
N GLU H 102 -2.27 -14.39 -12.03
CA GLU H 102 -3.10 -15.16 -11.13
C GLU H 102 -2.30 -15.77 -9.98
N MET H 103 -2.98 -16.05 -8.87
CA MET H 103 -2.37 -16.52 -7.63
C MET H 103 -1.52 -17.76 -7.77
N VAL H 104 -0.29 -17.68 -7.26
CA VAL H 104 0.64 -18.81 -7.20
C VAL H 104 0.83 -19.14 -5.73
N ILE H 105 0.68 -20.40 -5.34
CA ILE H 105 0.86 -20.80 -3.95
C ILE H 105 1.96 -21.87 -3.83
N VAL H 106 2.88 -21.72 -2.86
CA VAL H 106 3.80 -22.78 -2.48
C VAL H 106 3.49 -23.08 -1.02
N LYS H 107 2.83 -24.21 -0.75
CA LYS H 107 2.42 -24.56 0.59
C LYS H 107 3.20 -25.74 1.17
N ASP H 108 3.09 -25.95 2.48
CA ASP H 108 3.74 -27.03 3.24
C ASP H 108 5.25 -26.96 3.17
N ILE H 109 5.81 -25.77 3.23
CA ILE H 109 7.28 -25.61 3.27
C ILE H 109 7.69 -25.89 4.72
N ASP H 110 8.47 -26.94 4.95
CA ASP H 110 8.94 -27.27 6.31
C ASP H 110 9.84 -26.19 6.81
N MET H 111 9.58 -25.69 8.00
CA MET H 111 10.30 -24.58 8.58
C MET H 111 10.82 -24.97 9.95
N PHE H 112 12.07 -24.66 10.23
CA PHE H 112 12.72 -24.96 11.51
C PHE H 112 13.37 -23.69 12.01
N SER H 113 12.90 -23.15 13.13
CA SER H 113 13.47 -21.93 13.68
C SER H 113 13.87 -22.10 15.16
N MET H 114 14.35 -21.04 15.79
CA MET H 114 14.80 -21.07 17.16
C MET H 114 14.11 -19.98 17.96
N CYS H 115 13.45 -20.35 19.05
CA CYS H 115 12.80 -19.40 19.93
C CYS H 115 13.87 -18.46 20.55
N GLU H 116 13.75 -17.13 20.36
CA GLU H 116 14.74 -16.20 20.91
C GLU H 116 14.61 -16.00 22.42
N HIS H 117 13.49 -16.45 23.03
CA HIS H 117 13.28 -16.30 24.45
C HIS H 117 13.90 -17.45 25.26
N HIS H 118 13.93 -18.68 24.74
CA HIS H 118 14.44 -19.83 25.48
C HIS H 118 15.55 -20.58 24.75
N LEU H 119 15.80 -20.29 23.48
CA LEU H 119 16.82 -20.94 22.67
C LEU H 119 16.53 -22.43 22.49
N VAL H 120 15.26 -22.75 22.27
CA VAL H 120 14.73 -24.08 22.01
C VAL H 120 13.98 -23.97 20.66
N PRO H 121 14.01 -25.00 19.80
CA PRO H 121 13.35 -24.89 18.49
C PRO H 121 11.85 -24.69 18.46
N PHE H 122 11.38 -24.07 17.39
CA PHE H 122 9.97 -23.98 17.06
C PHE H 122 9.91 -24.37 15.58
N VAL H 123 9.11 -25.40 15.28
CA VAL H 123 9.09 -25.97 13.94
C VAL H 123 7.69 -26.06 13.41
N GLY H 124 7.57 -26.03 12.09
CA GLY H 124 6.27 -26.13 11.46
C GLY H 124 6.30 -26.04 9.97
N LYS H 125 5.30 -25.37 9.41
CA LYS H 125 5.09 -25.24 7.97
C LYS H 125 4.82 -23.78 7.63
N VAL H 126 5.26 -23.37 6.43
CA VAL H 126 5.00 -22.04 5.90
C VAL H 126 4.21 -22.22 4.60
N HIS H 127 3.18 -21.40 4.41
CA HIS H 127 2.34 -21.45 3.21
C HIS H 127 2.41 -20.06 2.63
N ILE H 128 2.88 -19.93 1.41
CA ILE H 128 3.02 -18.63 0.76
C ILE H 128 2.15 -18.57 -0.49
N GLY H 129 1.50 -17.44 -0.69
CA GLY H 129 0.73 -17.16 -1.87
C GLY H 129 1.07 -15.77 -2.35
N TYR H 130 1.07 -15.53 -3.65
CA TYR H 130 1.32 -14.20 -4.21
C TYR H 130 0.60 -14.03 -5.54
N LEU H 131 0.27 -12.78 -5.89
CA LEU H 131 -0.39 -12.44 -7.13
C LEU H 131 0.63 -11.72 -7.96
N PRO H 132 1.23 -12.42 -8.94
CA PRO H 132 2.27 -11.78 -9.74
C PRO H 132 1.80 -10.59 -10.55
N ASN H 133 2.73 -9.73 -10.90
CA ASN H 133 2.46 -8.58 -11.75
C ASN H 133 3.16 -8.86 -13.10
N LYS H 134 2.63 -9.86 -13.85
CA LYS H 134 3.14 -10.42 -15.11
C LYS H 134 4.35 -11.38 -14.88
N GLN H 135 5.34 -10.93 -14.08
CA GLN H 135 6.54 -11.70 -13.73
C GLN H 135 6.34 -12.67 -12.55
N VAL H 136 6.79 -13.91 -12.73
CA VAL H 136 6.75 -14.90 -11.65
C VAL H 136 8.15 -15.14 -11.08
N LEU H 137 8.22 -15.51 -9.80
CA LEU H 137 9.47 -15.83 -9.12
C LEU H 137 9.68 -17.36 -9.13
N GLY H 138 10.94 -17.81 -9.26
CA GLY H 138 11.30 -19.22 -9.19
C GLY H 138 10.77 -19.87 -7.91
N LEU H 139 9.96 -20.93 -8.06
CA LEU H 139 9.29 -21.56 -6.92
C LEU H 139 10.16 -21.82 -5.70
N SER H 140 11.37 -22.34 -5.90
CA SER H 140 12.28 -22.65 -4.80
C SER H 140 12.76 -21.42 -4.04
N LYS H 141 12.76 -20.25 -4.68
CA LYS H 141 13.21 -19.02 -4.04
C LYS H 141 12.30 -18.60 -2.89
N LEU H 142 11.01 -18.98 -2.93
CA LEU H 142 10.06 -18.72 -1.86
C LEU H 142 10.51 -19.50 -0.62
N ALA H 143 10.90 -20.77 -0.78
CA ALA H 143 11.40 -21.61 0.32
C ALA H 143 12.77 -21.10 0.79
N ARG H 144 13.62 -20.60 -0.12
CA ARG H 144 14.91 -20.05 0.25
C ARG H 144 14.77 -18.72 1.05
N ILE H 145 13.69 -17.95 0.80
CA ILE H 145 13.41 -16.72 1.55
C ILE H 145 12.97 -17.13 2.98
N VAL H 146 12.22 -18.24 3.11
CA VAL H 146 11.82 -18.79 4.40
C VAL H 146 13.09 -19.11 5.22
N GLU H 147 14.07 -19.73 4.57
CA GLU H 147 15.34 -20.11 5.19
C GLU H 147 16.19 -18.95 5.64
N ILE H 148 16.08 -17.78 4.97
CA ILE H 148 16.86 -16.60 5.41
C ILE H 148 16.41 -16.19 6.80
N TYR H 149 15.10 -16.13 7.01
CA TYR H 149 14.55 -15.63 8.27
C TYR H 149 14.30 -16.69 9.34
N SER H 150 14.01 -17.94 8.96
CA SER H 150 13.79 -18.99 9.94
C SER H 150 15.10 -19.40 10.61
N ARG H 151 16.23 -19.35 9.89
CA ARG H 151 17.52 -19.69 10.47
C ARG H 151 18.10 -18.51 11.24
N ARG H 152 17.38 -18.06 12.26
CA ARG H 152 17.75 -16.93 13.12
C ARG H 152 17.10 -17.16 14.49
N LEU H 153 17.42 -16.32 15.48
CA LEU H 153 16.72 -16.37 16.76
C LEU H 153 15.48 -15.57 16.49
N GLN H 154 14.33 -16.19 16.61
CA GLN H 154 13.08 -15.58 16.19
C GLN H 154 11.91 -15.54 17.20
N VAL H 155 10.90 -14.83 16.76
CA VAL H 155 9.55 -14.71 17.29
C VAL H 155 8.70 -14.98 16.03
N GLN H 156 7.75 -15.91 16.12
CA GLN H 156 6.93 -16.34 14.98
C GLN H 156 6.27 -15.20 14.21
N GLU H 157 5.78 -14.18 14.92
CA GLU H 157 5.10 -13.04 14.30
C GLU H 157 6.08 -12.26 13.44
N ARG H 158 7.33 -12.08 13.92
CA ARG H 158 8.36 -11.38 13.17
C ARG H 158 8.76 -12.15 11.93
N LEU H 159 9.01 -13.47 12.11
CA LEU H 159 9.37 -14.38 11.03
C LEU H 159 8.35 -14.32 9.89
N THR H 160 7.05 -14.37 10.21
CA THR H 160 5.95 -14.32 9.24
C THR H 160 5.97 -13.02 8.42
N LYS H 161 6.13 -11.87 9.11
CA LYS H 161 6.16 -10.57 8.47
C LYS H 161 7.38 -10.43 7.55
N GLN H 162 8.57 -10.84 8.05
CA GLN H 162 9.81 -10.74 7.27
C GLN H 162 9.74 -11.49 5.95
N ILE H 163 9.17 -12.70 5.95
CA ILE H 163 8.99 -13.48 4.72
C ILE H 163 8.11 -12.73 3.72
N ALA H 164 6.96 -12.21 4.18
CA ALA H 164 6.03 -11.48 3.30
C ALA H 164 6.65 -10.20 2.74
N VAL H 165 7.39 -9.45 3.58
CA VAL H 165 8.04 -8.22 3.17
C VAL H 165 9.17 -8.50 2.17
N ALA H 166 9.97 -9.57 2.39
CA ALA H 166 11.05 -9.94 1.47
C ALA H 166 10.50 -10.26 0.09
N ILE H 167 9.36 -10.97 -0.01
CA ILE H 167 8.75 -11.32 -1.29
C ILE H 167 8.24 -10.05 -2.00
N THR H 168 7.61 -9.14 -1.24
CA THR H 168 7.10 -7.90 -1.79
C THR H 168 8.22 -7.05 -2.34
N GLU H 169 9.35 -7.00 -1.63
CA GLU H 169 10.48 -6.20 -2.06
C GLU H 169 11.23 -6.81 -3.23
N ALA H 170 11.32 -8.13 -3.28
CA ALA H 170 12.02 -8.82 -4.35
C ALA H 170 11.27 -8.82 -5.67
N LEU H 171 9.94 -8.83 -5.63
CA LEU H 171 9.13 -8.98 -6.84
C LEU H 171 8.24 -7.83 -7.18
N ARG H 172 7.81 -7.07 -6.18
CA ARG H 172 6.80 -6.03 -6.31
C ARG H 172 5.51 -6.57 -6.97
N PRO H 173 4.89 -7.61 -6.35
CA PRO H 173 3.68 -8.19 -6.94
C PRO H 173 2.42 -7.42 -6.50
N ALA H 174 1.24 -7.85 -6.98
CA ALA H 174 -0.02 -7.22 -6.59
C ALA H 174 -0.31 -7.44 -5.09
N GLY H 175 0.12 -8.60 -4.56
CA GLY H 175 -0.06 -8.93 -3.16
C GLY H 175 0.67 -10.19 -2.76
N VAL H 176 0.88 -10.36 -1.44
CA VAL H 176 1.55 -11.52 -0.84
C VAL H 176 0.74 -11.97 0.39
N GLY H 177 0.68 -13.27 0.64
CA GLY H 177 0.04 -13.81 1.81
C GLY H 177 0.96 -14.88 2.37
N VAL H 178 1.26 -14.81 3.67
CA VAL H 178 2.13 -15.81 4.30
C VAL H 178 1.44 -16.33 5.57
N VAL H 179 1.33 -17.65 5.71
CA VAL H 179 0.75 -18.24 6.91
C VAL H 179 1.83 -19.18 7.48
N VAL H 180 2.13 -19.07 8.78
CA VAL H 180 3.07 -19.96 9.45
C VAL H 180 2.31 -20.72 10.56
N GLU H 181 2.47 -22.04 10.61
CA GLU H 181 1.83 -22.85 11.64
C GLU H 181 2.96 -23.60 12.30
N ALA H 182 3.14 -23.44 13.60
CA ALA H 182 4.28 -24.04 14.30
C ALA H 182 3.99 -24.58 15.69
N THR H 183 4.79 -25.56 16.10
CA THR H 183 4.85 -26.15 17.42
C THR H 183 6.09 -25.54 18.08
N HIS H 184 5.89 -24.90 19.22
CA HIS H 184 6.99 -24.33 19.98
C HIS H 184 7.33 -25.36 21.02
N MET H 185 8.54 -25.89 21.01
CA MET H 185 8.97 -26.87 22.01
C MET H 185 9.01 -26.30 23.41
N CYS H 186 9.12 -24.98 23.57
CA CYS H 186 9.03 -24.27 24.85
C CYS H 186 7.65 -24.43 25.47
N MET H 187 6.63 -24.75 24.66
CA MET H 187 5.30 -24.95 25.14
C MET H 187 4.96 -26.42 25.26
N VAL H 188 5.75 -27.37 24.67
CA VAL H 188 5.42 -28.78 24.79
C VAL H 188 6.33 -29.48 25.78
N MET H 189 7.66 -29.24 25.76
CA MET H 189 8.53 -29.97 26.67
C MET H 189 8.88 -29.22 27.96
N ARG H 190 8.25 -28.07 28.21
CA ARG H 190 8.45 -27.31 29.44
C ARG H 190 7.35 -26.22 29.56
N GLY H 191 7.34 -25.47 30.66
CA GLY H 191 6.40 -24.39 30.86
C GLY H 191 4.97 -24.82 31.01
N VAL H 192 4.10 -24.42 30.04
CA VAL H 192 2.71 -24.83 30.07
C VAL H 192 2.53 -26.30 29.78
N GLN H 193 3.48 -26.92 29.03
CA GLN H 193 3.47 -28.34 28.67
C GLN H 193 2.17 -28.75 28.02
N LYS H 194 1.78 -28.00 26.98
CA LYS H 194 0.58 -28.25 26.21
C LYS H 194 1.04 -28.92 24.92
N MET H 195 0.90 -30.22 24.92
CA MET H 195 1.21 -31.26 23.96
C MET H 195 0.84 -30.92 22.49
N ASN H 196 -0.43 -30.60 22.26
CA ASN H 196 -0.95 -30.41 20.94
C ASN H 196 -1.11 -28.97 20.49
N SER H 197 -0.69 -28.00 21.29
CA SER H 197 -0.83 -26.58 20.94
C SER H 197 0.00 -26.17 19.71
N LYS H 198 -0.65 -25.43 18.81
CA LYS H 198 -0.06 -24.98 17.56
C LYS H 198 -0.32 -23.46 17.47
N THR H 199 0.68 -22.69 17.05
CA THR H 199 0.54 -21.26 16.87
C THR H 199 0.41 -20.99 15.37
N VAL H 200 -0.61 -20.23 14.98
CA VAL H 200 -0.84 -19.90 13.58
C VAL H 200 -0.72 -18.38 13.45
N THR H 201 0.21 -17.92 12.63
CA THR H 201 0.37 -16.49 12.36
C THR H 201 0.22 -16.23 10.86
N SER H 202 -0.14 -15.00 10.49
CA SER H 202 -0.30 -14.64 9.08
C SER H 202 0.10 -13.20 8.81
N THR H 203 0.53 -12.92 7.57
CA THR H 203 0.86 -11.57 7.10
C THR H 203 0.33 -11.44 5.68
N MET H 204 -0.57 -10.49 5.48
CA MET H 204 -1.18 -10.25 4.17
C MET H 204 -0.79 -8.85 3.71
N LEU H 205 -0.20 -8.76 2.52
CA LEU H 205 0.21 -7.50 1.94
C LEU H 205 -0.47 -7.32 0.59
N GLY H 206 -0.64 -6.06 0.18
CA GLY H 206 -1.27 -5.73 -1.08
C GLY H 206 -2.69 -6.22 -1.18
N VAL H 207 -3.04 -6.84 -2.32
CA VAL H 207 -4.37 -7.38 -2.61
C VAL H 207 -4.82 -8.41 -1.58
N PHE H 208 -3.88 -9.17 -0.98
CA PHE H 208 -4.24 -10.17 0.05
C PHE H 208 -4.81 -9.48 1.32
N ARG H 209 -4.36 -8.25 1.60
CA ARG H 209 -4.80 -7.47 2.72
C ARG H 209 -6.05 -6.69 2.38
N GLU H 210 -6.08 -6.03 1.21
CA GLU H 210 -7.19 -5.18 0.80
C GLU H 210 -8.41 -5.90 0.23
N ASP H 211 -8.24 -7.02 -0.49
CA ASP H 211 -9.37 -7.76 -1.08
C ASP H 211 -9.71 -9.00 -0.28
N PRO H 212 -10.87 -9.01 0.41
CA PRO H 212 -11.26 -10.18 1.19
C PRO H 212 -11.43 -11.47 0.38
N LYS H 213 -11.92 -11.39 -0.86
CA LYS H 213 -12.09 -12.58 -1.69
C LYS H 213 -10.75 -13.26 -2.03
N THR H 214 -9.70 -12.46 -2.26
CA THR H 214 -8.37 -12.99 -2.56
C THR H 214 -7.82 -13.73 -1.33
N ARG H 215 -7.97 -13.11 -0.17
CA ARG H 215 -7.58 -13.62 1.13
C ARG H 215 -8.27 -14.95 1.46
N GLU H 216 -9.60 -15.06 1.24
CA GLU H 216 -10.31 -16.31 1.54
C GLU H 216 -9.98 -17.43 0.57
N GLU H 217 -9.72 -17.08 -0.70
CA GLU H 217 -9.34 -18.07 -1.70
C GLU H 217 -7.99 -18.68 -1.34
N PHE H 218 -7.03 -17.83 -0.91
CA PHE H 218 -5.70 -18.27 -0.49
C PHE H 218 -5.83 -19.19 0.74
N LEU H 219 -6.60 -18.79 1.75
CA LEU H 219 -6.77 -19.58 2.97
C LEU H 219 -7.41 -20.95 2.72
N THR H 220 -8.33 -21.07 1.73
CA THR H 220 -8.92 -22.39 1.44
C THR H 220 -7.97 -23.25 0.61
N LEU H 221 -7.22 -22.64 -0.31
CA LEU H 221 -6.31 -23.39 -1.16
C LEU H 221 -5.08 -23.94 -0.39
N ILE H 222 -4.78 -23.41 0.81
CA ILE H 222 -3.66 -23.91 1.59
C ILE H 222 -4.03 -25.03 2.56
N ARG H 223 -5.33 -25.33 2.76
CA ARG H 223 -5.72 -26.45 3.63
C ARG H 223 -5.47 -27.76 2.85
N SER H 224 -4.76 -28.73 3.44
CA SER H 224 -4.49 -30.00 2.75
C SER H 224 -5.45 -31.08 3.27
N PRO I 32 -40.32 -75.76 2.71
CA PRO I 32 -39.93 -74.33 2.64
C PRO I 32 -41.13 -73.42 2.52
N ARG I 33 -40.97 -72.12 2.90
CA ARG I 33 -42.07 -71.15 2.78
C ARG I 33 -42.38 -70.88 1.30
N SER I 34 -43.63 -70.55 0.97
CA SER I 34 -44.02 -70.34 -0.42
C SER I 34 -44.67 -68.97 -0.66
N GLU I 35 -44.85 -68.60 -1.95
CA GLU I 35 -45.51 -67.33 -2.29
C GLU I 35 -47.01 -67.36 -1.94
N GLU I 36 -47.64 -68.55 -1.97
CA GLU I 36 -49.03 -68.73 -1.58
C GLU I 36 -49.15 -68.50 -0.06
N ASP I 37 -48.20 -69.05 0.71
CA ASP I 37 -48.14 -68.84 2.18
C ASP I 37 -48.01 -67.36 2.47
N ASN I 38 -47.17 -66.64 1.71
CA ASN I 38 -46.94 -65.22 1.89
C ASN I 38 -48.21 -64.39 1.69
N GLU I 39 -49.03 -64.77 0.72
CA GLU I 39 -50.24 -64.02 0.43
C GLU I 39 -51.31 -64.29 1.43
N LEU I 40 -51.46 -65.56 1.86
CA LEU I 40 -52.46 -65.95 2.86
C LEU I 40 -52.16 -65.32 4.24
N ASN I 41 -50.88 -65.21 4.57
CA ASN I 41 -50.49 -64.68 5.87
C ASN I 41 -50.33 -63.16 5.90
N LEU I 42 -50.33 -62.47 4.76
CA LEU I 42 -50.18 -61.01 4.75
C LEU I 42 -51.31 -60.29 5.52
N PRO I 43 -52.63 -60.55 5.32
CA PRO I 43 -53.64 -59.85 6.14
C PRO I 43 -53.56 -60.15 7.66
N ASN I 44 -53.01 -61.31 8.07
CA ASN I 44 -52.79 -61.66 9.48
C ASN I 44 -51.60 -60.89 10.06
N LEU I 45 -50.60 -60.56 9.22
CA LEU I 45 -49.47 -59.76 9.64
C LEU I 45 -49.92 -58.32 9.75
N ALA I 46 -50.66 -57.82 8.76
CA ALA I 46 -51.16 -56.44 8.77
C ALA I 46 -52.07 -56.21 9.97
N ALA I 47 -52.94 -57.19 10.32
CA ALA I 47 -53.80 -57.08 11.49
C ALA I 47 -52.98 -56.99 12.78
N ALA I 48 -51.94 -57.81 12.91
CA ALA I 48 -51.08 -57.78 14.09
C ALA I 48 -50.32 -56.47 14.20
N TYR I 49 -49.84 -55.90 13.07
CA TYR I 49 -49.14 -54.63 13.09
C TYR I 49 -50.06 -53.47 13.44
N SER I 50 -51.32 -53.53 12.96
CA SER I 50 -52.32 -52.52 13.27
C SER I 50 -52.63 -52.57 14.77
N SER I 51 -52.74 -53.78 15.33
CA SER I 51 -52.99 -54.01 16.76
C SER I 51 -51.81 -53.45 17.61
N ILE I 52 -50.57 -53.52 17.10
CA ILE I 52 -49.39 -53.00 17.79
C ILE I 52 -49.46 -51.48 17.84
N LEU I 53 -49.82 -50.83 16.71
CA LEU I 53 -49.98 -49.38 16.65
C LEU I 53 -50.99 -48.87 17.68
N SER I 54 -52.14 -49.57 17.82
CA SER I 54 -53.15 -49.20 18.80
C SER I 54 -52.66 -49.41 20.23
N SER I 55 -51.96 -50.54 20.51
CA SER I 55 -51.43 -50.86 21.84
C SER I 55 -50.30 -49.93 22.26
N LEU I 56 -49.63 -49.26 21.31
CA LEU I 56 -48.58 -48.29 21.65
C LEU I 56 -49.16 -46.88 21.95
N GLY I 57 -50.47 -46.72 21.88
CA GLY I 57 -51.12 -45.44 22.11
C GLY I 57 -51.22 -44.56 20.87
N GLU I 58 -50.88 -45.13 19.69
CA GLU I 58 -50.92 -44.37 18.46
C GLU I 58 -52.28 -44.42 17.74
N ASN I 59 -52.48 -43.51 16.79
CA ASN I 59 -53.70 -43.44 15.99
C ASN I 59 -53.42 -44.12 14.63
N PRO I 60 -53.89 -45.36 14.42
CA PRO I 60 -53.63 -46.04 13.14
C PRO I 60 -54.30 -45.39 11.92
N GLN I 61 -55.18 -44.41 12.15
CA GLN I 61 -55.89 -43.71 11.08
C GLN I 61 -55.20 -42.42 10.61
N ARG I 62 -54.13 -41.96 11.31
CA ARG I 62 -53.43 -40.77 10.86
C ARG I 62 -52.62 -41.04 9.58
N GLN I 63 -52.48 -40.02 8.72
CA GLN I 63 -51.83 -40.15 7.41
C GLN I 63 -50.54 -41.00 7.41
N GLY I 64 -49.63 -40.73 8.34
CA GLY I 64 -48.37 -41.46 8.43
C GLY I 64 -48.47 -42.92 8.80
N LEU I 65 -49.57 -43.33 9.47
CA LEU I 65 -49.75 -44.72 9.86
C LEU I 65 -50.74 -45.53 9.02
N LEU I 66 -51.51 -44.89 8.11
CA LEU I 66 -52.53 -45.57 7.31
C LEU I 66 -52.08 -46.84 6.57
N LYS I 67 -50.96 -46.80 5.85
CA LYS I 67 -50.47 -47.96 5.11
C LYS I 67 -49.40 -48.76 5.87
N THR I 68 -49.03 -48.34 7.09
CA THR I 68 -48.01 -48.97 7.91
C THR I 68 -48.27 -50.45 8.19
N PRO I 69 -49.48 -50.91 8.60
CA PRO I 69 -49.67 -52.36 8.81
C PRO I 69 -49.23 -53.22 7.62
N TRP I 70 -49.46 -52.74 6.38
CA TRP I 70 -49.09 -53.45 5.18
C TRP I 70 -47.62 -53.32 4.83
N ARG I 71 -47.04 -52.10 4.92
CA ARG I 71 -45.63 -51.88 4.61
C ARG I 71 -44.73 -52.60 5.63
N ALA I 72 -45.13 -52.62 6.91
CA ALA I 72 -44.38 -53.32 7.96
C ALA I 72 -44.45 -54.82 7.75
N ALA I 73 -45.64 -55.35 7.37
CA ALA I 73 -45.86 -56.78 7.10
C ALA I 73 -45.02 -57.25 5.89
N SER I 74 -45.01 -56.46 4.80
CA SER I 74 -44.23 -56.78 3.61
C SER I 74 -42.75 -56.73 3.91
N ALA I 75 -42.31 -55.76 4.72
CA ALA I 75 -40.90 -55.64 5.12
C ALA I 75 -40.49 -56.86 5.93
N MET I 76 -41.33 -57.30 6.90
CA MET I 76 -41.03 -58.48 7.72
C MET I 76 -40.96 -59.77 6.89
N GLN I 77 -41.79 -59.86 5.85
CA GLN I 77 -41.77 -61.00 4.93
C GLN I 77 -40.47 -61.00 4.11
N PHE I 78 -40.01 -59.82 3.70
CA PHE I 78 -38.76 -59.70 2.97
C PHE I 78 -37.58 -60.05 3.89
N PHE I 79 -37.59 -59.55 5.14
CA PHE I 79 -36.54 -59.85 6.12
C PHE I 79 -36.46 -61.35 6.44
N THR I 80 -37.52 -62.12 6.22
CA THR I 80 -37.55 -63.55 6.51
C THR I 80 -37.70 -64.39 5.23
N LYS I 81 -37.33 -63.85 4.04
CA LYS I 81 -37.47 -64.57 2.79
C LYS I 81 -36.52 -65.76 2.61
N GLY I 82 -35.51 -65.88 3.46
CA GLY I 82 -34.54 -66.97 3.39
C GLY I 82 -35.11 -68.34 3.71
N TYR I 83 -36.22 -68.36 4.45
CA TYR I 83 -36.91 -69.60 4.80
C TYR I 83 -37.46 -70.28 3.55
N GLN I 84 -37.88 -69.50 2.54
CA GLN I 84 -38.42 -70.06 1.29
C GLN I 84 -37.37 -70.43 0.25
N GLU I 85 -36.06 -70.39 0.62
CA GLU I 85 -34.98 -70.70 -0.30
C GLU I 85 -34.29 -72.01 -0.02
N THR I 86 -33.84 -72.66 -1.09
CA THR I 86 -33.12 -73.93 -1.03
C THR I 86 -31.74 -73.76 -1.68
N ILE I 87 -30.70 -74.39 -1.08
CA ILE I 87 -29.31 -74.32 -1.57
C ILE I 87 -29.19 -74.68 -3.06
N SER I 88 -29.87 -75.76 -3.47
CA SER I 88 -29.82 -76.21 -4.86
C SER I 88 -30.27 -75.16 -5.89
N ASP I 89 -31.35 -74.43 -5.59
CA ASP I 89 -31.87 -73.41 -6.50
C ASP I 89 -30.95 -72.18 -6.56
N VAL I 90 -30.39 -71.81 -5.40
CA VAL I 90 -29.49 -70.70 -5.23
C VAL I 90 -28.17 -70.90 -6.00
N LEU I 91 -27.60 -72.12 -5.97
CA LEU I 91 -26.35 -72.42 -6.66
C LEU I 91 -26.43 -72.32 -8.17
N ASN I 92 -27.58 -72.70 -8.77
CA ASN I 92 -27.79 -72.63 -10.23
C ASN I 92 -26.68 -73.34 -11.04
N ASP I 93 -26.16 -74.46 -10.51
CA ASP I 93 -25.09 -75.22 -11.14
C ASP I 93 -23.83 -74.38 -11.45
N ALA I 94 -23.56 -73.35 -10.63
CA ALA I 94 -22.39 -72.51 -10.83
C ALA I 94 -21.17 -73.12 -10.15
N ILE I 95 -20.78 -74.32 -10.59
CA ILE I 95 -19.58 -75.01 -10.12
C ILE I 95 -18.74 -75.30 -11.35
N PHE I 96 -17.55 -74.73 -11.38
CA PHE I 96 -16.65 -74.81 -12.52
C PHE I 96 -15.35 -75.51 -12.13
N ASP I 97 -14.79 -76.25 -13.09
CA ASP I 97 -13.56 -77.02 -12.91
C ASP I 97 -12.38 -76.17 -13.36
N GLU I 98 -11.71 -75.53 -12.40
CA GLU I 98 -10.60 -74.64 -12.71
C GLU I 98 -9.22 -75.17 -12.28
N ASP I 99 -9.14 -76.45 -11.84
CA ASP I 99 -7.89 -77.08 -11.39
C ASP I 99 -7.16 -76.20 -10.34
N HIS I 100 -7.96 -75.56 -9.48
CA HIS I 100 -7.48 -74.62 -8.47
C HIS I 100 -7.57 -75.29 -7.11
N ASP I 101 -6.46 -75.34 -6.38
CA ASP I 101 -6.43 -75.94 -5.06
C ASP I 101 -5.98 -74.94 -3.96
N GLU I 102 -6.13 -73.64 -4.22
CA GLU I 102 -5.70 -72.60 -3.30
C GLU I 102 -6.85 -71.74 -2.83
N MET I 103 -6.66 -71.09 -1.68
CA MET I 103 -7.67 -70.30 -1.01
C MET I 103 -8.34 -69.21 -1.86
N VAL I 104 -9.69 -69.23 -1.91
CA VAL I 104 -10.51 -68.24 -2.59
C VAL I 104 -11.31 -67.54 -1.50
N ILE I 105 -11.22 -66.21 -1.39
CA ILE I 105 -11.92 -65.45 -0.36
C ILE I 105 -12.90 -64.45 -0.96
N VAL I 106 -14.12 -64.36 -0.42
CA VAL I 106 -15.03 -63.27 -0.76
C VAL I 106 -15.30 -62.55 0.57
N LYS I 107 -14.71 -61.37 0.74
CA LYS I 107 -14.84 -60.60 1.96
C LYS I 107 -15.72 -59.36 1.80
N ASP I 108 -16.14 -58.77 2.96
CA ASP I 108 -16.95 -57.58 3.07
C ASP I 108 -18.30 -57.74 2.41
N ILE I 109 -18.92 -58.91 2.59
CA ILE I 109 -20.27 -59.12 2.08
C ILE I 109 -21.22 -58.46 3.09
N ASP I 110 -21.95 -57.41 2.67
CA ASP I 110 -22.89 -56.75 3.59
C ASP I 110 -24.00 -57.72 3.96
N MET I 111 -24.25 -57.87 5.25
CA MET I 111 -25.21 -58.82 5.79
C MET I 111 -26.21 -58.07 6.67
N PHE I 112 -27.49 -58.38 6.51
CA PHE I 112 -28.58 -57.76 7.27
C PHE I 112 -29.45 -58.87 7.78
N SER I 113 -29.51 -59.05 9.09
CA SER I 113 -30.31 -60.10 9.70
C SER I 113 -31.25 -59.54 10.77
N MET I 114 -32.01 -60.41 11.41
CA MET I 114 -32.99 -60.01 12.41
C MET I 114 -32.76 -60.80 13.67
N CYS I 115 -32.60 -60.12 14.79
CA CYS I 115 -32.42 -60.78 16.08
C CYS I 115 -33.71 -61.55 16.43
N GLU I 116 -33.60 -62.86 16.68
CA GLU I 116 -34.78 -63.65 17.00
C GLU I 116 -35.31 -63.40 18.40
N HIS I 117 -34.54 -62.74 19.28
CA HIS I 117 -34.97 -62.49 20.64
C HIS I 117 -35.78 -61.20 20.80
N HIS I 118 -35.49 -60.17 20.01
CA HIS I 118 -36.20 -58.89 20.12
C HIS I 118 -36.85 -58.43 18.83
N LEU I 119 -36.56 -59.08 17.69
CA LEU I 119 -37.08 -58.72 16.37
C LEU I 119 -36.61 -57.33 15.92
N VAL I 120 -35.36 -57.04 16.20
CA VAL I 120 -34.66 -55.81 15.85
C VAL I 120 -33.44 -56.25 15.01
N PRO I 121 -33.06 -55.47 13.99
CA PRO I 121 -31.94 -55.91 13.12
C PRO I 121 -30.57 -56.04 13.77
N PHE I 122 -29.75 -56.91 13.18
CA PHE I 122 -28.32 -57.01 13.49
C PHE I 122 -27.64 -57.04 12.13
N VAL I 123 -26.76 -56.10 11.89
CA VAL I 123 -26.17 -55.90 10.59
C VAL I 123 -24.67 -55.87 10.63
N GLY I 124 -24.03 -56.29 9.56
CA GLY I 124 -22.58 -56.29 9.50
C GLY I 124 -22.02 -56.79 8.20
N LYS I 125 -20.91 -57.51 8.30
CA LYS I 125 -20.16 -58.03 7.16
C LYS I 125 -19.87 -59.50 7.38
N VAL I 126 -19.85 -60.26 6.28
CA VAL I 126 -19.47 -61.67 6.29
C VAL I 126 -18.22 -61.82 5.41
N HIS I 127 -17.26 -62.61 5.86
CA HIS I 127 -16.03 -62.86 5.13
C HIS I 127 -15.92 -64.37 5.03
N ILE I 128 -15.91 -64.87 3.81
CA ILE I 128 -15.86 -66.29 3.56
C ILE I 128 -14.57 -66.66 2.84
N GLY I 129 -13.99 -67.77 3.24
CA GLY I 129 -12.82 -68.32 2.60
C GLY I 129 -13.02 -69.81 2.44
N TYR I 130 -12.48 -70.38 1.38
CA TYR I 130 -12.53 -71.83 1.19
C TYR I 130 -11.33 -72.31 0.40
N LEU I 131 -11.02 -73.59 0.50
CA LEU I 131 -9.93 -74.19 -0.25
C LEU I 131 -10.55 -75.18 -1.20
N PRO I 132 -10.60 -74.86 -2.50
CA PRO I 132 -11.28 -75.77 -3.44
C PRO I 132 -10.57 -77.09 -3.62
N ASN I 133 -11.34 -78.11 -3.92
CA ASN I 133 -10.83 -79.44 -4.21
C ASN I 133 -10.97 -79.55 -5.72
N LYS I 134 -10.14 -78.76 -6.43
CA LYS I 134 -10.07 -78.57 -7.89
C LYS I 134 -11.28 -77.76 -8.45
N GLN I 135 -12.53 -78.02 -7.94
CA GLN I 135 -13.76 -77.29 -8.33
C GLN I 135 -14.02 -75.97 -7.52
N VAL I 136 -14.23 -74.85 -8.26
CA VAL I 136 -14.55 -73.55 -7.66
C VAL I 136 -16.05 -73.25 -7.74
N LEU I 137 -16.59 -72.59 -6.72
CA LEU I 137 -17.99 -72.16 -6.74
C LEU I 137 -18.04 -70.75 -7.36
N GLY I 138 -19.17 -70.41 -7.96
CA GLY I 138 -19.37 -69.07 -8.54
C GLY I 138 -19.33 -68.06 -7.41
N LEU I 139 -18.53 -67.01 -7.55
CA LEU I 139 -18.32 -66.05 -6.46
C LEU I 139 -19.57 -65.51 -5.82
N SER I 140 -20.56 -65.12 -6.63
CA SER I 140 -21.80 -64.56 -6.14
C SER I 140 -22.62 -65.54 -5.32
N LYS I 141 -22.46 -66.85 -5.55
CA LYS I 141 -23.17 -67.89 -4.82
C LYS I 141 -22.76 -67.93 -3.33
N LEU I 142 -21.56 -67.45 -2.98
CA LEU I 142 -21.17 -67.36 -1.57
C LEU I 142 -22.03 -66.25 -0.91
N ALA I 143 -22.22 -65.11 -1.60
CA ALA I 143 -23.05 -64.03 -1.11
C ALA I 143 -24.52 -64.43 -1.06
N ARG I 144 -24.98 -65.29 -2.00
CA ARG I 144 -26.38 -65.80 -2.06
C ARG I 144 -26.66 -66.82 -0.95
N ILE I 145 -25.63 -67.57 -0.52
CA ILE I 145 -25.75 -68.50 0.62
C ILE I 145 -25.90 -67.67 1.90
N VAL I 146 -25.18 -66.53 2.01
CA VAL I 146 -25.29 -65.59 3.13
C VAL I 146 -26.76 -65.12 3.23
N GLU I 147 -27.38 -64.81 2.09
CA GLU I 147 -28.75 -64.34 2.00
C GLU I 147 -29.79 -65.39 2.40
N ILE I 148 -29.51 -66.67 2.20
CA ILE I 148 -30.46 -67.74 2.59
C ILE I 148 -30.63 -67.72 4.11
N TYR I 149 -29.52 -67.62 4.83
CA TYR I 149 -29.54 -67.72 6.27
C TYR I 149 -29.68 -66.39 7.00
N SER I 150 -29.20 -65.29 6.43
CA SER I 150 -29.31 -63.99 7.10
C SER I 150 -30.75 -63.47 7.04
N ARG I 151 -31.49 -63.78 5.96
CA ARG I 151 -32.88 -63.37 5.85
C ARG I 151 -33.79 -64.32 6.60
N ARG I 152 -33.58 -64.43 7.91
CA ARG I 152 -34.32 -65.29 8.83
C ARG I 152 -34.24 -64.65 10.22
N LEU I 153 -35.01 -65.17 11.18
CA LEU I 153 -34.89 -64.74 12.57
C LEU I 153 -33.71 -65.55 13.06
N GLN I 154 -32.64 -64.86 13.45
CA GLN I 154 -31.38 -65.49 13.75
C GLN I 154 -30.73 -65.18 15.09
N VAL I 155 -29.68 -65.95 15.33
CA VAL I 155 -28.69 -65.82 16.36
C VAL I 155 -27.36 -65.86 15.53
N GLN I 156 -26.46 -64.90 15.73
CA GLN I 156 -25.23 -64.76 14.96
C GLN I 156 -24.39 -66.03 14.88
N GLU I 157 -24.29 -66.76 15.99
CA GLU I 157 -23.52 -68.00 16.04
C GLU I 157 -24.11 -69.05 15.10
N ARG I 158 -25.44 -69.15 15.06
CA ARG I 158 -26.12 -70.10 14.19
C ARG I 158 -25.95 -69.72 12.72
N LEU I 159 -26.16 -68.44 12.40
CA LEU I 159 -26.00 -67.90 11.05
C LEU I 159 -24.61 -68.22 10.47
N THR I 160 -23.54 -68.02 11.26
CA THR I 160 -22.15 -68.27 10.86
C THR I 160 -21.91 -69.76 10.56
N LYS I 161 -22.46 -70.66 11.39
CA LYS I 161 -22.31 -72.10 11.21
C LYS I 161 -23.06 -72.57 9.96
N GLN I 162 -24.25 -72.02 9.71
CA GLN I 162 -25.08 -72.38 8.56
C GLN I 162 -24.42 -72.04 7.23
N ILE I 163 -23.83 -70.84 7.13
CA ILE I 163 -23.09 -70.46 5.93
C ILE I 163 -21.93 -71.44 5.63
N ALA I 164 -21.11 -71.79 6.65
CA ALA I 164 -19.99 -72.74 6.45
C ALA I 164 -20.44 -74.14 6.00
N VAL I 165 -21.48 -74.69 6.66
CA VAL I 165 -22.05 -76.01 6.40
C VAL I 165 -22.71 -76.07 5.00
N ALA I 166 -23.37 -74.97 4.58
CA ALA I 166 -23.98 -74.93 3.25
C ALA I 166 -22.88 -74.95 2.19
N ILE I 167 -21.75 -74.26 2.43
CA ILE I 167 -20.65 -74.24 1.47
C ILE I 167 -19.97 -75.62 1.39
N THR I 168 -19.76 -76.28 2.56
CA THR I 168 -19.15 -77.60 2.66
C THR I 168 -20.02 -78.66 2.00
N GLU I 169 -21.33 -78.58 2.18
CA GLU I 169 -22.21 -79.56 1.56
C GLU I 169 -22.38 -79.35 0.06
N ALA I 170 -22.41 -78.10 -0.40
CA ALA I 170 -22.57 -77.80 -1.82
C ALA I 170 -21.34 -78.08 -2.67
N LEU I 171 -20.14 -78.00 -2.09
CA LEU I 171 -18.92 -78.13 -2.86
C LEU I 171 -18.01 -79.26 -2.46
N ARG I 172 -18.08 -79.66 -1.18
CA ARG I 172 -17.15 -80.65 -0.59
C ARG I 172 -15.69 -80.22 -0.78
N PRO I 173 -15.33 -79.00 -0.30
CA PRO I 173 -13.95 -78.55 -0.47
C PRO I 173 -13.03 -79.06 0.64
N ALA I 174 -11.72 -78.71 0.56
CA ALA I 174 -10.75 -79.09 1.58
C ALA I 174 -11.09 -78.46 2.94
N GLY I 175 -11.62 -77.23 2.91
CA GLY I 175 -12.04 -76.54 4.11
C GLY I 175 -12.79 -75.25 3.84
N VAL I 176 -13.54 -74.77 4.83
CA VAL I 176 -14.30 -73.51 4.76
C VAL I 176 -14.03 -72.70 6.02
N GLY I 177 -13.96 -71.38 5.88
CA GLY I 177 -13.83 -70.46 7.00
C GLY I 177 -14.83 -69.35 6.82
N VAL I 178 -15.62 -69.04 7.85
CA VAL I 178 -16.61 -67.96 7.79
C VAL I 178 -16.45 -67.06 9.00
N VAL I 179 -16.33 -65.74 8.80
CA VAL I 179 -16.22 -64.81 9.90
C VAL I 179 -17.35 -63.79 9.73
N VAL I 180 -18.15 -63.56 10.79
CA VAL I 180 -19.22 -62.57 10.74
C VAL I 180 -18.91 -61.49 11.79
N GLU I 181 -18.96 -60.23 11.39
CA GLU I 181 -18.79 -59.12 12.33
C GLU I 181 -20.05 -58.28 12.24
N ALA I 182 -20.75 -58.09 13.36
CA ALA I 182 -22.02 -57.39 13.31
C ALA I 182 -22.29 -56.46 14.50
N THR I 183 -23.15 -55.47 14.27
CA THR I 183 -23.67 -54.54 15.26
C THR I 183 -25.09 -55.01 15.51
N HIS I 184 -25.39 -55.30 16.78
CA HIS I 184 -26.74 -55.70 17.15
C HIS I 184 -27.43 -54.46 17.65
N MET I 185 -28.50 -54.01 16.98
CA MET I 185 -29.24 -52.83 17.41
C MET I 185 -29.87 -53.00 18.78
N CYS I 186 -30.15 -54.25 19.20
CA CYS I 186 -30.63 -54.56 20.56
C CYS I 186 -29.63 -54.12 21.62
N MET I 187 -28.35 -54.03 21.27
CA MET I 187 -27.31 -53.62 22.19
C MET I 187 -26.93 -52.15 22.02
N VAL I 188 -27.35 -51.47 20.93
CA VAL I 188 -27.01 -50.05 20.75
C VAL I 188 -28.21 -49.13 21.06
N MET I 189 -29.41 -49.43 20.57
CA MET I 189 -30.55 -48.53 20.79
C MET I 189 -31.46 -48.90 21.96
N ARG I 190 -31.04 -49.86 22.79
CA ARG I 190 -31.82 -50.35 23.91
C ARG I 190 -30.90 -51.24 24.80
N GLY I 191 -31.43 -51.75 25.93
CA GLY I 191 -30.71 -52.64 26.83
C GLY I 191 -29.45 -52.06 27.39
N VAL I 192 -28.29 -52.67 27.06
CA VAL I 192 -27.00 -52.16 27.54
C VAL I 192 -26.64 -50.82 26.94
N GLN I 193 -27.15 -50.50 25.75
CA GLN I 193 -26.88 -49.25 25.05
C GLN I 193 -25.38 -48.94 24.91
N LYS I 194 -24.63 -49.93 24.40
CA LYS I 194 -23.19 -49.84 24.12
C LYS I 194 -23.12 -49.74 22.61
N MET I 195 -22.97 -48.52 22.08
CA MET I 195 -23.09 -48.35 20.65
C MET I 195 -21.90 -48.73 19.81
N ASN I 196 -20.73 -48.77 20.40
CA ASN I 196 -19.56 -49.19 19.63
C ASN I 196 -19.34 -50.70 19.64
N SER I 197 -20.10 -51.47 20.45
CA SER I 197 -19.90 -52.90 20.55
C SER I 197 -20.18 -53.64 19.25
N LYS I 198 -19.28 -54.55 18.91
CA LYS I 198 -19.32 -55.35 17.69
C LYS I 198 -19.14 -56.81 18.11
N THR I 199 -19.92 -57.72 17.54
CA THR I 199 -19.83 -59.13 17.85
C THR I 199 -19.12 -59.80 16.68
N VAL I 200 -18.08 -60.59 16.97
CA VAL I 200 -17.34 -61.30 15.96
C VAL I 200 -17.50 -62.79 16.22
N THR I 201 -18.04 -63.51 15.24
CA THR I 201 -18.19 -64.98 15.32
C THR I 201 -17.46 -65.63 14.14
N SER I 202 -17.07 -66.89 14.30
CA SER I 202 -16.38 -67.62 13.24
C SER I 202 -16.76 -69.09 13.22
N THR I 203 -16.64 -69.72 12.06
CA THR I 203 -16.85 -71.18 11.88
C THR I 203 -15.80 -71.67 10.91
N MET I 204 -14.95 -72.60 11.37
CA MET I 204 -13.88 -73.16 10.57
C MET I 204 -14.11 -74.65 10.41
N LEU I 205 -14.19 -75.11 9.17
CA LEU I 205 -14.39 -76.52 8.85
C LEU I 205 -13.23 -77.04 8.00
N GLY I 206 -12.98 -78.32 8.07
CA GLY I 206 -11.92 -78.93 7.30
C GLY I 206 -10.54 -78.40 7.65
N VAL I 207 -9.74 -78.08 6.63
CA VAL I 207 -8.40 -77.58 6.75
C VAL I 207 -8.33 -76.27 7.55
N PHE I 208 -9.38 -75.43 7.48
CA PHE I 208 -9.40 -74.17 8.23
C PHE I 208 -9.47 -74.45 9.74
N ARG I 209 -10.05 -75.59 10.15
CA ARG I 209 -10.14 -75.99 11.54
C ARG I 209 -8.90 -76.74 11.98
N GLU I 210 -8.44 -77.71 11.15
CA GLU I 210 -7.30 -78.58 11.47
C GLU I 210 -5.91 -77.98 11.26
N ASP I 211 -5.72 -77.10 10.26
CA ASP I 211 -4.40 -76.51 10.00
C ASP I 211 -4.33 -75.07 10.47
N PRO I 212 -3.56 -74.81 11.54
CA PRO I 212 -3.44 -73.43 12.04
C PRO I 212 -2.89 -72.42 11.03
N LYS I 213 -1.94 -72.82 10.19
CA LYS I 213 -1.36 -71.93 9.19
C LYS I 213 -2.40 -71.46 8.17
N THR I 214 -3.33 -72.35 7.76
CA THR I 214 -4.39 -72.02 6.81
C THR I 214 -5.35 -70.99 7.43
N ARG I 215 -5.73 -71.24 8.69
CA ARG I 215 -6.60 -70.41 9.50
C ARG I 215 -5.99 -69.01 9.69
N GLU I 216 -4.67 -68.95 9.98
CA GLU I 216 -3.92 -67.72 10.19
C GLU I 216 -3.89 -66.85 8.93
N GLU I 217 -3.67 -67.49 7.77
CA GLU I 217 -3.58 -66.84 6.49
C GLU I 217 -4.92 -66.21 6.10
N PHE I 218 -6.01 -66.96 6.33
CA PHE I 218 -7.36 -66.50 6.04
C PHE I 218 -7.67 -65.28 6.89
N LEU I 219 -7.38 -65.33 8.19
CA LEU I 219 -7.67 -64.21 9.09
C LEU I 219 -6.91 -62.93 8.75
N THR I 220 -5.68 -63.04 8.21
CA THR I 220 -4.93 -61.85 7.82
C THR I 220 -5.41 -61.31 6.50
N LEU I 221 -5.76 -62.19 5.55
CA LEU I 221 -6.25 -61.76 4.24
C LEU I 221 -7.62 -61.08 4.27
N ILE I 222 -8.41 -61.27 5.36
CA ILE I 222 -9.73 -60.65 5.45
C ILE I 222 -9.68 -59.27 6.13
N ARG I 223 -8.49 -58.77 6.50
CA ARG I 223 -8.38 -57.43 7.07
C ARG I 223 -8.04 -56.40 5.97
N ARG J 33 -7.65 -17.98 46.52
CA ARG J 33 -7.18 -18.73 47.69
C ARG J 33 -5.68 -18.47 47.95
N SER J 34 -5.08 -19.22 48.90
CA SER J 34 -3.64 -19.18 49.21
C SER J 34 -3.11 -20.59 49.56
N GLU J 35 -1.77 -20.77 49.63
CA GLU J 35 -1.20 -22.06 50.03
C GLU J 35 -1.48 -22.40 51.49
N GLU J 36 -1.62 -21.36 52.34
CA GLU J 36 -1.97 -21.53 53.74
C GLU J 36 -3.40 -22.08 53.83
N ASP J 37 -4.33 -21.55 52.99
CA ASP J 37 -5.71 -22.02 52.92
C ASP J 37 -5.76 -23.50 52.52
N ASN J 38 -4.85 -23.92 51.63
CA ASN J 38 -4.77 -25.30 51.17
C ASN J 38 -4.36 -26.24 52.29
N GLU J 39 -3.33 -25.86 53.07
CA GLU J 39 -2.83 -26.68 54.19
C GLU J 39 -3.90 -26.82 55.27
N LEU J 40 -4.60 -25.73 55.58
CA LEU J 40 -5.64 -25.65 56.59
C LEU J 40 -6.89 -26.44 56.19
N ASN J 41 -7.28 -26.37 54.90
CA ASN J 41 -8.48 -27.06 54.44
C ASN J 41 -8.27 -28.49 54.00
N LEU J 42 -7.01 -28.94 53.82
CA LEU J 42 -6.74 -30.32 53.40
C LEU J 42 -7.35 -31.38 54.32
N PRO J 43 -7.18 -31.31 55.68
CA PRO J 43 -7.80 -32.33 56.54
C PRO J 43 -9.33 -32.36 56.49
N ASN J 44 -9.98 -31.20 56.21
CA ASN J 44 -11.45 -31.07 56.07
C ASN J 44 -11.97 -31.70 54.77
N LEU J 45 -11.12 -31.66 53.72
CA LEU J 45 -11.44 -32.27 52.46
C LEU J 45 -11.26 -33.78 52.62
N ALA J 46 -10.14 -34.23 53.24
CA ALA J 46 -9.88 -35.63 53.48
C ALA J 46 -10.97 -36.26 54.34
N ALA J 47 -11.48 -35.53 55.35
CA ALA J 47 -12.54 -36.03 56.22
C ALA J 47 -13.82 -36.24 55.43
N ALA J 48 -14.15 -35.31 54.52
CA ALA J 48 -15.34 -35.41 53.68
C ALA J 48 -15.20 -36.56 52.69
N TYR J 49 -14.00 -36.79 52.13
CA TYR J 49 -13.81 -37.92 51.20
C TYR J 49 -13.88 -39.25 51.90
N SER J 50 -13.37 -39.33 53.14
CA SER J 50 -13.45 -40.54 53.97
C SER J 50 -14.92 -40.86 54.27
N SER J 51 -15.71 -39.82 54.57
CA SER J 51 -17.14 -39.92 54.83
C SER J 51 -17.87 -40.44 53.58
N ILE J 52 -17.43 -40.05 52.38
CA ILE J 52 -18.03 -40.48 51.10
C ILE J 52 -17.75 -41.97 50.90
N LEU J 53 -16.51 -42.42 51.15
CA LEU J 53 -16.14 -43.83 51.04
C LEU J 53 -17.02 -44.71 51.93
N SER J 54 -17.26 -44.29 53.18
CA SER J 54 -18.10 -45.02 54.11
C SER J 54 -19.55 -45.04 53.66
N SER J 55 -20.08 -43.88 53.20
CA SER J 55 -21.46 -43.74 52.72
C SER J 55 -21.74 -44.53 51.43
N LEU J 56 -20.70 -44.85 50.66
CA LEU J 56 -20.88 -45.67 49.45
C LEU J 56 -20.90 -47.20 49.75
N GLY J 57 -20.72 -47.57 51.01
CA GLY J 57 -20.67 -48.97 51.42
C GLY J 57 -19.27 -49.56 51.32
N GLU J 58 -18.25 -48.72 51.10
CA GLU J 58 -16.88 -49.20 50.98
C GLU J 58 -16.14 -49.25 52.32
N ASN J 59 -15.02 -49.98 52.35
CA ASN J 59 -14.20 -50.13 53.54
C ASN J 59 -13.01 -49.18 53.42
N PRO J 60 -13.05 -48.04 54.13
CA PRO J 60 -11.93 -47.08 54.04
C PRO J 60 -10.59 -47.58 54.59
N GLN J 61 -10.61 -48.75 55.24
CA GLN J 61 -9.40 -49.33 55.82
C GLN J 61 -8.70 -50.34 54.90
N ARG J 62 -9.31 -50.73 53.76
CA ARG J 62 -8.66 -51.66 52.85
C ARG J 62 -7.50 -51.00 52.12
N GLN J 63 -6.46 -51.80 51.75
CA GLN J 63 -5.24 -51.29 51.10
C GLN J 63 -5.47 -50.22 50.03
N GLY J 64 -6.38 -50.48 49.08
CA GLY J 64 -6.65 -49.56 48.00
C GLY J 64 -7.28 -48.24 48.39
N LEU J 65 -7.98 -48.19 49.54
CA LEU J 65 -8.62 -46.96 49.98
C LEU J 65 -7.96 -46.27 51.18
N LEU J 66 -6.84 -46.79 51.70
CA LEU J 66 -6.19 -46.19 52.87
C LEU J 66 -5.76 -44.72 52.69
N LYS J 67 -5.07 -44.40 51.58
CA LYS J 67 -4.61 -43.04 51.35
C LYS J 67 -5.57 -42.21 50.46
N THR J 68 -6.69 -42.81 49.98
CA THR J 68 -7.65 -42.17 49.09
C THR J 68 -8.22 -40.86 49.62
N PRO J 69 -8.66 -40.70 50.90
CA PRO J 69 -9.17 -39.39 51.33
C PRO J 69 -8.18 -38.25 51.09
N TRP J 70 -6.88 -38.52 51.28
CA TRP J 70 -5.84 -37.52 51.08
C TRP J 70 -5.50 -37.31 49.61
N ARG J 71 -5.37 -38.40 48.81
CA ARG J 71 -5.07 -38.28 47.38
C ARG J 71 -6.22 -37.62 46.63
N ALA J 72 -7.48 -37.90 47.02
CA ALA J 72 -8.66 -37.31 46.40
C ALA J 72 -8.74 -35.84 46.74
N ALA J 73 -8.45 -35.47 48.00
CA ALA J 73 -8.45 -34.08 48.46
C ALA J 73 -7.38 -33.26 47.73
N SER J 74 -6.16 -33.81 47.59
CA SER J 74 -5.05 -33.14 46.90
C SER J 74 -5.38 -32.97 45.43
N ALA J 75 -6.01 -33.98 44.80
CA ALA J 75 -6.41 -33.90 43.40
C ALA J 75 -7.47 -32.81 43.24
N MET J 76 -8.48 -32.73 44.14
CA MET J 76 -9.51 -31.69 44.05
C MET J 76 -8.95 -30.27 44.27
N GLN J 77 -7.92 -30.15 45.12
CA GLN J 77 -7.26 -28.86 45.31
C GLN J 77 -6.47 -28.47 44.07
N PHE J 78 -5.87 -29.44 43.36
CA PHE J 78 -5.13 -29.16 42.14
C PHE J 78 -6.13 -28.77 41.04
N PHE J 79 -7.28 -29.48 40.94
CA PHE J 79 -8.32 -29.19 39.97
C PHE J 79 -8.94 -27.82 40.17
N THR J 80 -8.86 -27.25 41.35
CA THR J 80 -9.42 -25.93 41.66
C THR J 80 -8.31 -24.89 41.98
N LYS J 81 -7.07 -25.12 41.54
CA LYS J 81 -5.96 -24.20 41.82
C LYS J 81 -6.07 -22.83 41.12
N GLY J 82 -6.95 -22.70 40.14
CA GLY J 82 -7.12 -21.46 39.40
C GLY J 82 -7.69 -20.32 40.22
N TYR J 83 -8.38 -20.65 41.30
CA TYR J 83 -8.96 -19.66 42.19
C TYR J 83 -7.87 -18.82 42.86
N GLN J 84 -6.71 -19.43 43.16
CA GLN J 84 -5.60 -18.73 43.80
C GLN J 84 -4.68 -17.97 42.82
N GLU J 85 -5.06 -17.87 41.55
CA GLU J 85 -4.24 -17.21 40.55
C GLU J 85 -4.75 -15.86 40.10
N THR J 86 -3.81 -14.93 39.83
CA THR J 86 -4.11 -13.57 39.36
C THR J 86 -3.51 -13.38 37.96
N ILE J 87 -4.23 -12.69 37.06
CA ILE J 87 -3.77 -12.42 35.70
C ILE J 87 -2.38 -11.76 35.66
N SER J 88 -2.13 -10.77 36.53
CA SER J 88 -0.84 -10.08 36.55
C SER J 88 0.36 -10.99 36.83
N ASP J 89 0.21 -11.95 37.74
CA ASP J 89 1.32 -12.87 38.06
C ASP J 89 1.56 -13.86 36.92
N VAL J 90 0.47 -14.31 36.29
CA VAL J 90 0.48 -15.24 35.19
C VAL J 90 1.17 -14.64 33.93
N LEU J 91 0.90 -13.35 33.62
CA LEU J 91 1.49 -12.66 32.45
C LEU J 91 3.00 -12.48 32.54
N ASN J 92 3.54 -12.22 33.74
CA ASN J 92 4.98 -12.03 33.95
C ASN J 92 5.63 -10.97 33.02
N ASP J 93 4.91 -9.89 32.73
CA ASP J 93 5.32 -8.81 31.82
C ASP J 93 5.67 -9.32 30.42
N ALA J 94 5.05 -10.42 29.96
CA ALA J 94 5.34 -10.95 28.63
C ALA J 94 4.52 -10.28 27.54
N ILE J 95 4.71 -8.98 27.37
CA ILE J 95 4.07 -8.19 26.33
C ILE J 95 5.20 -7.54 25.54
N PHE J 96 5.33 -7.90 24.26
CA PHE J 96 6.44 -7.47 23.40
C PHE J 96 5.98 -6.51 22.32
N ASP J 97 6.82 -5.55 21.95
CA ASP J 97 6.49 -4.57 20.91
C ASP J 97 7.00 -5.09 19.58
N GLU J 98 6.14 -5.78 18.82
CA GLU J 98 6.56 -6.35 17.55
C GLU J 98 5.93 -5.68 16.32
N ASP J 99 5.28 -4.50 16.49
CA ASP J 99 4.64 -3.77 15.38
C ASP J 99 3.69 -4.67 14.59
N HIS J 100 2.95 -5.51 15.32
CA HIS J 100 2.07 -6.49 14.71
C HIS J 100 0.62 -6.09 14.84
N ASP J 101 -0.09 -6.06 13.73
CA ASP J 101 -1.51 -5.76 13.75
C ASP J 101 -2.35 -6.87 13.09
N GLU J 102 -1.78 -8.09 12.97
CA GLU J 102 -2.46 -9.20 12.34
C GLU J 102 -2.74 -10.34 13.28
N MET J 103 -3.76 -11.14 12.94
CA MET J 103 -4.24 -12.22 13.77
C MET J 103 -3.18 -13.24 14.21
N VAL J 104 -3.08 -13.43 15.54
CA VAL J 104 -2.23 -14.46 16.14
C VAL J 104 -3.19 -15.50 16.70
N ILE J 105 -2.98 -16.77 16.41
CA ILE J 105 -3.85 -17.84 16.91
C ILE J 105 -3.02 -18.86 17.66
N VAL J 106 -3.49 -19.31 18.83
CA VAL J 106 -2.90 -20.44 19.54
C VAL J 106 -4.08 -21.42 19.68
N LYS J 107 -4.05 -22.47 18.87
CA LYS J 107 -5.11 -23.47 18.85
C LYS J 107 -4.69 -24.80 19.45
N ASP J 108 -5.66 -25.67 19.75
CA ASP J 108 -5.47 -27.00 20.32
C ASP J 108 -4.84 -26.96 21.68
N ILE J 109 -5.24 -26.01 22.52
CA ILE J 109 -4.74 -25.94 23.89
C ILE J 109 -5.57 -26.96 24.69
N ASP J 110 -4.94 -28.03 25.21
CA ASP J 110 -5.65 -29.02 26.00
C ASP J 110 -6.17 -28.41 27.26
N MET J 111 -7.44 -28.59 27.53
CA MET J 111 -8.12 -27.96 28.66
C MET J 111 -8.82 -29.07 29.47
N PHE J 112 -8.68 -29.00 30.79
CA PHE J 112 -9.28 -29.95 31.71
C PHE J 112 -9.97 -29.14 32.78
N SER J 113 -11.30 -29.22 32.85
CA SER J 113 -12.07 -28.48 33.83
C SER J 113 -12.98 -29.42 34.66
N MET J 114 -13.74 -28.87 35.59
CA MET J 114 -14.60 -29.65 36.45
C MET J 114 -16.01 -29.10 36.37
N CYS J 115 -16.98 -29.96 36.04
CA CYS J 115 -18.38 -29.57 35.99
C CYS J 115 -18.85 -29.15 37.40
N GLU J 116 -19.36 -27.91 37.55
CA GLU J 116 -19.81 -27.45 38.85
C GLU J 116 -21.11 -28.08 39.29
N HIS J 117 -21.86 -28.72 38.40
CA HIS J 117 -23.15 -29.33 38.73
C HIS J 117 -23.01 -30.75 39.28
N HIS J 118 -22.05 -31.54 38.79
CA HIS J 118 -21.88 -32.91 39.25
C HIS J 118 -20.51 -33.23 39.85
N LEU J 119 -19.54 -32.30 39.73
CA LEU J 119 -18.16 -32.47 40.20
C LEU J 119 -17.44 -33.63 39.49
N VAL J 120 -17.66 -33.72 38.19
CA VAL J 120 -17.08 -34.70 37.28
C VAL J 120 -16.36 -33.88 36.17
N PRO J 121 -15.22 -34.34 35.64
CA PRO J 121 -14.50 -33.52 34.64
C PRO J 121 -15.21 -33.28 33.31
N PHE J 122 -14.85 -32.18 32.67
CA PHE J 122 -15.22 -31.87 31.29
C PHE J 122 -13.91 -31.42 30.64
N VAL J 123 -13.52 -32.11 29.58
CA VAL J 123 -12.22 -31.91 28.99
C VAL J 123 -12.31 -31.66 27.50
N GLY J 124 -11.35 -30.91 26.97
CA GLY J 124 -11.35 -30.60 25.55
C GLY J 124 -10.20 -29.76 25.11
N LYS J 125 -10.48 -28.88 24.15
CA LYS J 125 -9.50 -28.00 23.52
C LYS J 125 -10.02 -26.57 23.52
N VAL J 126 -9.10 -25.61 23.63
CA VAL J 126 -9.39 -24.19 23.55
C VAL J 126 -8.59 -23.62 22.37
N HIS J 127 -9.24 -22.79 21.56
CA HIS J 127 -8.61 -22.16 20.41
C HIS J 127 -8.79 -20.67 20.62
N ILE J 128 -7.67 -19.94 20.67
CA ILE J 128 -7.70 -18.51 20.91
C ILE J 128 -7.11 -17.75 19.74
N GLY J 129 -7.72 -16.65 19.39
CA GLY J 129 -7.25 -15.76 18.35
C GLY J 129 -7.37 -14.32 18.84
N TYR J 130 -6.48 -13.43 18.38
CA TYR J 130 -6.55 -12.01 18.73
C TYR J 130 -5.86 -11.16 17.67
N LEU J 131 -6.33 -9.92 17.52
CA LEU J 131 -5.76 -8.95 16.61
C LEU J 131 -4.99 -8.01 17.51
N PRO J 132 -3.65 -8.04 17.49
CA PRO J 132 -2.89 -7.16 18.39
C PRO J 132 -3.01 -5.71 18.04
N ASN J 133 -2.74 -4.85 19.02
CA ASN J 133 -2.72 -3.42 18.80
C ASN J 133 -1.24 -2.99 18.92
N LYS J 134 -0.40 -3.45 17.94
CA LYS J 134 1.07 -3.28 17.83
C LYS J 134 1.81 -4.25 18.78
N GLN J 135 1.39 -4.29 20.07
CA GLN J 135 1.94 -5.17 21.11
C GLN J 135 1.35 -6.59 21.08
N VAL J 136 2.23 -7.55 21.13
CA VAL J 136 1.94 -8.96 21.14
C VAL J 136 2.16 -9.54 22.55
N LEU J 137 1.38 -10.53 22.93
CA LEU J 137 1.50 -11.25 24.21
C LEU J 137 2.38 -12.53 23.99
N GLY J 138 3.04 -13.00 25.04
CA GLY J 138 3.84 -14.21 25.00
C GLY J 138 2.89 -15.36 24.74
N LEU J 139 3.18 -16.19 23.71
CA LEU J 139 2.28 -17.27 23.32
C LEU J 139 1.80 -18.15 24.47
N SER J 140 2.70 -18.54 25.36
CA SER J 140 2.34 -19.42 26.48
C SER J 140 1.38 -18.79 27.45
N LYS J 141 1.36 -17.45 27.54
CA LYS J 141 0.44 -16.77 28.47
C LYS J 141 -1.03 -16.96 28.11
N LEU J 142 -1.35 -17.24 26.83
CA LEU J 142 -2.71 -17.53 26.42
C LEU J 142 -3.13 -18.86 27.04
N ALA J 143 -2.23 -19.88 27.02
CA ALA J 143 -2.51 -21.18 27.64
C ALA J 143 -2.56 -21.05 29.16
N ARG J 144 -1.76 -20.17 29.75
CA ARG J 144 -1.75 -19.94 31.19
C ARG J 144 -3.04 -19.23 31.65
N ILE J 145 -3.63 -18.38 30.80
CA ILE J 145 -4.93 -17.73 31.08
C ILE J 145 -6.03 -18.80 31.05
N VAL J 146 -5.94 -19.79 30.12
CA VAL J 146 -6.86 -20.92 30.06
C VAL J 146 -6.83 -21.68 31.38
N GLU J 147 -5.62 -21.91 31.92
CA GLU J 147 -5.40 -22.60 33.20
C GLU J 147 -5.96 -21.87 34.42
N ILE J 148 -6.04 -20.53 34.40
CA ILE J 148 -6.60 -19.79 35.53
C ILE J 148 -8.08 -20.13 35.68
N TYR J 149 -8.81 -20.14 34.57
CA TYR J 149 -10.24 -20.34 34.61
C TYR J 149 -10.68 -21.79 34.48
N SER J 150 -9.91 -22.66 33.78
CA SER J 150 -10.31 -24.05 33.64
C SER J 150 -10.11 -24.83 34.94
N ARG J 151 -9.11 -24.45 35.76
CA ARG J 151 -8.88 -25.10 37.03
C ARG J 151 -9.78 -24.49 38.12
N ARG J 152 -11.09 -24.63 37.91
CA ARG J 152 -12.15 -24.14 38.80
C ARG J 152 -13.38 -25.01 38.60
N LEU J 153 -14.40 -24.84 39.44
CA LEU J 153 -15.67 -25.52 39.23
C LEU J 153 -16.36 -24.62 38.21
N GLN J 154 -16.64 -25.16 37.03
CA GLN J 154 -17.10 -24.37 35.92
C GLN J 154 -18.39 -24.81 35.22
N VAL J 155 -18.82 -23.94 34.33
CA VAL J 155 -19.82 -24.10 33.30
C VAL J 155 -19.03 -23.61 32.02
N GLN J 156 -19.04 -24.41 30.95
CA GLN J 156 -18.28 -24.15 29.73
C GLN J 156 -18.50 -22.75 29.15
N GLU J 157 -19.73 -22.25 29.20
CA GLU J 157 -20.07 -20.95 28.67
C GLU J 157 -19.35 -19.85 29.44
N ARG J 158 -19.28 -20.00 30.78
CA ARG J 158 -18.61 -19.03 31.64
C ARG J 158 -17.11 -19.07 31.42
N LEU J 159 -16.53 -20.30 31.36
CA LEU J 159 -15.11 -20.52 31.13
C LEU J 159 -14.66 -19.83 29.83
N THR J 160 -15.43 -19.97 28.76
CA THR J 160 -15.14 -19.38 27.45
C THR J 160 -15.09 -17.85 27.54
N LYS J 161 -16.10 -17.23 28.20
CA LYS J 161 -16.20 -15.78 28.35
C LYS J 161 -15.04 -15.23 29.19
N GLN J 162 -14.72 -15.91 30.30
CA GLN J 162 -13.65 -15.48 31.20
C GLN J 162 -12.32 -15.42 30.51
N ILE J 163 -11.98 -16.43 29.68
CA ILE J 163 -10.74 -16.42 28.94
C ILE J 163 -10.66 -15.20 27.99
N ALA J 164 -11.72 -14.96 27.22
CA ALA J 164 -11.75 -13.84 26.28
C ALA J 164 -11.64 -12.49 26.98
N VAL J 165 -12.33 -12.32 28.12
CA VAL J 165 -12.32 -11.08 28.89
C VAL J 165 -10.95 -10.85 29.54
N ALA J 166 -10.30 -11.92 30.03
CA ALA J 166 -8.97 -11.80 30.63
C ALA J 166 -7.95 -11.31 29.58
N ILE J 167 -8.02 -11.82 28.36
CA ILE J 167 -7.10 -11.41 27.29
C ILE J 167 -7.34 -9.95 26.92
N THR J 168 -8.60 -9.54 26.83
CA THR J 168 -8.98 -8.17 26.49
C THR J 168 -8.48 -7.20 27.54
N GLU J 169 -8.59 -7.58 28.81
CA GLU J 169 -8.16 -6.72 29.90
C GLU J 169 -6.64 -6.66 30.02
N ALA J 170 -5.94 -7.76 29.78
CA ALA J 170 -4.48 -7.80 29.89
C ALA J 170 -3.75 -7.08 28.74
N LEU J 171 -4.34 -7.06 27.56
CA LEU J 171 -3.66 -6.55 26.37
C LEU J 171 -4.31 -5.36 25.71
N ARG J 172 -5.63 -5.24 25.85
CA ARG J 172 -6.44 -4.24 25.13
C ARG J 172 -6.20 -4.32 23.61
N PRO J 173 -6.42 -5.51 23.01
CA PRO J 173 -6.20 -5.64 21.55
C PRO J 173 -7.43 -5.18 20.76
N ALA J 174 -7.34 -5.18 19.41
CA ALA J 174 -8.47 -4.77 18.59
C ALA J 174 -9.68 -5.74 18.75
N GLY J 175 -9.39 -7.01 19.00
CA GLY J 175 -10.40 -8.03 19.21
C GLY J 175 -9.82 -9.33 19.72
N VAL J 176 -10.69 -10.20 20.29
CA VAL J 176 -10.35 -11.52 20.80
C VAL J 176 -11.44 -12.51 20.38
N GLY J 177 -11.04 -13.74 20.08
CA GLY J 177 -11.98 -14.81 19.77
C GLY J 177 -11.54 -16.03 20.53
N VAL J 178 -12.46 -16.68 21.24
CA VAL J 178 -12.15 -17.91 22.00
C VAL J 178 -13.19 -18.98 21.68
N VAL J 179 -12.75 -20.17 21.30
CA VAL J 179 -13.65 -21.27 21.00
C VAL J 179 -13.25 -22.43 21.91
N VAL J 180 -14.19 -23.04 22.63
CA VAL J 180 -13.92 -24.19 23.47
C VAL J 180 -14.75 -25.38 22.94
N GLU J 181 -14.13 -26.54 22.75
CA GLU J 181 -14.82 -27.76 22.33
C GLU J 181 -14.53 -28.80 23.38
N ALA J 182 -15.56 -29.35 24.03
CA ALA J 182 -15.33 -30.25 25.16
C ALA J 182 -16.32 -31.42 25.26
N THR J 183 -15.86 -32.49 25.91
CA THR J 183 -16.61 -33.68 26.24
C THR J 183 -16.91 -33.55 27.72
N HIS J 184 -18.20 -33.63 28.06
CA HIS J 184 -18.59 -33.58 29.44
C HIS J 184 -18.78 -35.03 29.86
N MET J 185 -18.02 -35.50 30.85
CA MET J 185 -18.16 -36.88 31.31
C MET J 185 -19.52 -37.14 31.94
N CYS J 186 -20.18 -36.10 32.48
CA CYS J 186 -21.56 -36.18 32.99
C CYS J 186 -22.55 -36.60 31.93
N MET J 187 -22.21 -36.38 30.66
CA MET J 187 -23.08 -36.75 29.55
C MET J 187 -22.68 -38.06 28.90
N VAL J 188 -21.48 -38.64 29.19
CA VAL J 188 -21.08 -39.91 28.54
C VAL J 188 -21.12 -41.05 29.53
N MET J 189 -20.65 -40.85 30.80
CA MET J 189 -20.62 -41.97 31.73
C MET J 189 -21.81 -42.04 32.67
N ARG J 190 -22.80 -41.17 32.51
CA ARG J 190 -23.99 -41.10 33.34
C ARG J 190 -25.07 -40.24 32.63
N GLY J 191 -26.25 -40.10 33.25
CA GLY J 191 -27.34 -39.28 32.74
C GLY J 191 -27.83 -39.70 31.38
N VAL J 192 -27.67 -38.82 30.37
CA VAL J 192 -28.10 -39.14 29.02
C VAL J 192 -27.26 -40.22 28.37
N GLN J 193 -26.00 -40.41 28.82
CA GLN J 193 -25.09 -41.42 28.27
C GLN J 193 -25.00 -41.37 26.76
N LYS J 194 -24.71 -40.18 26.21
CA LYS J 194 -24.45 -39.91 24.81
C LYS J 194 -22.93 -39.89 24.67
N MET J 195 -22.45 -40.97 24.13
CA MET J 195 -21.07 -41.34 23.87
C MET J 195 -20.22 -40.28 23.14
N ASN J 196 -20.68 -39.81 22.00
CA ASN J 196 -19.93 -38.94 21.14
C ASN J 196 -20.32 -37.48 21.21
N SER J 197 -21.22 -37.07 22.10
CA SER J 197 -21.65 -35.67 22.18
C SER J 197 -20.48 -34.75 22.60
N LYS J 198 -20.39 -33.61 21.91
CA LYS J 198 -19.34 -32.61 22.12
C LYS J 198 -20.04 -31.24 22.23
N THR J 199 -19.62 -30.40 23.18
CA THR J 199 -20.17 -29.07 23.35
C THR J 199 -19.19 -28.04 22.77
N VAL J 200 -19.66 -27.15 21.92
CA VAL J 200 -18.82 -26.12 21.32
C VAL J 200 -19.37 -24.77 21.75
N THR J 201 -18.52 -23.96 22.46
CA THR J 201 -18.90 -22.61 22.87
C THR J 201 -17.91 -21.60 22.30
N SER J 202 -18.32 -20.33 22.18
CA SER J 202 -17.44 -19.28 21.67
C SER J 202 -17.71 -17.93 22.31
N THR J 203 -16.69 -17.07 22.37
CA THR J 203 -16.80 -15.68 22.84
C THR J 203 -15.97 -14.80 21.92
N MET J 204 -16.63 -13.84 21.26
CA MET J 204 -15.99 -12.93 20.33
C MET J 204 -16.10 -11.51 20.85
N LEU J 205 -14.96 -10.86 21.02
CA LEU J 205 -14.91 -9.49 21.50
C LEU J 205 -14.25 -8.58 20.49
N GLY J 206 -14.60 -7.32 20.51
CA GLY J 206 -14.04 -6.33 19.61
C GLY J 206 -14.33 -6.63 18.17
N VAL J 207 -13.29 -6.57 17.32
CA VAL J 207 -13.35 -6.81 15.89
C VAL J 207 -13.83 -8.22 15.56
N PHE J 208 -13.57 -9.21 16.42
CA PHE J 208 -14.04 -10.57 16.19
C PHE J 208 -15.58 -10.64 16.26
N ARG J 209 -16.20 -9.77 17.06
CA ARG J 209 -17.63 -9.70 17.21
C ARG J 209 -18.24 -8.80 16.14
N GLU J 210 -17.66 -7.63 15.91
CA GLU J 210 -18.19 -6.63 14.97
C GLU J 210 -17.89 -6.87 13.49
N ASP J 211 -16.74 -7.47 13.14
CA ASP J 211 -16.38 -7.69 11.74
C ASP J 211 -16.55 -9.15 11.36
N PRO J 212 -17.57 -9.46 10.55
CA PRO J 212 -17.80 -10.85 10.16
C PRO J 212 -16.64 -11.52 9.41
N LYS J 213 -15.93 -10.76 8.56
CA LYS J 213 -14.79 -11.31 7.81
C LYS J 213 -13.65 -11.76 8.74
N THR J 214 -13.40 -11.01 9.83
CA THR J 214 -12.37 -11.37 10.81
C THR J 214 -12.76 -12.67 11.53
N ARG J 215 -14.02 -12.75 11.93
CA ARG J 215 -14.63 -13.88 12.61
C ARG J 215 -14.56 -15.17 11.76
N GLU J 216 -14.90 -15.07 10.45
CA GLU J 216 -14.87 -16.21 9.53
C GLU J 216 -13.42 -16.70 9.37
N GLU J 217 -12.48 -15.79 9.23
CA GLU J 217 -11.07 -16.14 9.05
C GLU J 217 -10.54 -16.92 10.23
N PHE J 218 -10.88 -16.46 11.45
CA PHE J 218 -10.48 -17.11 12.69
C PHE J 218 -11.07 -18.54 12.74
N LEU J 219 -12.36 -18.68 12.44
CA LEU J 219 -13.02 -19.98 12.48
C LEU J 219 -12.46 -20.98 11.48
N THR J 220 -12.00 -20.52 10.31
CA THR J 220 -11.40 -21.43 9.32
C THR J 220 -9.98 -21.79 9.71
N LEU J 221 -9.21 -20.84 10.26
CA LEU J 221 -7.84 -21.09 10.65
C LEU J 221 -7.70 -22.03 11.85
N ILE J 222 -8.78 -22.22 12.65
CA ILE J 222 -8.72 -23.11 13.82
C ILE J 222 -9.19 -24.53 13.46
N ARG K 33 -3.54 -63.77 -31.27
CA ARG K 33 -4.27 -62.80 -32.07
C ARG K 33 -3.31 -61.82 -32.77
N SER K 34 -3.74 -61.24 -33.90
CA SER K 34 -2.88 -60.32 -34.66
C SER K 34 -3.61 -58.99 -34.99
N GLU K 35 -2.86 -57.96 -35.47
CA GLU K 35 -3.47 -56.70 -35.86
C GLU K 35 -4.35 -56.85 -37.11
N GLU K 36 -4.02 -57.83 -37.99
CA GLU K 36 -4.83 -58.11 -39.16
C GLU K 36 -6.17 -58.69 -38.69
N ASP K 37 -6.15 -59.58 -37.67
CA ASP K 37 -7.36 -60.16 -37.09
C ASP K 37 -8.26 -59.07 -36.52
N ASN K 38 -7.66 -58.02 -35.92
CA ASN K 38 -8.41 -56.92 -35.34
C ASN K 38 -9.10 -56.06 -36.39
N GLU K 39 -8.42 -55.79 -37.52
CA GLU K 39 -8.99 -55.00 -38.62
C GLU K 39 -10.15 -55.73 -39.26
N LEU K 40 -9.98 -57.05 -39.47
CA LEU K 40 -10.96 -57.92 -40.13
C LEU K 40 -12.22 -58.12 -39.29
N ASN K 41 -12.06 -58.26 -37.97
CA ASN K 41 -13.18 -58.50 -37.06
C ASN K 41 -13.83 -57.24 -36.53
N LEU K 42 -13.25 -56.05 -36.76
CA LEU K 42 -13.86 -54.81 -36.27
C LEU K 42 -15.26 -54.55 -36.83
N PRO K 43 -15.51 -54.65 -38.16
CA PRO K 43 -16.88 -54.43 -38.66
C PRO K 43 -17.94 -55.45 -38.17
N ASN K 44 -17.51 -56.68 -37.88
CA ASN K 44 -18.40 -57.73 -37.33
C ASN K 44 -18.73 -57.44 -35.88
N LEU K 45 -17.77 -56.87 -35.12
CA LEU K 45 -18.00 -56.48 -33.74
C LEU K 45 -18.95 -55.29 -33.73
N ALA K 46 -18.71 -54.29 -34.58
CA ALA K 46 -19.57 -53.12 -34.69
C ALA K 46 -20.99 -53.50 -35.08
N ALA K 47 -21.16 -54.49 -35.97
CA ALA K 47 -22.49 -54.97 -36.38
C ALA K 47 -23.21 -55.61 -35.21
N ALA K 48 -22.49 -56.40 -34.41
CA ALA K 48 -23.10 -57.04 -33.25
C ALA K 48 -23.48 -56.00 -32.18
N TYR K 49 -22.66 -54.96 -31.99
CA TYR K 49 -23.00 -53.90 -31.02
C TYR K 49 -24.19 -53.07 -31.47
N SER K 50 -24.31 -52.83 -32.79
CA SER K 50 -25.44 -52.11 -33.37
C SER K 50 -26.73 -52.93 -33.17
N SER K 51 -26.64 -54.25 -33.35
CA SER K 51 -27.73 -55.19 -33.15
C SER K 51 -28.19 -55.18 -31.67
N ILE K 52 -27.24 -55.01 -30.73
CA ILE K 52 -27.51 -54.97 -29.29
C ILE K 52 -28.28 -53.70 -28.98
N LEU K 53 -27.85 -52.55 -29.54
CA LEU K 53 -28.51 -51.26 -29.33
C LEU K 53 -29.97 -51.31 -29.75
N SER K 54 -30.25 -51.94 -30.92
CA SER K 54 -31.61 -52.09 -31.42
C SER K 54 -32.43 -53.03 -30.53
N SER K 55 -31.84 -54.16 -30.09
CA SER K 55 -32.52 -55.12 -29.22
C SER K 55 -32.80 -54.58 -27.81
N LEU K 56 -32.10 -53.54 -27.38
CA LEU K 56 -32.37 -52.92 -26.07
C LEU K 56 -33.49 -51.87 -26.13
N GLY K 57 -34.06 -51.63 -27.32
CA GLY K 57 -35.10 -50.63 -27.54
C GLY K 57 -34.54 -49.24 -27.78
N GLU K 58 -33.22 -49.13 -28.03
CA GLU K 58 -32.60 -47.84 -28.28
C GLU K 58 -32.57 -47.46 -29.75
N ASN K 59 -32.35 -46.17 -30.04
CA ASN K 59 -32.28 -45.67 -31.40
C ASN K 59 -30.81 -45.55 -31.80
N PRO K 60 -30.29 -46.49 -32.61
CA PRO K 60 -28.86 -46.41 -33.01
C PRO K 60 -28.49 -45.22 -33.88
N GLN K 61 -29.50 -44.47 -34.35
CA GLN K 61 -29.28 -43.31 -35.20
C GLN K 61 -29.22 -41.98 -34.42
N ARG K 62 -29.54 -41.97 -33.11
CA ARG K 62 -29.46 -40.73 -32.34
C ARG K 62 -28.01 -40.29 -32.12
N GLN K 63 -27.77 -38.97 -32.01
CA GLN K 63 -26.42 -38.41 -31.90
C GLN K 63 -25.47 -39.17 -30.95
N GLY K 64 -25.93 -39.46 -29.74
CA GLY K 64 -25.14 -40.16 -28.74
C GLY K 64 -24.79 -41.59 -29.06
N LEU K 65 -25.58 -42.26 -29.90
CA LEU K 65 -25.32 -43.65 -30.27
C LEU K 65 -24.69 -43.88 -31.65
N LEU K 66 -24.58 -42.83 -32.49
CA LEU K 66 -24.07 -42.97 -33.86
C LEU K 66 -22.72 -43.69 -34.01
N LYS K 67 -21.73 -43.31 -33.20
CA LYS K 67 -20.41 -43.93 -33.28
C LYS K 67 -20.20 -45.08 -32.28
N THR K 68 -21.21 -45.35 -31.40
CA THR K 68 -21.14 -46.36 -30.36
C THR K 68 -20.78 -47.77 -30.87
N PRO K 69 -21.36 -48.34 -31.95
CA PRO K 69 -20.96 -49.68 -32.37
C PRO K 69 -19.43 -49.81 -32.61
N TRP K 70 -18.81 -48.73 -33.12
CA TRP K 70 -17.39 -48.69 -33.40
C TRP K 70 -16.56 -48.46 -32.15
N ARG K 71 -16.96 -47.49 -31.30
CA ARG K 71 -16.23 -47.20 -30.05
C ARG K 71 -16.31 -48.38 -29.08
N ALA K 72 -17.46 -49.06 -29.02
CA ALA K 72 -17.65 -50.22 -28.15
C ALA K 72 -16.82 -51.38 -28.64
N ALA K 73 -16.79 -51.60 -29.97
CA ALA K 73 -16.00 -52.67 -30.57
C ALA K 73 -14.50 -52.46 -30.30
N SER K 74 -13.99 -51.22 -30.52
CA SER K 74 -12.59 -50.89 -30.31
C SER K 74 -12.22 -51.06 -28.85
N ALA K 75 -13.14 -50.65 -27.92
CA ALA K 75 -12.92 -50.79 -26.49
C ALA K 75 -12.81 -52.28 -26.15
N MET K 76 -13.68 -53.14 -26.68
CA MET K 76 -13.65 -54.58 -26.42
C MET K 76 -12.39 -55.26 -26.95
N GLN K 77 -11.86 -54.80 -28.10
CA GLN K 77 -10.60 -55.33 -28.62
C GLN K 77 -9.44 -54.89 -27.72
N PHE K 78 -9.50 -53.65 -27.16
CA PHE K 78 -8.46 -53.20 -26.24
C PHE K 78 -8.53 -54.02 -24.95
N PHE K 79 -9.74 -54.27 -24.43
CA PHE K 79 -9.93 -55.06 -23.22
C PHE K 79 -9.45 -56.51 -23.41
N THR K 80 -9.38 -57.01 -24.64
CA THR K 80 -8.94 -58.38 -24.90
C THR K 80 -7.59 -58.42 -25.67
N LYS K 81 -6.79 -57.35 -25.59
CA LYS K 81 -5.50 -57.29 -26.28
C LYS K 81 -4.42 -58.25 -25.76
N GLY K 82 -4.63 -58.85 -24.60
CA GLY K 82 -3.68 -59.78 -24.00
C GLY K 82 -3.55 -61.08 -24.75
N TYR K 83 -4.58 -61.47 -25.52
CA TYR K 83 -4.55 -62.68 -26.33
C TYR K 83 -3.46 -62.61 -27.39
N GLN K 84 -3.18 -61.39 -27.92
CA GLN K 84 -2.16 -61.21 -28.96
C GLN K 84 -0.73 -61.01 -28.41
N GLU K 85 -0.54 -61.20 -27.10
CA GLU K 85 0.77 -61.00 -26.49
C GLU K 85 1.45 -62.27 -26.06
N THR K 86 2.76 -62.29 -26.18
CA THR K 86 3.62 -63.41 -25.81
C THR K 86 4.62 -62.97 -24.74
N ILE K 87 4.87 -63.83 -23.76
CA ILE K 87 5.81 -63.54 -22.67
C ILE K 87 7.18 -63.10 -23.17
N SER K 88 7.72 -63.77 -24.19
CA SER K 88 9.04 -63.43 -24.75
C SER K 88 9.16 -62.00 -25.27
N ASP K 89 8.12 -61.50 -25.95
CA ASP K 89 8.12 -60.14 -26.49
C ASP K 89 8.02 -59.10 -25.37
N VAL K 90 7.18 -59.39 -24.38
CA VAL K 90 6.91 -58.57 -23.22
C VAL K 90 8.16 -58.39 -22.32
N LEU K 91 8.94 -59.48 -22.12
CA LEU K 91 10.14 -59.42 -21.29
C LEU K 91 11.23 -58.53 -21.83
N ASN K 92 11.42 -58.51 -23.16
CA ASN K 92 12.43 -57.70 -23.83
C ASN K 92 13.85 -57.91 -23.22
N ASP K 93 14.18 -59.17 -22.87
CA ASP K 93 15.45 -59.57 -22.28
C ASP K 93 15.82 -58.77 -21.02
N ALA K 94 14.81 -58.16 -20.33
CA ALA K 94 15.07 -57.38 -19.11
C ALA K 94 15.26 -58.26 -17.87
N ILE K 95 16.39 -59.00 -17.84
CA ILE K 95 16.81 -59.85 -16.72
C ILE K 95 18.24 -59.39 -16.34
N PHE K 96 18.43 -58.97 -15.10
CA PHE K 96 19.70 -58.40 -14.65
C PHE K 96 20.35 -59.30 -13.62
N ASP K 97 21.66 -59.43 -13.71
CA ASP K 97 22.44 -60.25 -12.81
C ASP K 97 22.89 -59.39 -11.62
N GLU K 98 22.12 -59.39 -10.53
CA GLU K 98 22.42 -58.55 -9.40
C GLU K 98 22.83 -59.31 -8.13
N ASP K 99 23.15 -60.62 -8.25
CA ASP K 99 23.56 -61.48 -7.12
C ASP K 99 22.55 -61.39 -5.95
N HIS K 100 21.27 -61.32 -6.28
CA HIS K 100 20.22 -61.14 -5.30
C HIS K 100 19.49 -62.44 -5.05
N ASP K 101 19.35 -62.84 -3.79
CA ASP K 101 18.61 -64.05 -3.43
C ASP K 101 17.47 -63.76 -2.44
N GLU K 102 17.04 -62.48 -2.35
CA GLU K 102 16.02 -62.08 -1.40
C GLU K 102 14.76 -61.58 -2.06
N MET K 103 13.64 -61.67 -1.34
CA MET K 103 12.30 -61.35 -1.83
C MET K 103 12.16 -59.99 -2.43
N VAL K 104 11.65 -59.93 -3.65
CA VAL K 104 11.36 -58.66 -4.32
C VAL K 104 9.84 -58.62 -4.45
N ILE K 105 9.23 -57.48 -4.07
CA ILE K 105 7.78 -57.35 -4.16
C ILE K 105 7.40 -56.16 -5.03
N VAL K 106 6.46 -56.34 -5.96
CA VAL K 106 5.85 -55.21 -6.66
C VAL K 106 4.35 -55.27 -6.30
N LYS K 107 3.91 -54.36 -5.45
CA LYS K 107 2.54 -54.37 -4.98
C LYS K 107 1.74 -53.20 -5.54
N ASP K 108 0.40 -53.27 -5.40
CA ASP K 108 -0.55 -52.27 -5.83
C ASP K 108 -0.52 -52.02 -7.32
N ILE K 109 -0.39 -53.08 -8.11
CA ILE K 109 -0.44 -52.95 -9.55
C ILE K 109 -1.93 -52.88 -9.92
N ASP K 110 -2.41 -51.75 -10.46
CA ASP K 110 -3.81 -51.65 -10.86
C ASP K 110 -4.11 -52.60 -11.98
N MET K 111 -5.16 -53.38 -11.82
CA MET K 111 -5.54 -54.45 -12.73
C MET K 111 -6.99 -54.23 -13.17
N PHE K 112 -7.24 -54.35 -14.47
CA PHE K 112 -8.56 -54.18 -15.05
C PHE K 112 -8.80 -55.37 -15.94
N SER K 113 -9.77 -56.21 -15.61
CA SER K 113 -10.07 -57.39 -16.40
C SER K 113 -11.56 -57.44 -16.77
N MET K 114 -11.99 -58.50 -17.47
CA MET K 114 -13.36 -58.65 -17.93
C MET K 114 -13.90 -59.99 -17.48
N CYS K 115 -15.03 -60.01 -16.77
CA CYS K 115 -15.67 -61.25 -16.34
C CYS K 115 -16.13 -62.05 -17.58
N GLU K 116 -15.68 -63.30 -17.72
CA GLU K 116 -16.06 -64.10 -18.87
C GLU K 116 -17.51 -64.62 -18.81
N HIS K 117 -18.17 -64.53 -17.64
CA HIS K 117 -19.54 -65.01 -17.51
C HIS K 117 -20.59 -63.96 -17.89
N HIS K 118 -20.31 -62.67 -17.66
CA HIS K 118 -21.27 -61.61 -17.98
C HIS K 118 -20.74 -60.53 -18.90
N LEU K 119 -19.44 -60.52 -19.18
CA LEU K 119 -18.78 -59.52 -20.01
C LEU K 119 -18.87 -58.11 -19.39
N VAL K 120 -18.71 -58.04 -18.08
CA VAL K 120 -18.68 -56.82 -17.26
C VAL K 120 -17.31 -56.77 -16.54
N PRO K 121 -16.70 -55.59 -16.38
CA PRO K 121 -15.36 -55.54 -15.74
C PRO K 121 -15.25 -56.03 -14.31
N PHE K 122 -14.06 -56.50 -13.95
CA PHE K 122 -13.67 -56.80 -12.58
C PHE K 122 -12.31 -56.14 -12.42
N VAL K 123 -12.21 -55.23 -11.46
CA VAL K 123 -11.04 -54.39 -11.32
C VAL K 123 -10.48 -54.46 -9.90
N GLY K 124 -9.18 -54.28 -9.79
CA GLY K 124 -8.53 -54.32 -8.48
C GLY K 124 -7.05 -54.11 -8.53
N LYS K 125 -6.34 -54.82 -7.64
CA LYS K 125 -4.91 -54.70 -7.50
C LYS K 125 -4.27 -56.09 -7.53
N VAL K 126 -3.02 -56.15 -8.04
CA VAL K 126 -2.23 -57.36 -8.05
C VAL K 126 -0.97 -57.08 -7.23
N HIS K 127 -0.60 -58.00 -6.34
CA HIS K 127 0.59 -57.91 -5.52
C HIS K 127 1.42 -59.12 -5.86
N ILE K 128 2.64 -58.89 -6.35
CA ILE K 128 3.51 -60.00 -6.75
C ILE K 128 4.78 -59.98 -5.91
N GLY K 129 5.22 -61.15 -5.51
CA GLY K 129 6.46 -61.33 -4.78
C GLY K 129 7.21 -62.50 -5.38
N TYR K 130 8.55 -62.46 -5.35
CA TYR K 130 9.34 -63.58 -5.84
C TYR K 130 10.69 -63.66 -5.17
N LEU K 131 11.27 -64.87 -5.15
CA LEU K 131 12.59 -65.05 -4.57
C LEU K 131 13.54 -65.28 -5.71
N PRO K 132 14.30 -64.25 -6.15
CA PRO K 132 15.22 -64.46 -7.26
C PRO K 132 16.26 -65.52 -6.99
N ASN K 133 16.73 -66.11 -8.07
CA ASN K 133 17.81 -67.08 -8.03
C ASN K 133 19.03 -66.40 -8.69
N LYS K 134 19.59 -65.39 -7.98
CA LYS K 134 20.70 -64.50 -8.37
C LYS K 134 20.24 -63.39 -9.34
N GLN K 135 19.48 -63.78 -10.38
CA GLN K 135 18.97 -62.84 -11.39
C GLN K 135 17.66 -62.14 -11.01
N VAL K 136 17.54 -60.85 -11.32
CA VAL K 136 16.32 -60.08 -11.07
C VAL K 136 15.61 -59.73 -12.38
N LEU K 137 14.28 -59.81 -12.41
CA LEU K 137 13.50 -59.42 -13.58
C LEU K 137 13.36 -57.86 -13.54
N GLY K 138 13.17 -57.21 -14.69
CA GLY K 138 12.88 -55.78 -14.74
C GLY K 138 11.53 -55.55 -14.07
N LEU K 139 11.48 -54.65 -13.08
CA LEU K 139 10.26 -54.38 -12.29
C LEU K 139 9.00 -54.19 -13.11
N SER K 140 9.07 -53.42 -14.20
CA SER K 140 7.88 -53.18 -15.03
C SER K 140 7.35 -54.42 -15.72
N LYS K 141 8.23 -55.41 -15.98
CA LYS K 141 7.82 -56.64 -16.66
C LYS K 141 6.84 -57.46 -15.83
N LEU K 142 6.82 -57.29 -14.49
CA LEU K 142 5.85 -57.94 -13.60
C LEU K 142 4.47 -57.37 -13.93
N ALA K 143 4.35 -56.04 -14.07
CA ALA K 143 3.11 -55.36 -14.42
C ALA K 143 2.69 -55.67 -15.84
N ARG K 144 3.67 -55.84 -16.76
CA ARG K 144 3.38 -56.21 -18.15
C ARG K 144 2.87 -57.64 -18.25
N ILE K 145 3.31 -58.53 -17.36
CA ILE K 145 2.81 -59.92 -17.33
C ILE K 145 1.36 -59.90 -16.82
N VAL K 146 1.03 -59.01 -15.85
CA VAL K 146 -0.33 -58.81 -15.34
C VAL K 146 -1.23 -58.41 -16.53
N GLU K 147 -0.75 -57.50 -17.39
CA GLU K 147 -1.48 -57.03 -18.56
C GLU K 147 -1.70 -58.07 -19.62
N ILE K 148 -0.82 -59.09 -19.74
CA ILE K 148 -1.03 -60.14 -20.72
C ILE K 148 -2.30 -60.93 -20.38
N TYR K 149 -2.45 -61.27 -19.11
CA TYR K 149 -3.55 -62.12 -18.68
C TYR K 149 -4.80 -61.37 -18.25
N SER K 150 -4.67 -60.15 -17.72
CA SER K 150 -5.85 -59.39 -17.29
C SER K 150 -6.64 -58.87 -18.51
N ARG K 151 -5.95 -58.56 -19.62
CA ARG K 151 -6.62 -58.06 -20.81
C ARG K 151 -7.15 -59.24 -21.63
N ARG K 152 -8.05 -60.03 -21.04
CA ARG K 152 -8.67 -61.21 -21.61
C ARG K 152 -10.03 -61.41 -20.92
N LEU K 153 -10.87 -62.33 -21.43
CA LEU K 153 -12.11 -62.69 -20.74
C LEU K 153 -11.63 -63.67 -19.70
N GLN K 154 -11.82 -63.33 -18.44
CA GLN K 154 -11.25 -64.07 -17.35
C GLN K 154 -12.17 -64.53 -16.24
N VAL K 155 -11.55 -65.32 -15.38
CA VAL K 155 -12.01 -65.80 -14.10
C VAL K 155 -10.78 -65.53 -13.17
N GLN K 156 -11.03 -64.84 -12.05
CA GLN K 156 -9.99 -64.37 -11.13
C GLN K 156 -9.00 -65.44 -10.74
N GLU K 157 -9.50 -66.62 -10.43
CA GLU K 157 -8.65 -67.73 -10.00
C GLU K 157 -7.63 -68.10 -11.07
N ARG K 158 -8.07 -68.11 -12.34
CA ARG K 158 -7.24 -68.42 -13.52
C ARG K 158 -6.21 -67.34 -13.78
N LEU K 159 -6.64 -66.08 -13.67
CA LEU K 159 -5.80 -64.91 -13.86
C LEU K 159 -4.63 -64.95 -12.88
N THR K 160 -4.95 -65.19 -11.59
CA THR K 160 -4.01 -65.28 -10.48
C THR K 160 -2.94 -66.31 -10.74
N LYS K 161 -3.35 -67.54 -11.18
CA LYS K 161 -2.45 -68.65 -11.48
C LYS K 161 -1.56 -68.33 -12.70
N GLN K 162 -2.15 -67.78 -13.78
CA GLN K 162 -1.43 -67.49 -15.00
C GLN K 162 -0.30 -66.53 -14.78
N ILE K 163 -0.52 -65.48 -13.99
CA ILE K 163 0.54 -64.50 -13.66
C ILE K 163 1.70 -65.17 -12.93
N ALA K 164 1.41 -66.01 -11.92
CA ALA K 164 2.45 -66.72 -11.16
C ALA K 164 3.24 -67.68 -12.03
N VAL K 165 2.56 -68.44 -12.91
CA VAL K 165 3.19 -69.38 -13.81
C VAL K 165 4.07 -68.66 -14.85
N ALA K 166 3.60 -67.52 -15.37
CA ALA K 166 4.38 -66.77 -16.34
C ALA K 166 5.70 -66.26 -15.75
N ILE K 167 5.68 -65.81 -14.49
CA ILE K 167 6.89 -65.34 -13.81
C ILE K 167 7.86 -66.49 -13.59
N THR K 168 7.34 -67.65 -13.18
CA THR K 168 8.15 -68.85 -12.96
C THR K 168 8.81 -69.29 -14.25
N GLU K 169 8.09 -69.23 -15.36
CA GLU K 169 8.62 -69.65 -16.65
C GLU K 169 9.61 -68.65 -17.23
N ALA K 170 9.40 -67.36 -16.99
CA ALA K 170 10.28 -66.33 -17.50
C ALA K 170 11.61 -66.21 -16.77
N LEU K 171 11.64 -66.55 -15.50
CA LEU K 171 12.82 -66.33 -14.68
C LEU K 171 13.41 -67.57 -14.08
N ARG K 172 12.57 -68.57 -13.80
CA ARG K 172 12.95 -69.74 -13.03
C ARG K 172 13.54 -69.33 -11.63
N PRO K 173 12.74 -68.61 -10.82
CA PRO K 173 13.21 -68.22 -9.49
C PRO K 173 12.98 -69.30 -8.42
N ALA K 174 13.38 -69.03 -7.15
CA ALA K 174 13.16 -69.99 -6.07
C ALA K 174 11.66 -70.13 -5.74
N GLY K 175 10.90 -69.07 -5.93
CA GLY K 175 9.48 -69.09 -5.67
C GLY K 175 8.77 -67.83 -6.14
N VAL K 176 7.45 -67.91 -6.30
CA VAL K 176 6.60 -66.78 -6.71
C VAL K 176 5.33 -66.79 -5.85
N GLY K 177 4.82 -65.60 -5.52
CA GLY K 177 3.58 -65.42 -4.81
C GLY K 177 2.80 -64.32 -5.51
N VAL K 178 1.52 -64.57 -5.81
CA VAL K 178 0.67 -63.58 -6.47
C VAL K 178 -0.64 -63.49 -5.70
N VAL K 179 -1.06 -62.27 -5.33
CA VAL K 179 -2.32 -62.05 -4.66
C VAL K 179 -3.11 -61.06 -5.51
N VAL K 180 -4.36 -61.41 -5.88
CA VAL K 180 -5.25 -60.53 -6.62
C VAL K 180 -6.46 -60.16 -5.72
N GLU K 181 -6.76 -58.87 -5.59
CA GLU K 181 -7.90 -58.40 -4.82
C GLU K 181 -8.73 -57.59 -5.80
N ALA K 182 -9.99 -57.98 -6.05
CA ALA K 182 -10.82 -57.32 -7.05
C ALA K 182 -12.29 -57.12 -6.67
N THR K 183 -12.89 -56.07 -7.24
CA THR K 183 -14.31 -55.76 -7.17
C THR K 183 -14.90 -56.23 -8.49
N HIS K 184 -15.86 -57.17 -8.42
CA HIS K 184 -16.53 -57.62 -9.62
C HIS K 184 -17.79 -56.78 -9.76
N MET K 185 -17.94 -56.03 -10.87
CA MET K 185 -19.11 -55.21 -11.12
C MET K 185 -20.37 -56.05 -11.34
N CYS K 186 -20.22 -57.34 -11.69
CA CYS K 186 -21.30 -58.30 -11.76
C CYS K 186 -21.95 -58.56 -10.37
N MET K 187 -21.20 -58.30 -9.29
CA MET K 187 -21.69 -58.45 -7.94
C MET K 187 -22.04 -57.11 -7.31
N VAL K 188 -21.71 -55.95 -7.93
CA VAL K 188 -22.06 -54.66 -7.32
C VAL K 188 -23.23 -54.02 -8.08
N MET K 189 -23.18 -53.95 -9.42
CA MET K 189 -24.25 -53.25 -10.14
C MET K 189 -25.37 -54.14 -10.64
N ARG K 190 -25.36 -55.43 -10.28
CA ARG K 190 -26.40 -56.39 -10.63
C ARG K 190 -26.33 -57.60 -9.67
N GLY K 191 -27.18 -58.60 -9.92
CA GLY K 191 -27.23 -59.84 -9.16
C GLY K 191 -27.47 -59.70 -7.67
N VAL K 192 -26.47 -60.14 -6.86
CA VAL K 192 -26.55 -60.07 -5.39
C VAL K 192 -26.48 -58.63 -4.88
N GLN K 193 -25.92 -57.72 -5.71
CA GLN K 193 -25.73 -56.30 -5.41
C GLN K 193 -25.10 -56.06 -4.05
N LYS K 194 -23.92 -56.63 -3.81
CA LYS K 194 -23.16 -56.42 -2.59
C LYS K 194 -22.06 -55.41 -2.90
N MET K 195 -22.35 -54.16 -2.53
CA MET K 195 -21.55 -52.95 -2.68
C MET K 195 -20.07 -53.09 -2.33
N ASN K 196 -19.77 -53.63 -1.14
CA ASN K 196 -18.43 -53.67 -0.63
C ASN K 196 -17.73 -55.02 -0.77
N SER K 197 -18.36 -56.02 -1.40
CA SER K 197 -17.73 -57.33 -1.54
C SER K 197 -16.46 -57.29 -2.41
N LYS K 198 -15.40 -57.95 -1.94
CA LYS K 198 -14.11 -58.00 -2.61
C LYS K 198 -13.70 -59.47 -2.66
N THR K 199 -13.16 -59.91 -3.80
CA THR K 199 -12.67 -61.27 -3.97
C THR K 199 -11.16 -61.26 -3.85
N VAL K 200 -10.59 -62.08 -2.97
CA VAL K 200 -9.14 -62.16 -2.82
C VAL K 200 -8.67 -63.57 -3.24
N THR K 201 -7.88 -63.65 -4.32
CA THR K 201 -7.30 -64.92 -4.76
C THR K 201 -5.75 -64.90 -4.65
N SER K 202 -5.13 -66.07 -4.52
CA SER K 202 -3.68 -66.19 -4.41
C SER K 202 -3.14 -67.44 -5.09
N THR K 203 -1.87 -67.38 -5.54
CA THR K 203 -1.14 -68.50 -6.11
C THR K 203 0.27 -68.43 -5.60
N MET K 204 0.73 -69.49 -4.93
CA MET K 204 2.06 -69.60 -4.37
C MET K 204 2.80 -70.75 -5.03
N LEU K 205 3.95 -70.47 -5.60
CA LEU K 205 4.79 -71.47 -6.28
C LEU K 205 6.17 -71.52 -5.64
N GLY K 206 6.81 -72.67 -5.72
CA GLY K 206 8.14 -72.86 -5.15
C GLY K 206 8.19 -72.66 -3.66
N VAL K 207 9.18 -71.87 -3.20
CA VAL K 207 9.40 -71.57 -1.77
C VAL K 207 8.19 -70.89 -1.13
N PHE K 208 7.42 -70.10 -1.89
CA PHE K 208 6.22 -69.45 -1.35
C PHE K 208 5.14 -70.48 -0.97
N ARG K 209 5.12 -71.62 -1.67
CA ARG K 209 4.18 -72.70 -1.40
C ARG K 209 4.72 -73.62 -0.33
N GLU K 210 6.00 -74.01 -0.41
CA GLU K 210 6.60 -74.97 0.51
C GLU K 210 7.06 -74.40 1.87
N ASP K 211 7.47 -73.13 1.94
CA ASP K 211 7.94 -72.54 3.20
C ASP K 211 6.90 -71.56 3.76
N PRO K 212 6.24 -71.94 4.86
CA PRO K 212 5.20 -71.05 5.41
C PRO K 212 5.72 -69.70 5.87
N LYS K 213 6.95 -69.63 6.39
CA LYS K 213 7.53 -68.36 6.83
C LYS K 213 7.72 -67.38 5.67
N THR K 214 8.10 -67.87 4.47
CA THR K 214 8.26 -67.04 3.27
C THR K 214 6.90 -66.45 2.87
N ARG K 215 5.88 -67.28 2.91
CA ARG K 215 4.48 -66.90 2.63
C ARG K 215 3.91 -65.83 3.60
N GLU K 216 4.07 -66.02 4.92
CA GLU K 216 3.56 -65.03 5.88
C GLU K 216 4.36 -63.70 5.81
N GLU K 217 5.65 -63.74 5.44
CA GLU K 217 6.42 -62.52 5.27
C GLU K 217 5.89 -61.72 4.08
N PHE K 218 5.63 -62.43 2.96
CA PHE K 218 5.09 -61.82 1.75
C PHE K 218 3.71 -61.22 2.05
N LEU K 219 2.82 -61.98 2.72
CA LEU K 219 1.49 -61.50 3.03
C LEU K 219 1.46 -60.30 3.94
N THR K 220 2.43 -60.15 4.86
CA THR K 220 2.46 -58.95 5.71
C THR K 220 3.04 -57.76 4.95
N LEU K 221 4.06 -57.99 4.12
CA LEU K 221 4.68 -56.92 3.36
C LEU K 221 3.78 -56.32 2.28
N ILE K 222 2.68 -57.01 1.90
CA ILE K 222 1.73 -56.56 0.89
C ILE K 222 0.56 -55.88 1.51
N ARG K 223 0.07 -56.38 2.68
CA ARG K 223 -1.05 -55.75 3.40
C ARG K 223 -0.47 -54.49 4.02
N SER K 224 -0.42 -53.39 3.24
CA SER K 224 0.15 -52.07 3.57
C SER K 224 -0.97 -51.03 3.90
N PRO L 32 -24.92 -57.49 49.11
CA PRO L 32 -25.04 -56.39 48.12
C PRO L 32 -25.64 -55.11 48.72
N ARG L 33 -25.68 -54.00 47.96
CA ARG L 33 -26.19 -52.70 48.46
C ARG L 33 -27.58 -52.33 47.87
N SER L 34 -28.66 -52.52 48.63
CA SER L 34 -30.04 -52.23 48.17
C SER L 34 -30.36 -50.72 47.96
N GLU L 35 -31.51 -50.41 47.32
CA GLU L 35 -32.01 -49.05 47.09
C GLU L 35 -32.36 -48.32 48.40
N GLU L 36 -32.69 -49.09 49.46
CA GLU L 36 -32.96 -48.55 50.80
C GLU L 36 -31.64 -47.94 51.35
N ASP L 37 -30.51 -48.63 51.12
CA ASP L 37 -29.18 -48.18 51.53
C ASP L 37 -28.84 -46.84 50.82
N ASN L 38 -29.24 -46.69 49.55
CA ASN L 38 -29.01 -45.48 48.78
C ASN L 38 -29.80 -44.29 49.31
N GLU L 39 -31.08 -44.51 49.66
CA GLU L 39 -31.93 -43.44 50.20
C GLU L 39 -31.42 -42.94 51.55
N LEU L 40 -30.99 -43.85 52.44
CA LEU L 40 -30.49 -43.51 53.78
C LEU L 40 -29.13 -42.83 53.77
N ASN L 41 -28.29 -43.15 52.77
CA ASN L 41 -26.96 -42.57 52.67
C ASN L 41 -26.90 -41.33 51.78
N LEU L 42 -27.93 -41.07 50.95
CA LEU L 42 -27.92 -39.89 50.07
C LEU L 42 -27.73 -38.57 50.83
N PRO L 43 -28.47 -38.27 51.92
CA PRO L 43 -28.21 -37.01 52.66
C PRO L 43 -26.81 -36.91 53.26
N ASN L 44 -26.17 -38.04 53.62
CA ASN L 44 -24.80 -38.08 54.15
C ASN L 44 -23.79 -37.77 53.08
N LEU L 45 -24.05 -38.25 51.83
CA LEU L 45 -23.21 -37.97 50.68
C LEU L 45 -23.34 -36.51 50.32
N ALA L 46 -24.57 -35.97 50.27
CA ALA L 46 -24.82 -34.57 49.96
C ALA L 46 -24.16 -33.65 51.00
N ALA L 47 -24.17 -34.06 52.28
CA ALA L 47 -23.54 -33.26 53.34
C ALA L 47 -22.04 -33.21 53.14
N ALA L 48 -21.42 -34.35 52.75
CA ALA L 48 -19.99 -34.40 52.51
C ALA L 48 -19.61 -33.58 51.28
N TYR L 49 -20.44 -33.59 50.22
CA TYR L 49 -20.16 -32.79 49.03
C TYR L 49 -20.30 -31.30 49.29
N SER L 50 -21.27 -30.91 50.13
CA SER L 50 -21.47 -29.52 50.52
C SER L 50 -20.26 -29.04 51.33
N SER L 51 -19.75 -29.91 52.22
CA SER L 51 -18.56 -29.66 53.02
C SER L 51 -17.33 -29.44 52.14
N ILE L 52 -17.24 -30.19 51.03
CA ILE L 52 -16.14 -30.12 50.07
C ILE L 52 -16.18 -28.77 49.35
N LEU L 53 -17.38 -28.33 48.91
CA LEU L 53 -17.55 -27.05 48.24
C LEU L 53 -17.09 -25.90 49.12
N SER L 54 -17.44 -25.94 50.42
CA SER L 54 -17.03 -24.91 51.37
C SER L 54 -15.52 -24.94 51.60
N SER L 55 -14.92 -26.13 51.75
CA SER L 55 -13.48 -26.31 51.98
C SER L 55 -12.63 -25.92 50.76
N LEU L 56 -13.21 -25.89 49.56
CA LEU L 56 -12.49 -25.46 48.36
C LEU L 56 -12.51 -23.91 48.18
N GLY L 57 -13.16 -23.19 49.09
CA GLY L 57 -13.28 -21.74 49.02
C GLY L 57 -14.48 -21.28 48.20
N GLU L 58 -15.35 -22.21 47.78
CA GLU L 58 -16.51 -21.87 46.98
C GLU L 58 -17.74 -21.48 47.82
N ASN L 59 -18.71 -20.83 47.16
CA ASN L 59 -19.96 -20.41 47.78
C ASN L 59 -21.03 -21.45 47.44
N PRO L 60 -21.38 -22.34 48.39
CA PRO L 60 -22.42 -23.36 48.10
C PRO L 60 -23.83 -22.81 47.87
N GLN L 61 -24.02 -21.50 48.13
CA GLN L 61 -25.31 -20.85 47.98
C GLN L 61 -25.50 -20.18 46.61
N ARG L 62 -24.45 -20.11 45.76
CA ARG L 62 -24.60 -19.51 44.43
C ARG L 62 -25.41 -20.40 43.52
N GLN L 63 -26.15 -19.81 42.57
CA GLN L 63 -27.05 -20.53 41.65
C GLN L 63 -26.49 -21.84 41.08
N GLY L 64 -25.26 -21.81 40.56
CA GLY L 64 -24.63 -22.98 39.98
C GLY L 64 -24.30 -24.11 40.95
N LEU L 65 -24.15 -23.79 42.25
CA LEU L 65 -23.82 -24.80 43.24
C LEU L 65 -24.97 -25.25 44.14
N LEU L 66 -26.14 -24.57 44.08
CA LEU L 66 -27.26 -24.87 44.98
C LEU L 66 -27.69 -26.36 45.06
N LYS L 67 -27.84 -27.02 43.92
CA LYS L 67 -28.24 -28.44 43.91
C LYS L 67 -27.07 -29.41 43.76
N THR L 68 -25.83 -28.89 43.64
CA THR L 68 -24.62 -29.69 43.44
C THR L 68 -24.39 -30.77 44.50
N PRO L 69 -24.54 -30.53 45.83
CA PRO L 69 -24.33 -31.63 46.79
C PRO L 69 -25.19 -32.87 46.47
N TRP L 70 -26.42 -32.66 46.01
CA TRP L 70 -27.34 -33.72 45.68
C TRP L 70 -27.04 -34.36 44.34
N ARG L 71 -26.77 -33.55 43.28
CA ARG L 71 -26.47 -34.08 41.95
C ARG L 71 -25.12 -34.82 41.95
N ALA L 72 -24.13 -34.35 42.73
CA ALA L 72 -22.83 -35.02 42.85
C ALA L 72 -22.98 -36.33 43.61
N ALA L 73 -23.79 -36.36 44.66
CA ALA L 73 -24.06 -37.57 45.46
C ALA L 73 -24.75 -38.63 44.60
N SER L 74 -25.77 -38.23 43.82
CA SER L 74 -26.53 -39.13 42.96
C SER L 74 -25.65 -39.68 41.86
N ALA L 75 -24.76 -38.83 41.29
CA ALA L 75 -23.81 -39.26 40.27
C ALA L 75 -22.85 -40.27 40.85
N MET L 76 -22.30 -40.05 42.06
CA MET L 76 -21.38 -41.01 42.68
C MET L 76 -22.07 -42.36 43.01
N GLN L 77 -23.36 -42.32 43.41
CA GLN L 77 -24.16 -43.53 43.65
C GLN L 77 -24.35 -44.30 42.34
N PHE L 78 -24.53 -43.59 41.21
CA PHE L 78 -24.67 -44.23 39.91
C PHE L 78 -23.33 -44.84 39.50
N PHE L 79 -22.22 -44.12 39.71
CA PHE L 79 -20.88 -44.60 39.39
C PHE L 79 -20.49 -45.83 40.22
N THR L 80 -21.14 -46.06 41.37
CA THR L 80 -20.84 -47.20 42.21
C THR L 80 -22.05 -48.18 42.31
N LYS L 81 -22.94 -48.18 41.32
CA LYS L 81 -24.11 -49.04 41.33
C LYS L 81 -23.82 -50.54 41.14
N GLY L 82 -22.60 -50.88 40.71
CA GLY L 82 -22.22 -52.27 40.49
C GLY L 82 -22.13 -53.10 41.76
N TYR L 83 -21.93 -52.44 42.91
CA TYR L 83 -21.87 -53.11 44.19
C TYR L 83 -23.21 -53.78 44.54
N GLN L 84 -24.33 -53.17 44.11
CA GLN L 84 -25.66 -53.71 44.38
C GLN L 84 -26.12 -54.78 43.38
N GLU L 85 -25.24 -55.23 42.48
CA GLU L 85 -25.60 -56.21 41.47
C GLU L 85 -25.03 -57.60 41.70
N THR L 86 -25.80 -58.63 41.32
CA THR L 86 -25.38 -60.03 41.46
C THR L 86 -25.39 -60.69 40.06
N ILE L 87 -24.38 -61.54 39.76
CA ILE L 87 -24.27 -62.18 38.45
C ILE L 87 -25.54 -62.94 38.04
N SER L 88 -26.15 -63.67 38.98
CA SER L 88 -27.38 -64.43 38.71
C SER L 88 -28.53 -63.58 38.17
N ASP L 89 -28.75 -62.38 38.75
CA ASP L 89 -29.83 -61.48 38.31
C ASP L 89 -29.55 -60.87 36.95
N VAL L 90 -28.27 -60.50 36.74
CA VAL L 90 -27.77 -59.92 35.51
C VAL L 90 -27.92 -60.88 34.32
N LEU L 91 -27.57 -62.15 34.55
CA LEU L 91 -27.63 -63.23 33.58
C LEU L 91 -29.04 -63.47 32.99
N ASN L 92 -30.09 -63.46 33.84
CA ASN L 92 -31.49 -63.64 33.44
C ASN L 92 -31.73 -64.94 32.65
N ASP L 93 -30.99 -66.00 32.98
CA ASP L 93 -31.08 -67.30 32.29
C ASP L 93 -30.80 -67.20 30.79
N ALA L 94 -30.00 -66.20 30.36
CA ALA L 94 -29.69 -66.07 28.94
C ALA L 94 -28.52 -66.95 28.51
N ILE L 95 -28.70 -68.29 28.63
CA ILE L 95 -27.75 -69.31 28.21
C ILE L 95 -28.50 -70.21 27.23
N PHE L 96 -28.06 -70.21 25.96
CA PHE L 96 -28.73 -70.93 24.88
C PHE L 96 -27.94 -72.11 24.37
N ASP L 97 -28.63 -73.16 23.93
CA ASP L 97 -27.98 -74.35 23.41
C ASP L 97 -27.82 -74.23 21.90
N GLU L 98 -26.67 -73.73 21.44
CA GLU L 98 -26.47 -73.54 20.00
C GLU L 98 -25.46 -74.49 19.36
N ASP L 99 -25.04 -75.57 20.09
CA ASP L 99 -24.06 -76.55 19.58
C ASP L 99 -22.80 -75.87 19.04
N HIS L 100 -22.37 -74.81 19.72
CA HIS L 100 -21.24 -74.00 19.29
C HIS L 100 -20.03 -74.27 20.15
N ASP L 101 -18.91 -74.57 19.51
CA ASP L 101 -17.65 -74.78 20.21
C ASP L 101 -16.53 -73.85 19.71
N GLU L 102 -16.89 -72.74 19.05
CA GLU L 102 -15.91 -71.80 18.49
C GLU L 102 -15.98 -70.43 19.14
N MET L 103 -14.87 -69.69 19.07
CA MET L 103 -14.71 -68.40 19.71
C MET L 103 -15.76 -67.36 19.38
N VAL L 104 -16.36 -66.78 20.42
CA VAL L 104 -17.31 -65.69 20.29
C VAL L 104 -16.65 -64.44 20.89
N ILE L 105 -16.64 -63.32 20.18
CA ILE L 105 -16.04 -62.10 20.68
C ILE L 105 -17.04 -60.96 20.72
N VAL L 106 -17.08 -60.20 21.82
CA VAL L 106 -17.81 -58.95 21.88
C VAL L 106 -16.75 -57.89 22.20
N LYS L 107 -16.41 -57.09 21.20
CA LYS L 107 -15.37 -56.09 21.35
C LYS L 107 -15.94 -54.67 21.34
N ASP L 108 -15.11 -53.69 21.76
CA ASP L 108 -15.43 -52.27 21.82
C ASP L 108 -16.58 -51.96 22.76
N ILE L 109 -16.63 -52.64 23.90
CA ILE L 109 -17.63 -52.34 24.91
C ILE L 109 -17.13 -51.10 25.66
N ASP L 110 -17.85 -49.96 25.58
CA ASP L 110 -17.45 -48.74 26.27
C ASP L 110 -17.54 -48.96 27.75
N MET L 111 -16.46 -48.66 28.45
CA MET L 111 -16.34 -48.90 29.87
C MET L 111 -16.02 -47.57 30.58
N PHE L 112 -16.70 -47.31 31.69
CA PHE L 112 -16.51 -46.10 32.48
C PHE L 112 -16.37 -46.52 33.92
N SER L 113 -15.18 -46.35 34.50
CA SER L 113 -14.95 -46.74 35.88
C SER L 113 -14.41 -45.56 36.72
N MET L 114 -14.15 -45.80 37.99
CA MET L 114 -13.68 -44.77 38.88
C MET L 114 -12.40 -45.24 39.53
N CYS L 115 -11.33 -44.44 39.44
CA CYS L 115 -10.07 -44.76 40.09
C CYS L 115 -10.28 -44.75 41.64
N GLU L 116 -9.96 -45.86 42.31
CA GLU L 116 -10.13 -45.92 43.74
C GLU L 116 -9.08 -45.11 44.51
N HIS L 117 -7.99 -44.68 43.84
CA HIS L 117 -6.94 -43.93 44.52
C HIS L 117 -7.20 -42.43 44.58
N HIS L 118 -7.83 -41.85 43.55
CA HIS L 118 -8.08 -40.41 43.49
C HIS L 118 -9.53 -40.05 43.32
N LEU L 119 -10.43 -41.03 43.04
CA LEU L 119 -11.86 -40.83 42.82
C LEU L 119 -12.12 -39.96 41.60
N VAL L 120 -11.37 -40.20 40.55
CA VAL L 120 -11.44 -39.55 39.26
C VAL L 120 -11.67 -40.68 38.22
N PRO L 121 -12.45 -40.45 37.15
CA PRO L 121 -12.74 -41.55 36.22
C PRO L 121 -11.56 -42.11 35.43
N PHE L 122 -11.71 -43.36 35.00
CA PHE L 122 -10.82 -44.01 34.06
C PHE L 122 -11.77 -44.67 33.08
N VAL L 123 -11.64 -44.32 31.81
CA VAL L 123 -12.59 -44.74 30.79
C VAL L 123 -11.89 -45.39 29.61
N GLY L 124 -12.58 -46.31 28.95
CA GLY L 124 -12.00 -47.00 27.81
C GLY L 124 -12.91 -48.01 27.15
N LYS L 125 -12.31 -49.10 26.67
CA LYS L 125 -13.00 -50.17 25.97
C LYS L 125 -12.62 -51.52 26.58
N VAL L 126 -13.58 -52.47 26.57
CA VAL L 126 -13.38 -53.85 27.00
C VAL L 126 -13.64 -54.76 25.80
N HIS L 127 -12.76 -55.72 25.57
CA HIS L 127 -12.88 -56.68 24.50
C HIS L 127 -12.91 -58.05 25.15
N ILE L 128 -13.99 -58.80 24.95
CA ILE L 128 -14.16 -60.10 25.57
C ILE L 128 -14.26 -61.17 24.51
N GLY L 129 -13.61 -62.28 24.76
CA GLY L 129 -13.67 -63.45 23.89
C GLY L 129 -13.85 -64.68 24.75
N TYR L 130 -14.55 -65.70 24.25
CA TYR L 130 -14.71 -66.95 24.98
C TYR L 130 -14.94 -68.13 24.06
N LEU L 131 -14.61 -69.32 24.53
CA LEU L 131 -14.81 -70.54 23.76
C LEU L 131 -15.90 -71.33 24.43
N PRO L 132 -17.14 -71.31 23.89
CA PRO L 132 -18.22 -72.03 24.56
C PRO L 132 -18.03 -73.54 24.58
N ASN L 133 -18.73 -74.14 25.53
CA ASN L 133 -18.78 -75.57 25.73
C ASN L 133 -20.23 -75.99 25.36
N LYS L 134 -20.60 -75.80 24.05
CA LYS L 134 -21.90 -76.03 23.37
C LYS L 134 -22.93 -74.94 23.67
N GLN L 135 -23.00 -74.54 24.93
CA GLN L 135 -23.89 -73.47 25.37
C GLN L 135 -23.25 -72.09 25.23
N VAL L 136 -23.98 -71.17 24.61
CA VAL L 136 -23.53 -69.81 24.39
C VAL L 136 -24.32 -68.82 25.27
N LEU L 137 -23.65 -67.78 25.75
CA LEU L 137 -24.24 -66.73 26.58
C LEU L 137 -24.87 -65.66 25.66
N GLY L 138 -25.92 -65.03 26.12
CA GLY L 138 -26.53 -63.92 25.40
C GLY L 138 -25.53 -62.77 25.31
N LEU L 139 -25.24 -62.31 24.07
CA LEU L 139 -24.30 -61.26 23.78
C LEU L 139 -24.31 -60.07 24.76
N SER L 140 -25.50 -59.51 25.08
CA SER L 140 -25.57 -58.34 25.96
C SER L 140 -25.13 -58.59 27.39
N LYS L 141 -25.22 -59.84 27.84
CA LYS L 141 -24.83 -60.21 29.20
C LYS L 141 -23.32 -60.11 29.42
N LEU L 142 -22.50 -60.10 28.36
CA LEU L 142 -21.06 -59.87 28.49
C LEU L 142 -20.85 -58.39 28.85
N ALA L 143 -21.58 -57.48 28.20
CA ALA L 143 -21.52 -56.05 28.51
C ALA L 143 -22.10 -55.75 29.88
N ARG L 144 -23.15 -56.49 30.30
CA ARG L 144 -23.75 -56.35 31.62
C ARG L 144 -22.79 -56.81 32.73
N ILE L 145 -21.94 -57.82 32.46
CA ILE L 145 -20.93 -58.28 33.41
C ILE L 145 -19.86 -57.18 33.57
N VAL L 146 -19.50 -56.49 32.45
CA VAL L 146 -18.57 -55.37 32.48
C VAL L 146 -19.10 -54.27 33.40
N GLU L 147 -20.42 -53.99 33.31
CA GLU L 147 -21.11 -53.00 34.13
C GLU L 147 -21.15 -53.33 35.61
N ILE L 148 -21.16 -54.64 35.98
CA ILE L 148 -21.14 -55.02 37.39
C ILE L 148 -19.86 -54.54 38.04
N TYR L 149 -18.72 -54.76 37.39
CA TYR L 149 -17.43 -54.46 37.98
C TYR L 149 -16.90 -53.07 37.67
N SER L 150 -17.23 -52.49 36.52
CA SER L 150 -16.75 -51.16 36.18
C SER L 150 -17.42 -50.07 37.01
N ARG L 151 -18.69 -50.28 37.42
CA ARG L 151 -19.40 -49.31 38.22
C ARG L 151 -19.07 -49.52 39.70
N ARG L 152 -17.80 -49.40 40.05
CA ARG L 152 -17.27 -49.56 41.41
C ARG L 152 -16.00 -48.71 41.52
N LEU L 153 -15.44 -48.59 42.73
CA LEU L 153 -14.15 -47.92 42.89
C LEU L 153 -13.16 -49.02 42.53
N GLN L 154 -12.40 -48.80 41.47
CA GLN L 154 -11.55 -49.83 40.91
C GLN L 154 -10.07 -49.52 40.70
N VAL L 155 -9.36 -50.60 40.34
CA VAL L 155 -8.02 -50.68 39.85
C VAL L 155 -8.21 -51.53 38.54
N GLN L 156 -7.70 -51.05 37.40
CA GLN L 156 -7.88 -51.70 36.09
C GLN L 156 -7.53 -53.17 36.05
N GLU L 157 -6.44 -53.56 36.73
CA GLU L 157 -6.01 -54.95 36.78
C GLU L 157 -7.04 -55.82 37.46
N ARG L 158 -7.67 -55.32 38.54
CA ARG L 158 -8.69 -56.06 39.27
C ARG L 158 -9.95 -56.18 38.41
N LEU L 159 -10.38 -55.06 37.82
CA LEU L 159 -11.56 -54.99 36.96
C LEU L 159 -11.45 -56.01 35.83
N THR L 160 -10.28 -56.11 35.18
CA THR L 160 -10.03 -57.06 34.09
C THR L 160 -10.22 -58.53 34.55
N LYS L 161 -9.61 -58.87 35.70
CA LYS L 161 -9.67 -60.22 36.27
C LYS L 161 -11.11 -60.58 36.67
N GLN L 162 -11.84 -59.64 37.31
CA GLN L 162 -13.20 -59.88 37.77
C GLN L 162 -14.13 -60.20 36.64
N ILE L 163 -14.01 -59.50 35.51
CA ILE L 163 -14.86 -59.75 34.34
C ILE L 163 -14.61 -61.17 33.81
N ALA L 164 -13.33 -61.56 33.66
CA ALA L 164 -12.97 -62.88 33.16
C ALA L 164 -13.45 -64.01 34.08
N VAL L 165 -13.31 -63.81 35.40
CA VAL L 165 -13.73 -64.79 36.40
C VAL L 165 -15.24 -64.92 36.45
N ALA L 166 -15.98 -63.80 36.32
CA ALA L 166 -17.44 -63.84 36.32
C ALA L 166 -17.97 -64.64 35.12
N ILE L 167 -17.36 -64.49 33.95
CA ILE L 167 -17.76 -65.23 32.75
C ILE L 167 -17.49 -66.72 32.90
N THR L 168 -16.32 -67.06 33.46
CA THR L 168 -15.94 -68.45 33.70
C THR L 168 -16.89 -69.12 34.69
N GLU L 169 -17.28 -68.40 35.73
CA GLU L 169 -18.19 -68.94 36.72
C GLU L 169 -19.61 -69.05 36.22
N ALA L 170 -20.06 -68.09 35.41
CA ALA L 170 -21.43 -68.10 34.89
C ALA L 170 -21.69 -69.15 33.82
N LEU L 171 -20.68 -69.45 33.01
CA LEU L 171 -20.85 -70.33 31.87
C LEU L 171 -20.08 -71.63 31.90
N ARG L 172 -18.93 -71.64 32.58
CA ARG L 172 -17.99 -72.76 32.58
C ARG L 172 -17.57 -73.12 31.14
N PRO L 173 -17.03 -72.14 30.38
CA PRO L 173 -16.62 -72.44 29.00
C PRO L 173 -15.21 -73.03 28.93
N ALA L 174 -14.72 -73.35 27.72
CA ALA L 174 -13.37 -73.88 27.54
C ALA L 174 -12.31 -72.83 27.91
N GLY L 175 -12.61 -71.55 27.69
CA GLY L 175 -11.69 -70.46 28.01
C GLY L 175 -12.32 -69.09 27.85
N VAL L 176 -11.72 -68.07 28.49
CA VAL L 176 -12.16 -66.66 28.44
C VAL L 176 -10.91 -65.77 28.26
N GLY L 177 -11.06 -64.69 27.52
CA GLY L 177 -10.02 -63.71 27.33
C GLY L 177 -10.65 -62.33 27.47
N VAL L 178 -10.07 -61.47 28.30
CA VAL L 178 -10.59 -60.12 28.49
C VAL L 178 -9.42 -59.14 28.33
N VAL L 179 -9.59 -58.11 27.48
CA VAL L 179 -8.58 -57.08 27.30
C VAL L 179 -9.26 -55.74 27.61
N VAL L 180 -8.66 -54.93 28.48
CA VAL L 180 -9.19 -53.60 28.80
C VAL L 180 -8.16 -52.55 28.39
N GLU L 181 -8.59 -51.54 27.64
CA GLU L 181 -7.73 -50.43 27.27
C GLU L 181 -8.38 -49.16 27.78
N ALA L 182 -7.68 -48.41 28.65
CA ALA L 182 -8.29 -47.24 29.28
C ALA L 182 -7.35 -46.03 29.44
N THR L 183 -7.96 -44.83 29.52
CA THR L 183 -7.31 -43.57 29.80
C THR L 183 -7.67 -43.25 31.25
N HIS L 184 -6.67 -43.05 32.08
CA HIS L 184 -6.89 -42.70 33.46
C HIS L 184 -6.77 -41.22 33.54
N MET L 185 -7.84 -40.53 33.93
CA MET L 185 -7.81 -39.06 34.03
C MET L 185 -6.85 -38.57 35.09
N CYS L 186 -6.52 -39.40 36.11
CA CYS L 186 -5.49 -39.11 37.11
C CYS L 186 -4.10 -38.94 36.47
N MET L 187 -3.88 -39.52 35.29
CA MET L 187 -2.63 -39.40 34.58
C MET L 187 -2.67 -38.35 33.48
N VAL L 188 -3.83 -37.80 33.08
CA VAL L 188 -3.86 -36.83 31.99
C VAL L 188 -4.18 -35.42 32.54
N MET L 189 -5.15 -35.29 33.49
CA MET L 189 -5.48 -33.94 33.98
C MET L 189 -4.78 -33.54 35.29
N ARG L 190 -3.86 -34.38 35.78
CA ARG L 190 -3.12 -34.12 37.00
C ARG L 190 -1.90 -35.09 37.06
N GLY L 191 -1.09 -34.99 38.11
CA GLY L 191 0.06 -35.86 38.32
C GLY L 191 1.09 -35.78 37.21
N VAL L 192 1.31 -36.90 36.51
CA VAL L 192 2.29 -36.92 35.42
C VAL L 192 1.85 -36.09 34.21
N GLN L 193 0.51 -35.91 34.04
CA GLN L 193 -0.07 -35.15 32.95
C GLN L 193 0.43 -35.62 31.58
N LYS L 194 0.30 -36.92 31.34
CA LYS L 194 0.67 -37.57 30.10
C LYS L 194 -0.63 -37.77 29.31
N MET L 195 -0.84 -36.85 28.39
CA MET L 195 -1.99 -36.67 27.53
C MET L 195 -2.49 -37.92 26.80
N ASN L 196 -1.59 -38.61 26.12
CA ASN L 196 -1.94 -39.71 25.26
C ASN L 196 -1.76 -41.10 25.86
N SER L 197 -1.30 -41.20 27.12
CA SER L 197 -1.06 -42.50 27.76
C SER L 197 -2.32 -43.33 27.91
N LYS L 198 -2.20 -44.62 27.62
CA LYS L 198 -3.30 -45.59 27.65
C LYS L 198 -2.77 -46.81 28.41
N THR L 199 -3.57 -47.38 29.31
CA THR L 199 -3.20 -48.59 30.04
C THR L 199 -3.92 -49.79 29.42
N VAL L 200 -3.18 -50.83 29.08
CA VAL L 200 -3.75 -52.03 28.50
C VAL L 200 -3.52 -53.19 29.44
N THR L 201 -4.59 -53.83 29.91
CA THR L 201 -4.50 -54.99 30.80
C THR L 201 -5.23 -56.18 30.14
N SER L 202 -4.88 -57.39 30.51
CA SER L 202 -5.52 -58.58 29.99
C SER L 202 -5.60 -59.69 31.03
N THR L 203 -6.63 -60.55 30.90
CA THR L 203 -6.82 -61.74 31.74
C THR L 203 -7.25 -62.88 30.84
N MET L 204 -6.44 -63.95 30.80
CA MET L 204 -6.71 -65.11 29.97
C MET L 204 -6.91 -66.32 30.87
N LEU L 205 -8.04 -66.98 30.73
CA LEU L 205 -8.38 -68.16 31.50
C LEU L 205 -8.64 -69.34 30.56
N GLY L 206 -8.45 -70.55 31.06
CA GLY L 206 -8.67 -71.75 30.28
C GLY L 206 -7.80 -71.84 29.05
N VAL L 207 -8.43 -72.16 27.91
CA VAL L 207 -7.75 -72.31 26.62
C VAL L 207 -7.04 -71.02 26.17
N PHE L 208 -7.56 -69.84 26.57
CA PHE L 208 -6.93 -68.57 26.22
C PHE L 208 -5.57 -68.37 26.93
N ARG L 209 -5.39 -69.03 28.07
CA ARG L 209 -4.16 -68.98 28.83
C ARG L 209 -3.22 -70.11 28.40
N GLU L 210 -3.76 -71.33 28.21
CA GLU L 210 -2.95 -72.51 27.89
C GLU L 210 -2.58 -72.68 26.42
N ASP L 211 -3.46 -72.31 25.49
CA ASP L 211 -3.19 -72.47 24.06
C ASP L 211 -2.75 -71.14 23.44
N PRO L 212 -1.49 -71.06 22.98
CA PRO L 212 -1.02 -69.80 22.41
C PRO L 212 -1.70 -69.41 21.10
N LYS L 213 -2.02 -70.40 20.25
CA LYS L 213 -2.72 -70.17 18.99
C LYS L 213 -4.13 -69.53 19.20
N THR L 214 -4.86 -69.95 20.24
CA THR L 214 -6.19 -69.41 20.59
C THR L 214 -6.07 -67.95 21.04
N ARG L 215 -5.07 -67.69 21.88
CA ARG L 215 -4.75 -66.39 22.44
C ARG L 215 -4.38 -65.38 21.32
N GLU L 216 -3.54 -65.78 20.34
CA GLU L 216 -3.15 -64.89 19.25
C GLU L 216 -4.33 -64.58 18.32
N GLU L 217 -5.19 -65.59 18.08
CA GLU L 217 -6.36 -65.40 17.23
C GLU L 217 -7.32 -64.37 17.85
N PHE L 218 -7.52 -64.46 19.17
CA PHE L 218 -8.35 -63.50 19.89
C PHE L 218 -7.75 -62.09 19.79
N LEU L 219 -6.44 -61.95 20.04
CA LEU L 219 -5.79 -60.64 19.97
C LEU L 219 -5.84 -60.00 18.59
N THR L 220 -5.81 -60.80 17.50
CA THR L 220 -5.89 -60.22 16.15
C THR L 220 -7.33 -59.87 15.78
N LEU L 221 -8.30 -60.68 16.23
CA LEU L 221 -9.70 -60.41 15.93
C LEU L 221 -10.27 -59.20 16.68
N ILE L 222 -9.60 -58.73 17.74
CA ILE L 222 -10.09 -57.56 18.48
C ILE L 222 -9.46 -56.27 17.96
N PRO M 32 23.41 -37.32 43.56
CA PRO M 32 22.37 -36.64 42.78
C PRO M 32 22.45 -35.12 42.90
N ARG M 33 21.89 -34.41 41.90
CA ARG M 33 21.83 -32.94 41.91
C ARG M 33 20.85 -32.45 42.99
N SER M 34 21.02 -31.22 43.48
CA SER M 34 20.12 -30.69 44.53
C SER M 34 19.54 -29.32 44.17
N GLU M 35 18.54 -28.83 44.93
CA GLU M 35 17.97 -27.51 44.66
C GLU M 35 18.95 -26.37 44.96
N GLU M 36 19.87 -26.57 45.92
CA GLU M 36 20.90 -25.58 46.21
C GLU M 36 21.94 -25.55 45.07
N ASP M 37 22.22 -26.70 44.42
CA ASP M 37 23.10 -26.74 43.26
C ASP M 37 22.46 -25.95 42.12
N ASN M 38 21.13 -26.04 41.96
CA ASN M 38 20.40 -25.33 40.92
C ASN M 38 20.46 -23.82 41.10
N GLU M 39 20.21 -23.34 42.33
CA GLU M 39 20.27 -21.91 42.63
C GLU M 39 21.68 -21.36 42.40
N LEU M 40 22.71 -22.12 42.85
CA LEU M 40 24.13 -21.76 42.72
C LEU M 40 24.65 -21.79 41.27
N ASN M 41 24.09 -22.63 40.39
CA ASN M 41 24.58 -22.79 39.01
C ASN M 41 23.74 -22.12 37.93
N LEU M 42 22.57 -21.60 38.28
CA LEU M 42 21.74 -20.87 37.33
C LEU M 42 22.48 -19.62 36.80
N PRO M 43 23.13 -18.79 37.64
CA PRO M 43 23.90 -17.65 37.08
C PRO M 43 25.06 -18.06 36.15
N ASN M 44 25.74 -19.17 36.42
CA ASN M 44 26.79 -19.69 35.53
C ASN M 44 26.25 -20.12 34.18
N LEU M 45 25.04 -20.72 34.14
CA LEU M 45 24.41 -21.11 32.91
C LEU M 45 23.96 -19.84 32.15
N ALA M 46 23.35 -18.87 32.84
CA ALA M 46 22.90 -17.63 32.22
C ALA M 46 24.08 -16.84 31.62
N ALA M 47 25.25 -16.86 32.26
CA ALA M 47 26.47 -16.20 31.77
C ALA M 47 27.02 -16.89 30.52
N ALA M 48 26.99 -18.24 30.46
CA ALA M 48 27.42 -18.95 29.26
C ALA M 48 26.39 -18.77 28.07
N TYR M 49 25.09 -18.64 28.35
CA TYR M 49 24.10 -18.35 27.31
C TYR M 49 24.24 -16.94 26.79
N SER M 50 24.53 -15.95 27.67
CA SER M 50 24.78 -14.57 27.28
C SER M 50 25.98 -14.51 26.33
N SER M 51 26.99 -15.29 26.64
CA SER M 51 28.21 -15.40 25.89
C SER M 51 27.88 -16.02 24.49
N ILE M 52 26.99 -17.02 24.45
CA ILE M 52 26.55 -17.65 23.20
C ILE M 52 25.85 -16.62 22.30
N LEU M 53 24.97 -15.80 22.88
CA LEU M 53 24.28 -14.74 22.16
C LEU M 53 25.26 -13.76 21.53
N SER M 54 26.32 -13.34 22.27
CA SER M 54 27.34 -12.44 21.73
C SER M 54 28.17 -13.09 20.62
N SER M 55 28.56 -14.35 20.82
CA SER M 55 29.34 -15.12 19.84
C SER M 55 28.56 -15.41 18.56
N LEU M 56 27.22 -15.40 18.60
CA LEU M 56 26.41 -15.62 17.39
C LEU M 56 26.19 -14.32 16.58
N GLY M 57 26.77 -13.20 17.03
CA GLY M 57 26.60 -11.90 16.40
C GLY M 57 25.37 -11.16 16.85
N GLU M 58 24.67 -11.67 17.87
CA GLU M 58 23.44 -11.05 18.35
C GLU M 58 23.68 -9.98 19.42
N ASN M 59 22.66 -9.15 19.65
CA ASN M 59 22.72 -8.08 20.63
C ASN M 59 21.97 -8.55 21.88
N PRO M 60 22.70 -8.94 22.92
CA PRO M 60 22.02 -9.40 24.16
C PRO M 60 21.22 -8.34 24.89
N GLN M 61 21.34 -7.06 24.48
CA GLN M 61 20.65 -5.93 25.08
C GLN M 61 19.32 -5.59 24.40
N ARG M 62 19.01 -6.18 23.22
CA ARG M 62 17.73 -5.90 22.55
C ARG M 62 16.54 -6.51 23.33
N GLN M 63 15.35 -5.89 23.24
CA GLN M 63 14.16 -6.31 23.99
C GLN M 63 13.92 -7.83 24.03
N GLY M 64 13.98 -8.47 22.87
CA GLY M 64 13.74 -9.91 22.78
C GLY M 64 14.75 -10.79 23.46
N LEU M 65 16.01 -10.29 23.60
CA LEU M 65 17.07 -11.09 24.21
C LEU M 65 17.41 -10.75 25.66
N LEU M 66 16.87 -9.66 26.22
CA LEU M 66 17.17 -9.21 27.59
C LEU M 66 17.04 -10.28 28.68
N LYS M 67 15.96 -11.06 28.71
CA LYS M 67 15.79 -12.11 29.72
C LYS M 67 16.24 -13.49 29.27
N THR M 68 16.67 -13.64 27.99
CA THR M 68 17.06 -14.91 27.38
C THR M 68 18.17 -15.67 28.11
N PRO M 69 19.29 -15.05 28.60
CA PRO M 69 20.29 -15.85 29.34
C PRO M 69 19.68 -16.58 30.54
N TRP M 70 18.75 -15.93 31.25
CA TRP M 70 18.06 -16.55 32.38
C TRP M 70 17.03 -17.59 31.99
N ARG M 71 16.17 -17.30 30.97
CA ARG M 71 15.12 -18.20 30.53
C ARG M 71 15.69 -19.46 29.90
N ALA M 72 16.81 -19.34 29.17
CA ALA M 72 17.49 -20.49 28.55
C ALA M 72 18.13 -21.35 29.61
N ALA M 73 18.70 -20.73 30.66
CA ALA M 73 19.32 -21.44 31.76
C ALA M 73 18.29 -22.20 32.57
N SER M 74 17.13 -21.58 32.85
CA SER M 74 16.05 -22.22 33.59
C SER M 74 15.48 -23.35 32.78
N ALA M 75 15.30 -23.18 31.45
CA ALA M 75 14.83 -24.25 30.58
C ALA M 75 15.84 -25.40 30.57
N MET M 76 17.13 -25.12 30.43
CA MET M 76 18.16 -26.18 30.45
C MET M 76 18.21 -26.94 31.80
N GLN M 77 17.89 -26.26 32.89
CA GLN M 77 17.84 -26.90 34.21
C GLN M 77 16.63 -27.79 34.31
N PHE M 78 15.52 -27.37 33.73
CA PHE M 78 14.30 -28.16 33.75
C PHE M 78 14.51 -29.40 32.88
N PHE M 79 15.15 -29.22 31.69
CA PHE M 79 15.43 -30.35 30.80
C PHE M 79 16.38 -31.37 31.41
N THR M 80 17.18 -30.98 32.40
CA THR M 80 18.11 -31.89 33.06
C THR M 80 17.74 -32.15 34.54
N LYS M 81 16.46 -31.96 34.91
CA LYS M 81 16.00 -32.16 36.30
C LYS M 81 16.00 -33.62 36.78
N GLY M 82 16.12 -34.57 35.86
CA GLY M 82 16.13 -35.99 36.18
C GLY M 82 17.33 -36.44 36.97
N TYR M 83 18.46 -35.71 36.86
CA TYR M 83 19.67 -36.04 37.57
C TYR M 83 19.47 -35.97 39.09
N GLN M 84 18.63 -35.02 39.55
CA GLN M 84 18.38 -34.81 40.97
C GLN M 84 17.32 -35.76 41.56
N GLU M 85 16.76 -36.70 40.75
CA GLU M 85 15.72 -37.62 41.18
C GLU M 85 16.20 -39.02 41.48
N THR M 86 15.58 -39.65 42.47
CA THR M 86 15.87 -41.01 42.91
C THR M 86 14.65 -41.89 42.75
N ILE M 87 14.82 -43.14 42.31
CA ILE M 87 13.72 -44.08 42.12
C ILE M 87 12.83 -44.23 43.37
N SER M 88 13.45 -44.35 44.55
CA SER M 88 12.72 -44.51 45.81
C SER M 88 11.73 -43.37 46.10
N ASP M 89 12.13 -42.11 45.84
CA ASP M 89 11.26 -40.97 46.10
C ASP M 89 10.11 -40.92 45.10
N VAL M 90 10.41 -41.23 43.84
CA VAL M 90 9.47 -41.25 42.73
C VAL M 90 8.37 -42.30 42.93
N LEU M 91 8.73 -43.51 43.42
CA LEU M 91 7.76 -44.59 43.65
C LEU M 91 6.72 -44.28 44.70
N ASN M 92 7.10 -43.60 45.79
CA ASN M 92 6.19 -43.21 46.88
C ASN M 92 5.42 -44.41 47.46
N ASP M 93 6.07 -45.57 47.56
CA ASP M 93 5.44 -46.81 48.06
C ASP M 93 4.21 -47.26 47.25
N ALA M 94 4.18 -46.95 45.93
CA ALA M 94 3.06 -47.34 45.08
C ALA M 94 3.20 -48.75 44.53
N ILE M 95 3.28 -49.74 45.43
CA ILE M 95 3.33 -51.16 45.06
C ILE M 95 2.16 -51.85 45.77
N PHE M 96 1.22 -52.39 45.02
CA PHE M 96 -0.01 -52.97 45.58
C PHE M 96 -0.09 -54.46 45.36
N ASP M 97 -0.78 -55.16 46.26
CA ASP M 97 -0.90 -56.61 46.19
C ASP M 97 -2.24 -56.98 45.57
N GLU M 98 -2.25 -57.18 44.23
CA GLU M 98 -3.50 -57.51 43.54
C GLU M 98 -3.55 -58.92 42.96
N ASP M 99 -2.64 -59.84 43.40
CA ASP M 99 -2.60 -61.24 42.93
C ASP M 99 -2.61 -61.30 41.38
N HIS M 100 -1.86 -60.39 40.75
CA HIS M 100 -1.84 -60.28 39.30
C HIS M 100 -0.55 -60.86 38.75
N ASP M 101 -0.67 -61.79 37.80
CA ASP M 101 0.49 -62.38 37.15
C ASP M 101 0.45 -62.21 35.62
N GLU M 102 -0.34 -61.25 35.12
CA GLU M 102 -0.47 -61.04 33.69
C GLU M 102 0.02 -59.68 33.25
N MET M 103 0.41 -59.57 31.97
CA MET M 103 1.01 -58.39 31.39
C MET M 103 0.21 -57.11 31.57
N VAL M 104 0.89 -56.07 32.08
CA VAL M 104 0.31 -54.74 32.24
C VAL M 104 1.10 -53.84 31.29
N ILE M 105 0.43 -53.05 30.46
CA ILE M 105 1.10 -52.15 29.52
C ILE M 105 0.66 -50.71 29.75
N VAL M 106 1.61 -49.77 29.78
CA VAL M 106 1.29 -48.35 29.75
C VAL M 106 1.98 -47.84 28.48
N LYS M 107 1.19 -47.56 27.43
CA LYS M 107 1.72 -47.13 26.15
C LYS M 107 1.42 -45.66 25.86
N ASP M 108 2.14 -45.09 24.86
CA ASP M 108 2.00 -43.72 24.38
C ASP M 108 2.34 -42.71 25.45
N ILE M 109 3.37 -42.99 26.25
CA ILE M 109 3.83 -42.01 27.24
C ILE M 109 4.67 -40.98 26.49
N ASP M 110 4.26 -39.71 26.43
CA ASP M 110 5.03 -38.67 25.74
C ASP M 110 6.34 -38.47 26.46
N MET M 111 7.43 -38.49 25.72
CA MET M 111 8.78 -38.41 26.23
C MET M 111 9.52 -37.26 25.54
N PHE M 112 10.23 -36.43 26.33
CA PHE M 112 10.99 -35.31 25.80
C PHE M 112 12.37 -35.40 26.41
N SER M 113 13.37 -35.64 25.59
CA SER M 113 14.75 -35.75 26.09
C SER M 113 15.69 -34.78 25.34
N MET M 114 17.00 -34.82 25.66
CA MET M 114 17.96 -33.93 25.06
C MET M 114 19.11 -34.73 24.52
N CYS M 115 19.43 -34.56 23.26
CA CYS M 115 20.55 -35.25 22.63
C CYS M 115 21.87 -34.78 23.31
N GLU M 116 22.66 -35.71 23.85
CA GLU M 116 23.91 -35.33 24.50
C GLU M 116 25.00 -34.94 23.53
N HIS M 117 24.82 -35.23 22.21
CA HIS M 117 25.84 -34.91 21.24
C HIS M 117 25.71 -33.49 20.68
N HIS M 118 24.50 -32.96 20.56
CA HIS M 118 24.29 -31.61 20.01
C HIS M 118 23.53 -30.67 20.92
N LEU M 119 22.95 -31.18 22.03
CA LEU M 119 22.16 -30.41 22.98
C LEU M 119 20.92 -29.82 22.33
N VAL M 120 20.27 -30.62 21.50
CA VAL M 120 19.03 -30.32 20.79
C VAL M 120 18.04 -31.45 21.20
N PRO M 121 16.74 -31.17 21.32
CA PRO M 121 15.80 -32.21 21.78
C PRO M 121 15.60 -33.42 20.90
N PHE M 122 15.20 -34.52 21.51
CA PHE M 122 14.72 -35.71 20.81
C PHE M 122 13.46 -36.10 21.56
N VAL M 123 12.35 -36.18 20.83
CA VAL M 123 11.04 -36.36 21.44
C VAL M 123 10.30 -37.51 20.83
N GLY M 124 9.45 -38.15 21.62
CA GLY M 124 8.68 -39.28 21.13
C GLY M 124 7.76 -39.89 22.15
N LYS M 125 7.61 -41.20 22.06
CA LYS M 125 6.71 -41.98 22.91
C LYS M 125 7.46 -43.17 23.52
N VAL M 126 7.08 -43.54 24.75
CA VAL M 126 7.62 -44.70 25.44
C VAL M 126 6.44 -45.67 25.69
N HIS M 127 6.67 -46.95 25.42
CA HIS M 127 5.68 -47.97 25.63
C HIS M 127 6.32 -48.95 26.57
N ILE M 128 5.70 -49.15 27.73
CA ILE M 128 6.23 -50.05 28.75
C ILE M 128 5.26 -51.20 29.02
N GLY M 129 5.79 -52.39 29.13
CA GLY M 129 5.03 -53.58 29.47
C GLY M 129 5.79 -54.35 30.54
N TYR M 130 5.07 -55.02 31.43
CA TYR M 130 5.72 -55.82 32.47
C TYR M 130 4.82 -56.96 32.93
N LEU M 131 5.44 -58.03 33.44
CA LEU M 131 4.71 -59.17 33.93
C LEU M 131 4.88 -59.19 35.43
N PRO M 132 3.83 -58.79 36.19
CA PRO M 132 3.98 -58.72 37.65
C PRO M 132 4.18 -60.06 38.34
N ASN M 133 4.83 -59.99 39.48
CA ASN M 133 5.05 -61.16 40.30
C ASN M 133 4.13 -61.00 41.51
N LYS M 134 2.78 -61.08 41.26
CA LYS M 134 1.68 -60.88 42.21
C LYS M 134 1.42 -59.39 42.52
N GLN M 135 2.50 -58.63 42.83
CA GLN M 135 2.46 -57.19 43.12
C GLN M 135 2.52 -56.30 41.86
N VAL M 136 1.64 -55.28 41.82
CA VAL M 136 1.62 -54.34 40.71
C VAL M 136 2.13 -52.96 41.12
N LEU M 137 2.75 -52.23 40.19
CA LEU M 137 3.25 -50.87 40.41
C LEU M 137 2.10 -49.89 40.05
N GLY M 138 2.08 -48.73 40.67
CA GLY M 138 1.09 -47.71 40.37
C GLY M 138 1.35 -47.19 38.98
N LEU M 139 0.34 -47.22 38.10
CA LEU M 139 0.46 -46.86 36.70
C LEU M 139 1.28 -45.60 36.42
N SER M 140 1.04 -44.49 37.14
CA SER M 140 1.77 -43.24 36.90
C SER M 140 3.24 -43.34 37.17
N LYS M 141 3.66 -44.26 38.08
CA LYS M 141 5.07 -44.39 38.42
C LYS M 141 5.91 -44.87 37.25
N LEU M 142 5.30 -45.57 36.27
CA LEU M 142 6.01 -45.99 35.05
C LEU M 142 6.37 -44.73 34.23
N ALA M 143 5.43 -43.78 34.11
CA ALA M 143 5.67 -42.50 33.42
C ALA M 143 6.65 -41.64 34.21
N ARG M 144 6.62 -41.70 35.55
CA ARG M 144 7.56 -40.94 36.39
C ARG M 144 8.98 -41.49 36.29
N ILE M 145 9.14 -42.82 36.07
CA ILE M 145 10.45 -43.45 35.84
C ILE M 145 10.99 -42.97 34.48
N VAL M 146 10.11 -42.82 33.47
CA VAL M 146 10.47 -42.28 32.15
C VAL M 146 11.06 -40.87 32.33
N GLU M 147 10.41 -40.05 33.18
CA GLU M 147 10.83 -38.69 33.47
C GLU M 147 12.15 -38.57 34.19
N ILE M 148 12.55 -39.58 34.99
CA ILE M 148 13.83 -39.53 35.69
C ILE M 148 14.96 -39.57 34.66
N TYR M 149 14.85 -40.45 33.67
CA TYR M 149 15.91 -40.66 32.71
C TYR M 149 15.79 -39.82 31.45
N SER M 150 14.59 -39.43 31.02
CA SER M 150 14.45 -38.58 29.83
C SER M 150 14.85 -37.14 30.10
N ARG M 151 14.72 -36.66 31.35
CA ARG M 151 15.12 -35.31 31.68
C ARG M 151 16.60 -35.29 32.04
N ARG M 152 17.45 -35.67 31.08
CA ARG M 152 18.91 -35.74 31.21
C ARG M 152 19.51 -35.56 29.81
N LEU M 153 20.85 -35.43 29.71
CA LEU M 153 21.51 -35.41 28.40
C LEU M 153 21.63 -36.89 28.08
N GLN M 154 21.00 -37.30 26.99
CA GLN M 154 20.88 -38.70 26.68
C GLN M 154 21.30 -39.17 25.31
N VAL M 155 21.33 -40.49 25.19
CA VAL M 155 21.44 -41.28 24.00
C VAL M 155 20.22 -42.25 24.13
N GLN M 156 19.40 -42.36 23.09
CA GLN M 156 18.18 -43.13 23.12
C GLN M 156 18.33 -44.57 23.61
N GLU M 157 19.41 -45.23 23.21
CA GLU M 157 19.68 -46.61 23.59
C GLU M 157 19.87 -46.72 25.09
N ARG M 158 20.59 -45.75 25.68
CA ARG M 158 20.82 -45.71 27.12
C ARG M 158 19.53 -45.44 27.88
N LEU M 159 18.77 -44.41 27.43
CA LEU M 159 17.49 -44.04 28.01
C LEU M 159 16.54 -45.24 28.08
N THR M 160 16.44 -46.02 26.99
CA THR M 160 15.58 -47.22 26.92
C THR M 160 15.99 -48.26 27.96
N LYS M 161 17.29 -48.57 28.06
CA LYS M 161 17.82 -49.55 29.01
C LYS M 161 17.59 -49.09 30.46
N GLN M 162 17.84 -47.81 30.76
CA GLN M 162 17.69 -47.26 32.11
C GLN M 162 16.26 -47.41 32.63
N ILE M 163 15.27 -47.13 31.78
CA ILE M 163 13.86 -47.26 32.16
C ILE M 163 13.54 -48.71 32.50
N ALA M 164 13.99 -49.67 31.66
CA ALA M 164 13.72 -51.09 31.87
C ALA M 164 14.37 -51.62 33.14
N VAL M 165 15.61 -51.20 33.39
CA VAL M 165 16.36 -51.61 34.56
C VAL M 165 15.73 -51.02 35.83
N ALA M 166 15.28 -49.75 35.79
CA ALA M 166 14.66 -49.11 36.93
C ALA M 166 13.40 -49.84 37.35
N ILE M 167 12.58 -50.29 36.38
CA ILE M 167 11.34 -51.02 36.66
C ILE M 167 11.62 -52.37 37.29
N THR M 168 12.64 -53.08 36.77
CA THR M 168 13.07 -54.37 37.28
C THR M 168 13.58 -54.20 38.69
N GLU M 169 14.38 -53.16 38.95
CA GLU M 169 14.94 -52.93 40.28
C GLU M 169 13.89 -52.51 41.30
N ALA M 170 12.88 -51.76 40.87
CA ALA M 170 11.85 -51.28 41.78
C ALA M 170 10.81 -52.32 42.14
N LEU M 171 10.54 -53.27 41.24
CA LEU M 171 9.46 -54.24 41.44
C LEU M 171 9.88 -55.68 41.50
N ARG M 172 10.98 -56.03 40.84
CA ARG M 172 11.43 -57.41 40.66
C ARG M 172 10.34 -58.28 40.02
N PRO M 173 9.85 -57.88 38.83
CA PRO M 173 8.78 -58.65 38.19
C PRO M 173 9.34 -59.81 37.37
N ALA M 174 8.44 -60.61 36.75
CA ALA M 174 8.84 -61.72 35.90
C ALA M 174 9.60 -61.22 34.67
N GLY M 175 9.22 -60.05 34.15
CA GLY M 175 9.87 -59.44 33.00
C GLY M 175 9.41 -58.02 32.74
N VAL M 176 10.20 -57.28 31.96
CA VAL M 176 9.92 -55.89 31.55
C VAL M 176 10.25 -55.73 30.06
N GLY M 177 9.47 -54.93 29.36
CA GLY M 177 9.70 -54.59 27.97
C GLY M 177 9.51 -53.10 27.81
N VAL M 178 10.47 -52.42 27.18
CA VAL M 178 10.39 -50.97 26.97
C VAL M 178 10.70 -50.69 25.49
N VAL M 179 9.85 -49.92 24.82
CA VAL M 179 10.08 -49.53 23.44
C VAL M 179 10.02 -48.01 23.40
N VAL M 180 11.03 -47.37 22.83
CA VAL M 180 11.05 -45.92 22.68
C VAL M 180 11.06 -45.60 21.17
N GLU M 181 10.17 -44.71 20.72
CA GLU M 181 10.14 -44.28 19.34
C GLU M 181 10.29 -42.78 19.38
N ALA M 182 11.33 -42.23 18.73
CA ALA M 182 11.58 -40.80 18.82
C ALA M 182 12.06 -40.15 17.52
N THR M 183 11.82 -38.83 17.40
CA THR M 183 12.28 -37.95 16.35
C THR M 183 13.43 -37.18 16.97
N HIS M 184 14.59 -37.23 16.33
CA HIS M 184 15.75 -36.51 16.80
C HIS M 184 15.78 -35.25 15.98
N MET M 185 15.67 -34.08 16.60
CA MET M 185 15.72 -32.81 15.88
C MET M 185 17.07 -32.57 15.20
N CYS M 186 18.15 -33.17 15.72
CA CYS M 186 19.47 -33.14 15.08
C CYS M 186 19.45 -33.78 13.69
N MET M 187 18.48 -34.66 13.43
CA MET M 187 18.36 -35.31 12.14
C MET M 187 17.29 -34.67 11.26
N VAL M 188 16.40 -33.79 11.81
CA VAL M 188 15.38 -33.17 10.99
C VAL M 188 15.74 -31.70 10.67
N MET M 189 16.20 -30.92 11.66
CA MET M 189 16.46 -29.50 11.39
C MET M 189 17.90 -29.18 11.04
N ARG M 190 18.78 -30.18 10.92
CA ARG M 190 20.18 -30.02 10.59
C ARG M 190 20.78 -31.38 10.14
N GLY M 191 22.07 -31.42 9.85
CA GLY M 191 22.80 -32.64 9.48
C GLY M 191 22.25 -33.35 8.27
N VAL M 192 21.74 -34.59 8.47
CA VAL M 192 21.15 -35.35 7.36
C VAL M 192 19.83 -34.74 6.85
N GLN M 193 19.08 -34.03 7.74
CA GLN M 193 17.82 -33.38 7.44
C GLN M 193 16.84 -34.30 6.73
N LYS M 194 16.60 -35.47 7.36
CA LYS M 194 15.63 -36.48 6.97
C LYS M 194 14.43 -36.22 7.88
N MET M 195 13.47 -35.54 7.30
CA MET M 195 12.19 -35.05 7.81
C MET M 195 11.40 -36.08 8.64
N ASN M 196 11.19 -37.28 8.05
CA ASN M 196 10.33 -38.28 8.63
C ASN M 196 11.04 -39.38 9.39
N SER M 197 12.37 -39.35 9.48
CA SER M 197 13.12 -40.41 10.17
C SER M 197 12.76 -40.52 11.66
N LYS M 198 12.57 -41.76 12.11
CA LYS M 198 12.18 -42.06 13.49
C LYS M 198 13.16 -43.16 13.96
N THR M 199 13.63 -43.07 15.19
CA THR M 199 14.50 -44.07 15.79
C THR M 199 13.66 -44.91 16.75
N VAL M 200 13.72 -46.23 16.61
CA VAL M 200 12.99 -47.14 17.47
C VAL M 200 14.01 -48.00 18.23
N THR M 201 14.02 -47.91 19.57
CA THR M 201 14.89 -48.74 20.39
C THR M 201 14.02 -49.58 21.34
N SER M 202 14.57 -50.70 21.82
CA SER M 202 13.85 -51.57 22.75
C SER M 202 14.78 -52.23 23.76
N THR M 203 14.26 -52.54 24.95
CA THR M 203 14.97 -53.27 26.00
C THR M 203 14.01 -54.27 26.62
N MET M 204 14.37 -55.56 26.54
CA MET M 204 13.54 -56.64 27.06
C MET M 204 14.32 -57.36 28.14
N LEU M 205 13.74 -57.44 29.33
CA LEU M 205 14.34 -58.11 30.48
C LEU M 205 13.42 -59.24 30.97
N GLY M 206 14.01 -60.24 31.60
CA GLY M 206 13.26 -61.36 32.12
C GLY M 206 12.53 -62.14 31.06
N VAL M 207 11.26 -62.46 31.30
CA VAL M 207 10.39 -63.22 30.41
C VAL M 207 10.23 -62.55 29.04
N PHE M 208 10.29 -61.20 28.99
CA PHE M 208 10.19 -60.49 27.72
C PHE M 208 11.38 -60.80 26.82
N ARG M 209 12.56 -61.07 27.41
CA ARG M 209 13.76 -61.39 26.67
C ARG M 209 13.81 -62.89 26.36
N GLU M 210 13.49 -63.76 27.34
CA GLU M 210 13.59 -65.22 27.20
C GLU M 210 12.41 -65.90 26.48
N ASP M 211 11.18 -65.37 26.59
CA ASP M 211 10.01 -65.99 25.95
C ASP M 211 9.57 -65.21 24.73
N PRO M 212 9.79 -65.76 23.52
CA PRO M 212 9.40 -65.05 22.30
C PRO M 212 7.92 -64.73 22.20
N LYS M 213 7.04 -65.61 22.67
CA LYS M 213 5.59 -65.36 22.61
C LYS M 213 5.16 -64.16 23.48
N THR M 214 5.80 -63.96 24.64
CA THR M 214 5.53 -62.82 25.52
C THR M 214 5.94 -61.52 24.83
N ARG M 215 7.12 -61.54 24.22
CA ARG M 215 7.69 -60.45 23.48
C ARG M 215 6.80 -60.02 22.30
N GLU M 216 6.31 -60.98 21.49
CA GLU M 216 5.46 -60.65 20.34
C GLU M 216 4.10 -60.13 20.75
N GLU M 217 3.56 -60.65 21.87
CA GLU M 217 2.28 -60.20 22.37
C GLU M 217 2.38 -58.72 22.80
N PHE M 218 3.47 -58.37 23.48
CA PHE M 218 3.72 -57.01 23.91
C PHE M 218 3.84 -56.09 22.69
N LEU M 219 4.63 -56.50 21.70
CA LEU M 219 4.84 -55.69 20.50
C LEU M 219 3.57 -55.44 19.70
N THR M 220 2.63 -56.42 19.66
CA THR M 220 1.37 -56.20 18.95
C THR M 220 0.42 -55.35 19.76
N LEU M 221 0.39 -55.52 21.09
CA LEU M 221 -0.51 -54.74 21.93
C LEU M 221 -0.14 -53.25 22.01
N ILE M 222 1.10 -52.87 21.64
CA ILE M 222 1.51 -51.47 21.71
C ILE M 222 1.29 -50.77 20.38
N PRO N 32 -42.94 -47.05 -23.08
CA PRO N 32 -41.95 -47.72 -22.21
C PRO N 32 -41.74 -49.18 -22.57
N ARG N 33 -40.54 -49.71 -22.26
CA ARG N 33 -40.18 -51.12 -22.48
C ARG N 33 -41.09 -52.03 -21.62
N SER N 34 -41.28 -53.29 -22.02
CA SER N 34 -42.11 -54.23 -21.24
C SER N 34 -41.39 -55.58 -21.00
N GLU N 35 -41.95 -56.44 -20.12
CA GLU N 35 -41.36 -57.76 -19.87
C GLU N 35 -41.51 -58.70 -21.09
N GLU N 36 -42.56 -58.49 -21.90
CA GLU N 36 -42.75 -59.25 -23.12
C GLU N 36 -41.66 -58.85 -24.13
N ASP N 37 -41.32 -57.55 -24.21
CA ASP N 37 -40.23 -57.06 -25.06
C ASP N 37 -38.90 -57.70 -24.67
N ASN N 38 -38.67 -57.88 -23.36
CA ASN N 38 -37.45 -58.49 -22.84
C ASN N 38 -37.33 -59.95 -23.25
N GLU N 39 -38.43 -60.72 -23.13
CA GLU N 39 -38.41 -62.14 -23.50
C GLU N 39 -38.20 -62.35 -25.00
N LEU N 40 -38.84 -61.49 -25.80
CA LEU N 40 -38.76 -61.53 -27.25
C LEU N 40 -37.38 -61.10 -27.77
N ASN N 41 -36.76 -60.12 -27.09
CA ASN N 41 -35.44 -59.59 -27.49
C ASN N 41 -34.26 -60.34 -26.90
N LEU N 42 -34.48 -61.20 -25.89
CA LEU N 42 -33.39 -61.95 -25.27
C LEU N 42 -32.61 -62.85 -26.24
N PRO N 43 -33.25 -63.69 -27.10
CA PRO N 43 -32.46 -64.52 -28.04
C PRO N 43 -31.62 -63.74 -29.06
N ASN N 44 -32.08 -62.54 -29.47
CA ASN N 44 -31.34 -61.69 -30.42
C ASN N 44 -30.13 -61.06 -29.72
N LEU N 45 -30.27 -60.71 -28.42
CA LEU N 45 -29.18 -60.18 -27.64
C LEU N 45 -28.15 -61.29 -27.46
N ALA N 46 -28.58 -62.50 -27.09
CA ALA N 46 -27.68 -63.65 -26.92
C ALA N 46 -26.95 -63.97 -28.22
N ALA N 47 -27.63 -63.84 -29.37
CA ALA N 47 -27.00 -64.10 -30.68
C ALA N 47 -25.90 -63.08 -30.95
N ALA N 48 -26.15 -61.80 -30.63
CA ALA N 48 -25.17 -60.75 -30.82
C ALA N 48 -23.97 -60.92 -29.90
N TYR N 49 -24.20 -61.36 -28.64
CA TYR N 49 -23.09 -61.59 -27.71
C TYR N 49 -22.24 -62.79 -28.11
N SER N 50 -22.89 -63.84 -28.65
CA SER N 50 -22.20 -65.03 -29.14
C SER N 50 -21.32 -64.63 -30.33
N SER N 51 -21.84 -63.79 -31.23
CA SER N 51 -21.13 -63.26 -32.38
C SER N 51 -19.90 -62.46 -31.96
N ILE N 52 -20.00 -61.71 -30.83
CA ILE N 52 -18.91 -60.91 -30.27
C ILE N 52 -17.82 -61.82 -29.76
N LEU N 53 -18.19 -62.89 -29.04
CA LEU N 53 -17.23 -63.87 -28.52
C LEU N 53 -16.40 -64.50 -29.64
N SER N 54 -17.05 -64.86 -30.75
CA SER N 54 -16.37 -65.44 -31.90
C SER N 54 -15.45 -64.41 -32.57
N SER N 55 -15.91 -63.15 -32.72
CA SER N 55 -15.13 -62.08 -33.34
C SER N 55 -13.92 -61.66 -32.52
N LEU N 56 -13.93 -61.93 -31.21
CA LEU N 56 -12.78 -61.61 -30.34
C LEU N 56 -11.70 -62.71 -30.34
N GLY N 57 -11.93 -63.78 -31.10
CA GLY N 57 -11.01 -64.92 -31.19
C GLY N 57 -11.23 -65.95 -30.09
N GLU N 58 -12.35 -65.85 -29.36
CA GLU N 58 -12.64 -66.78 -28.28
C GLU N 58 -13.44 -68.00 -28.76
N ASN N 59 -13.41 -69.07 -27.96
CA ASN N 59 -14.15 -70.29 -28.24
C ASN N 59 -15.44 -70.25 -27.46
N PRO N 60 -16.59 -69.99 -28.12
CA PRO N 60 -17.86 -69.98 -27.38
C PRO N 60 -18.32 -71.34 -26.85
N GLN N 61 -17.69 -72.42 -27.31
CA GLN N 61 -18.08 -73.76 -26.89
C GLN N 61 -17.33 -74.27 -25.65
N ARG N 62 -16.42 -73.48 -25.07
CA ARG N 62 -15.72 -73.89 -23.86
C ARG N 62 -16.53 -73.54 -22.59
N GLN N 63 -16.33 -74.33 -21.51
CA GLN N 63 -17.10 -74.28 -20.27
C GLN N 63 -17.44 -72.88 -19.75
N GLY N 64 -16.42 -72.02 -19.63
CA GLY N 64 -16.58 -70.65 -19.14
C GLY N 64 -17.41 -69.73 -20.00
N LEU N 65 -17.47 -69.97 -21.32
CA LEU N 65 -18.24 -69.12 -22.21
C LEU N 65 -19.59 -69.68 -22.67
N LEU N 66 -19.89 -70.99 -22.41
CA LEU N 66 -21.16 -71.64 -22.82
C LEU N 66 -22.45 -70.87 -22.51
N LYS N 67 -22.63 -70.37 -21.28
CA LYS N 67 -23.84 -69.62 -20.91
C LYS N 67 -23.69 -68.10 -21.01
N THR N 68 -22.48 -67.61 -21.38
CA THR N 68 -22.17 -66.19 -21.48
C THR N 68 -23.09 -65.40 -22.41
N PRO N 69 -23.45 -65.83 -23.64
CA PRO N 69 -24.36 -65.02 -24.46
C PRO N 69 -25.68 -64.69 -23.75
N TRP N 70 -26.18 -65.62 -22.91
CA TRP N 70 -27.42 -65.43 -22.17
C TRP N 70 -27.22 -64.61 -20.93
N ARG N 71 -26.14 -64.87 -20.15
CA ARG N 71 -25.87 -64.11 -18.92
C ARG N 71 -25.53 -62.66 -19.25
N ALA N 72 -24.82 -62.42 -20.36
CA ALA N 72 -24.46 -61.07 -20.79
C ALA N 72 -25.67 -60.32 -21.26
N ALA N 73 -26.59 -61.00 -21.99
CA ALA N 73 -27.83 -60.42 -22.48
C ALA N 73 -28.76 -60.05 -21.33
N SER N 74 -28.88 -60.92 -20.32
CA SER N 74 -29.71 -60.66 -19.14
C SER N 74 -29.13 -59.51 -18.32
N ALA N 75 -27.79 -59.45 -18.20
CA ALA N 75 -27.13 -58.36 -17.48
C ALA N 75 -27.40 -57.04 -18.20
N MET N 76 -27.29 -56.99 -19.54
CA MET N 76 -27.54 -55.76 -20.30
C MET N 76 -29.00 -55.30 -20.19
N GLN N 77 -29.94 -56.26 -20.08
CA GLN N 77 -31.35 -55.93 -19.91
C GLN N 77 -31.57 -55.32 -18.51
N PHE N 78 -30.91 -55.89 -17.48
CA PHE N 78 -30.97 -55.38 -16.14
C PHE N 78 -30.39 -53.96 -16.07
N PHE N 79 -29.22 -53.72 -16.73
CA PHE N 79 -28.55 -52.41 -16.79
C PHE N 79 -29.38 -51.35 -17.50
N THR N 80 -30.32 -51.76 -18.36
CA THR N 80 -31.18 -50.84 -19.11
C THR N 80 -32.64 -50.95 -18.69
N LYS N 81 -32.93 -51.46 -17.48
CA LYS N 81 -34.32 -51.63 -17.02
C LYS N 81 -35.07 -50.31 -16.72
N GLY N 82 -34.36 -49.20 -16.66
CA GLY N 82 -34.96 -47.90 -16.38
C GLY N 82 -35.87 -47.38 -17.49
N TYR N 83 -35.66 -47.87 -18.72
CA TYR N 83 -36.48 -47.50 -19.87
C TYR N 83 -37.94 -47.96 -19.68
N GLN N 84 -38.14 -49.12 -19.00
CA GLN N 84 -39.49 -49.64 -18.76
C GLN N 84 -40.18 -49.05 -17.52
N GLU N 85 -39.59 -48.03 -16.89
CA GLU N 85 -40.16 -47.43 -15.69
C GLU N 85 -40.77 -46.06 -15.89
N THR N 86 -41.88 -45.80 -15.18
CA THR N 86 -42.59 -44.53 -15.21
C THR N 86 -42.58 -43.89 -13.83
N ILE N 87 -42.38 -42.56 -13.75
CA ILE N 87 -42.33 -41.83 -12.48
C ILE N 87 -43.54 -42.10 -11.59
N SER N 88 -44.75 -42.10 -12.17
CA SER N 88 -45.98 -42.34 -11.42
C SER N 88 -46.04 -43.68 -10.67
N ASP N 89 -45.55 -44.75 -11.31
CA ASP N 89 -45.55 -46.07 -10.69
C ASP N 89 -44.51 -46.17 -9.58
N VAL N 90 -43.34 -45.57 -9.81
CA VAL N 90 -42.22 -45.52 -8.89
C VAL N 90 -42.56 -44.76 -7.59
N LEU N 91 -43.25 -43.60 -7.70
CA LEU N 91 -43.64 -42.79 -6.52
C LEU N 91 -44.62 -43.48 -5.57
N ASN N 92 -45.57 -44.30 -6.10
CA ASN N 92 -46.54 -45.05 -5.30
C ASN N 92 -47.32 -44.15 -4.33
N ASP N 93 -47.67 -42.93 -4.76
CA ASP N 93 -48.40 -41.93 -3.94
C ASP N 93 -47.70 -41.61 -2.63
N ALA N 94 -46.36 -41.72 -2.57
CA ALA N 94 -45.63 -41.42 -1.35
C ALA N 94 -45.30 -39.94 -1.21
N ILE N 95 -46.35 -39.12 -1.10
CA ILE N 95 -46.27 -37.68 -0.89
C ILE N 95 -47.06 -37.39 0.38
N PHE N 96 -46.37 -36.90 1.43
CA PHE N 96 -46.95 -36.69 2.74
C PHE N 96 -47.03 -35.22 3.10
N ASP N 97 -48.05 -34.84 3.84
CA ASP N 97 -48.24 -33.45 4.27
C ASP N 97 -47.60 -33.27 5.64
N GLU N 98 -46.35 -32.81 5.66
CA GLU N 98 -45.62 -32.64 6.93
C GLU N 98 -45.38 -31.18 7.32
N ASP N 99 -46.03 -30.20 6.65
CA ASP N 99 -45.86 -28.77 6.93
C ASP N 99 -44.37 -28.37 6.93
N HIS N 100 -43.60 -28.94 6.00
CA HIS N 100 -42.18 -28.71 5.95
C HIS N 100 -41.81 -27.77 4.83
N ASP N 101 -41.09 -26.70 5.15
CA ASP N 101 -40.62 -25.76 4.13
C ASP N 101 -39.10 -25.62 4.13
N GLU N 102 -38.36 -26.59 4.72
CA GLU N 102 -36.92 -26.53 4.81
C GLU N 102 -36.24 -27.63 4.05
N MET N 103 -34.98 -27.40 3.66
CA MET N 103 -34.21 -28.32 2.85
C MET N 103 -34.09 -29.74 3.38
N VAL N 104 -34.42 -30.70 2.52
CA VAL N 104 -34.29 -32.13 2.80
C VAL N 104 -33.21 -32.66 1.85
N ILE N 105 -32.24 -33.40 2.37
CA ILE N 105 -31.18 -33.96 1.55
C ILE N 105 -31.11 -35.46 1.68
N VAL N 106 -30.96 -36.19 0.58
CA VAL N 106 -30.64 -37.61 0.59
C VAL N 106 -29.30 -37.72 -0.18
N LYS N 107 -28.20 -37.92 0.54
CA LYS N 107 -26.88 -37.98 -0.04
C LYS N 107 -26.31 -39.39 -0.03
N ASP N 108 -25.23 -39.59 -0.82
CA ASP N 108 -24.51 -40.85 -0.97
C ASP N 108 -25.37 -41.97 -1.52
N ILE N 109 -26.20 -41.65 -2.50
CA ILE N 109 -26.99 -42.69 -3.15
C ILE N 109 -26.05 -43.37 -4.16
N ASP N 110 -25.73 -44.65 -3.98
CA ASP N 110 -24.87 -45.37 -4.93
C ASP N 110 -25.57 -45.47 -6.27
N MET N 111 -24.89 -45.06 -7.33
CA MET N 111 -25.43 -44.99 -8.66
C MET N 111 -24.54 -45.82 -9.60
N PHE N 112 -25.15 -46.62 -10.48
CA PHE N 112 -24.44 -47.47 -11.44
C PHE N 112 -25.11 -47.26 -12.77
N SER N 113 -24.38 -46.71 -13.73
CA SER N 113 -24.93 -46.41 -15.05
C SER N 113 -24.06 -47.03 -16.17
N MET N 114 -24.39 -46.77 -17.42
CA MET N 114 -23.69 -47.31 -18.55
C MET N 114 -23.36 -46.20 -19.49
N CYS N 115 -22.09 -46.02 -19.84
CA CYS N 115 -21.65 -45.02 -20.81
C CYS N 115 -22.26 -45.35 -22.18
N GLU N 116 -23.03 -44.42 -22.77
CA GLU N 116 -23.63 -44.68 -24.08
C GLU N 116 -22.63 -44.63 -25.24
N HIS N 117 -21.41 -44.12 -25.01
CA HIS N 117 -20.41 -44.03 -26.06
C HIS N 117 -19.58 -45.28 -26.21
N HIS N 118 -19.29 -46.00 -25.11
CA HIS N 118 -18.48 -47.22 -25.19
C HIS N 118 -19.14 -48.47 -24.63
N LEU N 119 -20.29 -48.33 -23.97
CA LEU N 119 -21.05 -49.42 -23.34
C LEU N 119 -20.25 -50.09 -22.24
N VAL N 120 -19.59 -49.26 -21.43
CA VAL N 120 -18.79 -49.63 -20.27
C VAL N 120 -19.38 -48.81 -19.08
N PRO N 121 -19.44 -49.39 -17.86
CA PRO N 121 -20.07 -48.66 -16.74
C PRO N 121 -19.42 -47.37 -16.29
N PHE N 122 -20.22 -46.51 -15.70
CA PHE N 122 -19.78 -45.32 -14.99
C PHE N 122 -20.55 -45.35 -13.69
N VAL N 123 -19.83 -45.35 -12.58
CA VAL N 123 -20.43 -45.55 -11.27
C VAL N 123 -20.02 -44.46 -10.30
N GLY N 124 -20.86 -44.19 -9.32
CA GLY N 124 -20.56 -43.18 -8.33
C GLY N 124 -21.66 -42.96 -7.33
N LYS N 125 -21.87 -41.70 -6.95
CA LYS N 125 -22.83 -41.28 -5.91
C LYS N 125 -23.66 -40.13 -6.42
N VAL N 126 -24.93 -40.08 -5.97
CA VAL N 126 -25.86 -38.99 -6.28
C VAL N 126 -26.26 -38.36 -4.96
N HIS N 127 -26.28 -37.04 -4.91
CA HIS N 127 -26.65 -36.29 -3.72
C HIS N 127 -27.78 -35.40 -4.15
N ILE N 128 -28.93 -35.54 -3.52
CA ILE N 128 -30.12 -34.78 -3.88
C ILE N 128 -30.56 -33.91 -2.71
N GLY N 129 -30.95 -32.69 -3.00
CA GLY N 129 -31.51 -31.78 -2.03
C GLY N 129 -32.75 -31.12 -2.63
N TYR N 130 -33.74 -30.79 -1.78
CA TYR N 130 -34.92 -30.08 -2.28
C TYR N 130 -35.56 -29.25 -1.18
N LEU N 131 -36.30 -28.23 -1.57
CA LEU N 131 -37.01 -27.37 -0.64
C LEU N 131 -38.50 -27.63 -0.81
N PRO N 132 -39.10 -28.41 0.10
CA PRO N 132 -40.51 -28.74 -0.05
C PRO N 132 -41.43 -27.54 0.04
N ASN N 133 -42.57 -27.68 -0.61
CA ASN N 133 -43.64 -26.69 -0.60
C ASN N 133 -44.76 -27.30 0.28
N LYS N 134 -44.47 -27.43 1.60
CA LYS N 134 -45.30 -28.04 2.66
C LYS N 134 -45.27 -29.58 2.59
N GLN N 135 -45.49 -30.16 1.37
CA GLN N 135 -45.48 -31.60 1.12
C GLN N 135 -44.08 -32.20 0.93
N VAL N 136 -43.84 -33.36 1.57
CA VAL N 136 -42.56 -34.05 1.44
C VAL N 136 -42.72 -35.34 0.64
N LEU N 137 -41.70 -35.65 -0.15
CA LEU N 137 -41.64 -36.90 -0.93
C LEU N 137 -41.04 -37.98 -0.01
N GLY N 138 -41.43 -39.24 -0.23
CA GLY N 138 -40.86 -40.35 0.51
C GLY N 138 -39.38 -40.45 0.22
N LEU N 139 -38.55 -40.54 1.27
CA LEU N 139 -37.09 -40.57 1.10
C LEU N 139 -36.61 -41.58 0.08
N SER N 140 -37.09 -42.82 0.11
CA SER N 140 -36.63 -43.84 -0.84
C SER N 140 -36.96 -43.55 -2.30
N LYS N 141 -37.96 -42.69 -2.53
CA LYS N 141 -38.40 -42.37 -3.88
C LYS N 141 -37.38 -41.56 -4.64
N LEU N 142 -36.55 -40.78 -3.95
CA LEU N 142 -35.47 -40.02 -4.58
C LEU N 142 -34.45 -41.02 -5.17
N ALA N 143 -34.11 -42.06 -4.39
CA ALA N 143 -33.21 -43.13 -4.84
C ALA N 143 -33.85 -43.96 -5.99
N ARG N 144 -35.17 -44.16 -5.95
CA ARG N 144 -35.88 -44.87 -7.03
C ARG N 144 -35.94 -44.03 -8.30
N ILE N 145 -35.99 -42.68 -8.18
CA ILE N 145 -35.94 -41.74 -9.32
C ILE N 145 -34.54 -41.87 -9.96
N VAL N 146 -33.47 -41.97 -9.13
CA VAL N 146 -32.11 -42.15 -9.59
C VAL N 146 -32.02 -43.44 -10.44
N GLU N 147 -32.63 -44.51 -9.98
CA GLU N 147 -32.65 -45.80 -10.67
C GLU N 147 -33.37 -45.78 -12.00
N ILE N 148 -34.39 -44.91 -12.18
CA ILE N 148 -35.11 -44.84 -13.46
C ILE N 148 -34.14 -44.38 -14.55
N TYR N 149 -33.36 -43.35 -14.25
CA TYR N 149 -32.48 -42.74 -15.24
C TYR N 149 -31.08 -43.32 -15.30
N SER N 150 -30.54 -43.83 -14.19
CA SER N 150 -29.21 -44.41 -14.21
C SER N 150 -29.19 -45.76 -14.92
N ARG N 151 -30.29 -46.53 -14.86
CA ARG N 151 -30.38 -47.82 -15.54
C ARG N 151 -30.78 -47.64 -16.99
N ARG N 152 -29.95 -46.92 -17.73
CA ARG N 152 -30.13 -46.60 -19.15
C ARG N 152 -28.73 -46.38 -19.78
N LEU N 153 -28.65 -46.24 -21.10
CA LEU N 153 -27.40 -45.86 -21.75
C LEU N 153 -27.38 -44.35 -21.58
N GLN N 154 -26.37 -43.85 -20.86
CA GLN N 154 -26.33 -42.46 -20.44
C GLN N 154 -25.08 -41.66 -20.73
N VAL N 155 -25.22 -40.36 -20.47
CA VAL N 155 -24.22 -39.31 -20.42
C VAL N 155 -24.54 -38.66 -19.05
N GLN N 156 -23.52 -38.49 -18.20
CA GLN N 156 -23.64 -37.99 -16.83
C GLN N 156 -24.41 -36.68 -16.72
N GLU N 157 -24.18 -35.75 -17.66
CA GLU N 157 -24.83 -34.45 -17.68
C GLU N 157 -26.34 -34.60 -17.88
N ARG N 158 -26.75 -35.54 -18.75
CA ARG N 158 -28.16 -35.81 -19.01
C ARG N 158 -28.79 -36.46 -17.79
N LEU N 159 -28.12 -37.48 -17.22
CA LEU N 159 -28.56 -38.22 -16.03
C LEU N 159 -28.84 -37.24 -14.88
N THR N 160 -27.94 -36.29 -14.65
CA THR N 160 -28.09 -35.30 -13.58
C THR N 160 -29.33 -34.43 -13.77
N LYS N 161 -29.55 -33.94 -15.00
CA LYS N 161 -30.69 -33.09 -15.33
C LYS N 161 -32.00 -33.85 -15.21
N GLN N 162 -32.05 -35.09 -15.70
CA GLN N 162 -33.25 -35.92 -15.66
C GLN N 162 -33.72 -36.16 -14.25
N ILE N 163 -32.79 -36.45 -13.32
CA ILE N 163 -33.15 -36.66 -11.92
C ILE N 163 -33.79 -35.38 -11.32
N ALA N 164 -33.17 -34.22 -11.54
CA ALA N 164 -33.68 -32.95 -11.00
C ALA N 164 -35.06 -32.60 -11.59
N VAL N 165 -35.25 -32.83 -12.89
CA VAL N 165 -36.50 -32.55 -13.56
C VAL N 165 -37.62 -33.50 -13.10
N ALA N 166 -37.28 -34.78 -12.85
CA ALA N 166 -38.26 -35.75 -12.37
C ALA N 166 -38.78 -35.37 -11.00
N ILE N 167 -37.91 -34.88 -10.12
CA ILE N 167 -38.31 -34.46 -8.78
C ILE N 167 -39.22 -33.21 -8.85
N THR N 168 -38.88 -32.25 -9.72
CA THR N 168 -39.69 -31.03 -9.86
C THR N 168 -41.06 -31.36 -10.43
N GLU N 169 -41.12 -32.30 -11.37
CA GLU N 169 -42.38 -32.68 -11.96
C GLU N 169 -43.25 -33.47 -11.00
N ALA N 170 -42.64 -34.34 -10.20
CA ALA N 170 -43.38 -35.17 -9.25
C ALA N 170 -43.94 -34.40 -8.04
N LEU N 171 -43.21 -33.39 -7.57
CA LEU N 171 -43.57 -32.71 -6.33
C LEU N 171 -43.91 -31.25 -6.47
N ARG N 172 -43.34 -30.57 -7.48
CA ARG N 172 -43.43 -29.12 -7.66
C ARG N 172 -42.96 -28.37 -6.39
N PRO N 173 -41.70 -28.62 -5.96
CA PRO N 173 -41.19 -27.95 -4.76
C PRO N 173 -40.64 -26.54 -5.05
N ALA N 174 -40.17 -25.82 -4.03
CA ALA N 174 -39.58 -24.50 -4.21
C ALA N 174 -38.27 -24.57 -5.05
N GLY N 175 -37.53 -25.66 -4.89
CA GLY N 175 -36.29 -25.89 -5.61
C GLY N 175 -35.74 -27.29 -5.45
N VAL N 176 -34.86 -27.70 -6.38
CA VAL N 176 -34.17 -29.00 -6.37
C VAL N 176 -32.69 -28.79 -6.70
N GLY N 177 -31.81 -29.59 -6.10
CA GLY N 177 -30.39 -29.58 -6.37
C GLY N 177 -29.92 -31.01 -6.48
N VAL N 178 -29.21 -31.37 -7.56
CA VAL N 178 -28.71 -32.73 -7.75
C VAL N 178 -27.24 -32.65 -8.09
N VAL N 179 -26.39 -33.42 -7.40
CA VAL N 179 -24.97 -33.47 -7.68
C VAL N 179 -24.61 -34.93 -7.92
N VAL N 180 -23.94 -35.24 -9.03
CA VAL N 180 -23.50 -36.60 -9.33
C VAL N 180 -21.97 -36.62 -9.40
N GLU N 181 -21.31 -37.53 -8.68
CA GLU N 181 -19.87 -37.69 -8.75
C GLU N 181 -19.65 -39.12 -9.22
N ALA N 182 -18.91 -39.31 -10.32
CA ALA N 182 -18.73 -40.64 -10.88
C ALA N 182 -17.36 -40.92 -11.48
N THR N 183 -17.00 -42.20 -11.51
CA THR N 183 -15.82 -42.75 -12.13
C THR N 183 -16.30 -43.39 -13.41
N HIS N 184 -15.75 -42.95 -14.53
CA HIS N 184 -16.07 -43.53 -15.82
C HIS N 184 -15.00 -44.57 -16.11
N MET N 185 -15.36 -45.84 -16.22
CA MET N 185 -14.40 -46.90 -16.52
C MET N 185 -13.76 -46.72 -17.88
N CYS N 186 -14.41 -46.03 -18.81
CA CYS N 186 -13.84 -45.67 -20.11
C CYS N 186 -12.62 -44.78 -19.98
N MET N 187 -12.50 -44.08 -18.86
CA MET N 187 -11.37 -43.22 -18.61
C MET N 187 -10.33 -43.90 -17.72
N VAL N 188 -10.66 -45.02 -17.02
CA VAL N 188 -9.67 -45.65 -16.13
C VAL N 188 -9.09 -46.92 -16.75
N MET N 189 -9.92 -47.79 -17.38
CA MET N 189 -9.37 -49.03 -17.92
C MET N 189 -9.03 -49.01 -19.39
N ARG N 190 -9.13 -47.84 -20.04
CA ARG N 190 -8.79 -47.66 -21.44
C ARG N 190 -8.73 -46.12 -21.76
N GLY N 191 -8.42 -45.77 -23.00
CA GLY N 191 -8.39 -44.37 -23.43
C GLY N 191 -7.29 -43.59 -22.75
N VAL N 192 -7.68 -42.52 -21.97
CA VAL N 192 -6.70 -41.71 -21.23
C VAL N 192 -6.07 -42.49 -20.09
N GLN N 193 -6.73 -43.55 -19.58
CA GLN N 193 -6.23 -44.36 -18.47
C GLN N 193 -5.82 -43.52 -17.29
N LYS N 194 -6.72 -42.61 -16.87
CA LYS N 194 -6.50 -41.74 -15.72
C LYS N 194 -7.30 -42.29 -14.53
N MET N 195 -6.55 -43.00 -13.70
CA MET N 195 -6.88 -43.78 -12.52
C MET N 195 -7.84 -43.09 -11.53
N ASN N 196 -7.50 -41.88 -11.12
CA ASN N 196 -8.22 -41.19 -10.07
C ASN N 196 -9.18 -40.13 -10.57
N SER N 197 -9.36 -39.96 -11.87
CA SER N 197 -10.27 -38.95 -12.38
C SER N 197 -11.75 -39.23 -12.00
N LYS N 198 -12.42 -38.17 -11.54
CA LYS N 198 -13.81 -38.20 -11.12
C LYS N 198 -14.50 -37.07 -11.83
N THR N 199 -15.73 -37.32 -12.30
CA THR N 199 -16.54 -36.31 -12.96
C THR N 199 -17.64 -35.83 -12.01
N VAL N 200 -17.69 -34.53 -11.75
CA VAL N 200 -18.72 -33.99 -10.90
C VAL N 200 -19.64 -33.12 -11.76
N THR N 201 -20.93 -33.47 -11.80
CA THR N 201 -21.96 -32.69 -12.50
C THR N 201 -23.03 -32.23 -11.51
N SER N 202 -23.73 -31.14 -11.82
CA SER N 202 -24.81 -30.64 -10.97
C SER N 202 -25.95 -30.03 -11.76
N THR N 203 -27.17 -30.08 -11.21
CA THR N 203 -28.36 -29.44 -11.78
C THR N 203 -29.14 -28.78 -10.65
N MET N 204 -29.32 -27.46 -10.74
CA MET N 204 -30.01 -26.68 -9.72
C MET N 204 -31.24 -26.06 -10.36
N LEU N 205 -32.40 -26.31 -9.77
CA LEU N 205 -33.67 -25.78 -10.24
C LEU N 205 -34.35 -24.98 -9.13
N GLY N 206 -35.18 -24.03 -9.51
CA GLY N 206 -35.90 -23.19 -8.56
C GLY N 206 -34.98 -22.39 -7.67
N VAL N 207 -35.27 -22.39 -6.36
CA VAL N 207 -34.50 -21.66 -5.34
C VAL N 207 -33.03 -22.05 -5.31
N PHE N 208 -32.70 -23.32 -5.64
CA PHE N 208 -31.30 -23.78 -5.67
C PHE N 208 -30.51 -23.07 -6.79
N ARG N 209 -31.18 -22.70 -7.87
CA ARG N 209 -30.56 -21.99 -8.98
C ARG N 209 -30.57 -20.49 -8.74
N GLU N 210 -31.70 -19.93 -8.29
CA GLU N 210 -31.85 -18.48 -8.08
C GLU N 210 -31.23 -17.91 -6.80
N ASP N 211 -31.22 -18.67 -5.68
CA ASP N 211 -30.68 -18.16 -4.41
C ASP N 211 -29.31 -18.76 -4.12
N PRO N 212 -28.26 -17.94 -4.20
CA PRO N 212 -26.89 -18.45 -3.94
C PRO N 212 -26.69 -19.03 -2.54
N LYS N 213 -27.31 -18.43 -1.51
CA LYS N 213 -27.18 -18.93 -0.14
C LYS N 213 -27.77 -20.35 0.03
N THR N 214 -28.89 -20.66 -0.65
CA THR N 214 -29.52 -21.98 -0.62
C THR N 214 -28.59 -23.01 -1.26
N ARG N 215 -28.02 -22.64 -2.41
CA ARG N 215 -27.09 -23.44 -3.18
C ARG N 215 -25.81 -23.76 -2.37
N GLU N 216 -25.22 -22.78 -1.65
CA GLU N 216 -24.00 -23.02 -0.86
C GLU N 216 -24.28 -23.90 0.34
N GLU N 217 -25.45 -23.73 0.97
CA GLU N 217 -25.84 -24.54 2.12
C GLU N 217 -25.98 -26.02 1.71
N PHE N 218 -26.58 -26.26 0.55
CA PHE N 218 -26.73 -27.61 0.02
C PHE N 218 -25.36 -28.22 -0.25
N LEU N 219 -24.48 -27.48 -0.93
CA LEU N 219 -23.13 -27.98 -1.24
C LEU N 219 -22.29 -28.29 0.00
N THR N 220 -22.53 -27.52 1.07
CA THR N 220 -21.91 -27.68 2.38
C THR N 220 -22.38 -28.98 3.04
N LEU N 221 -23.69 -29.20 3.06
CA LEU N 221 -24.31 -30.30 3.74
C LEU N 221 -24.11 -31.65 3.08
N ILE N 222 -23.68 -31.67 1.79
CA ILE N 222 -23.43 -32.94 1.09
C ILE N 222 -21.99 -33.43 1.22
N ARG N 223 -21.09 -32.64 1.86
CA ARG N 223 -19.71 -33.03 2.14
C ARG N 223 -19.82 -33.99 3.34
N SER N 224 -19.30 -35.24 3.21
CA SER N 224 -19.38 -36.24 4.28
C SER N 224 -18.05 -36.34 5.06
N SER O 34 -3.25 34.09 38.24
CA SER O 34 -2.39 34.69 37.21
C SER O 34 -3.00 35.98 36.64
N GLU O 35 -4.33 35.99 36.50
CA GLU O 35 -5.05 37.20 36.04
C GLU O 35 -5.15 38.22 37.21
N GLU O 36 -5.22 37.71 38.46
CA GLU O 36 -5.25 38.51 39.69
C GLU O 36 -3.90 39.25 39.84
N ASP O 37 -2.79 38.59 39.47
CA ASP O 37 -1.44 39.18 39.50
C ASP O 37 -1.41 40.44 38.62
N ASN O 38 -2.12 40.43 37.50
CA ASN O 38 -2.19 41.56 36.59
C ASN O 38 -2.90 42.74 37.21
N GLU O 39 -4.04 42.51 37.89
CA GLU O 39 -4.81 43.58 38.52
C GLU O 39 -4.05 44.21 39.67
N LEU O 40 -3.35 43.38 40.45
CA LEU O 40 -2.57 43.80 41.61
C LEU O 40 -1.31 44.57 41.21
N ASN O 41 -0.65 44.15 40.12
CA ASN O 41 0.57 44.79 39.66
C ASN O 41 0.34 45.97 38.70
N LEU O 42 -0.87 46.14 38.17
CA LEU O 42 -1.15 47.25 37.25
C LEU O 42 -0.84 48.64 37.84
N PRO O 43 -1.29 49.00 39.07
CA PRO O 43 -0.94 50.32 39.61
C PRO O 43 0.57 50.57 39.79
N ASN O 44 1.34 49.50 40.08
CA ASN O 44 2.80 49.59 40.24
C ASN O 44 3.49 49.81 38.90
N LEU O 45 2.94 49.21 37.83
CA LEU O 45 3.45 49.39 36.47
C LEU O 45 3.15 50.82 36.03
N ALA O 46 1.91 51.29 36.26
CA ALA O 46 1.50 52.64 35.91
C ALA O 46 2.35 53.69 36.65
N ALA O 47 2.70 53.42 37.93
CA ALA O 47 3.54 54.33 38.71
C ALA O 47 4.94 54.42 38.10
N ALA O 48 5.49 53.28 37.65
CA ALA O 48 6.82 53.24 37.04
C ALA O 48 6.82 53.94 35.70
N TYR O 49 5.74 53.81 34.90
CA TYR O 49 5.65 54.49 33.61
C TYR O 49 5.49 55.99 33.77
N SER O 50 4.75 56.42 34.81
CA SER O 50 4.58 57.84 35.12
C SER O 50 5.93 58.44 35.54
N SER O 51 6.71 57.68 36.32
CA SER O 51 8.04 58.07 36.75
C SER O 51 8.99 58.23 35.55
N ILE O 52 8.83 57.38 34.50
CA ILE O 52 9.62 57.43 33.28
C ILE O 52 9.30 58.70 32.51
N LEU O 53 8.00 59.04 32.38
CA LEU O 53 7.57 60.26 31.70
C LEU O 53 8.17 61.51 32.34
N SER O 54 8.20 61.57 33.69
CA SER O 54 8.79 62.69 34.40
C SER O 54 10.31 62.75 34.20
N SER O 55 10.98 61.59 34.26
CA SER O 55 12.44 61.48 34.10
C SER O 55 12.90 61.81 32.68
N LEU O 56 12.02 61.70 31.68
CA LEU O 56 12.37 62.06 30.30
C LEU O 56 12.21 63.58 30.02
N GLY O 57 11.75 64.34 31.01
CA GLY O 57 11.52 65.78 30.85
C GLY O 57 10.13 66.09 30.33
N GLU O 58 9.22 65.12 30.36
CA GLU O 58 7.88 65.34 29.85
C GLU O 58 6.89 65.76 30.95
N ASN O 59 5.73 66.30 30.54
CA ASN O 59 4.66 66.70 31.44
C ASN O 59 3.62 65.59 31.47
N PRO O 60 3.60 64.77 32.54
CA PRO O 60 2.62 63.66 32.59
C PRO O 60 1.15 64.10 32.70
N GLN O 61 0.91 65.41 32.89
CA GLN O 61 -0.43 65.94 33.02
C GLN O 61 -1.01 66.51 31.71
N ARG O 62 -0.21 66.57 30.62
CA ARG O 62 -0.74 67.05 29.34
C ARG O 62 -1.70 66.02 28.73
N GLN O 63 -2.71 66.48 27.96
CA GLN O 63 -3.75 65.63 27.38
C GLN O 63 -3.25 64.30 26.78
N GLY O 64 -2.21 64.37 25.94
CA GLY O 64 -1.67 63.18 25.28
C GLY O 64 -1.01 62.18 26.19
N LEU O 65 -0.53 62.63 27.34
CA LEU O 65 0.16 61.76 28.29
C LEU O 65 -0.62 61.33 29.52
N LEU O 66 -1.83 61.90 29.76
CA LEU O 66 -2.67 61.63 30.93
C LEU O 66 -2.99 60.14 31.20
N LYS O 67 -3.50 59.39 30.19
CA LYS O 67 -3.81 57.96 30.38
C LYS O 67 -2.62 57.03 30.05
N THR O 68 -1.48 57.58 29.55
CA THR O 68 -0.30 56.83 29.13
C THR O 68 0.25 55.89 30.19
N PRO O 69 0.42 56.25 31.50
CA PRO O 69 0.95 55.26 32.46
C PRO O 69 0.13 53.97 32.50
N TRP O 70 -1.20 54.08 32.33
CA TRP O 70 -2.09 52.94 32.34
C TRP O 70 -2.10 52.18 31.01
N ARG O 71 -2.16 52.89 29.87
CA ARG O 71 -2.15 52.25 28.56
C ARG O 71 -0.82 51.56 28.31
N ALA O 72 0.30 52.14 28.77
CA ALA O 72 1.62 51.54 28.60
C ALA O 72 1.76 50.30 29.48
N ALA O 73 1.23 50.35 30.72
CA ALA O 73 1.25 49.23 31.64
C ALA O 73 0.41 48.06 31.10
N SER O 74 -0.79 48.34 30.57
CA SER O 74 -1.67 47.32 30.00
C SER O 74 -1.04 46.68 28.78
N ALA O 75 -0.37 47.52 27.93
CA ALA O 75 0.33 47.03 26.74
C ALA O 75 1.45 46.10 27.16
N MET O 76 2.26 46.47 28.17
CA MET O 76 3.36 45.62 28.65
C MET O 76 2.86 44.31 29.27
N GLN O 77 1.69 44.33 29.91
CA GLN O 77 1.09 43.12 30.46
C GLN O 77 0.65 42.19 29.32
N PHE O 78 0.11 42.77 28.23
CA PHE O 78 -0.33 41.99 27.07
C PHE O 78 0.90 41.40 26.39
N PHE O 79 1.98 42.19 26.23
CA PHE O 79 3.21 41.73 25.61
C PHE O 79 3.88 40.61 26.40
N THR O 80 3.59 40.48 27.70
CA THR O 80 4.17 39.45 28.54
C THR O 80 3.12 38.44 29.04
N LYS O 81 1.98 38.30 28.34
CA LYS O 81 0.92 37.38 28.74
C LYS O 81 1.26 35.89 28.60
N GLY O 82 2.34 35.57 27.90
CA GLY O 82 2.75 34.18 27.69
C GLY O 82 3.23 33.48 28.93
N TYR O 83 3.68 34.25 29.93
CA TYR O 83 4.14 33.72 31.21
C TYR O 83 3.00 32.99 31.93
N GLN O 84 1.75 33.49 31.79
CA GLN O 84 0.59 32.90 32.46
C GLN O 84 -0.05 31.73 31.68
N GLU O 85 0.59 31.26 30.60
CA GLU O 85 0.04 30.18 29.79
C GLU O 85 0.76 28.86 29.95
N THR O 86 0.00 27.77 29.88
CA THR O 86 0.52 26.41 29.99
C THR O 86 0.20 25.64 28.71
N ILE O 87 1.15 24.81 28.24
CA ILE O 87 0.97 24.02 27.02
C ILE O 87 -0.30 23.17 27.04
N SER O 88 -0.60 22.52 28.16
CA SER O 88 -1.80 21.68 28.29
C SER O 88 -3.13 22.42 28.02
N ASP O 89 -3.25 23.65 28.52
CA ASP O 89 -4.48 24.45 28.32
C ASP O 89 -4.60 24.92 26.88
N VAL O 90 -3.46 25.31 26.29
CA VAL O 90 -3.34 25.80 24.93
C VAL O 90 -3.72 24.70 23.89
N LEU O 91 -3.27 23.44 24.11
CA LEU O 91 -3.55 22.32 23.22
C LEU O 91 -5.02 21.95 23.11
N ASN O 92 -5.78 22.03 24.23
CA ASN O 92 -7.21 21.72 24.25
C ASN O 92 -7.54 20.33 23.68
N ASP O 93 -6.68 19.33 23.95
CA ASP O 93 -6.82 17.95 23.47
C ASP O 93 -6.91 17.86 21.94
N ALA O 94 -6.31 18.82 21.21
CA ALA O 94 -6.38 18.80 19.75
C ALA O 94 -5.29 17.95 19.12
N ILE O 95 -5.33 16.65 19.42
CA ILE O 95 -4.43 15.65 18.85
C ILE O 95 -5.31 14.63 18.15
N PHE O 96 -5.18 14.53 16.82
CA PHE O 96 -6.04 13.67 16.01
C PHE O 96 -5.29 12.50 15.41
N ASP O 97 -5.95 11.35 15.30
CA ASP O 97 -5.34 10.16 14.75
C ASP O 97 -5.63 10.09 13.25
N GLU O 98 -4.71 10.61 12.43
CA GLU O 98 -4.92 10.63 10.98
C GLU O 98 -4.00 9.69 10.19
N ASP O 99 -3.29 8.74 10.88
CA ASP O 99 -2.39 7.77 10.23
C ASP O 99 -1.37 8.49 9.32
N HIS O 100 -0.88 9.63 9.79
CA HIS O 100 0.03 10.44 9.01
C HIS O 100 1.45 10.34 9.53
N ASP O 101 2.39 10.01 8.66
CA ASP O 101 3.80 9.93 9.05
C ASP O 101 4.67 10.88 8.21
N GLU O 102 4.08 11.88 7.54
CA GLU O 102 4.82 12.78 6.67
C GLU O 102 4.82 14.21 7.17
N MET O 103 5.84 14.97 6.75
CA MET O 103 6.06 16.33 7.19
C MET O 103 4.90 17.26 7.03
N VAL O 104 4.52 17.94 8.13
CA VAL O 104 3.47 18.95 8.15
C VAL O 104 4.16 20.27 8.45
N ILE O 105 3.92 21.31 7.65
CA ILE O 105 4.54 22.61 7.87
C ILE O 105 3.49 23.69 8.05
N VAL O 106 3.66 24.57 9.04
CA VAL O 106 2.86 25.77 9.20
C VAL O 106 3.89 26.94 9.14
N LYS O 107 3.98 27.62 8.00
CA LYS O 107 4.94 28.69 7.77
C LYS O 107 4.26 30.06 7.75
N ASP O 108 5.07 31.12 7.94
CA ASP O 108 4.64 32.50 7.94
C ASP O 108 3.75 32.84 9.11
N ILE O 109 4.04 32.30 10.28
CA ILE O 109 3.28 32.67 11.47
C ILE O 109 3.83 34.00 11.98
N ASP O 110 3.04 35.07 11.97
CA ASP O 110 3.49 36.38 12.43
C ASP O 110 3.79 36.32 13.90
N MET O 111 4.97 36.77 14.28
CA MET O 111 5.46 36.69 15.64
C MET O 111 5.86 38.07 16.08
N PHE O 112 5.47 38.45 17.31
CA PHE O 112 5.79 39.75 17.91
C PHE O 112 6.30 39.47 19.30
N SER O 113 7.57 39.78 19.55
CA SER O 113 8.17 39.53 20.84
C SER O 113 8.81 40.81 21.40
N MET O 114 9.43 40.73 22.58
CA MET O 114 10.02 41.88 23.23
C MET O 114 11.47 41.56 23.57
N CYS O 115 12.41 42.39 23.12
CA CYS O 115 13.81 42.20 23.44
C CYS O 115 14.00 42.38 24.97
N GLU O 116 14.56 41.36 25.64
CA GLU O 116 14.79 41.44 27.08
C GLU O 116 15.94 42.38 27.46
N HIS O 117 16.79 42.79 26.50
CA HIS O 117 17.91 43.66 26.81
C HIS O 117 17.55 45.13 26.77
N HIS O 118 16.63 45.55 25.89
CA HIS O 118 16.26 46.96 25.77
C HIS O 118 14.79 47.25 25.97
N LEU O 119 13.94 46.22 26.03
CA LEU O 119 12.48 46.32 26.17
C LEU O 119 11.85 47.04 24.99
N VAL O 120 12.32 46.71 23.80
CA VAL O 120 11.86 47.22 22.51
C VAL O 120 11.47 45.96 21.68
N PRO O 121 10.42 46.03 20.86
CA PRO O 121 9.99 44.83 20.11
C PRO O 121 10.95 44.25 19.10
N PHE O 122 10.83 42.97 18.87
CA PHE O 122 11.50 42.27 17.78
C PHE O 122 10.38 41.43 17.13
N VAL O 123 10.16 41.68 15.84
CA VAL O 123 9.02 41.10 15.15
C VAL O 123 9.45 40.35 13.90
N GLY O 124 8.68 39.34 13.52
CA GLY O 124 9.01 38.58 12.33
C GLY O 124 8.05 37.45 12.06
N LYS O 125 8.59 36.34 11.55
CA LYS O 125 7.82 35.18 11.15
C LYS O 125 8.44 33.92 11.74
N VAL O 126 7.60 32.94 12.07
CA VAL O 126 8.02 31.63 12.55
C VAL O 126 7.52 30.58 11.53
N HIS O 127 8.36 29.62 11.17
CA HIS O 127 7.99 28.56 10.22
C HIS O 127 8.29 27.27 10.95
N ILE O 128 7.27 26.46 11.16
CA ILE O 128 7.40 25.22 11.91
C ILE O 128 7.13 24.04 11.01
N GLY O 129 7.91 23.01 11.19
CA GLY O 129 7.72 21.74 10.49
C GLY O 129 7.86 20.60 11.48
N TYR O 130 7.12 19.52 11.28
CA TYR O 130 7.24 18.36 12.14
C TYR O 130 6.90 17.07 11.39
N LEU O 131 7.48 15.96 11.85
CA LEU O 131 7.21 14.67 11.28
C LEU O 131 6.35 13.91 12.27
N PRO O 132 5.05 13.73 11.98
CA PRO O 132 4.17 13.09 12.96
C PRO O 132 4.41 11.62 13.16
N ASN O 133 4.07 11.13 14.36
CA ASN O 133 4.17 9.72 14.67
C ASN O 133 2.74 9.17 14.68
N LYS O 134 2.09 9.13 13.49
CA LYS O 134 0.69 8.73 13.20
C LYS O 134 -0.32 9.86 13.60
N GLN O 135 -0.18 10.43 14.82
CA GLN O 135 -1.01 11.50 15.38
C GLN O 135 -0.57 12.90 14.97
N VAL O 136 -1.54 13.75 14.62
CA VAL O 136 -1.30 15.12 14.21
C VAL O 136 -1.85 16.14 15.20
N LEU O 137 -1.08 17.20 15.46
CA LEU O 137 -1.51 18.30 16.32
C LEU O 137 -2.38 19.21 15.44
N GLY O 138 -3.42 19.82 16.00
CA GLY O 138 -4.23 20.78 15.28
C GLY O 138 -3.37 21.96 14.83
N LEU O 139 -3.47 22.30 13.54
CA LEU O 139 -2.68 23.36 12.95
C LEU O 139 -2.54 24.63 13.76
N SER O 140 -3.64 25.13 14.34
CA SER O 140 -3.61 26.39 15.09
C SER O 140 -2.82 26.34 16.36
N LYS O 141 -2.66 25.15 16.94
CA LYS O 141 -1.93 24.97 18.19
C LYS O 141 -0.43 25.21 18.03
N LEU O 142 0.11 25.10 16.80
CA LEU O 142 1.49 25.42 16.53
C LEU O 142 1.66 26.94 16.68
N ALA O 143 0.70 27.74 16.13
CA ALA O 143 0.69 29.20 16.27
C ALA O 143 0.46 29.62 17.73
N ARG O 144 -0.38 28.88 18.46
CA ARG O 144 -0.65 29.16 19.87
C ARG O 144 0.56 28.87 20.76
N ILE O 145 1.40 27.87 20.37
CA ILE O 145 2.65 27.56 21.08
C ILE O 145 3.64 28.72 20.85
N VAL O 146 3.66 29.30 19.63
CA VAL O 146 4.48 30.46 19.30
C VAL O 146 4.12 31.62 20.23
N GLU O 147 2.82 31.82 20.47
CA GLU O 147 2.29 32.88 21.33
C GLU O 147 2.64 32.70 22.80
N ILE O 148 2.80 31.47 23.28
CA ILE O 148 3.18 31.25 24.69
C ILE O 148 4.58 31.82 24.94
N TYR O 149 5.52 31.56 24.04
CA TYR O 149 6.91 31.98 24.22
C TYR O 149 7.26 33.34 23.65
N SER O 150 6.57 33.78 22.58
CA SER O 150 6.86 35.10 22.02
C SER O 150 6.34 36.23 22.89
N ARG O 151 5.23 36.00 23.60
CA ARG O 151 4.69 37.01 24.50
C ARG O 151 5.39 36.95 25.86
N ARG O 152 6.69 37.20 25.85
CA ARG O 152 7.57 37.20 27.01
C ARG O 152 8.78 38.13 26.70
N LEU O 153 9.61 38.41 27.70
CA LEU O 153 10.85 39.16 27.46
C LEU O 153 11.80 38.07 26.96
N GLN O 154 12.25 38.22 25.72
CA GLN O 154 13.00 37.18 25.06
C GLN O 154 14.36 37.54 24.44
N VAL O 155 15.02 36.47 24.00
CA VAL O 155 16.20 36.40 23.19
C VAL O 155 15.76 35.39 22.09
N GLN O 156 15.94 35.77 20.82
CA GLN O 156 15.48 35.00 19.67
C GLN O 156 15.90 33.52 19.68
N GLU O 157 17.13 33.25 20.08
CA GLU O 157 17.67 31.90 20.13
C GLU O 157 16.88 31.05 21.13
N ARG O 158 16.53 31.64 22.30
CA ARG O 158 15.78 30.95 23.33
C ARG O 158 14.35 30.68 22.87
N LEU O 159 13.70 31.71 22.29
CA LEU O 159 12.35 31.64 21.75
C LEU O 159 12.23 30.49 20.73
N THR O 160 13.19 30.39 19.80
CA THR O 160 13.22 29.34 18.78
C THR O 160 13.29 27.92 19.41
N LYS O 161 14.19 27.73 20.41
CA LYS O 161 14.36 26.45 21.09
C LYS O 161 13.09 26.07 21.88
N GLN O 162 12.48 27.04 22.58
CA GLN O 162 11.29 26.80 23.39
C GLN O 162 10.13 26.30 22.57
N ILE O 163 9.93 26.88 21.39
CA ILE O 163 8.85 26.45 20.51
C ILE O 163 9.07 24.99 20.06
N ALA O 164 10.29 24.65 19.64
CA ALA O 164 10.61 23.29 19.19
C ALA O 164 10.47 22.26 20.31
N VAL O 165 10.92 22.59 21.51
CA VAL O 165 10.85 21.71 22.67
C VAL O 165 9.40 21.52 23.13
N ALA O 166 8.57 22.58 23.09
CA ALA O 166 7.16 22.49 23.45
C ALA O 166 6.41 21.54 22.52
N ILE O 167 6.69 21.60 21.21
CA ILE O 167 6.03 20.73 20.24
C ILE O 167 6.49 19.28 20.44
N THR O 168 7.79 19.09 20.62
CA THR O 168 8.42 17.79 20.85
C THR O 168 7.78 17.14 22.09
N GLU O 169 7.50 17.92 23.14
CA GLU O 169 6.91 17.40 24.37
C GLU O 169 5.42 17.12 24.27
N ALA O 170 4.69 18.02 23.60
CA ALA O 170 3.25 17.89 23.45
C ALA O 170 2.79 16.71 22.55
N LEU O 171 3.62 16.28 21.61
CA LEU O 171 3.23 15.26 20.64
C LEU O 171 4.12 14.02 20.66
N ARG O 172 5.41 14.23 20.95
CA ARG O 172 6.44 13.21 20.81
C ARG O 172 6.50 12.74 19.34
N PRO O 173 6.76 13.69 18.41
CA PRO O 173 6.83 13.32 16.99
C PRO O 173 8.22 12.80 16.58
N ALA O 174 8.35 12.28 15.35
CA ALA O 174 9.64 11.80 14.84
C ALA O 174 10.72 12.92 14.86
N GLY O 175 10.30 14.16 14.69
CA GLY O 175 11.18 15.31 14.70
C GLY O 175 10.44 16.62 14.51
N VAL O 176 11.09 17.74 14.89
CA VAL O 176 10.55 19.09 14.78
C VAL O 176 11.62 20.02 14.22
N GLY O 177 11.21 21.00 13.44
CA GLY O 177 12.09 22.02 12.91
C GLY O 177 11.42 23.36 13.07
N VAL O 178 12.11 24.35 13.64
CA VAL O 178 11.54 25.69 13.84
C VAL O 178 12.54 26.72 13.30
N VAL O 179 12.09 27.63 12.45
CA VAL O 179 12.95 28.69 11.92
C VAL O 179 12.27 30.02 12.26
N VAL O 180 12.98 30.96 12.89
CA VAL O 180 12.45 32.27 13.20
C VAL O 180 13.26 33.31 12.44
N GLU O 181 12.60 34.23 11.73
CA GLU O 181 13.25 35.31 11.03
C GLU O 181 12.68 36.60 11.56
N ALA O 182 13.52 37.47 12.14
CA ALA O 182 13.02 38.67 12.80
C ALA O 182 13.85 39.93 12.59
N THR O 183 13.18 41.09 12.73
CA THR O 183 13.74 42.43 12.71
C THR O 183 13.74 42.86 14.14
N HIS O 184 14.90 43.22 14.64
CA HIS O 184 15.02 43.70 16.00
C HIS O 184 15.01 45.20 15.89
N MET O 185 14.01 45.86 16.48
CA MET O 185 13.94 47.33 16.45
C MET O 185 15.11 47.98 17.17
N CYS O 186 15.74 47.29 18.13
CA CYS O 186 16.99 47.73 18.79
C CYS O 186 18.13 47.90 17.80
N MET O 187 18.08 47.22 16.67
CA MET O 187 19.10 47.32 15.65
C MET O 187 18.68 48.24 14.51
N VAL O 188 17.38 48.66 14.41
CA VAL O 188 16.99 49.53 13.30
C VAL O 188 16.78 50.98 13.79
N MET O 189 16.08 51.18 14.92
CA MET O 189 15.80 52.57 15.36
C MET O 189 16.77 53.11 16.39
N ARG O 190 17.85 52.38 16.69
CA ARG O 190 18.82 52.74 17.71
C ARG O 190 20.10 51.86 17.50
N GLY O 191 21.13 52.10 18.31
CA GLY O 191 22.38 51.34 18.30
C GLY O 191 23.12 51.35 16.99
N VAL O 192 23.21 50.17 16.32
CA VAL O 192 23.87 50.08 15.03
C VAL O 192 23.09 50.77 13.91
N GLN O 193 21.75 50.89 14.06
CA GLN O 193 20.87 51.52 13.09
C GLN O 193 21.04 50.93 11.68
N LYS O 194 20.97 49.59 11.60
CA LYS O 194 21.07 48.85 10.36
C LYS O 194 19.63 48.47 9.96
N MET O 195 19.11 49.27 9.05
CA MET O 195 17.79 49.31 8.45
C MET O 195 17.26 47.92 7.99
N ASN O 196 18.06 47.21 7.18
CA ASN O 196 17.63 45.98 6.55
C ASN O 196 18.06 44.70 7.25
N SER O 197 18.79 44.77 8.36
CA SER O 197 19.26 43.56 9.03
C SER O 197 18.13 42.69 9.59
N LYS O 198 18.26 41.39 9.34
CA LYS O 198 17.30 40.37 9.75
C LYS O 198 18.08 39.27 10.45
N THR O 199 17.58 38.77 11.59
CA THR O 199 18.20 37.66 12.30
C THR O 199 17.43 36.37 11.98
N VAL O 200 18.13 35.32 11.56
CA VAL O 200 17.52 34.04 11.28
C VAL O 200 18.07 33.00 12.27
N THR O 201 17.19 32.38 13.07
CA THR O 201 17.59 31.32 14.01
C THR O 201 16.82 30.05 13.67
N SER O 202 17.36 28.89 14.08
CA SER O 202 16.69 27.61 13.86
C SER O 202 16.94 26.61 14.98
N THR O 203 15.99 25.69 15.21
CA THR O 203 16.11 24.59 16.17
C THR O 203 15.54 23.35 15.53
N MET O 204 16.38 22.31 15.39
CA MET O 204 16.03 21.05 14.77
C MET O 204 16.16 19.95 15.79
N LEU O 205 15.08 19.22 16.00
CA LEU O 205 15.04 18.11 16.93
C LEU O 205 14.64 16.82 16.20
N GLY O 206 15.04 15.69 16.74
CA GLY O 206 14.72 14.40 16.14
C GLY O 206 15.28 14.22 14.75
N VAL O 207 14.45 13.73 13.85
CA VAL O 207 14.80 13.46 12.45
C VAL O 207 15.26 14.72 11.73
N PHE O 208 14.74 15.91 12.11
CA PHE O 208 15.17 17.17 11.49
C PHE O 208 16.64 17.47 11.79
N ARG O 209 17.14 17.03 12.95
CA ARG O 209 18.51 17.22 13.36
C ARG O 209 19.40 16.10 12.79
N GLU O 210 18.95 14.83 12.89
CA GLU O 210 19.75 13.68 12.49
C GLU O 210 19.76 13.36 10.98
N ASP O 211 18.67 13.65 10.25
CA ASP O 211 18.59 13.34 8.82
C ASP O 211 18.73 14.59 7.99
N PRO O 212 19.87 14.73 7.29
CA PRO O 212 20.07 15.94 6.46
C PRO O 212 19.04 16.14 5.37
N LYS O 213 18.57 15.06 4.74
CA LYS O 213 17.56 15.17 3.68
C LYS O 213 16.21 15.72 4.18
N THR O 214 15.81 15.36 5.42
CA THR O 214 14.58 15.86 6.02
C THR O 214 14.72 17.37 6.28
N ARG O 215 15.86 17.76 6.83
CA ARG O 215 16.22 19.13 7.14
C ARG O 215 16.20 20.02 5.88
N GLU O 216 16.81 19.55 4.76
CA GLU O 216 16.84 20.35 3.53
C GLU O 216 15.48 20.46 2.88
N GLU O 217 14.64 19.41 2.99
CA GLU O 217 13.29 19.44 2.43
C GLU O 217 12.44 20.50 3.15
N PHE O 218 12.57 20.54 4.49
CA PHE O 218 11.88 21.53 5.31
C PHE O 218 12.34 22.94 4.93
N LEU O 219 13.65 23.17 4.82
CA LEU O 219 14.17 24.50 4.47
C LEU O 219 13.74 24.99 3.09
N THR O 220 13.56 24.08 2.11
CA THR O 220 13.10 24.50 0.79
C THR O 220 11.60 24.76 0.78
N LEU O 221 10.83 23.95 1.52
CA LEU O 221 9.39 24.12 1.57
C LEU O 221 8.93 25.37 2.31
N ILE O 222 9.81 25.98 3.14
CA ILE O 222 9.41 27.18 3.87
C ILE O 222 9.74 28.47 3.11
N ARG O 223 10.38 28.40 1.93
CA ARG O 223 10.63 29.61 1.14
C ARG O 223 9.31 30.01 0.44
N SER O 224 8.90 31.28 0.54
CA SER O 224 7.65 31.78 -0.05
C SER O 224 7.94 32.82 -1.14
N SER P 34 10.51 45.08 -54.21
CA SER P 34 9.99 43.78 -54.66
C SER P 34 11.02 42.63 -54.53
N GLU P 35 10.57 41.36 -54.64
CA GLU P 35 11.39 40.16 -54.52
C GLU P 35 12.43 40.01 -55.64
N GLU P 36 12.15 40.59 -56.83
CA GLU P 36 13.10 40.55 -57.95
C GLU P 36 14.34 41.37 -57.60
N ASP P 37 14.13 42.55 -57.00
CA ASP P 37 15.20 43.44 -56.59
C ASP P 37 16.09 42.76 -55.56
N ASN P 38 15.48 41.98 -54.63
CA ASN P 38 16.20 41.26 -53.59
C ASN P 38 17.20 40.24 -54.14
N GLU P 39 16.77 39.42 -55.12
CA GLU P 39 17.62 38.40 -55.72
C GLU P 39 18.78 39.03 -56.48
N LEU P 40 18.48 40.10 -57.24
CA LEU P 40 19.47 40.84 -58.02
C LEU P 40 20.50 41.54 -57.11
N ASN P 41 20.04 42.11 -56.00
CA ASN P 41 20.93 42.83 -55.09
C ASN P 41 21.60 41.96 -54.04
N LEU P 42 21.15 40.71 -53.84
CA LEU P 42 21.76 39.83 -52.84
C LEU P 42 23.27 39.62 -53.06
N PRO P 43 23.78 39.28 -54.27
CA PRO P 43 25.24 39.13 -54.43
C PRO P 43 26.05 40.40 -54.17
N ASN P 44 25.47 41.59 -54.43
CA ASN P 44 26.14 42.88 -54.15
C ASN P 44 26.20 43.16 -52.66
N LEU P 45 25.18 42.74 -51.91
CA LEU P 45 25.16 42.88 -50.46
C LEU P 45 26.18 41.92 -49.88
N ALA P 46 26.21 40.66 -50.35
CA ALA P 46 27.18 39.66 -49.89
C ALA P 46 28.61 40.11 -50.17
N ALA P 47 28.85 40.74 -51.31
CA ALA P 47 30.18 41.24 -51.66
C ALA P 47 30.62 42.34 -50.69
N ALA P 48 29.69 43.24 -50.33
CA ALA P 48 29.96 44.33 -49.40
C ALA P 48 30.20 43.78 -47.99
N TYR P 49 29.46 42.74 -47.57
CA TYR P 49 29.67 42.15 -46.24
C TYR P 49 31.00 41.40 -46.16
N SER P 50 31.40 40.75 -47.27
CA SER P 50 32.69 40.06 -47.34
C SER P 50 33.82 41.07 -47.25
N SER P 51 33.66 42.23 -47.92
CA SER P 51 34.60 43.34 -47.88
C SER P 51 34.75 43.89 -46.46
N ILE P 52 33.64 43.92 -45.68
CA ILE P 52 33.63 44.40 -44.31
C ILE P 52 34.44 43.46 -43.43
N LEU P 53 34.24 42.13 -43.59
CA LEU P 53 34.97 41.11 -42.84
C LEU P 53 36.47 41.25 -43.04
N SER P 54 36.91 41.46 -44.29
CA SER P 54 38.32 41.64 -44.61
C SER P 54 38.89 42.93 -44.01
N SER P 55 38.11 44.04 -44.11
CA SER P 55 38.51 45.35 -43.59
C SER P 55 38.56 45.39 -42.07
N LEU P 56 37.88 44.47 -41.37
CA LEU P 56 37.95 44.40 -39.90
C LEU P 56 39.17 43.58 -39.40
N GLY P 57 39.97 43.04 -40.32
CA GLY P 57 41.12 42.20 -39.99
C GLY P 57 40.75 40.73 -39.80
N GLU P 58 39.52 40.34 -40.17
CA GLU P 58 39.08 38.96 -40.02
C GLU P 58 39.38 38.09 -41.25
N ASN P 59 39.32 36.77 -41.08
CA ASN P 59 39.55 35.80 -42.13
C ASN P 59 38.19 35.34 -42.67
N PRO P 60 37.76 35.85 -43.84
CA PRO P 60 36.46 35.41 -44.38
C PRO P 60 36.37 33.94 -44.80
N GLN P 61 37.49 33.22 -44.76
CA GLN P 61 37.54 31.82 -45.13
C GLN P 61 37.41 30.86 -43.93
N ARG P 62 37.47 31.37 -42.69
CA ARG P 62 37.34 30.49 -41.52
C ARG P 62 35.92 29.96 -41.39
N GLN P 63 35.74 28.76 -40.81
CA GLN P 63 34.44 28.07 -40.71
C GLN P 63 33.28 28.99 -40.30
N GLY P 64 33.48 29.78 -39.25
CA GLY P 64 32.44 30.66 -38.73
C GLY P 64 32.04 31.80 -39.63
N LEU P 65 32.95 32.22 -40.53
CA LEU P 65 32.65 33.33 -41.44
C LEU P 65 32.31 32.94 -42.86
N LEU P 66 32.46 31.67 -43.24
CA LEU P 66 32.23 31.21 -44.62
C LEU P 66 30.89 31.63 -45.24
N LYS P 67 29.77 31.40 -44.54
CA LYS P 67 28.47 31.77 -45.10
C LYS P 67 27.96 33.14 -44.63
N THR P 68 28.74 33.85 -43.77
CA THR P 68 28.37 35.14 -43.20
C THR P 68 28.02 36.21 -44.22
N PRO P 69 28.76 36.44 -45.34
CA PRO P 69 28.34 37.48 -46.29
C PRO P 69 26.90 37.30 -46.79
N TRP P 70 26.48 36.05 -46.97
CA TRP P 70 25.14 35.72 -47.43
C TRP P 70 24.10 35.79 -46.33
N ARG P 71 24.41 35.26 -45.12
CA ARG P 71 23.47 35.29 -43.99
C ARG P 71 23.24 36.72 -43.51
N ALA P 72 24.29 37.55 -43.54
CA ALA P 72 24.19 38.95 -43.12
C ALA P 72 23.38 39.73 -44.14
N ALA P 73 23.58 39.47 -45.44
CA ALA P 73 22.84 40.12 -46.53
C ALA P 73 21.36 39.77 -46.47
N SER P 74 21.03 38.48 -46.23
CA SER P 74 19.64 38.02 -46.13
C SER P 74 18.97 38.63 -44.91
N ALA P 75 19.70 38.73 -43.77
CA ALA P 75 19.20 39.35 -42.55
C ALA P 75 18.89 40.82 -42.81
N MET P 76 19.79 41.56 -43.47
CA MET P 76 19.57 42.98 -43.77
C MET P 76 18.39 43.19 -44.73
N GLN P 77 18.16 42.25 -45.65
CA GLN P 77 17.01 42.31 -46.54
C GLN P 77 15.71 42.07 -45.74
N PHE P 78 15.74 41.19 -44.75
CA PHE P 78 14.57 40.92 -43.92
C PHE P 78 14.29 42.16 -43.06
N PHE P 79 15.35 42.76 -42.47
CA PHE P 79 15.22 43.98 -41.65
C PHE P 79 14.69 45.17 -42.48
N THR P 80 14.76 45.12 -43.84
CA THR P 80 14.31 46.20 -44.72
C THR P 80 13.11 45.76 -45.62
N LYS P 81 12.34 44.72 -45.18
CA LYS P 81 11.13 44.21 -45.87
C LYS P 81 10.12 45.35 -46.09
N GLY P 82 9.98 46.19 -45.06
CA GLY P 82 9.01 47.28 -44.98
C GLY P 82 8.86 48.16 -46.20
N TYR P 83 9.95 48.35 -46.94
CA TYR P 83 9.97 49.19 -48.12
C TYR P 83 9.10 48.63 -49.24
N GLN P 84 9.06 47.29 -49.38
CA GLN P 84 8.29 46.63 -50.43
C GLN P 84 6.82 46.38 -50.06
N GLU P 85 6.34 46.94 -48.95
CA GLU P 85 4.96 46.74 -48.53
C GLU P 85 4.07 47.95 -48.72
N THR P 86 2.82 47.70 -49.07
CA THR P 86 1.80 48.72 -49.29
C THR P 86 0.65 48.53 -48.30
N ILE P 87 0.16 49.64 -47.72
CA ILE P 87 -0.93 49.60 -46.73
C ILE P 87 -2.16 48.84 -47.25
N SER P 88 -2.55 49.07 -48.51
CA SER P 88 -3.71 48.38 -49.09
C SER P 88 -3.64 46.85 -49.07
N ASP P 89 -2.46 46.29 -49.39
CA ASP P 89 -2.28 44.82 -49.39
C ASP P 89 -2.29 44.26 -47.98
N VAL P 90 -1.66 44.99 -47.04
CA VAL P 90 -1.54 44.65 -45.64
C VAL P 90 -2.93 44.60 -44.95
N LEU P 91 -3.82 45.56 -45.25
CA LEU P 91 -5.17 45.63 -44.66
C LEU P 91 -6.07 44.48 -45.03
N ASN P 92 -6.00 43.99 -46.29
CA ASN P 92 -6.80 42.86 -46.76
C ASN P 92 -8.29 43.05 -46.53
N ASP P 93 -8.80 44.29 -46.70
CA ASP P 93 -10.22 44.61 -46.48
C ASP P 93 -10.72 44.21 -45.09
N ALA P 94 -9.85 44.20 -44.06
CA ALA P 94 -10.27 43.86 -42.71
C ALA P 94 -10.83 45.09 -41.97
N ILE P 95 -11.94 45.65 -42.49
CA ILE P 95 -12.65 46.78 -41.88
C ILE P 95 -14.08 46.31 -41.66
N PHE P 96 -14.51 46.21 -40.39
CA PHE P 96 -15.81 45.65 -40.01
C PHE P 96 -16.75 46.68 -39.46
N ASP P 97 -18.05 46.51 -39.71
CA ASP P 97 -19.05 47.45 -39.24
C ASP P 97 -19.57 46.98 -37.90
N GLU P 98 -18.96 47.46 -36.79
CA GLU P 98 -19.39 47.04 -35.46
C GLU P 98 -20.07 48.12 -34.64
N ASP P 99 -20.47 49.25 -35.28
CA ASP P 99 -21.17 50.37 -34.63
C ASP P 99 -20.43 50.83 -33.37
N HIS P 100 -19.10 50.89 -33.46
CA HIS P 100 -18.26 51.21 -32.33
C HIS P 100 -17.73 52.62 -32.45
N ASP P 101 -17.91 53.43 -31.41
CA ASP P 101 -17.39 54.80 -31.40
C ASP P 101 -16.46 55.05 -30.20
N GLU P 102 -15.94 53.98 -29.58
CA GLU P 102 -15.10 54.12 -28.40
C GLU P 102 -13.70 53.61 -28.63
N MET P 103 -12.74 54.15 -27.87
CA MET P 103 -11.32 53.88 -28.03
C MET P 103 -10.94 52.42 -28.04
N VAL P 104 -10.18 52.00 -29.05
CA VAL P 104 -9.65 50.64 -29.14
C VAL P 104 -8.15 50.75 -29.01
N ILE P 105 -7.53 49.95 -28.13
CA ILE P 105 -6.08 50.00 -27.93
C ILE P 105 -5.45 48.66 -28.20
N VAL P 106 -4.36 48.62 -28.96
CA VAL P 106 -3.54 47.42 -29.09
C VAL P 106 -2.16 47.84 -28.56
N LYS P 107 -1.82 47.38 -27.35
CA LYS P 107 -0.58 47.76 -26.70
C LYS P 107 0.40 46.59 -26.65
N ASP P 108 1.68 46.92 -26.34
CA ASP P 108 2.79 45.99 -26.21
C ASP P 108 3.09 45.24 -27.50
N ILE P 109 3.02 45.93 -28.63
CA ILE P 109 3.38 45.33 -29.91
C ILE P 109 4.91 45.36 -29.98
N ASP P 110 5.57 44.21 -29.99
CA ASP P 110 7.02 44.16 -30.08
C ASP P 110 7.47 44.70 -31.42
N MET P 111 8.40 45.65 -31.37
CA MET P 111 8.87 46.37 -32.55
C MET P 111 10.39 46.22 -32.63
N PHE P 112 10.91 45.91 -33.83
CA PHE P 112 12.33 45.75 -34.07
C PHE P 112 12.66 46.56 -35.30
N SER P 113 13.45 47.61 -35.12
CA SER P 113 13.78 48.50 -36.22
C SER P 113 15.33 48.67 -36.35
N MET P 114 15.78 49.46 -37.32
CA MET P 114 17.21 49.64 -37.57
C MET P 114 17.53 51.10 -37.58
N CYS P 115 18.48 51.53 -36.77
CA CYS P 115 18.92 52.91 -36.72
C CYS P 115 19.55 53.29 -38.09
N GLU P 116 19.03 54.32 -38.75
CA GLU P 116 19.58 54.72 -40.03
C GLU P 116 20.94 55.45 -39.93
N HIS P 117 21.34 55.86 -38.73
CA HIS P 117 22.60 56.57 -38.55
C HIS P 117 23.78 55.64 -38.33
N HIS P 118 23.57 54.49 -37.67
CA HIS P 118 24.68 53.56 -37.40
C HIS P 118 24.45 52.15 -37.93
N LEU P 119 23.25 51.82 -38.41
CA LEU P 119 22.86 50.51 -38.91
C LEU P 119 22.95 49.44 -37.83
N VAL P 120 22.50 49.80 -36.63
CA VAL P 120 22.45 48.95 -35.45
C VAL P 120 20.97 48.97 -35.01
N PRO P 121 20.42 47.85 -34.49
CA PRO P 121 18.99 47.83 -34.13
C PRO P 121 18.56 48.75 -33.01
N PHE P 122 17.29 49.13 -33.05
CA PHE P 122 16.61 49.81 -31.97
C PHE P 122 15.28 49.04 -31.81
N VAL P 123 15.05 48.53 -30.62
CA VAL P 123 13.95 47.64 -30.37
C VAL P 123 13.12 48.10 -29.20
N GLY P 124 11.84 47.77 -29.20
CA GLY P 124 10.95 48.16 -28.13
C GLY P 124 9.53 47.73 -28.33
N LYS P 125 8.59 48.57 -27.88
CA LYS P 125 7.16 48.31 -27.91
C LYS P 125 6.42 49.49 -28.55
N VAL P 126 5.32 49.19 -29.26
CA VAL P 126 4.45 50.19 -29.84
C VAL P 126 3.06 50.02 -29.19
N HIS P 127 2.45 51.12 -28.80
CA HIS P 127 1.14 51.12 -28.19
C HIS P 127 0.29 52.01 -29.09
N ILE P 128 -0.78 51.45 -29.65
CA ILE P 128 -1.63 52.19 -30.56
C ILE P 128 -3.03 52.29 -29.97
N GLY P 129 -3.62 53.44 -30.09
CA GLY P 129 -4.99 53.67 -29.70
C GLY P 129 -5.71 54.42 -30.79
N TYR P 130 -7.02 54.19 -30.98
CA TYR P 130 -7.77 54.94 -31.98
C TYR P 130 -9.24 55.03 -31.63
N LEU P 131 -9.87 56.10 -32.07
CA LEU P 131 -11.28 56.32 -31.82
C LEU P 131 -12.00 56.01 -33.10
N PRO P 132 -12.58 54.82 -33.24
CA PRO P 132 -13.25 54.47 -34.49
C PRO P 132 -14.42 55.35 -34.81
N ASN P 133 -14.73 55.45 -36.11
CA ASN P 133 -15.92 56.19 -36.52
C ASN P 133 -16.86 55.14 -37.15
N LYS P 134 -17.51 54.36 -36.24
CA LYS P 134 -18.47 53.27 -36.48
C LYS P 134 -17.80 51.95 -36.89
N GLN P 135 -16.84 52.02 -37.81
CA GLN P 135 -16.14 50.85 -38.33
C GLN P 135 -14.86 50.58 -37.57
N VAL P 136 -14.51 49.30 -37.43
CA VAL P 136 -13.32 48.87 -36.72
C VAL P 136 -12.34 48.14 -37.64
N LEU P 137 -11.05 48.48 -37.54
CA LEU P 137 -10.01 47.79 -38.29
C LEU P 137 -9.76 46.46 -37.56
N GLY P 138 -9.34 45.45 -38.31
CA GLY P 138 -8.97 44.15 -37.74
C GLY P 138 -7.73 44.36 -36.89
N LEU P 139 -7.78 43.94 -35.62
CA LEU P 139 -6.70 44.14 -34.65
C LEU P 139 -5.28 43.87 -35.17
N SER P 140 -5.05 42.73 -35.85
CA SER P 140 -3.69 42.41 -36.31
C SER P 140 -3.15 43.39 -37.32
N LYS P 141 -4.04 44.08 -38.06
CA LYS P 141 -3.59 45.05 -39.07
C LYS P 141 -2.88 46.24 -38.46
N LEU P 142 -3.12 46.54 -37.17
CA LEU P 142 -2.38 47.59 -36.47
C LEU P 142 -0.93 47.14 -36.30
N ALA P 143 -0.72 45.87 -35.92
CA ALA P 143 0.62 45.26 -35.76
C ALA P 143 1.33 45.11 -37.11
N ARG P 144 0.56 44.85 -38.17
CA ARG P 144 1.09 44.73 -39.53
C ARG P 144 1.51 46.09 -40.08
N ILE P 145 0.82 47.19 -39.68
CA ILE P 145 1.18 48.55 -40.08
C ILE P 145 2.51 48.92 -39.39
N VAL P 146 2.71 48.47 -38.12
CA VAL P 146 3.94 48.68 -37.39
C VAL P 146 5.11 48.03 -38.16
N GLU P 147 4.88 46.83 -38.69
CA GLU P 147 5.87 46.09 -39.46
C GLU P 147 6.25 46.74 -40.81
N ILE P 148 5.33 47.49 -41.44
CA ILE P 148 5.65 48.17 -42.69
C ILE P 148 6.77 49.22 -42.47
N TYR P 149 6.62 50.05 -41.44
CA TYR P 149 7.58 51.12 -41.18
C TYR P 149 8.74 50.72 -40.27
N SER P 150 8.57 49.76 -39.35
CA SER P 150 9.68 49.37 -38.47
C SER P 150 10.74 48.59 -39.25
N ARG P 151 10.32 47.79 -40.26
CA ARG P 151 11.29 47.06 -41.06
C ARG P 151 11.88 47.94 -42.16
N ARG P 152 12.49 49.06 -41.76
CA ARG P 152 13.15 50.03 -42.63
C ARG P 152 14.31 50.67 -41.86
N LEU P 153 15.19 51.43 -42.57
CA LEU P 153 16.23 52.19 -41.88
C LEU P 153 15.47 53.40 -41.35
N GLN P 154 15.42 53.53 -40.03
CA GLN P 154 14.58 54.50 -39.40
C GLN P 154 15.22 55.46 -38.40
N VAL P 155 14.40 56.42 -37.99
CA VAL P 155 14.56 57.35 -36.91
C VAL P 155 13.20 57.17 -36.14
N GLN P 156 13.27 56.97 -34.81
CA GLN P 156 12.09 56.67 -33.99
C GLN P 156 10.96 57.68 -34.13
N GLU P 157 11.30 58.96 -34.24
CA GLU P 157 10.32 60.04 -34.39
C GLU P 157 9.54 59.86 -35.69
N ARG P 158 10.25 59.53 -36.78
CA ARG P 158 9.61 59.29 -38.07
C ARG P 158 8.73 58.05 -38.05
N LEU P 159 9.25 56.93 -37.54
CA LEU P 159 8.52 55.67 -37.38
C LEU P 159 7.19 55.90 -36.61
N THR P 160 7.25 56.62 -35.49
CA THR P 160 6.08 56.95 -34.68
C THR P 160 4.99 57.69 -35.48
N LYS P 161 5.41 58.72 -36.26
CA LYS P 161 4.49 59.50 -37.08
C LYS P 161 3.92 58.65 -38.20
N GLN P 162 4.75 57.80 -38.81
CA GLN P 162 4.33 56.97 -39.94
C GLN P 162 3.25 55.98 -39.61
N ILE P 163 3.27 55.42 -38.41
CA ILE P 163 2.26 54.46 -38.00
C ILE P 163 0.95 55.18 -37.78
N ALA P 164 0.99 56.35 -37.09
CA ALA P 164 -0.19 57.16 -36.77
C ALA P 164 -0.87 57.66 -38.03
N VAL P 165 -0.07 58.06 -39.00
CA VAL P 165 -0.57 58.56 -40.27
C VAL P 165 -1.16 57.42 -41.07
N ALA P 166 -0.49 56.25 -41.11
CA ALA P 166 -1.01 55.10 -41.85
C ALA P 166 -2.38 54.67 -41.37
N ILE P 167 -2.60 54.69 -40.08
CA ILE P 167 -3.89 54.30 -39.49
C ILE P 167 -4.97 55.31 -39.85
N THR P 168 -4.61 56.60 -39.81
CA THR P 168 -5.54 57.69 -40.16
C THR P 168 -5.94 57.57 -41.61
N GLU P 169 -4.99 57.26 -42.49
CA GLU P 169 -5.27 57.15 -43.91
C GLU P 169 -6.05 55.90 -44.27
N ALA P 170 -5.80 54.79 -43.58
CA ALA P 170 -6.49 53.54 -43.85
C ALA P 170 -7.94 53.49 -43.36
N LEU P 171 -8.23 54.17 -42.27
CA LEU P 171 -9.53 54.07 -41.61
C LEU P 171 -10.32 55.35 -41.56
N ARG P 172 -9.62 56.48 -41.50
CA ARG P 172 -10.18 57.81 -41.30
C ARG P 172 -11.04 57.84 -40.03
N PRO P 173 -10.41 57.52 -38.87
CA PRO P 173 -11.18 57.49 -37.61
C PRO P 173 -11.29 58.87 -36.98
N ALA P 174 -11.94 58.96 -35.80
CA ALA P 174 -12.05 60.23 -35.07
C ALA P 174 -10.68 60.71 -34.55
N GLY P 175 -9.79 59.79 -34.22
CA GLY P 175 -8.46 60.11 -33.75
C GLY P 175 -7.55 58.89 -33.66
N VAL P 176 -6.23 59.10 -33.60
CA VAL P 176 -5.22 58.05 -33.45
C VAL P 176 -4.15 58.53 -32.44
N GLY P 177 -3.62 57.60 -31.67
CA GLY P 177 -2.53 57.87 -30.74
C GLY P 177 -1.54 56.76 -30.85
N VAL P 178 -0.24 57.08 -31.04
CA VAL P 178 0.80 56.07 -31.15
C VAL P 178 1.93 56.43 -30.19
N VAL P 179 2.36 55.49 -29.35
CA VAL P 179 3.47 55.70 -28.44
C VAL P 179 4.49 54.61 -28.72
N VAL P 180 5.75 54.97 -28.94
CA VAL P 180 6.83 54.02 -29.16
C VAL P 180 7.85 54.18 -28.03
N GLU P 181 8.21 53.07 -27.37
CA GLU P 181 9.24 53.07 -26.33
C GLU P 181 10.32 52.12 -26.77
N ALA P 182 11.56 52.60 -26.92
CA ALA P 182 12.62 51.76 -27.49
C ALA P 182 13.99 51.96 -26.86
N THR P 183 14.82 50.90 -26.95
CA THR P 183 16.20 50.86 -26.55
C THR P 183 16.98 50.92 -27.84
N HIS P 184 17.86 51.92 -27.94
CA HIS P 184 18.71 52.06 -29.09
C HIS P 184 20.01 51.43 -28.72
N MET P 185 20.42 50.38 -29.44
CA MET P 185 21.69 49.70 -29.15
C MET P 185 22.90 50.59 -29.38
N CYS P 186 22.77 51.62 -30.25
CA CYS P 186 23.78 52.64 -30.47
C CYS P 186 24.09 53.42 -29.18
N MET P 187 23.16 53.44 -28.23
CA MET P 187 23.38 54.13 -26.96
C MET P 187 23.73 53.19 -25.82
N VAL P 188 23.60 51.84 -26.00
CA VAL P 188 23.93 50.92 -24.92
C VAL P 188 25.25 50.19 -25.19
N MET P 189 25.51 49.73 -26.45
CA MET P 189 26.75 48.98 -26.70
C MET P 189 27.87 49.80 -27.32
N ARG P 190 27.73 51.14 -27.37
CA ARG P 190 28.72 52.06 -27.92
C ARG P 190 28.33 53.54 -27.62
N GLY P 191 29.21 54.49 -27.93
CA GLY P 191 28.94 55.91 -27.75
C GLY P 191 28.74 56.34 -26.31
N VAL P 192 27.51 56.76 -25.96
CA VAL P 192 27.24 57.20 -24.58
C VAL P 192 27.29 56.03 -23.58
N GLN P 193 26.98 54.80 -24.07
CA GLN P 193 27.00 53.58 -23.27
C GLN P 193 26.21 53.73 -21.96
N LYS P 194 24.94 54.16 -22.13
CA LYS P 194 23.94 54.31 -21.10
C LYS P 194 23.04 53.07 -21.24
N MET P 195 23.28 52.14 -20.34
CA MET P 195 22.63 50.84 -20.31
C MET P 195 21.09 50.84 -20.21
N ASN P 196 20.56 51.68 -19.33
CA ASN P 196 19.14 51.68 -19.06
C ASN P 196 18.33 52.72 -19.82
N SER P 197 18.94 53.54 -20.67
CA SER P 197 18.19 54.59 -21.36
C SER P 197 17.17 54.03 -22.37
N LYS P 198 16.00 54.66 -22.32
CA LYS P 198 14.85 54.32 -23.14
C LYS P 198 14.35 55.63 -23.77
N THR P 199 14.00 55.57 -25.06
CA THR P 199 13.48 56.74 -25.76
C THR P 199 11.97 56.53 -25.97
N VAL P 200 11.17 57.50 -25.56
CA VAL P 200 9.72 57.45 -25.69
C VAL P 200 9.25 58.55 -26.64
N THR P 201 8.61 58.16 -27.74
CA THR P 201 8.08 59.12 -28.71
C THR P 201 6.56 58.91 -28.84
N SER P 202 5.85 59.93 -29.28
CA SER P 202 4.40 59.84 -29.46
C SER P 202 3.90 60.69 -30.62
N THR P 203 2.80 60.26 -31.24
CA THR P 203 2.11 60.98 -32.29
C THR P 203 0.60 60.90 -32.03
N MET P 204 -0.04 62.04 -31.84
CA MET P 204 -1.46 62.12 -31.57
C MET P 204 -2.13 62.89 -32.70
N LEU P 205 -3.12 62.26 -33.31
CA LEU P 205 -3.87 62.83 -34.41
C LEU P 205 -5.34 62.89 -34.06
N GLY P 206 -6.06 63.82 -34.67
CA GLY P 206 -7.48 63.96 -34.43
C GLY P 206 -7.82 64.29 -32.98
N VAL P 207 -8.81 63.57 -32.43
CA VAL P 207 -9.28 63.76 -31.06
C VAL P 207 -8.17 63.52 -30.02
N PHE P 208 -7.19 62.64 -30.33
CA PHE P 208 -6.04 62.39 -29.44
C PHE P 208 -5.15 63.63 -29.29
N ARG P 209 -5.13 64.50 -30.30
CA ARG P 209 -4.36 65.71 -30.28
C ARG P 209 -5.19 66.87 -29.71
N GLU P 210 -6.45 67.00 -30.16
CA GLU P 210 -7.32 68.12 -29.77
C GLU P 210 -8.00 67.98 -28.38
N ASP P 211 -8.34 66.76 -27.93
CA ASP P 211 -9.01 66.57 -26.65
C ASP P 211 -8.07 66.03 -25.59
N PRO P 212 -7.72 66.86 -24.59
CA PRO P 212 -6.82 66.40 -23.54
C PRO P 212 -7.30 65.20 -22.74
N LYS P 213 -8.61 65.09 -22.47
CA LYS P 213 -9.15 63.96 -21.73
C LYS P 213 -8.98 62.62 -22.48
N THR P 214 -9.13 62.64 -23.82
CA THR P 214 -8.97 61.44 -24.65
C THR P 214 -7.51 60.99 -24.60
N ARG P 215 -6.58 61.95 -24.75
CA ARG P 215 -5.16 61.69 -24.71
C ARG P 215 -4.68 61.15 -23.34
N GLU P 216 -5.21 61.67 -22.21
CA GLU P 216 -4.81 61.15 -20.90
C GLU P 216 -5.37 59.76 -20.62
N GLU P 217 -6.57 59.47 -21.13
CA GLU P 217 -7.19 58.18 -20.96
C GLU P 217 -6.37 57.12 -21.70
N PHE P 218 -5.92 57.44 -22.92
CA PHE P 218 -5.09 56.55 -23.71
C PHE P 218 -3.75 56.29 -22.98
N LEU P 219 -3.09 57.35 -22.48
CA LEU P 219 -1.82 57.20 -21.80
C LEU P 219 -1.92 56.38 -20.52
N THR P 220 -3.05 56.42 -19.80
CA THR P 220 -3.19 55.61 -18.59
C THR P 220 -3.51 54.16 -18.94
N LEU P 221 -4.31 53.95 -19.98
CA LEU P 221 -4.68 52.59 -20.37
C LEU P 221 -3.52 51.79 -20.99
N ILE P 222 -2.41 52.46 -21.39
CA ILE P 222 -1.27 51.75 -21.97
C ILE P 222 -0.21 51.45 -20.94
N ARG Q 33 16.09 70.05 26.59
CA ARG Q 33 16.79 69.06 27.40
C ARG Q 33 18.32 69.15 27.21
N SER Q 34 19.11 68.68 28.19
CA SER Q 34 20.57 68.74 28.07
C SER Q 34 21.25 67.38 28.40
N GLU Q 35 22.56 67.22 28.10
CA GLU Q 35 23.28 65.98 28.44
C GLU Q 35 23.48 65.85 29.97
N GLU Q 36 23.50 66.97 30.70
CA GLU Q 36 23.57 66.94 32.16
C GLU Q 36 22.25 66.38 32.71
N ASP Q 37 21.11 66.79 32.11
CA ASP Q 37 19.78 66.27 32.47
C ASP Q 37 19.72 64.75 32.24
N ASN Q 38 20.41 64.24 31.22
CA ASN Q 38 20.41 62.81 30.93
C ASN Q 38 21.23 62.01 31.91
N GLU Q 39 22.36 62.56 32.37
CA GLU Q 39 23.20 61.87 33.35
C GLU Q 39 22.47 61.82 34.69
N LEU Q 40 21.79 62.93 35.07
CA LEU Q 40 21.05 63.06 36.32
C LEU Q 40 19.78 62.19 36.36
N ASN Q 41 19.06 62.11 35.25
CA ASN Q 41 17.83 61.32 35.18
C ASN Q 41 18.02 59.85 34.86
N LEU Q 42 19.22 59.46 34.41
CA LEU Q 42 19.52 58.08 34.06
C LEU Q 42 19.25 57.07 35.21
N PRO Q 43 19.74 57.31 36.44
CA PRO Q 43 19.44 56.36 37.54
C PRO Q 43 17.95 56.24 37.91
N ASN Q 44 17.17 57.33 37.73
CA ASN Q 44 15.72 57.33 38.00
C ASN Q 44 14.97 56.54 36.95
N LEU Q 45 15.47 56.59 35.70
CA LEU Q 45 14.91 55.86 34.58
C LEU Q 45 15.20 54.38 34.80
N ALA Q 46 16.45 54.03 35.14
CA ALA Q 46 16.84 52.65 35.42
C ALA Q 46 16.04 52.06 36.58
N ALA Q 47 15.76 52.87 37.62
CA ALA Q 47 14.99 52.41 38.77
C ALA Q 47 13.56 52.07 38.35
N ALA Q 48 12.96 52.90 37.48
CA ALA Q 48 11.62 52.65 37.00
C ALA Q 48 11.54 51.40 36.11
N TYR Q 49 12.57 51.17 35.28
CA TYR Q 49 12.61 49.98 34.44
C TYR Q 49 12.81 48.70 35.26
N SER Q 50 13.61 48.79 36.32
CA SER Q 50 13.84 47.66 37.24
C SER Q 50 12.52 47.32 37.95
N SER Q 51 11.77 48.35 38.36
CA SER Q 51 10.47 48.22 38.99
C SER Q 51 9.47 47.53 38.06
N ILE Q 52 9.55 47.82 36.74
CA ILE Q 52 8.69 47.22 35.73
C ILE Q 52 8.99 45.74 35.60
N LEU Q 53 10.29 45.36 35.56
CA LEU Q 53 10.70 43.97 35.47
C LEU Q 53 10.16 43.14 36.64
N SER Q 54 10.22 43.69 37.86
CA SER Q 54 9.70 43.01 39.05
C SER Q 54 8.18 42.89 39.00
N SER Q 55 7.48 43.95 38.58
CA SER Q 55 6.02 43.97 38.48
C SER Q 55 5.48 43.03 37.40
N LEU Q 56 6.30 42.67 36.40
CA LEU Q 56 5.88 41.73 35.35
C LEU Q 56 6.06 40.24 35.77
N GLY Q 57 6.56 40.00 36.98
CA GLY Q 57 6.83 38.65 37.47
C GLY Q 57 8.18 38.12 37.06
N GLU Q 58 9.07 38.99 36.53
CA GLU Q 58 10.39 38.58 36.09
C GLU Q 58 11.45 38.72 37.20
N ASN Q 59 12.58 38.03 37.01
CA ASN Q 59 13.69 38.06 37.95
C ASN Q 59 14.72 39.07 37.42
N PRO Q 60 14.79 40.28 38.00
CA PRO Q 60 15.75 41.28 37.50
C PRO Q 60 17.21 40.91 37.71
N GLN Q 61 17.47 39.84 38.48
CA GLN Q 61 18.82 39.40 38.77
C GLN Q 61 19.35 38.32 37.81
N ARG Q 62 18.49 37.76 36.93
CA ARG Q 62 18.95 36.75 35.98
C ARG Q 62 19.85 37.35 34.92
N GLN Q 63 20.81 36.57 34.40
CA GLN Q 63 21.82 37.06 33.44
C GLN Q 63 21.28 38.00 32.35
N GLY Q 64 20.19 37.58 31.68
CA GLY Q 64 19.59 38.37 30.61
C GLY Q 64 18.97 39.70 31.02
N LEU Q 65 18.51 39.83 32.28
CA LEU Q 65 17.89 41.09 32.73
C LEU Q 65 18.76 41.96 33.63
N LEU Q 66 20.01 41.58 33.84
CA LEU Q 66 20.89 42.30 34.74
C LEU Q 66 21.18 43.74 34.34
N LYS Q 67 21.59 43.99 33.08
CA LYS Q 67 21.87 45.35 32.63
C LYS Q 67 20.67 46.04 31.96
N THR Q 68 19.52 45.34 31.84
CA THR Q 68 18.32 45.84 31.16
C THR Q 68 17.80 47.16 31.73
N PRO Q 69 17.68 47.42 33.05
CA PRO Q 69 17.22 48.75 33.50
C PRO Q 69 18.03 49.93 32.91
N TRP Q 70 19.34 49.72 32.75
CA TRP Q 70 20.22 50.75 32.21
C TRP Q 70 20.15 50.84 30.68
N ARG Q 71 20.16 49.68 29.98
CA ARG Q 71 20.09 49.66 28.52
C ARG Q 71 18.72 50.17 28.05
N ALA Q 72 17.64 49.87 28.78
CA ALA Q 72 16.30 50.33 28.42
C ALA Q 72 16.18 51.83 28.64
N ALA Q 73 16.77 52.35 29.73
CA ALA Q 73 16.78 53.76 30.05
C ALA Q 73 17.54 54.58 28.98
N SER Q 74 18.72 54.05 28.57
CA SER Q 74 19.56 54.70 27.56
C SER Q 74 18.85 54.69 26.20
N ALA Q 75 18.17 53.57 25.87
CA ALA Q 75 17.40 53.47 24.65
C ALA Q 75 16.27 54.51 24.66
N MET Q 76 15.51 54.63 25.76
CA MET Q 76 14.42 55.61 25.86
C MET Q 76 14.92 57.06 25.79
N GLN Q 77 16.10 57.30 26.33
CA GLN Q 77 16.74 58.60 26.25
C GLN Q 77 17.14 58.93 24.81
N PHE Q 78 17.58 57.94 24.04
CA PHE Q 78 17.95 58.15 22.65
C PHE Q 78 16.67 58.37 21.81
N PHE Q 79 15.61 57.60 22.09
CA PHE Q 79 14.33 57.73 21.40
C PHE Q 79 13.69 59.11 21.64
N THR Q 80 14.04 59.80 22.73
CA THR Q 80 13.49 61.10 23.03
C THR Q 80 14.55 62.23 22.94
N LYS Q 81 15.63 62.01 22.19
CA LYS Q 81 16.70 63.00 22.06
C LYS Q 81 16.32 64.27 21.26
N GLY Q 82 15.17 64.25 20.59
CA GLY Q 82 14.71 65.38 19.80
C GLY Q 82 14.28 66.57 20.63
N TYR Q 83 13.98 66.36 21.92
CA TYR Q 83 13.60 67.41 22.83
C TYR Q 83 14.77 68.36 23.11
N GLN Q 84 16.01 67.82 23.10
CA GLN Q 84 17.20 68.63 23.37
C GLN Q 84 17.75 69.35 22.11
N GLU Q 85 17.00 69.35 21.00
CA GLU Q 85 17.45 69.97 19.76
C GLU Q 85 16.72 71.25 19.40
N THR Q 86 17.42 72.10 18.65
CA THR Q 86 16.98 73.40 18.17
C THR Q 86 17.16 73.49 16.67
N ILE Q 87 16.13 73.94 15.92
CA ILE Q 87 16.20 74.11 14.46
C ILE Q 87 17.45 74.86 13.98
N SER Q 88 17.74 75.99 14.64
CA SER Q 88 18.89 76.85 14.34
C SER Q 88 20.27 76.13 14.38
N ASP Q 89 20.44 75.20 15.33
CA ASP Q 89 21.71 74.47 15.45
C ASP Q 89 21.78 73.33 14.44
N VAL Q 90 20.63 72.71 14.11
CA VAL Q 90 20.61 71.62 13.17
C VAL Q 90 20.76 72.14 11.73
N LEU Q 91 20.24 73.36 11.41
CA LEU Q 91 20.40 73.87 10.03
C LEU Q 91 21.87 74.14 9.67
N ASN Q 92 22.73 74.48 10.66
CA ASN Q 92 24.17 74.74 10.47
C ASN Q 92 24.46 75.70 9.31
N ASP Q 93 23.60 76.71 9.11
CA ASP Q 93 23.70 77.70 8.03
C ASP Q 93 23.73 77.05 6.64
N ALA Q 94 23.09 75.88 6.46
CA ALA Q 94 23.08 75.22 5.16
C ALA Q 94 21.99 75.78 4.23
N ILE Q 95 22.07 77.08 3.93
CA ILE Q 95 21.12 77.74 3.04
C ILE Q 95 21.94 78.33 1.91
N PHE Q 96 21.74 77.82 0.69
CA PHE Q 96 22.54 78.21 -0.47
C PHE Q 96 21.74 79.01 -1.49
N ASP Q 97 22.40 79.96 -2.16
CA ASP Q 97 21.74 80.78 -3.17
C ASP Q 97 21.95 80.14 -4.53
N GLU Q 98 21.00 79.33 -4.97
CA GLU Q 98 21.13 78.63 -6.26
C GLU Q 98 20.15 79.12 -7.32
N ASP Q 99 19.48 80.27 -7.12
CA ASP Q 99 18.51 80.84 -8.07
C ASP Q 99 17.46 79.80 -8.50
N HIS Q 100 17.02 78.99 -7.54
CA HIS Q 100 16.09 77.92 -7.81
C HIS Q 100 14.69 78.25 -7.35
N ASP Q 101 13.72 78.15 -8.24
CA ASP Q 101 12.32 78.39 -7.89
C ASP Q 101 11.44 77.18 -8.20
N GLU Q 102 12.05 75.98 -8.33
CA GLU Q 102 11.31 74.77 -8.65
C GLU Q 102 11.36 73.74 -7.54
N MET Q 103 10.36 72.85 -7.52
CA MET Q 103 10.18 71.86 -6.47
C MET Q 103 11.36 70.96 -6.22
N VAL Q 104 11.76 70.87 -4.94
CA VAL Q 104 12.82 69.98 -4.50
C VAL Q 104 12.15 68.95 -3.59
N ILE Q 105 12.39 67.65 -3.84
CA ILE Q 105 11.79 66.61 -3.02
C ILE Q 105 12.88 65.72 -2.39
N VAL Q 106 12.78 65.42 -1.11
CA VAL Q 106 13.60 64.41 -0.48
C VAL Q 106 12.60 63.36 0.05
N LYS Q 107 12.54 62.22 -0.61
CA LYS Q 107 11.57 61.19 -0.26
C LYS Q 107 12.22 59.97 0.36
N ASP Q 108 11.41 59.09 0.96
CA ASP Q 108 11.85 57.85 1.59
C ASP Q 108 12.83 58.07 2.73
N ILE Q 109 12.58 59.09 3.55
CA ILE Q 109 13.38 59.31 4.73
C ILE Q 109 12.87 58.35 5.80
N ASP Q 110 13.67 57.37 6.23
CA ASP Q 110 13.25 56.45 7.28
C ASP Q 110 13.02 57.20 8.58
N MET Q 111 11.87 57.00 9.18
CA MET Q 111 11.44 57.70 10.37
C MET Q 111 11.09 56.69 11.45
N PHE Q 112 11.54 56.93 12.68
CA PHE Q 112 11.28 56.07 13.82
C PHE Q 112 10.84 56.95 14.94
N SER Q 113 9.61 56.80 15.38
CA SER Q 113 9.07 57.60 16.47
C SER Q 113 8.48 56.72 17.57
N MET Q 114 7.91 57.33 18.61
CA MET Q 114 7.36 56.61 19.74
C MET Q 114 5.94 57.08 19.99
N CYS Q 115 4.98 56.16 20.03
CA CYS Q 115 3.59 56.48 20.32
C CYS Q 115 3.49 57.02 21.75
N GLU Q 116 2.95 58.23 21.91
CA GLU Q 116 2.82 58.81 23.25
C GLU Q 116 1.69 58.18 24.08
N HIS Q 117 0.80 57.40 23.46
CA HIS Q 117 -0.29 56.76 24.18
C HIS Q 117 0.09 55.42 24.81
N HIS Q 118 0.97 54.64 24.17
CA HIS Q 118 1.37 53.33 24.70
C HIS Q 118 2.85 53.16 24.93
N LEU Q 119 3.68 54.11 24.45
CA LEU Q 119 5.14 54.06 24.54
C LEU Q 119 5.71 52.86 23.78
N VAL Q 120 5.16 52.62 22.59
CA VAL Q 120 5.54 51.58 21.66
C VAL Q 120 5.89 52.29 20.33
N PRO Q 121 6.89 51.85 19.57
CA PRO Q 121 7.26 52.57 18.33
C PRO Q 121 6.22 52.64 17.23
N PHE Q 122 6.33 53.68 16.43
CA PHE Q 122 5.62 53.82 15.18
C PHE Q 122 6.68 54.24 14.16
N VAL Q 123 6.84 53.44 13.11
CA VAL Q 123 7.93 53.63 12.17
C VAL Q 123 7.43 53.70 10.75
N GLY Q 124 8.18 54.40 9.89
CA GLY Q 124 7.78 54.52 8.49
C GLY Q 124 8.69 55.39 7.67
N LYS Q 125 8.11 56.14 6.74
CA LYS Q 125 8.84 57.00 5.82
C LYS Q 125 8.25 58.41 5.81
N VAL Q 126 9.10 59.41 5.58
CA VAL Q 126 8.69 60.79 5.45
C VAL Q 126 9.09 61.25 4.03
N HIS Q 127 8.19 61.95 3.34
CA HIS Q 127 8.45 62.46 2.00
C HIS Q 127 8.22 63.94 2.11
N ILE Q 128 9.24 64.73 1.80
CA ILE Q 128 9.17 66.17 1.91
C ILE Q 128 9.37 66.82 0.56
N GLY Q 129 8.58 67.82 0.26
CA GLY Q 129 8.70 68.61 -0.96
C GLY Q 129 8.59 70.08 -0.60
N TYR Q 130 9.29 70.95 -1.34
CA TYR Q 130 9.19 72.39 -1.10
C TYR Q 130 9.52 73.18 -2.36
N LEU Q 131 8.95 74.38 -2.45
CA LEU Q 131 9.19 75.25 -3.58
C LEU Q 131 10.04 76.41 -3.09
N PRO Q 132 11.35 76.39 -3.39
CA PRO Q 132 12.24 77.43 -2.87
C PRO Q 132 11.93 78.83 -3.37
N ASN Q 133 12.37 79.80 -2.59
CA ASN Q 133 12.23 81.19 -2.95
C ASN Q 133 13.66 81.70 -3.24
N LYS Q 134 14.25 81.17 -4.35
CA LYS Q 134 15.63 81.38 -4.84
C LYS Q 134 16.67 80.58 -4.04
N GLN Q 135 16.58 80.63 -2.69
CA GLN Q 135 17.47 79.92 -1.77
C GLN Q 135 17.04 78.47 -1.50
N VAL Q 136 18.01 77.56 -1.53
CA VAL Q 136 17.82 76.15 -1.22
C VAL Q 136 18.35 75.80 0.19
N LEU Q 137 17.80 74.77 0.80
CA LEU Q 137 18.26 74.25 2.08
C LEU Q 137 19.16 73.05 1.74
N GLY Q 138 20.08 72.70 2.63
CA GLY Q 138 20.92 71.53 2.45
C GLY Q 138 20.04 70.29 2.54
N LEU Q 139 20.20 69.35 1.58
CA LEU Q 139 19.39 68.14 1.52
C LEU Q 139 19.26 67.38 2.85
N SER Q 140 20.36 67.12 3.54
CA SER Q 140 20.33 66.39 4.80
C SER Q 140 19.57 67.12 5.89
N LYS Q 141 19.50 68.46 5.84
CA LYS Q 141 18.82 69.22 6.87
C LYS Q 141 17.31 68.93 6.91
N LEU Q 142 16.71 68.49 5.80
CA LEU Q 142 15.31 68.10 5.78
C LEU Q 142 15.14 66.81 6.64
N ALA Q 143 16.07 65.85 6.46
CA ALA Q 143 16.09 64.61 7.24
C ALA Q 143 16.41 64.89 8.72
N ARG Q 144 17.27 65.87 8.99
CA ARG Q 144 17.62 66.28 10.35
C ARG Q 144 16.44 66.95 11.05
N ILE Q 145 15.58 67.67 10.31
CA ILE Q 145 14.37 68.29 10.86
C ILE Q 145 13.38 67.17 11.26
N VAL Q 146 13.30 66.09 10.43
CA VAL Q 146 12.49 64.91 10.71
C VAL Q 146 12.92 64.31 12.05
N GLU Q 147 14.24 64.23 12.28
CA GLU Q 147 14.83 63.68 13.50
C GLU Q 147 14.56 64.50 14.74
N ILE Q 148 14.39 65.83 14.60
CA ILE Q 148 14.10 66.68 15.77
C ILE Q 148 12.75 66.28 16.36
N TYR Q 149 11.76 66.11 15.50
CA TYR Q 149 10.40 65.84 15.94
C TYR Q 149 10.05 64.38 16.07
N SER Q 150 10.67 63.49 15.29
CA SER Q 150 10.36 62.05 15.40
C SER Q 150 10.97 61.45 16.67
N ARG Q 151 12.12 61.97 17.13
CA ARG Q 151 12.73 61.47 18.36
C ARG Q 151 12.09 62.11 19.58
N ARG Q 152 10.79 61.91 19.75
CA ARG Q 152 9.98 62.45 20.84
C ARG Q 152 8.78 61.51 21.05
N LEU Q 153 8.00 61.72 22.13
CA LEU Q 153 6.77 60.97 22.33
C LEU Q 153 5.78 61.71 21.45
N GLN Q 154 5.25 61.02 20.44
CA GLN Q 154 4.46 61.67 19.42
C GLN Q 154 3.08 61.10 19.12
N VAL Q 155 2.37 61.85 18.29
CA VAL Q 155 1.15 61.55 17.59
C VAL Q 155 1.53 61.94 16.12
N GLN Q 156 1.30 61.01 15.16
CA GLN Q 156 1.68 61.19 13.76
C GLN Q 156 1.21 62.49 13.14
N GLU Q 157 -0.01 62.93 13.44
CA GLU Q 157 -0.56 64.17 12.93
C GLU Q 157 0.25 65.38 13.40
N ARG Q 158 0.69 65.37 14.65
CA ARG Q 158 1.49 66.46 15.19
C ARG Q 158 2.87 66.46 14.57
N LEU Q 159 3.50 65.28 14.50
CA LEU Q 159 4.83 65.08 13.91
C LEU Q 159 4.86 65.62 12.47
N THR Q 160 3.82 65.32 11.66
CA THR Q 160 3.71 65.78 10.27
C THR Q 160 3.68 67.29 10.16
N LYS Q 161 2.83 67.95 11.00
CA LYS Q 161 2.68 69.39 11.01
C LYS Q 161 3.96 70.07 11.46
N GLN Q 162 4.62 69.56 12.51
CA GLN Q 162 5.84 70.13 13.07
C GLN Q 162 6.95 70.17 12.04
N ILE Q 163 7.12 69.11 11.26
CA ILE Q 163 8.15 69.07 10.21
C ILE Q 163 7.87 70.15 9.16
N ALA Q 164 6.62 70.25 8.67
CA ALA Q 164 6.25 71.26 7.66
C ALA Q 164 6.44 72.70 8.16
N VAL Q 165 6.05 72.97 9.42
CA VAL Q 165 6.17 74.28 10.02
C VAL Q 165 7.64 74.65 10.26
N ALA Q 166 8.46 73.68 10.68
CA ALA Q 166 9.88 73.94 10.89
C ALA Q 166 10.57 74.34 9.58
N ILE Q 167 10.24 73.69 8.46
CA ILE Q 167 10.82 74.00 7.16
C ILE Q 167 10.37 75.40 6.70
N THR Q 168 9.08 75.73 6.90
CA THR Q 168 8.54 77.04 6.54
C THR Q 168 9.23 78.15 7.33
N GLU Q 169 9.50 77.91 8.62
CA GLU Q 169 10.13 78.91 9.47
C GLU Q 169 11.60 79.04 9.18
N ALA Q 170 12.29 77.94 8.85
CA ALA Q 170 13.72 77.97 8.56
C ALA Q 170 14.07 78.59 7.22
N LEU Q 171 13.20 78.41 6.24
CA LEU Q 171 13.50 78.80 4.87
C LEU Q 171 12.66 79.94 4.34
N ARG Q 172 11.40 80.03 4.77
CA ARG Q 172 10.38 80.94 4.22
C ARG Q 172 10.24 80.69 2.70
N PRO Q 173 9.91 79.45 2.29
CA PRO Q 173 9.76 79.17 0.85
C PRO Q 173 8.35 79.49 0.34
N ALA Q 174 8.10 79.29 -0.97
CA ALA Q 174 6.79 79.53 -1.57
C ALA Q 174 5.73 78.58 -0.98
N GLY Q 175 6.14 77.35 -0.65
CA GLY Q 175 5.29 76.34 -0.04
C GLY Q 175 6.07 75.10 0.35
N VAL Q 176 5.48 74.25 1.23
CA VAL Q 176 6.03 73.00 1.77
C VAL Q 176 4.94 71.91 1.76
N GLY Q 177 5.33 70.67 1.47
CA GLY Q 177 4.44 69.52 1.52
C GLY Q 177 5.15 68.41 2.27
N VAL Q 178 4.49 67.81 3.26
CA VAL Q 178 5.09 66.71 4.03
C VAL Q 178 4.09 65.56 4.09
N VAL Q 179 4.52 64.34 3.75
CA VAL Q 179 3.67 63.17 3.82
C VAL Q 179 4.38 62.15 4.70
N VAL Q 180 3.70 61.62 5.73
CA VAL Q 180 4.27 60.60 6.61
C VAL Q 180 3.44 59.34 6.47
N GLU Q 181 4.09 58.19 6.23
CA GLU Q 181 3.40 56.92 6.11
C GLU Q 181 4.04 56.03 7.16
N ALA Q 182 3.26 55.50 8.11
CA ALA Q 182 3.83 54.72 9.20
C ALA Q 182 2.99 53.53 9.64
N THR Q 183 3.67 52.53 10.23
CA THR Q 183 3.11 51.36 10.86
C THR Q 183 3.20 51.64 12.36
N HIS Q 184 2.06 51.57 13.04
CA HIS Q 184 2.02 51.75 14.47
C HIS Q 184 2.02 50.36 15.06
N MET Q 185 3.05 50.00 15.82
CA MET Q 185 3.13 48.69 16.45
C MET Q 185 2.01 48.46 17.47
N CYS Q 186 1.43 49.53 18.03
CA CYS Q 186 0.25 49.47 18.90
C CYS Q 186 -0.95 48.89 18.19
N MET Q 187 -0.98 48.98 16.86
CA MET Q 187 -2.07 48.45 16.08
C MET Q 187 -1.74 47.09 15.46
N VAL Q 188 -0.45 46.65 15.44
CA VAL Q 188 -0.12 45.36 14.83
C VAL Q 188 0.16 44.29 15.90
N MET Q 189 0.92 44.60 16.95
CA MET Q 189 1.25 43.57 17.94
C MET Q 189 0.36 43.56 19.17
N ARG Q 190 -0.71 44.34 19.17
CA ARG Q 190 -1.58 44.51 20.30
C ARG Q 190 -2.89 45.21 19.81
N GLY Q 191 -3.85 45.37 20.73
CA GLY Q 191 -5.12 46.04 20.48
C GLY Q 191 -5.93 45.45 19.36
N VAL Q 192 -6.10 46.22 18.30
CA VAL Q 192 -6.88 45.83 17.15
C VAL Q 192 -6.18 44.74 16.31
N GLN Q 193 -4.84 44.62 16.42
CA GLN Q 193 -4.02 43.61 15.75
C GLN Q 193 -4.31 43.48 14.25
N LYS Q 194 -4.16 44.58 13.50
CA LYS Q 194 -4.36 44.65 12.05
C LYS Q 194 -2.94 44.90 11.57
N MET Q 195 -2.26 43.85 11.09
CA MET Q 195 -0.83 43.98 10.84
C MET Q 195 -0.43 44.57 9.49
N ASN Q 196 -1.35 44.67 8.55
CA ASN Q 196 -1.05 45.37 7.33
C ASN Q 196 -1.45 46.86 7.38
N SER Q 197 -2.09 47.33 8.48
CA SER Q 197 -2.58 48.70 8.63
C SER Q 197 -1.46 49.75 8.61
N LYS Q 198 -1.61 50.78 7.78
CA LYS Q 198 -0.65 51.87 7.61
C LYS Q 198 -1.41 53.21 7.75
N THR Q 199 -0.83 54.17 8.46
CA THR Q 199 -1.43 55.49 8.62
C THR Q 199 -0.69 56.47 7.73
N VAL Q 200 -1.43 57.20 6.90
CA VAL Q 200 -0.84 58.22 6.02
C VAL Q 200 -1.36 59.60 6.45
N THR Q 201 -0.45 60.50 6.82
CA THR Q 201 -0.81 61.87 7.18
C THR Q 201 -0.07 62.84 6.25
N SER Q 202 -0.58 64.06 6.09
CA SER Q 202 0.03 65.06 5.24
C SER Q 202 -0.20 66.46 5.75
N THR Q 203 0.76 67.38 5.47
CA THR Q 203 0.64 68.80 5.82
C THR Q 203 1.13 69.60 4.64
N MET Q 204 0.25 70.44 4.08
CA MET Q 204 0.56 71.28 2.93
C MET Q 204 0.48 72.75 3.31
N LEU Q 205 1.57 73.48 3.10
CA LEU Q 205 1.63 74.90 3.42
C LEU Q 205 1.98 75.70 2.17
N GLY Q 206 1.57 76.97 2.15
CA GLY Q 206 1.81 77.85 1.02
C GLY Q 206 1.20 77.36 -0.27
N VAL Q 207 2.00 77.35 -1.35
CA VAL Q 207 1.56 76.94 -2.68
C VAL Q 207 1.09 75.48 -2.72
N PHE Q 208 1.63 74.60 -1.84
CA PHE Q 208 1.19 73.20 -1.76
C PHE Q 208 -0.24 73.05 -1.28
N ARG Q 209 -0.70 74.04 -0.49
CA ARG Q 209 -2.04 74.07 0.03
C ARG Q 209 -2.97 74.79 -0.95
N GLU Q 210 -2.54 75.95 -1.46
CA GLU Q 210 -3.37 76.79 -2.33
C GLU Q 210 -3.45 76.38 -3.81
N ASP Q 211 -2.39 75.78 -4.37
CA ASP Q 211 -2.38 75.38 -5.79
C ASP Q 211 -2.53 73.88 -5.92
N PRO Q 212 -3.70 73.41 -6.40
CA PRO Q 212 -3.92 71.97 -6.53
C PRO Q 212 -2.94 71.29 -7.47
N LYS Q 213 -2.52 71.93 -8.57
CA LYS Q 213 -1.58 71.34 -9.51
C LYS Q 213 -0.21 71.07 -8.88
N THR Q 214 0.26 71.96 -7.99
CA THR Q 214 1.53 71.80 -7.27
C THR Q 214 1.44 70.59 -6.34
N ARG Q 215 0.34 70.50 -5.61
CA ARG Q 215 0.02 69.43 -4.69
C ARG Q 215 -0.04 68.06 -5.38
N GLU Q 216 -0.71 67.95 -6.56
CA GLU Q 216 -0.79 66.68 -7.26
C GLU Q 216 0.53 66.25 -7.87
N GLU Q 217 1.34 67.22 -8.32
CA GLU Q 217 2.66 66.94 -8.87
C GLU Q 217 3.55 66.34 -7.79
N PHE Q 218 3.52 66.93 -6.59
CA PHE Q 218 4.28 66.44 -5.45
C PHE Q 218 3.86 65.02 -5.09
N LEU Q 219 2.54 64.77 -5.00
CA LEU Q 219 2.03 63.45 -4.64
C LEU Q 219 2.38 62.36 -5.66
N THR Q 220 2.47 62.70 -6.96
CA THR Q 220 2.86 61.69 -7.95
C THR Q 220 4.36 61.45 -7.93
N LEU Q 221 5.15 62.52 -7.72
CA LEU Q 221 6.60 62.37 -7.69
C LEU Q 221 7.14 61.61 -6.47
N ILE Q 222 6.31 61.44 -5.41
CA ILE Q 222 6.77 60.73 -4.23
C ILE Q 222 6.40 59.26 -4.28
N SER R 34 43.15 57.81 17.57
CA SER R 34 42.50 58.45 18.72
C SER R 34 41.76 59.75 18.32
N GLU R 35 40.89 60.28 19.21
CA GLU R 35 40.21 61.56 18.95
C GLU R 35 41.19 62.75 18.96
N GLU R 36 42.30 62.61 19.71
CA GLU R 36 43.39 63.57 19.77
C GLU R 36 44.09 63.65 18.40
N ASP R 37 44.26 62.49 17.74
CA ASP R 37 44.87 62.36 16.43
C ASP R 37 43.97 62.99 15.36
N ASN R 38 42.64 62.89 15.52
CA ASN R 38 41.68 63.46 14.57
C ASN R 38 41.67 64.96 14.58
N GLU R 39 41.74 65.56 15.79
CA GLU R 39 41.76 67.01 15.94
C GLU R 39 43.01 67.59 15.34
N LEU R 40 44.16 66.94 15.58
CA LEU R 40 45.50 67.35 15.11
C LEU R 40 45.66 67.19 13.59
N ASN R 41 45.07 66.13 13.02
CA ASN R 41 45.20 65.87 11.59
C ASN R 41 44.13 66.54 10.74
N LEU R 42 43.04 67.05 11.34
CA LEU R 42 41.98 67.69 10.58
C LEU R 42 42.45 68.87 9.73
N PRO R 43 43.24 69.83 10.26
CA PRO R 43 43.71 70.95 9.40
C PRO R 43 44.62 70.53 8.23
N ASN R 44 45.39 69.43 8.39
CA ASN R 44 46.24 68.89 7.31
C ASN R 44 45.40 68.25 6.22
N LEU R 45 44.29 67.61 6.60
CA LEU R 45 43.37 66.99 5.66
C LEU R 45 42.65 68.11 4.90
N ALA R 46 42.19 69.15 5.61
CA ALA R 46 41.50 70.29 5.00
C ALA R 46 42.43 71.00 4.02
N ALA R 47 43.72 71.13 4.35
CA ALA R 47 44.71 71.78 3.45
C ALA R 47 44.88 70.96 2.16
N ALA R 48 44.95 69.63 2.27
CA ALA R 48 45.07 68.77 1.11
C ALA R 48 43.80 68.81 0.25
N TYR R 49 42.60 68.89 0.87
CA TYR R 49 41.36 68.97 0.10
C TYR R 49 41.20 70.31 -0.61
N SER R 50 41.68 71.40 0.03
CA SER R 50 41.67 72.73 -0.57
C SER R 50 42.59 72.73 -1.79
N SER R 51 43.76 72.10 -1.66
CA SER R 51 44.73 71.94 -2.73
C SER R 51 44.12 71.15 -3.92
N ILE R 52 43.26 70.16 -3.64
CA ILE R 52 42.60 69.35 -4.64
C ILE R 52 41.61 70.21 -5.42
N LEU R 53 40.82 71.04 -4.71
CA LEU R 53 39.86 71.94 -5.35
C LEU R 53 40.53 72.88 -6.35
N SER R 54 41.68 73.44 -5.96
CA SER R 54 42.45 74.33 -6.82
C SER R 54 43.03 73.58 -8.03
N SER R 55 43.58 72.36 -7.82
CA SER R 55 44.16 71.53 -8.87
C SER R 55 43.12 71.02 -9.88
N LEU R 56 41.83 70.97 -9.49
CA LEU R 56 40.77 70.56 -10.41
C LEU R 56 40.27 71.73 -11.30
N GLY R 57 40.80 72.93 -11.12
CA GLY R 57 40.36 74.09 -11.87
C GLY R 57 39.19 74.82 -11.22
N GLU R 58 38.83 74.45 -9.98
CA GLU R 58 37.71 75.06 -9.29
C GLU R 58 38.13 76.27 -8.46
N ASN R 59 37.12 77.08 -8.07
CA ASN R 59 37.33 78.26 -7.24
C ASN R 59 37.01 77.88 -5.79
N PRO R 60 38.03 77.67 -4.94
CA PRO R 60 37.75 77.29 -3.54
C PRO R 60 37.09 78.38 -2.70
N GLN R 61 36.97 79.61 -3.25
CA GLN R 61 36.35 80.73 -2.56
C GLN R 61 34.86 80.90 -2.87
N ARG R 62 34.31 80.16 -3.85
CA ARG R 62 32.87 80.28 -4.16
C ARG R 62 32.02 79.69 -3.03
N GLN R 63 30.82 80.24 -2.80
CA GLN R 63 29.93 79.82 -1.71
C GLN R 63 29.83 78.30 -1.49
N GLY R 64 29.64 77.54 -2.57
CA GLY R 64 29.50 76.09 -2.48
C GLY R 64 30.73 75.35 -2.03
N LEU R 65 31.93 75.92 -2.28
CA LEU R 65 33.18 75.29 -1.92
C LEU R 65 33.87 75.81 -0.66
N LEU R 66 33.39 76.92 -0.08
CA LEU R 66 34.02 77.54 1.10
C LEU R 66 34.30 76.61 2.29
N LYS R 67 33.33 75.81 2.72
CA LYS R 67 33.53 74.90 3.84
C LYS R 67 33.91 73.46 3.41
N THR R 68 34.03 73.21 2.09
CA THR R 68 34.31 71.88 1.53
C THR R 68 35.60 71.26 2.05
N PRO R 69 36.76 71.97 2.15
CA PRO R 69 37.97 71.30 2.68
C PRO R 69 37.76 70.67 4.06
N TRP R 70 36.94 71.32 4.91
CA TRP R 70 36.63 70.83 6.25
C TRP R 70 35.59 69.72 6.23
N ARG R 71 34.49 69.88 5.46
CA ARG R 71 33.43 68.86 5.39
C ARG R 71 33.96 67.58 4.73
N ALA R 72 34.85 67.70 3.72
CA ALA R 72 35.45 66.54 3.04
C ALA R 72 36.41 65.83 3.99
N ALA R 73 37.19 66.60 4.76
CA ALA R 73 38.15 66.04 5.73
C ALA R 73 37.41 65.29 6.85
N SER R 74 36.32 65.86 7.38
CA SER R 74 35.53 65.24 8.42
C SER R 74 34.85 63.99 7.91
N ALA R 75 34.35 64.03 6.66
CA ALA R 75 33.73 62.86 6.03
C ALA R 75 34.75 61.74 5.88
N MET R 76 35.99 62.04 5.42
CA MET R 76 37.05 61.04 5.27
C MET R 76 37.50 60.44 6.60
N GLN R 77 37.46 61.25 7.68
CA GLN R 77 37.76 60.76 9.03
C GLN R 77 36.66 59.81 9.51
N PHE R 78 35.40 60.10 9.18
CA PHE R 78 34.30 59.25 9.56
C PHE R 78 34.37 57.94 8.78
N PHE R 79 34.68 58.01 7.47
CA PHE R 79 34.81 56.84 6.63
C PHE R 79 35.96 55.93 7.07
N THR R 80 36.95 56.46 7.80
CA THR R 80 38.09 55.68 8.28
C THR R 80 38.12 55.56 9.82
N LYS R 81 36.97 55.71 10.49
CA LYS R 81 36.88 55.63 11.95
C LYS R 81 37.12 54.23 12.54
N GLY R 82 37.10 53.20 11.71
CA GLY R 82 37.29 51.82 12.15
C GLY R 82 38.71 51.54 12.64
N TYR R 83 39.69 52.34 12.19
CA TYR R 83 41.06 52.18 12.61
C TYR R 83 41.21 52.45 14.11
N GLN R 84 40.41 53.38 14.67
CA GLN R 84 40.47 53.71 16.10
C GLN R 84 39.65 52.76 17.00
N GLU R 85 39.09 51.67 16.45
CA GLU R 85 38.28 50.74 17.21
C GLU R 85 38.95 49.41 17.52
N THR R 86 38.64 48.85 18.69
CA THR R 86 39.17 47.56 19.13
C THR R 86 38.02 46.59 19.38
N ILE R 87 38.17 45.30 19.01
CA ILE R 87 37.14 44.28 19.20
C ILE R 87 36.59 44.23 20.64
N SER R 88 37.48 44.27 21.64
CA SER R 88 37.08 44.23 23.05
C SER R 88 36.13 45.34 23.47
N ASP R 89 36.36 46.57 23.00
CA ASP R 89 35.48 47.70 23.36
C ASP R 89 34.13 47.59 22.68
N VAL R 90 34.13 47.13 21.43
CA VAL R 90 32.96 46.96 20.59
C VAL R 90 32.03 45.88 21.14
N LEU R 91 32.62 44.78 21.62
CA LEU R 91 31.94 43.63 22.20
C LEU R 91 31.13 43.94 23.45
N ASN R 92 31.65 44.82 24.34
CA ASN R 92 31.01 45.24 25.58
C ASN R 92 30.51 44.08 26.45
N ASP R 93 31.27 42.97 26.48
CA ASP R 93 30.93 41.73 27.21
C ASP R 93 29.56 41.17 26.82
N ALA R 94 29.11 41.38 25.57
CA ALA R 94 27.83 40.87 25.13
C ALA R 94 27.90 39.42 24.65
N ILE R 95 28.24 38.51 25.58
CA ILE R 95 28.30 37.07 25.33
C ILE R 95 27.41 36.41 26.38
N PHE R 96 26.34 35.76 25.92
CA PHE R 96 25.33 35.18 26.80
C PHE R 96 25.34 33.65 26.73
N ASP R 97 25.05 33.00 27.87
CA ASP R 97 25.02 31.54 27.93
C ASP R 97 23.58 31.07 27.65
N GLU R 98 23.30 30.71 26.40
CA GLU R 98 21.97 30.28 26.01
C GLU R 98 21.86 28.80 25.65
N ASP R 99 22.91 27.97 25.93
CA ASP R 99 22.92 26.52 25.63
C ASP R 99 22.53 26.26 24.17
N HIS R 100 23.02 27.11 23.27
CA HIS R 100 22.67 27.02 21.87
C HIS R 100 23.82 26.45 21.06
N ASP R 101 23.54 25.42 20.29
CA ASP R 101 24.55 24.82 19.41
C ASP R 101 24.12 24.84 17.93
N GLU R 102 23.15 25.73 17.57
CA GLU R 102 22.64 25.81 16.21
C GLU R 102 22.91 27.14 15.56
N MET R 103 22.91 27.16 14.23
CA MET R 103 23.28 28.32 13.44
C MET R 103 22.48 29.57 13.70
N VAL R 104 23.19 30.67 13.94
CA VAL R 104 22.59 31.98 14.13
C VAL R 104 23.02 32.82 12.93
N ILE R 105 22.09 33.45 12.22
CA ILE R 105 22.41 34.28 11.07
C ILE R 105 21.95 35.72 11.27
N VAL R 106 22.78 36.69 10.95
CA VAL R 106 22.39 38.10 10.86
C VAL R 106 22.71 38.50 9.40
N LYS R 107 21.67 38.65 8.60
CA LYS R 107 21.84 38.94 7.19
C LYS R 107 21.36 40.36 6.85
N ASP R 108 21.73 40.83 5.63
CA ASP R 108 21.40 42.14 5.10
C ASP R 108 21.91 43.27 5.95
N ILE R 109 23.15 43.14 6.47
CA ILE R 109 23.77 44.22 7.21
C ILE R 109 24.32 45.20 6.16
N ASP R 110 23.80 46.44 6.12
CA ASP R 110 24.28 47.44 5.16
C ASP R 110 25.70 47.80 5.49
N MET R 111 26.58 47.74 4.49
CA MET R 111 28.00 47.96 4.62
C MET R 111 28.43 49.05 3.66
N PHE R 112 29.25 49.97 4.14
CA PHE R 112 29.78 51.10 3.35
C PHE R 112 31.26 51.16 3.60
N SER R 113 32.06 50.92 2.57
CA SER R 113 33.50 50.94 2.71
C SER R 113 34.14 51.85 1.65
N MET R 114 35.46 51.95 1.67
CA MET R 114 36.18 52.82 0.76
C MET R 114 37.22 52.03 0.04
N CYS R 115 37.20 52.04 -1.32
CA CYS R 115 38.19 51.36 -2.12
C CYS R 115 39.59 51.97 -1.84
N GLU R 116 40.57 51.15 -1.41
CA GLU R 116 41.90 51.66 -1.12
C GLU R 116 42.70 52.00 -2.36
N HIS R 117 42.27 51.55 -3.56
CA HIS R 117 42.97 51.81 -4.79
C HIS R 117 42.62 53.15 -5.43
N HIS R 118 41.36 53.60 -5.32
CA HIS R 118 40.91 54.86 -5.92
C HIS R 118 40.29 55.84 -4.96
N LEU R 119 40.02 55.43 -3.71
CA LEU R 119 39.42 56.27 -2.67
C LEU R 119 38.02 56.71 -3.03
N VAL R 120 37.26 55.79 -3.58
CA VAL R 120 35.87 55.92 -3.99
C VAL R 120 35.11 54.80 -3.26
N PRO R 121 33.87 55.04 -2.81
CA PRO R 121 33.16 53.99 -2.02
C PRO R 121 32.82 52.70 -2.74
N PHE R 122 32.70 51.64 -1.96
CA PHE R 122 32.16 50.37 -2.38
C PHE R 122 31.15 50.00 -1.30
N VAL R 123 29.90 49.80 -1.70
CA VAL R 123 28.81 49.61 -0.76
C VAL R 123 28.01 48.35 -1.07
N GLY R 124 27.43 47.76 -0.03
CA GLY R 124 26.62 46.57 -0.21
C GLY R 124 26.07 46.02 1.06
N LYS R 125 26.02 44.69 1.14
CA LYS R 125 25.44 43.95 2.26
C LYS R 125 26.41 42.88 2.76
N VAL R 126 26.36 42.60 4.07
CA VAL R 126 27.14 41.55 4.70
C VAL R 126 26.14 40.56 5.32
N HIS R 127 26.40 39.27 5.15
CA HIS R 127 25.56 38.22 5.70
C HIS R 127 26.48 37.36 6.53
N ILE R 128 26.20 37.24 7.81
CA ILE R 128 27.04 36.50 8.74
C ILE R 128 26.25 35.38 9.38
N GLY R 129 26.88 34.22 9.46
CA GLY R 129 26.34 33.05 10.11
C GLY R 129 27.40 32.44 11.02
N TYR R 130 26.98 31.84 12.13
CA TYR R 130 27.94 31.17 13.02
C TYR R 130 27.27 30.05 13.80
N LEU R 131 28.07 29.05 14.16
CA LEU R 131 27.61 27.93 14.93
C LEU R 131 28.12 28.03 16.35
N PRO R 132 27.29 28.58 17.26
CA PRO R 132 27.75 28.78 18.65
C PRO R 132 28.22 27.54 19.37
N ASN R 133 29.17 27.71 20.32
CA ASN R 133 29.69 26.65 21.17
C ASN R 133 29.06 26.87 22.55
N LYS R 134 27.70 26.72 22.61
CA LYS R 134 26.83 26.95 23.78
C LYS R 134 26.56 28.45 24.00
N GLN R 135 27.59 29.31 23.89
CA GLN R 135 27.48 30.77 24.06
C GLN R 135 27.09 31.53 22.82
N VAL R 136 26.24 32.54 22.97
CA VAL R 136 25.81 33.37 21.85
C VAL R 136 26.27 34.84 21.99
N LEU R 137 26.70 35.44 20.87
CA LEU R 137 27.11 36.83 20.83
C LEU R 137 25.85 37.70 20.68
N GLY R 138 25.88 38.92 21.23
CA GLY R 138 24.79 39.87 21.07
C GLY R 138 24.63 40.23 19.61
N LEU R 139 23.44 40.11 19.05
CA LEU R 139 23.19 40.29 17.62
C LEU R 139 23.82 41.53 17.00
N SER R 140 23.70 42.68 17.68
CA SER R 140 24.25 43.94 17.16
C SER R 140 25.76 43.95 17.07
N LYS R 141 26.44 43.14 17.88
CA LYS R 141 27.89 43.11 17.89
C LYS R 141 28.45 42.55 16.58
N LEU R 142 27.67 41.73 15.84
CA LEU R 142 28.09 41.23 14.53
C LEU R 142 28.14 42.40 13.56
N ALA R 143 27.12 43.29 13.59
CA ALA R 143 27.08 44.49 12.74
C ALA R 143 28.18 45.47 13.17
N ARG R 144 28.47 45.56 14.47
CA ARG R 144 29.52 46.44 14.98
C ARG R 144 30.91 45.96 14.57
N ILE R 145 31.11 44.63 14.43
CA ILE R 145 32.37 44.06 13.94
C ILE R 145 32.52 44.42 12.43
N VAL R 146 31.40 44.41 11.68
CA VAL R 146 31.39 44.83 10.27
C VAL R 146 31.89 46.28 10.16
N GLU R 147 31.43 47.14 11.05
CA GLU R 147 31.78 48.56 11.13
C GLU R 147 33.24 48.81 11.47
N ILE R 148 33.89 47.91 12.25
CA ILE R 148 35.30 48.10 12.57
C ILE R 148 36.13 48.04 11.29
N TYR R 149 35.84 47.04 10.45
CA TYR R 149 36.65 46.80 9.27
C TYR R 149 36.17 47.51 8.02
N SER R 150 34.87 47.78 7.89
CA SER R 150 34.37 48.46 6.69
C SER R 150 34.74 49.95 6.71
N ARG R 151 34.83 50.56 7.89
CA ARG R 151 35.20 51.96 8.00
C ARG R 151 36.72 52.11 7.96
N ARG R 152 37.32 51.68 6.87
CA ARG R 152 38.76 51.71 6.63
C ARG R 152 38.98 51.78 5.10
N LEU R 153 40.23 51.97 4.65
CA LEU R 153 40.55 51.90 3.23
C LEU R 153 40.71 50.40 3.03
N GLN R 154 39.86 49.82 2.19
CA GLN R 154 39.77 48.39 2.05
C GLN R 154 39.89 47.80 0.64
N VAL R 155 39.98 46.47 0.64
CA VAL R 155 39.86 45.53 -0.46
C VAL R 155 38.77 44.54 0.08
N GLN R 156 37.73 44.27 -0.71
CA GLN R 156 36.61 43.44 -0.31
C GLN R 156 36.98 42.07 0.25
N GLU R 157 37.96 41.42 -0.34
CA GLU R 157 38.41 40.10 0.09
C GLU R 157 39.01 40.19 1.51
N ARG R 158 39.77 41.25 1.80
CA ARG R 158 40.36 41.44 3.11
C ARG R 158 39.29 41.72 4.13
N LEU R 159 38.36 42.63 3.82
CA LEU R 159 37.25 43.01 4.68
C LEU R 159 36.44 41.77 5.11
N THR R 160 36.10 40.85 4.15
CA THR R 160 35.36 39.63 4.40
C THR R 160 36.09 38.73 5.41
N LYS R 161 37.41 38.52 5.19
CA LYS R 161 38.23 37.67 6.04
C LYS R 161 38.33 38.27 7.43
N GLN R 162 38.53 39.59 7.53
CA GLN R 162 38.67 40.28 8.81
C GLN R 162 37.47 40.14 9.68
N ILE R 163 36.27 40.23 9.12
CA ILE R 163 35.02 40.06 9.87
C ILE R 163 34.90 38.63 10.40
N ALA R 164 35.19 37.61 9.56
CA ALA R 164 35.10 36.22 10.00
C ALA R 164 36.12 35.89 11.09
N VAL R 165 37.35 36.39 10.96
CA VAL R 165 38.42 36.15 11.93
C VAL R 165 38.12 36.86 13.24
N ALA R 166 37.54 38.08 13.19
CA ALA R 166 37.18 38.82 14.41
C ALA R 166 36.12 38.07 15.20
N ILE R 167 35.13 37.47 14.53
CA ILE R 167 34.08 36.71 15.20
C ILE R 167 34.65 35.45 15.83
N THR R 168 35.55 34.76 15.11
CA THR R 168 36.21 33.55 15.61
C THR R 168 37.04 33.86 16.83
N GLU R 169 37.74 34.99 16.82
CA GLU R 169 38.59 35.37 17.94
C GLU R 169 37.79 35.86 19.13
N ALA R 170 36.68 36.55 18.90
CA ALA R 170 35.86 37.07 20.00
C ALA R 170 35.05 36.01 20.72
N LEU R 171 34.62 34.97 20.00
CA LEU R 171 33.71 33.98 20.55
C LEU R 171 34.26 32.58 20.65
N ARG R 172 35.19 32.22 19.76
CA ARG R 172 35.67 30.84 19.61
C ARG R 172 34.51 29.86 19.38
N PRO R 173 33.70 30.09 18.32
CA PRO R 173 32.57 29.18 18.04
C PRO R 173 33.00 27.97 17.21
N ALA R 174 32.05 27.06 16.91
CA ALA R 174 32.36 25.89 16.08
C ALA R 174 32.69 26.29 14.65
N GLY R 175 32.08 27.35 14.16
CA GLY R 175 32.33 27.85 12.82
C GLY R 175 31.72 29.20 12.55
N VAL R 176 32.25 29.91 11.53
CA VAL R 176 31.77 31.22 11.10
C VAL R 176 31.71 31.24 9.57
N GLY R 177 30.71 31.91 9.03
CA GLY R 177 30.53 32.13 7.61
C GLY R 177 30.21 33.60 7.40
N VAL R 178 30.89 34.26 6.44
CA VAL R 178 30.65 35.67 6.12
C VAL R 178 30.59 35.79 4.59
N VAL R 179 29.53 36.41 4.07
CA VAL R 179 29.39 36.65 2.64
C VAL R 179 29.19 38.17 2.47
N VAL R 180 29.99 38.80 1.59
CA VAL R 180 29.86 40.23 1.31
C VAL R 180 29.48 40.39 -0.15
N GLU R 181 28.45 41.16 -0.45
CA GLU R 181 28.05 41.46 -1.81
C GLU R 181 28.07 42.95 -1.95
N ALA R 182 28.85 43.48 -2.92
CA ALA R 182 29.01 44.92 -3.01
C ALA R 182 29.10 45.44 -4.45
N THR R 183 28.73 46.72 -4.63
CA THR R 183 28.85 47.51 -5.83
C THR R 183 30.05 48.41 -5.59
N HIS R 184 31.02 48.33 -6.49
CA HIS R 184 32.20 49.17 -6.40
C HIS R 184 31.93 50.34 -7.33
N MET R 185 31.88 51.56 -6.81
CA MET R 185 31.67 52.74 -7.64
C MET R 185 32.82 52.98 -8.64
N CYS R 186 34.03 52.46 -8.36
CA CYS R 186 35.16 52.49 -9.29
C CYS R 186 34.86 51.68 -10.57
N MET R 187 33.92 50.75 -10.49
CA MET R 187 33.54 49.95 -11.63
C MET R 187 32.26 50.46 -12.28
N VAL R 188 31.47 51.36 -11.63
CA VAL R 188 30.22 51.86 -12.24
C VAL R 188 30.40 53.29 -12.78
N MET R 189 31.03 54.21 -12.00
CA MET R 189 31.15 55.59 -12.47
C MET R 189 32.45 55.94 -13.15
N ARG R 190 33.31 54.96 -13.41
CA ARG R 190 34.62 55.14 -14.05
C ARG R 190 35.17 53.75 -14.50
N GLY R 191 36.35 53.77 -15.14
CA GLY R 191 37.04 52.56 -15.59
C GLY R 191 36.25 51.70 -16.54
N VAL R 192 35.86 50.48 -16.10
CA VAL R 192 35.08 49.57 -16.96
C VAL R 192 33.65 50.07 -17.19
N GLN R 193 33.10 50.88 -16.25
CA GLN R 193 31.76 51.44 -16.32
C GLN R 193 30.71 50.39 -16.59
N LYS R 194 30.70 49.34 -15.74
CA LYS R 194 29.75 48.25 -15.79
C LYS R 194 28.73 48.50 -14.65
N MET R 195 27.52 48.98 -15.03
CA MET R 195 26.46 49.42 -14.11
C MET R 195 25.89 48.39 -13.16
N ASN R 196 25.76 47.17 -13.64
CA ASN R 196 25.12 46.17 -12.83
C ASN R 196 26.07 45.24 -12.11
N SER R 197 27.38 45.35 -12.33
CA SER R 197 28.34 44.42 -11.75
C SER R 197 28.36 44.46 -10.23
N LYS R 198 28.38 43.26 -9.64
CA LYS R 198 28.39 43.07 -8.20
C LYS R 198 29.55 42.10 -7.88
N THR R 199 30.29 42.36 -6.81
CA THR R 199 31.37 41.47 -6.37
C THR R 199 30.84 40.70 -5.13
N VAL R 200 30.96 39.39 -5.16
CA VAL R 200 30.55 38.54 -4.05
C VAL R 200 31.78 37.83 -3.51
N THR R 201 32.09 38.04 -2.24
CA THR R 201 33.22 37.37 -1.57
C THR R 201 32.71 36.62 -0.35
N SER R 202 33.45 35.62 0.10
CA SER R 202 33.05 34.82 1.25
C SER R 202 34.25 34.33 2.05
N THR R 203 34.05 34.10 3.36
CA THR R 203 35.05 33.51 4.24
C THR R 203 34.35 32.51 5.16
N MET R 204 34.76 31.24 5.07
CA MET R 204 34.19 30.19 5.89
C MET R 204 35.28 29.63 6.80
N LEU R 205 35.01 29.64 8.10
CA LEU R 205 35.94 29.13 9.10
C LEU R 205 35.27 28.02 9.92
N GLY R 206 36.08 27.14 10.48
CA GLY R 206 35.59 26.02 11.28
C GLY R 206 34.68 25.10 10.50
N VAL R 207 33.52 24.76 11.10
CA VAL R 207 32.54 23.85 10.51
C VAL R 207 31.98 24.36 9.18
N PHE R 208 31.93 25.70 8.99
CA PHE R 208 31.45 26.27 7.72
C PHE R 208 32.41 25.92 6.57
N ARG R 209 33.70 25.76 6.87
CA ARG R 209 34.71 25.42 5.89
C ARG R 209 34.79 23.90 5.70
N GLU R 210 34.80 23.14 6.82
CA GLU R 210 34.96 21.68 6.80
C GLU R 210 33.69 20.87 6.47
N ASP R 211 32.50 21.35 6.84
CA ASP R 211 31.26 20.62 6.58
C ASP R 211 30.47 21.24 5.46
N PRO R 212 30.42 20.58 4.30
CA PRO R 212 29.66 21.12 3.16
C PRO R 212 28.19 21.35 3.44
N LYS R 213 27.53 20.47 4.20
CA LYS R 213 26.10 20.65 4.51
C LYS R 213 25.82 21.91 5.34
N THR R 214 26.72 22.26 6.26
CA THR R 214 26.59 23.47 7.08
C THR R 214 26.69 24.72 6.18
N ARG R 215 27.67 24.70 5.29
CA ARG R 215 27.95 25.73 4.30
C ARG R 215 26.74 25.96 3.36
N GLU R 216 26.12 24.89 2.83
CA GLU R 216 24.97 25.03 1.93
C GLU R 216 23.73 25.51 2.64
N GLU R 217 23.55 25.11 3.91
CA GLU R 217 22.41 25.55 4.71
C GLU R 217 22.48 27.07 4.93
N PHE R 218 23.68 27.57 5.26
CA PHE R 218 23.94 28.97 5.47
C PHE R 218 23.68 29.74 4.18
N LEU R 219 24.19 29.26 3.04
CA LEU R 219 24.01 29.95 1.76
C LEU R 219 22.57 30.02 1.31
N THR R 220 21.73 29.02 1.63
CA THR R 220 20.32 29.09 1.26
C THR R 220 19.56 30.00 2.21
N LEU R 221 19.89 29.99 3.50
CA LEU R 221 19.21 30.83 4.47
C LEU R 221 19.49 32.33 4.32
N ILE R 222 20.56 32.69 3.60
CA ILE R 222 20.88 34.12 3.40
C ILE R 222 20.34 34.67 2.10
N ARG R 223 20.11 33.78 1.11
CA ARG R 223 19.60 34.19 -0.20
C ARG R 223 18.10 34.39 -0.07
N SER R 224 17.71 35.47 0.64
CA SER R 224 16.32 35.88 0.88
C SER R 224 15.69 36.53 -0.37
N SER S 34 41.57 72.09 -20.01
CA SER S 34 42.24 71.49 -21.16
C SER S 34 43.11 70.29 -20.76
N GLU S 35 43.60 69.50 -21.75
CA GLU S 35 44.48 68.36 -21.46
C GLU S 35 45.85 68.82 -20.95
N GLU S 36 46.33 70.02 -21.36
CA GLU S 36 47.59 70.54 -20.84
C GLU S 36 47.42 70.95 -19.37
N ASP S 37 46.22 71.45 -18.99
CA ASP S 37 45.91 71.81 -17.61
C ASP S 37 45.91 70.54 -16.75
N ASN S 38 45.36 69.43 -17.29
CA ASN S 38 45.27 68.12 -16.66
C ASN S 38 46.62 67.48 -16.37
N GLU S 39 47.58 67.58 -17.31
CA GLU S 39 48.92 67.03 -17.12
C GLU S 39 49.67 67.78 -16.04
N LEU S 40 49.54 69.13 -16.04
CA LEU S 40 50.18 70.08 -15.12
C LEU S 40 49.68 69.94 -13.69
N ASN S 41 48.39 69.58 -13.52
CA ASN S 41 47.75 69.47 -12.21
C ASN S 41 47.69 68.05 -11.60
N LEU S 42 47.93 67.00 -12.42
CA LEU S 42 47.86 65.63 -11.90
C LEU S 42 48.89 65.37 -10.77
N PRO S 43 50.17 65.78 -10.89
CA PRO S 43 51.10 65.57 -9.77
C PRO S 43 50.63 66.21 -8.46
N ASN S 44 50.09 67.44 -8.50
CA ASN S 44 49.61 68.11 -7.30
C ASN S 44 48.44 67.41 -6.66
N LEU S 45 47.55 66.81 -7.49
CA LEU S 45 46.41 66.04 -7.00
C LEU S 45 46.96 64.80 -6.30
N ALA S 46 47.91 64.08 -6.95
CA ALA S 46 48.55 62.88 -6.39
C ALA S 46 49.27 63.19 -5.05
N ALA S 47 49.95 64.35 -4.93
CA ALA S 47 50.65 64.71 -3.68
C ALA S 47 49.64 65.02 -2.58
N ALA S 48 48.50 65.66 -2.94
CA ALA S 48 47.46 65.93 -1.96
C ALA S 48 46.79 64.65 -1.48
N TYR S 49 46.63 63.66 -2.36
CA TYR S 49 46.08 62.37 -1.97
C TYR S 49 47.03 61.57 -1.10
N SER S 50 48.34 61.66 -1.38
CA SER S 50 49.36 61.02 -0.56
C SER S 50 49.34 61.62 0.85
N SER S 51 49.21 62.95 0.93
CA SER S 51 49.13 63.68 2.18
C SER S 51 47.89 63.24 2.97
N ILE S 52 46.77 62.96 2.30
CA ILE S 52 45.52 62.51 2.93
C ILE S 52 45.74 61.13 3.53
N LEU S 53 46.35 60.19 2.78
CA LEU S 53 46.65 58.85 3.25
C LEU S 53 47.48 58.89 4.55
N SER S 54 48.51 59.75 4.59
CA SER S 54 49.35 59.90 5.79
C SER S 54 48.57 60.50 6.96
N SER S 55 47.75 61.53 6.71
CA SER S 55 46.96 62.20 7.73
C SER S 55 45.86 61.30 8.31
N LEU S 56 45.42 60.26 7.58
CA LEU S 56 44.43 59.32 8.09
C LEU S 56 45.06 58.18 8.96
N GLY S 57 46.38 58.22 9.16
CA GLY S 57 47.09 57.20 9.92
C GLY S 57 47.52 55.99 9.08
N GLU S 58 47.30 56.05 7.75
CA GLU S 58 47.65 54.97 6.85
C GLU S 58 49.11 55.00 6.36
N ASN S 59 49.57 53.88 5.83
CA ASN S 59 50.91 53.72 5.32
C ASN S 59 50.88 53.82 3.80
N PRO S 60 51.28 54.96 3.23
CA PRO S 60 51.31 55.10 1.76
C PRO S 60 52.35 54.22 1.05
N GLN S 61 53.22 53.53 1.80
CA GLN S 61 54.21 52.65 1.24
C GLN S 61 53.73 51.19 1.14
N ARG S 62 52.57 50.82 1.73
CA ARG S 62 52.08 49.44 1.64
C ARG S 62 51.57 49.12 0.23
N GLN S 63 51.61 47.86 -0.20
CA GLN S 63 51.21 47.44 -1.54
C GLN S 63 49.86 48.02 -2.03
N GLY S 64 48.82 47.89 -1.21
CA GLY S 64 47.50 48.37 -1.58
C GLY S 64 47.45 49.85 -1.87
N LEU S 65 48.18 50.63 -1.09
CA LEU S 65 48.25 52.08 -1.22
C LEU S 65 49.33 52.65 -2.17
N LEU S 66 50.38 51.91 -2.50
CA LEU S 66 51.49 52.36 -3.36
C LEU S 66 51.12 53.21 -4.61
N LYS S 67 50.12 52.79 -5.38
CA LYS S 67 49.71 53.53 -6.58
C LYS S 67 48.47 54.41 -6.38
N THR S 68 47.92 54.44 -5.16
CA THR S 68 46.70 55.14 -4.83
C THR S 68 46.79 56.64 -5.05
N PRO S 69 47.86 57.36 -4.66
CA PRO S 69 47.89 58.81 -4.93
C PRO S 69 47.67 59.13 -6.40
N TRP S 70 48.36 58.42 -7.31
CA TRP S 70 48.12 58.62 -8.75
C TRP S 70 46.72 58.15 -9.21
N ARG S 71 46.25 56.96 -8.81
CA ARG S 71 44.95 56.45 -9.25
C ARG S 71 43.75 57.26 -8.73
N ALA S 72 43.85 57.79 -7.51
CA ALA S 72 42.80 58.63 -6.93
C ALA S 72 42.78 59.98 -7.66
N ALA S 73 43.97 60.54 -7.98
CA ALA S 73 44.14 61.77 -8.72
C ALA S 73 43.49 61.65 -10.12
N SER S 74 43.78 60.54 -10.89
CA SER S 74 43.22 60.28 -12.22
C SER S 74 41.73 60.12 -12.14
N ALA S 75 41.22 59.41 -11.10
CA ALA S 75 39.79 59.20 -10.90
C ALA S 75 39.10 60.53 -10.67
N MET S 76 39.64 61.41 -9.83
CA MET S 76 39.07 62.73 -9.58
C MET S 76 39.06 63.61 -10.84
N GLN S 77 40.07 63.44 -11.69
CA GLN S 77 40.16 64.15 -12.97
C GLN S 77 39.05 63.68 -13.87
N PHE S 78 38.81 62.36 -13.94
CA PHE S 78 37.75 61.78 -14.75
C PHE S 78 36.37 62.24 -14.25
N PHE S 79 36.18 62.25 -12.92
CA PHE S 79 34.92 62.69 -12.31
C PHE S 79 34.64 64.17 -12.60
N THR S 80 35.69 64.98 -12.90
CA THR S 80 35.53 66.40 -13.19
C THR S 80 35.85 66.75 -14.66
N LYS S 81 35.80 65.80 -15.58
CA LYS S 81 35.97 65.91 -17.04
C LYS S 81 35.08 66.97 -17.69
N GLY S 82 33.89 67.17 -17.15
CA GLY S 82 32.86 67.99 -17.75
C GLY S 82 33.20 69.44 -17.89
N TYR S 83 34.10 69.95 -17.05
CA TYR S 83 34.50 71.34 -17.12
C TYR S 83 35.25 71.64 -18.44
N GLN S 84 35.96 70.64 -18.99
CA GLN S 84 36.69 70.84 -20.23
C GLN S 84 35.83 70.64 -21.49
N GLU S 85 34.52 70.45 -21.34
CA GLU S 85 33.63 70.22 -22.47
C GLU S 85 32.76 71.41 -22.81
N THR S 86 32.52 71.60 -24.11
CA THR S 86 31.70 72.68 -24.64
C THR S 86 30.51 72.09 -25.39
N ILE S 87 29.33 72.69 -25.24
CA ILE S 87 28.11 72.21 -25.90
C ILE S 87 28.28 72.02 -27.42
N SER S 88 28.93 72.98 -28.10
CA SER S 88 29.14 72.90 -29.54
C SER S 88 29.89 71.65 -30.00
N ASP S 89 30.94 71.25 -29.27
CA ASP S 89 31.73 70.07 -29.63
C ASP S 89 30.97 68.79 -29.40
N VAL S 90 30.22 68.74 -28.29
CA VAL S 90 29.39 67.63 -27.85
C VAL S 90 28.26 67.33 -28.84
N LEU S 91 27.58 68.38 -29.34
CA LEU S 91 26.47 68.22 -30.30
C LEU S 91 26.87 67.60 -31.63
N ASN S 92 28.06 67.94 -32.16
CA ASN S 92 28.58 67.41 -33.42
C ASN S 92 27.59 67.59 -34.59
N ASP S 93 26.89 68.73 -34.62
CA ASP S 93 25.90 69.07 -35.64
C ASP S 93 24.78 68.03 -35.77
N ALA S 94 24.47 67.29 -34.69
CA ALA S 94 23.42 66.27 -34.77
C ALA S 94 22.02 66.85 -34.55
N ILE S 95 21.60 67.75 -35.45
CA ILE S 95 20.27 68.37 -35.44
C ILE S 95 19.64 68.04 -36.80
N PHE S 96 18.56 67.26 -36.78
CA PHE S 96 17.91 66.76 -38.00
C PHE S 96 16.54 67.36 -38.19
N ASP S 97 16.17 67.59 -39.46
CA ASP S 97 14.86 68.13 -39.75
C ASP S 97 13.87 67.03 -40.02
N GLU S 98 13.11 66.65 -38.97
CA GLU S 98 12.14 65.57 -39.10
C GLU S 98 10.67 66.03 -39.09
N ASP S 99 10.41 67.37 -39.16
CA ASP S 99 9.07 67.96 -39.14
C ASP S 99 8.25 67.44 -37.96
N HIS S 100 8.92 67.38 -36.80
CA HIS S 100 8.30 66.87 -35.59
C HIS S 100 7.96 67.99 -34.66
N ASP S 101 6.71 68.04 -34.21
CA ASP S 101 6.28 69.04 -33.24
C ASP S 101 5.75 68.39 -31.96
N GLU S 102 6.09 67.11 -31.69
CA GLU S 102 5.61 66.39 -30.53
C GLU S 102 6.72 65.95 -29.60
N MET S 103 6.37 65.73 -28.34
CA MET S 103 7.29 65.40 -27.27
C MET S 103 8.18 64.19 -27.50
N VAL S 104 9.48 64.40 -27.31
CA VAL S 104 10.48 63.35 -27.39
C VAL S 104 11.07 63.18 -25.98
N ILE S 105 11.11 61.97 -25.46
CA ILE S 105 11.63 61.72 -24.12
C ILE S 105 12.79 60.73 -24.16
N VAL S 106 13.88 61.02 -23.45
CA VAL S 106 14.95 60.06 -23.25
C VAL S 106 15.02 59.91 -21.73
N LYS S 107 14.55 58.78 -21.21
CA LYS S 107 14.50 58.54 -19.77
C LYS S 107 15.48 57.48 -19.31
N ASP S 108 15.69 57.40 -17.99
CA ASP S 108 16.59 56.45 -17.34
C ASP S 108 18.04 56.59 -17.77
N ILE S 109 18.50 57.82 -17.96
CA ILE S 109 19.91 58.05 -18.30
C ILE S 109 20.69 57.97 -16.98
N ASP S 110 21.58 56.98 -16.84
CA ASP S 110 22.37 56.81 -15.62
C ASP S 110 23.30 57.99 -15.48
N MET S 111 23.28 58.63 -14.31
CA MET S 111 24.03 59.83 -14.02
C MET S 111 24.89 59.59 -12.79
N PHE S 112 26.14 60.03 -12.84
CA PHE S 112 27.09 59.90 -11.73
C PHE S 112 27.73 61.24 -11.55
N SER S 113 27.49 61.88 -10.40
CA SER S 113 28.05 63.20 -10.13
C SER S 113 28.80 63.22 -8.80
N MET S 114 29.35 64.37 -8.42
CA MET S 114 30.13 64.49 -7.20
C MET S 114 29.58 65.62 -6.37
N CYS S 115 29.24 65.35 -5.11
CA CYS S 115 28.75 66.37 -4.19
C CYS S 115 29.86 67.41 -3.94
N GLU S 116 29.58 68.70 -4.21
CA GLU S 116 30.60 69.74 -4.01
C GLU S 116 30.83 70.08 -2.54
N HIS S 117 29.93 69.63 -1.64
CA HIS S 117 30.08 69.93 -0.23
C HIS S 117 30.96 68.93 0.50
N HIS S 118 30.93 67.64 0.10
CA HIS S 118 31.71 66.61 0.79
C HIS S 118 32.69 65.85 -0.11
N LEU S 119 32.59 66.02 -1.44
CA LEU S 119 33.42 65.34 -2.43
C LEU S 119 33.21 63.81 -2.40
N VAL S 120 31.96 63.42 -2.25
CA VAL S 120 31.47 62.05 -2.24
C VAL S 120 30.41 61.98 -3.36
N PRO S 121 30.31 60.85 -4.10
CA PRO S 121 29.36 60.79 -5.21
C PRO S 121 27.88 60.89 -4.88
N PHE S 122 27.10 61.35 -5.84
CA PHE S 122 25.65 61.31 -5.83
C PHE S 122 25.27 60.76 -7.19
N VAL S 123 24.54 59.66 -7.18
CA VAL S 123 24.25 58.92 -8.40
C VAL S 123 22.76 58.68 -8.58
N GLY S 124 22.32 58.58 -9.81
CA GLY S 124 20.92 58.37 -10.10
C GLY S 124 20.60 58.31 -11.56
N LYS S 125 19.42 58.84 -11.91
CA LYS S 125 18.88 58.81 -13.25
C LYS S 125 18.41 60.20 -13.65
N VAL S 126 18.52 60.52 -14.94
CA VAL S 126 18.03 61.76 -15.53
C VAL S 126 16.98 61.39 -16.57
N HIS S 127 15.87 62.11 -16.58
CA HIS S 127 14.78 61.90 -17.52
C HIS S 127 14.59 63.23 -18.21
N ILE S 128 14.77 63.26 -19.53
CA ILE S 128 14.65 64.49 -20.29
C ILE S 128 13.49 64.38 -21.28
N GLY S 129 12.73 65.45 -21.41
CA GLY S 129 11.66 65.56 -22.38
C GLY S 129 11.76 66.90 -23.08
N TYR S 130 11.37 66.98 -24.35
CA TYR S 130 11.37 68.26 -25.06
C TYR S 130 10.36 68.29 -26.20
N LEU S 131 9.96 69.50 -26.64
CA LEU S 131 9.02 69.67 -27.75
C LEU S 131 9.71 70.34 -28.94
N PRO S 132 10.11 69.57 -29.95
CA PRO S 132 10.81 70.18 -31.09
C PRO S 132 9.93 71.09 -31.95
N VAL S 136 14.89 68.75 -34.28
CA VAL S 136 15.06 67.44 -33.65
C VAL S 136 16.55 67.10 -33.33
N LEU S 137 16.90 66.91 -32.04
CA LEU S 137 18.27 66.59 -31.66
C LEU S 137 18.55 65.08 -31.73
N GLY S 138 19.81 64.71 -31.96
CA GLY S 138 20.27 63.33 -31.93
C GLY S 138 20.11 62.80 -30.50
N LEU S 139 19.38 61.69 -30.33
CA LEU S 139 19.07 61.15 -29.02
C LEU S 139 20.23 61.07 -28.05
N SER S 140 21.40 60.60 -28.49
CA SER S 140 22.58 60.48 -27.62
C SER S 140 23.11 61.80 -27.09
N LYS S 141 22.86 62.88 -27.83
CA LYS S 141 23.35 64.19 -27.42
C LYS S 141 22.70 64.67 -26.13
N LEU S 142 21.46 64.22 -25.83
CA LEU S 142 20.80 64.53 -24.57
C LEU S 142 21.61 63.91 -23.41
N ALA S 143 22.05 62.64 -23.56
CA ALA S 143 22.87 61.96 -22.56
C ALA S 143 24.26 62.58 -22.48
N ARG S 144 24.81 63.06 -23.61
CA ARG S 144 26.12 63.72 -23.62
C ARG S 144 26.07 65.09 -22.92
N ILE S 145 24.92 65.79 -22.98
CA ILE S 145 24.72 67.07 -22.28
C ILE S 145 24.66 66.77 -20.76
N VAL S 146 24.04 65.64 -20.36
CA VAL S 146 23.99 65.21 -18.96
C VAL S 146 25.43 65.04 -18.43
N GLU S 147 26.29 64.41 -19.25
CA GLU S 147 27.69 64.17 -18.93
C GLU S 147 28.53 65.42 -18.81
N ILE S 148 28.19 66.51 -19.52
CA ILE S 148 28.96 67.76 -19.40
C ILE S 148 28.81 68.31 -18.00
N TYR S 149 27.59 68.32 -17.47
CA TYR S 149 27.32 68.92 -16.18
C TYR S 149 27.45 67.96 -15.00
N SER S 150 27.17 66.67 -15.17
CA SER S 150 27.27 65.72 -14.07
C SER S 150 28.72 65.44 -13.71
N ARG S 151 29.64 65.47 -14.70
CA ARG S 151 31.07 65.27 -14.42
C ARG S 151 31.73 66.57 -13.95
N ARG S 152 31.24 67.12 -12.85
CA ARG S 152 31.74 68.35 -12.21
C ARG S 152 31.44 68.24 -10.70
N LEU S 153 31.92 69.18 -9.89
CA LEU S 153 31.56 69.24 -8.47
C LEU S 153 30.23 69.95 -8.49
N GLN S 154 29.19 69.26 -8.07
CA GLN S 154 27.82 69.75 -8.21
C GLN S 154 26.95 69.84 -6.97
N VAL S 155 25.80 70.45 -7.18
CA VAL S 155 24.62 70.53 -6.34
C VAL S 155 23.49 70.07 -7.33
N GLN S 156 22.66 69.11 -6.92
CA GLN S 156 21.64 68.52 -7.77
C GLN S 156 20.73 69.52 -8.46
N GLU S 157 20.34 70.58 -7.74
CA GLU S 157 19.47 71.63 -8.25
C GLU S 157 20.12 72.34 -9.41
N ARG S 158 21.43 72.62 -9.30
CA ARG S 158 22.17 73.31 -10.33
C ARG S 158 22.32 72.42 -11.55
N LEU S 159 22.72 71.16 -11.34
CA LEU S 159 22.89 70.16 -12.37
C LEU S 159 21.60 70.02 -13.22
N THR S 160 20.44 69.94 -12.58
CA THR S 160 19.15 69.83 -13.25
C THR S 160 18.87 71.04 -14.16
N LYS S 161 19.09 72.26 -13.64
CA LYS S 161 18.85 73.50 -14.37
C LYS S 161 19.81 73.62 -15.56
N GLN S 162 21.10 73.30 -15.37
CA GLN S 162 22.10 73.39 -16.42
C GLN S 162 21.77 72.50 -17.61
N ILE S 163 21.30 71.27 -17.36
CA ILE S 163 20.92 70.36 -18.43
C ILE S 163 19.75 70.96 -19.24
N ALA S 164 18.71 71.47 -18.57
CA ALA S 164 17.56 72.06 -19.23
C ALA S 164 17.92 73.31 -20.05
N VAL S 165 18.77 74.17 -19.50
CA VAL S 165 19.21 75.38 -20.17
C VAL S 165 20.13 75.06 -21.36
N ALA S 166 20.99 74.04 -21.25
CA ALA S 166 21.85 73.64 -22.36
C ALA S 166 21.02 73.15 -23.55
N ILE S 167 19.95 72.38 -23.30
CA ILE S 167 19.09 71.87 -24.35
C ILE S 167 18.34 73.01 -25.01
N THR S 168 17.84 73.97 -24.21
CA THR S 168 17.12 75.12 -24.72
C THR S 168 18.02 75.97 -25.59
N GLU S 169 19.28 76.15 -25.19
CA GLU S 169 20.21 76.96 -25.95
C GLU S 169 20.69 76.28 -27.22
N ALA S 170 20.87 74.96 -27.17
CA ALA S 170 21.36 74.21 -28.33
C ALA S 170 20.31 74.02 -29.42
N LEU S 171 19.03 73.92 -29.04
CA LEU S 171 17.97 73.61 -30.00
C LEU S 171 16.93 74.66 -30.21
N ARG S 172 16.69 75.49 -29.18
CA ARG S 172 15.60 76.48 -29.14
C ARG S 172 14.25 75.82 -29.40
N PRO S 173 13.88 74.81 -28.58
CA PRO S 173 12.59 74.12 -28.81
C PRO S 173 11.42 74.83 -28.13
N ALA S 174 10.20 74.30 -28.29
CA ALA S 174 9.01 74.87 -27.66
C ALA S 174 9.07 74.79 -26.13
N GLY S 175 9.68 73.72 -25.62
CA GLY S 175 9.86 73.51 -24.19
C GLY S 175 10.78 72.34 -23.86
N VAL S 176 11.35 72.36 -22.65
CA VAL S 176 12.22 71.31 -22.13
C VAL S 176 11.77 70.96 -20.70
N GLY S 177 11.87 69.69 -20.34
CA GLY S 177 11.59 69.21 -18.99
C GLY S 177 12.71 68.27 -18.58
N VAL S 178 13.34 68.51 -17.42
CA VAL S 178 14.40 67.62 -16.92
C VAL S 178 14.08 67.20 -15.50
N VAL S 179 14.10 65.89 -15.21
CA VAL S 179 13.87 65.39 -13.86
C VAL S 179 15.08 64.56 -13.46
N VAL S 180 15.68 64.83 -12.29
CA VAL S 180 16.83 64.09 -11.80
C VAL S 180 16.40 63.41 -10.50
N GLU S 181 16.66 62.11 -10.37
CA GLU S 181 16.38 61.38 -9.15
C GLU S 181 17.71 60.79 -8.72
N ALA S 182 18.21 61.12 -7.53
CA ALA S 182 19.51 60.64 -7.11
C ALA S 182 19.61 60.24 -5.63
N THR S 183 20.57 59.35 -5.33
CA THR S 183 20.98 58.92 -4.00
C THR S 183 22.27 59.67 -3.72
N HIS S 184 22.30 60.41 -2.62
CA HIS S 184 23.48 61.13 -2.22
C HIS S 184 24.18 60.26 -1.20
N MET S 185 25.40 59.80 -1.49
CA MET S 185 26.13 58.94 -0.55
C MET S 185 26.47 59.65 0.74
N CYS S 186 26.54 61.00 0.73
CA CYS S 186 26.70 61.84 1.92
C CYS S 186 25.55 61.67 2.89
N MET S 187 24.39 61.24 2.41
CA MET S 187 23.23 61.02 3.24
C MET S 187 23.03 59.54 3.60
N VAL S 188 23.71 58.59 2.90
CA VAL S 188 23.52 57.18 3.22
C VAL S 188 24.71 56.63 4.02
N MET S 189 25.96 56.89 3.61
CA MET S 189 27.09 56.30 4.34
C MET S 189 27.70 57.21 5.40
N ARG S 190 27.04 58.31 5.73
CA ARG S 190 27.57 59.29 6.68
C ARG S 190 26.42 60.29 7.06
N GLY S 191 26.68 61.21 7.98
CA GLY S 191 25.73 62.24 8.37
C GLY S 191 24.44 61.73 8.94
N VAL S 192 23.31 61.99 8.22
CA VAL S 192 22.01 61.50 8.67
C VAL S 192 21.88 59.98 8.57
N GLN S 193 22.67 59.34 7.67
CA GLN S 193 22.65 57.91 7.44
C GLN S 193 21.24 57.35 7.19
N LYS S 194 20.53 57.97 6.25
CA LYS S 194 19.20 57.60 5.80
C LYS S 194 19.36 56.82 4.51
N MET S 195 19.32 55.51 4.66
CA MET S 195 19.53 54.44 3.70
C MET S 195 18.77 54.58 2.38
N ASN S 196 17.45 54.78 2.48
CA ASN S 196 16.56 54.78 1.34
C ASN S 196 16.22 56.16 0.78
N SER S 197 16.74 57.25 1.39
CA SER S 197 16.42 58.61 0.95
C SER S 197 16.88 58.87 -0.47
N LYS S 198 16.03 59.52 -1.25
CA LYS S 198 16.24 59.83 -2.66
C LYS S 198 15.83 61.31 -2.85
N THR S 199 16.56 62.04 -3.68
CA THR S 199 16.26 63.42 -3.95
C THR S 199 15.74 63.53 -5.38
N VAL S 200 14.61 64.18 -5.56
CA VAL S 200 14.04 64.39 -6.88
C VAL S 200 14.02 65.92 -7.14
N THR S 201 14.69 66.34 -8.21
CA THR S 201 14.68 67.74 -8.64
C THR S 201 14.15 67.82 -10.10
N SER S 202 13.61 68.97 -10.48
CA SER S 202 13.09 69.15 -11.82
C SER S 202 13.29 70.58 -12.32
N THR S 203 13.39 70.74 -13.65
CA THR S 203 13.49 72.04 -14.31
C THR S 203 12.63 71.99 -15.55
N MET S 204 11.63 72.87 -15.61
CA MET S 204 10.70 72.95 -16.73
C MET S 204 10.85 74.30 -17.39
N LEU S 205 11.13 74.31 -18.70
CA LEU S 205 11.28 75.52 -19.48
C LEU S 205 10.29 75.54 -20.63
N GLY S 206 9.95 76.73 -21.09
CA GLY S 206 9.01 76.88 -22.19
C GLY S 206 7.64 76.34 -21.89
N VAL S 207 7.07 75.58 -22.84
CA VAL S 207 5.75 74.95 -22.75
C VAL S 207 5.64 74.00 -21.55
N PHE S 208 6.75 73.34 -21.16
CA PHE S 208 6.73 72.44 -19.99
C PHE S 208 6.45 73.22 -18.69
N ARG S 209 6.87 74.50 -18.63
CA ARG S 209 6.65 75.36 -17.48
C ARG S 209 5.29 76.03 -17.55
N GLU S 210 4.94 76.59 -18.72
CA GLU S 210 3.72 77.36 -18.90
C GLU S 210 2.44 76.54 -19.10
N ASP S 211 2.52 75.34 -19.69
CA ASP S 211 1.34 74.52 -19.95
C ASP S 211 1.25 73.34 -19.01
N PRO S 212 0.22 73.34 -18.14
CA PRO S 212 0.03 72.24 -17.18
C PRO S 212 -0.13 70.83 -17.76
N LYS S 213 -0.85 70.67 -18.88
CA LYS S 213 -1.06 69.36 -19.49
C LYS S 213 0.20 68.77 -20.14
N THR S 214 1.11 69.63 -20.64
CA THR S 214 2.38 69.18 -21.23
C THR S 214 3.29 68.63 -20.14
N ARG S 215 3.33 69.32 -18.98
CA ARG S 215 4.19 68.88 -17.90
C ARG S 215 3.65 67.61 -17.25
N GLU S 216 2.32 67.47 -17.13
CA GLU S 216 1.75 66.27 -16.52
C GLU S 216 1.86 65.05 -17.44
N GLU S 217 1.86 65.26 -18.78
CA GLU S 217 2.06 64.19 -19.75
C GLU S 217 3.49 63.70 -19.67
N PHE S 218 4.46 64.63 -19.57
CA PHE S 218 5.88 64.30 -19.46
C PHE S 218 6.12 63.53 -18.17
N LEU S 219 5.57 64.00 -17.06
CA LEU S 219 5.76 63.35 -15.76
C LEU S 219 5.18 61.92 -15.69
N THR S 220 4.09 61.62 -16.43
CA THR S 220 3.53 60.28 -16.45
C THR S 220 4.31 59.36 -17.39
N LEU S 221 4.77 59.90 -18.53
CA LEU S 221 5.53 59.11 -19.48
C LEU S 221 6.95 58.70 -18.99
N ILE S 222 7.48 59.41 -17.96
CA ILE S 222 8.79 59.05 -17.42
C ILE S 222 8.70 58.02 -16.27
N ARG S 223 7.49 57.66 -15.83
CA ARG S 223 7.32 56.64 -14.80
C ARG S 223 7.52 55.25 -15.43
N SER S 224 8.43 54.45 -14.85
CA SER S 224 8.74 53.12 -15.38
C SER S 224 8.29 52.03 -14.40
N ASN T 38 43.27 50.56 -38.62
CA ASN T 38 41.94 51.15 -38.42
C ASN T 38 41.73 52.39 -39.29
N GLU T 39 42.72 53.29 -39.30
CA GLU T 39 42.66 54.52 -40.11
C GLU T 39 42.68 54.18 -41.60
N LEU T 40 43.51 53.19 -41.98
CA LEU T 40 43.60 52.77 -43.37
C LEU T 40 42.35 51.99 -43.81
N ASN T 41 41.73 51.26 -42.89
CA ASN T 41 40.57 50.45 -43.22
C ASN T 41 39.26 51.22 -43.22
N LEU T 42 39.18 52.32 -42.45
CA LEU T 42 37.97 53.16 -42.33
C LEU T 42 37.32 53.54 -43.71
N PRO T 43 38.05 54.06 -44.73
CA PRO T 43 37.39 54.35 -46.01
C PRO T 43 36.86 53.12 -46.75
N ASN T 44 37.49 51.93 -46.58
CA ASN T 44 37.04 50.69 -47.21
C ASN T 44 35.75 50.18 -46.58
N LEU T 45 35.62 50.36 -45.26
CA LEU T 45 34.44 49.98 -44.53
C LEU T 45 33.31 50.92 -44.93
N ALA T 46 33.58 52.24 -44.98
CA ALA T 46 32.58 53.23 -45.38
C ALA T 46 32.09 52.98 -46.81
N ALA T 47 33.00 52.58 -47.71
CA ALA T 47 32.64 52.27 -49.10
C ALA T 47 31.69 51.08 -49.16
N ALA T 48 31.96 50.04 -48.34
CA ALA T 48 31.12 48.85 -48.30
C ALA T 48 29.75 49.17 -47.70
N TYR T 49 29.69 50.04 -46.68
CA TYR T 49 28.42 50.43 -46.08
C TYR T 49 27.58 51.28 -47.03
N SER T 50 28.24 52.15 -47.81
CA SER T 50 27.56 52.98 -48.81
C SER T 50 26.99 52.07 -49.91
N SER T 51 27.74 51.04 -50.30
CA SER T 51 27.31 50.05 -51.28
C SER T 51 26.08 49.29 -50.79
N ILE T 52 26.00 49.01 -49.45
CA ILE T 52 24.89 48.31 -48.82
C ILE T 52 23.65 49.19 -48.89
N LEU T 53 23.79 50.49 -48.58
CA LEU T 53 22.68 51.44 -48.63
C LEU T 53 22.05 51.49 -50.02
N SER T 54 22.89 51.52 -51.06
CA SER T 54 22.41 51.55 -52.44
C SER T 54 21.72 50.23 -52.82
N SER T 55 22.31 49.08 -52.42
CA SER T 55 21.77 47.75 -52.69
C SER T 55 20.45 47.48 -51.97
N LEU T 56 20.17 48.19 -50.89
CA LEU T 56 18.88 48.03 -50.18
C LEU T 56 17.74 48.90 -50.79
N GLY T 57 18.04 49.66 -51.83
CA GLY T 57 17.08 50.54 -52.46
C GLY T 57 17.01 51.92 -51.82
N GLU T 58 17.94 52.22 -50.90
CA GLU T 58 17.95 53.51 -50.22
C GLU T 58 18.74 54.58 -50.98
N ASN T 59 18.46 55.85 -50.67
CA ASN T 59 19.09 56.99 -51.30
C ASN T 59 20.22 57.41 -50.37
N PRO T 60 21.47 56.97 -50.64
CA PRO T 60 22.60 57.34 -49.74
C PRO T 60 22.90 58.83 -49.63
N GLN T 61 22.09 59.67 -50.31
CA GLN T 61 22.26 61.12 -50.36
C GLN T 61 21.27 61.87 -49.46
N ARG T 62 20.25 61.16 -48.91
CA ARG T 62 19.22 61.67 -48.00
C ARG T 62 19.92 62.28 -46.76
N GLN T 63 19.34 63.32 -46.15
CA GLN T 63 19.94 63.94 -44.93
C GLN T 63 20.32 62.90 -43.84
N GLY T 64 19.41 61.97 -43.54
CA GLY T 64 19.63 60.93 -42.54
C GLY T 64 20.73 59.92 -42.85
N LEU T 65 21.01 59.66 -44.15
CA LEU T 65 22.05 58.71 -44.54
C LEU T 65 23.37 59.36 -45.02
N LEU T 66 23.53 60.68 -44.86
CA LEU T 66 24.71 61.36 -45.37
C LEU T 66 26.03 60.95 -44.71
N LYS T 67 26.04 60.80 -43.39
CA LYS T 67 27.24 60.38 -42.68
C LYS T 67 27.20 58.89 -42.25
N THR T 68 26.12 58.14 -42.61
CA THR T 68 25.91 56.74 -42.22
C THR T 68 27.05 55.81 -42.62
N PRO T 69 27.62 55.83 -43.86
CA PRO T 69 28.73 54.91 -44.16
C PRO T 69 29.90 55.03 -43.17
N TRP T 70 30.17 56.25 -42.70
CA TRP T 70 31.25 56.51 -41.74
C TRP T 70 30.86 56.16 -40.31
N ARG T 71 29.64 56.53 -39.86
CA ARG T 71 29.19 56.21 -38.51
C ARG T 71 29.03 54.70 -38.33
N ALA T 72 28.57 53.99 -39.37
CA ALA T 72 28.40 52.54 -39.34
C ALA T 72 29.76 51.84 -39.30
N ALA T 73 30.73 52.37 -40.08
CA ALA T 73 32.08 51.83 -40.12
C ALA T 73 32.80 52.00 -38.77
N SER T 74 32.65 53.19 -38.16
CA SER T 74 33.26 53.48 -36.86
C SER T 74 32.65 52.63 -35.78
N ALA T 75 31.32 52.40 -35.84
CA ALA T 75 30.62 51.56 -34.89
C ALA T 75 31.13 50.13 -35.00
N MET T 76 31.27 49.59 -36.24
CA MET T 76 31.77 48.23 -36.45
C MET T 76 33.22 48.05 -35.97
N GLN T 77 34.06 49.12 -36.10
CA GLN T 77 35.41 49.09 -35.58
C GLN T 77 35.39 49.02 -34.06
N PHE T 78 34.49 49.78 -33.42
CA PHE T 78 34.38 49.77 -31.97
C PHE T 78 33.91 48.40 -31.50
N PHE T 79 32.90 47.82 -32.19
CA PHE T 79 32.36 46.50 -31.85
C PHE T 79 33.41 45.40 -31.99
N THR T 80 34.46 45.61 -32.80
CA THR T 80 35.52 44.62 -33.00
C THR T 80 36.87 45.09 -32.44
N LYS T 81 36.88 46.03 -31.48
CA LYS T 81 38.13 46.55 -30.90
C LYS T 81 38.90 45.54 -30.04
N GLY T 82 38.30 44.43 -29.67
CA GLY T 82 38.94 43.41 -28.83
C GLY T 82 40.06 42.68 -29.51
N TYR T 83 40.06 42.67 -30.85
CA TYR T 83 41.12 42.03 -31.62
C TYR T 83 42.47 42.72 -31.40
N GLN T 84 42.45 44.05 -31.19
CA GLN T 84 43.67 44.82 -30.97
C GLN T 84 44.14 44.85 -29.50
N GLU T 85 43.52 44.06 -28.61
CA GLU T 85 43.90 44.03 -27.20
C GLU T 85 44.67 42.79 -26.78
N THR T 86 45.60 42.97 -25.83
CA THR T 86 46.42 41.88 -25.29
C THR T 86 46.17 41.76 -23.78
N ILE T 87 46.06 40.52 -23.26
CA ILE T 87 45.82 40.27 -21.84
C ILE T 87 46.81 41.01 -20.93
N SER T 88 48.11 41.00 -21.27
CA SER T 88 49.14 41.66 -20.47
C SER T 88 48.89 43.15 -20.26
N ASP T 89 48.48 43.86 -21.31
CA ASP T 89 48.24 45.30 -21.22
C ASP T 89 46.99 45.59 -20.40
N VAL T 90 45.96 44.77 -20.57
CA VAL T 90 44.68 44.87 -19.89
C VAL T 90 44.82 44.66 -18.36
N LEU T 91 45.64 43.68 -17.93
CA LEU T 91 45.86 43.41 -16.50
C LEU T 91 46.55 44.54 -15.74
N ASN T 92 47.49 45.25 -16.39
CA ASN T 92 48.20 46.39 -15.79
C ASN T 92 48.85 46.08 -14.44
N ASP T 93 49.40 44.86 -14.30
CA ASP T 93 50.04 44.39 -13.06
C ASP T 93 49.09 44.40 -11.85
N ALA T 94 47.77 44.32 -12.06
CA ALA T 94 46.83 44.35 -10.95
C ALA T 94 46.65 42.98 -10.31
N ILE T 95 47.74 42.43 -9.74
CA ILE T 95 47.72 41.15 -9.03
C ILE T 95 48.23 41.44 -7.64
N PHE T 96 47.37 41.25 -6.63
CA PHE T 96 47.70 41.60 -5.24
C PHE T 96 47.83 40.37 -4.36
N ASP T 97 48.74 40.41 -3.38
CA ASP T 97 48.95 39.32 -2.45
C ASP T 97 48.08 39.53 -1.21
N GLU T 98 46.88 38.94 -1.20
CA GLU T 98 45.96 39.12 -0.08
C GLU T 98 45.75 37.87 0.79
N ASP T 99 46.60 36.82 0.63
CA ASP T 99 46.51 35.57 1.39
C ASP T 99 45.08 34.98 1.33
N HIS T 100 44.45 35.08 0.15
CA HIS T 100 43.08 34.65 -0.01
C HIS T 100 43.02 33.34 -0.77
N ASP T 101 42.33 32.37 -0.21
CA ASP T 101 42.15 31.08 -0.87
C ASP T 101 40.67 30.73 -1.07
N GLU T 102 39.78 31.73 -1.01
CA GLU T 102 38.35 31.49 -1.16
C GLU T 102 37.75 32.18 -2.38
N MET T 103 36.63 31.64 -2.86
CA MET T 103 35.98 32.09 -4.07
C MET T 103 35.67 33.57 -4.15
N VAL T 104 36.10 34.20 -5.25
CA VAL T 104 35.78 35.60 -5.54
C VAL T 104 34.88 35.58 -6.77
N ILE T 105 33.75 36.29 -6.73
CA ILE T 105 32.82 36.32 -7.84
C ILE T 105 32.57 37.75 -8.28
N VAL T 106 32.60 38.01 -9.59
CA VAL T 106 32.15 39.27 -10.14
C VAL T 106 31.00 38.90 -11.09
N LYS T 107 29.76 39.19 -10.67
CA LYS T 107 28.59 38.82 -11.44
C LYS T 107 27.91 40.02 -12.07
N ASP T 108 26.99 39.78 -13.03
CA ASP T 108 26.21 40.78 -13.73
C ASP T 108 27.07 41.75 -14.51
N ILE T 109 28.11 41.26 -15.16
CA ILE T 109 28.94 42.11 -16.01
C ILE T 109 28.17 42.22 -17.34
N ASP T 110 27.73 43.42 -17.73
CA ASP T 110 27.03 43.61 -18.98
C ASP T 110 27.97 43.32 -20.12
N MET T 111 27.53 42.48 -21.05
CA MET T 111 28.34 42.02 -22.17
C MET T 111 27.59 42.32 -23.46
N PHE T 112 28.30 42.86 -24.46
CA PHE T 112 27.73 43.19 -25.76
C PHE T 112 28.66 42.62 -26.79
N SER T 113 28.19 41.64 -27.56
CA SER T 113 29.00 41.03 -28.59
C SER T 113 28.30 41.07 -29.96
N MET T 114 28.92 40.48 -30.99
CA MET T 114 28.40 40.48 -32.34
C MET T 114 28.38 39.07 -32.86
N CYS T 115 27.21 38.60 -33.32
CA CYS T 115 27.07 37.26 -33.88
C CYS T 115 27.92 37.18 -35.17
N GLU T 116 28.86 36.23 -35.26
CA GLU T 116 29.69 36.10 -36.45
C GLU T 116 28.95 35.51 -37.65
N HIS T 117 27.74 34.92 -37.46
CA HIS T 117 26.99 34.34 -38.55
C HIS T 117 26.12 35.33 -39.27
N HIS T 118 25.56 36.32 -38.56
CA HIS T 118 24.66 37.31 -39.19
C HIS T 118 25.11 38.75 -39.05
N LEU T 119 26.11 39.02 -38.19
CA LEU T 119 26.62 40.37 -37.92
C LEU T 119 25.55 41.24 -37.26
N VAL T 120 24.81 40.64 -36.34
CA VAL T 120 23.78 41.28 -35.54
C VAL T 120 24.19 41.06 -34.05
N PRO T 121 23.96 42.04 -33.15
CA PRO T 121 24.40 41.85 -31.75
C PRO T 121 23.78 40.70 -30.96
N PHE T 122 24.54 40.21 -29.98
CA PHE T 122 24.05 39.29 -28.97
C PHE T 122 24.53 39.88 -27.65
N VAL T 123 23.59 40.17 -26.75
CA VAL T 123 23.91 40.90 -25.53
C VAL T 123 23.42 40.17 -24.30
N GLY T 124 24.08 40.36 -23.18
CA GLY T 124 23.68 39.71 -21.94
C GLY T 124 24.55 40.05 -20.77
N LYS T 125 24.77 39.06 -19.91
CA LYS T 125 25.53 39.19 -18.69
C LYS T 125 26.56 38.06 -18.59
N VAL T 126 27.71 38.37 -17.97
CA VAL T 126 28.76 37.41 -17.71
C VAL T 126 28.93 37.34 -16.18
N HIS T 127 29.05 36.14 -15.65
CA HIS T 127 29.26 35.93 -14.22
C HIS T 127 30.55 35.14 -14.11
N ILE T 128 31.55 35.69 -13.43
CA ILE T 128 32.84 35.04 -13.29
C ILE T 128 33.11 34.71 -11.82
N GLY T 129 33.65 33.53 -11.57
CA GLY T 129 34.07 33.10 -10.26
C GLY T 129 35.44 32.47 -10.35
N TYR T 130 36.27 32.60 -9.31
CA TYR T 130 37.59 31.96 -9.30
C TYR T 130 38.07 31.70 -7.89
N LEU T 131 38.96 30.72 -7.75
CA LEU T 131 39.53 30.36 -6.46
C LEU T 131 40.99 30.75 -6.47
N PRO T 132 41.35 31.84 -5.78
CA PRO T 132 42.72 32.32 -5.85
C PRO T 132 43.71 31.37 -5.20
N ASN T 133 44.94 31.45 -5.66
CA ASN T 133 46.03 30.68 -5.09
C ASN T 133 46.87 31.70 -4.30
N LYS T 134 46.28 32.26 -3.21
CA LYS T 134 46.82 33.33 -2.33
C LYS T 134 46.68 34.72 -2.97
N GLN T 135 47.13 34.86 -4.25
CA GLN T 135 47.04 36.08 -5.06
C GLN T 135 45.69 36.33 -5.69
N VAL T 136 45.13 37.49 -5.40
CA VAL T 136 43.87 37.95 -5.97
C VAL T 136 44.15 38.89 -7.14
N LEU T 137 43.20 39.01 -8.06
CA LEU T 137 43.29 39.88 -9.23
C LEU T 137 42.42 41.13 -8.98
N GLY T 138 42.73 42.23 -9.65
CA GLY T 138 41.96 43.47 -9.56
C GLY T 138 40.56 43.21 -10.10
N LEU T 139 39.52 43.53 -9.31
CA LEU T 139 38.15 43.22 -9.72
C LEU T 139 37.77 43.71 -11.10
N SER T 140 38.21 44.91 -11.51
CA SER T 140 37.82 45.42 -12.82
C SER T 140 38.45 44.67 -13.97
N LYS T 141 39.63 44.06 -13.75
CA LYS T 141 40.36 43.30 -14.74
C LYS T 141 39.56 42.09 -15.27
N LEU T 142 38.64 41.55 -14.45
CA LEU T 142 37.75 40.46 -14.88
C LEU T 142 36.78 40.94 -15.94
N ALA T 143 36.23 42.14 -15.76
CA ALA T 143 35.33 42.77 -16.73
C ALA T 143 36.09 43.21 -17.97
N ARG T 144 37.35 43.64 -17.81
CA ARG T 144 38.20 44.03 -18.94
C ARG T 144 38.59 42.80 -19.81
N ILE T 145 38.72 41.60 -19.19
CA ILE T 145 38.97 40.35 -19.91
C ILE T 145 37.71 40.02 -20.74
N VAL T 146 36.50 40.25 -20.20
CA VAL T 146 35.25 40.06 -20.93
C VAL T 146 35.23 40.93 -22.18
N GLU T 147 35.67 42.18 -22.06
CA GLU T 147 35.72 43.14 -23.15
C GLU T 147 36.70 42.77 -24.26
N ILE T 148 37.80 42.05 -23.93
CA ILE T 148 38.75 41.64 -24.97
C ILE T 148 38.06 40.70 -25.95
N TYR T 149 37.31 39.73 -25.42
CA TYR T 149 36.71 38.70 -26.24
C TYR T 149 35.29 39.01 -26.73
N SER T 150 34.52 39.81 -25.98
CA SER T 150 33.15 40.15 -26.43
C SER T 150 33.17 41.13 -27.58
N ARG T 151 34.17 42.03 -27.63
CA ARG T 151 34.30 42.99 -28.71
C ARG T 151 34.99 42.36 -29.91
N ARG T 152 34.38 41.31 -30.47
CA ARG T 152 34.85 40.55 -31.60
C ARG T 152 33.63 39.92 -32.29
N LEU T 153 33.82 39.32 -33.48
CA LEU T 153 32.76 38.56 -34.13
C LEU T 153 32.84 37.22 -33.43
N GLN T 154 31.75 36.83 -32.80
CA GLN T 154 31.76 35.69 -31.92
C GLN T 154 30.65 34.67 -32.05
N VAL T 155 30.87 33.59 -31.32
CA VAL T 155 29.97 32.49 -31.05
C VAL T 155 30.03 32.42 -29.49
N GLN T 156 28.88 32.39 -28.83
CA GLN T 156 28.77 32.43 -27.37
C GLN T 156 29.61 31.38 -26.64
N GLU T 157 29.65 30.16 -27.18
CA GLU T 157 30.43 29.07 -26.61
C GLU T 157 31.93 29.41 -26.62
N ARG T 158 32.42 30.00 -27.71
CA ARG T 158 33.81 30.38 -27.82
C ARG T 158 34.15 31.49 -26.86
N LEU T 159 33.31 32.53 -26.83
CA LEU T 159 33.46 33.69 -25.95
C LEU T 159 33.58 33.25 -24.48
N THR T 160 32.71 32.33 -24.04
CA THR T 160 32.71 31.81 -22.67
C THR T 160 34.04 31.11 -22.34
N LYS T 161 34.54 30.24 -23.25
CA LYS T 161 35.79 29.50 -23.07
C LYS T 161 36.98 30.43 -23.01
N GLN T 162 37.04 31.40 -23.92
CA GLN T 162 38.13 32.37 -24.00
C GLN T 162 38.30 33.16 -22.72
N ILE T 163 37.20 33.63 -22.12
CA ILE T 163 37.26 34.37 -20.87
C ILE T 163 37.86 33.50 -19.75
N ALA T 164 37.37 32.26 -19.60
CA ALA T 164 37.86 31.35 -18.56
C ALA T 164 39.35 31.01 -18.72
N VAL T 165 39.78 30.79 -19.98
CA VAL T 165 41.16 30.45 -20.29
C VAL T 165 42.08 31.64 -20.04
N ALA T 166 41.62 32.86 -20.36
CA ALA T 166 42.42 34.06 -20.15
C ALA T 166 42.68 34.27 -18.66
N ILE T 167 41.67 34.03 -17.81
CA ILE T 167 41.82 34.18 -16.36
C ILE T 167 42.80 33.13 -15.80
N THR T 168 42.69 31.88 -16.27
CA THR T 168 43.58 30.80 -15.85
C THR T 168 45.02 31.10 -16.23
N GLU T 169 45.23 31.65 -17.43
CA GLU T 169 46.57 31.97 -17.89
C GLU T 169 47.15 33.20 -17.19
N ALA T 170 46.33 34.19 -16.89
CA ALA T 170 46.79 35.41 -16.23
C ALA T 170 47.13 35.23 -14.75
N LEU T 171 46.42 34.35 -14.05
CA LEU T 171 46.55 34.22 -12.61
C LEU T 171 47.04 32.90 -12.10
N ARG T 172 46.80 31.82 -12.87
CA ARG T 172 47.09 30.44 -12.46
C ARG T 172 46.40 30.10 -11.11
N PRO T 173 45.07 30.27 -11.03
CA PRO T 173 44.38 30.00 -9.76
C PRO T 173 44.02 28.52 -9.61
N ALA T 174 43.41 28.15 -8.46
CA ALA T 174 42.97 26.77 -8.24
C ALA T 174 41.86 26.38 -9.25
N GLY T 175 41.01 27.34 -9.63
CA GLY T 175 39.94 27.11 -10.59
C GLY T 175 39.25 28.37 -11.04
N VAL T 176 38.54 28.31 -12.19
CA VAL T 176 37.77 29.41 -12.77
C VAL T 176 36.40 28.88 -13.25
N GLY T 177 35.38 29.70 -13.14
CA GLY T 177 34.04 29.38 -13.61
C GLY T 177 33.49 30.60 -14.31
N VAL T 178 32.96 30.43 -15.54
CA VAL T 178 32.40 31.56 -16.30
C VAL T 178 31.04 31.14 -16.81
N VAL T 179 30.01 31.95 -16.56
CA VAL T 179 28.66 31.68 -17.08
C VAL T 179 28.24 32.90 -17.90
N VAL T 180 27.78 32.69 -19.14
CA VAL T 180 27.29 33.76 -19.98
C VAL T 180 25.81 33.51 -20.27
N GLU T 181 24.96 34.52 -20.10
CA GLU T 181 23.53 34.42 -20.40
C GLU T 181 23.24 35.53 -21.37
N ALA T 182 22.75 35.21 -22.57
CA ALA T 182 22.58 36.22 -23.61
C ALA T 182 21.33 36.08 -24.47
N THR T 183 20.88 37.19 -25.04
CA THR T 183 19.82 37.29 -26.00
C THR T 183 20.51 37.51 -27.33
N HIS T 184 20.22 36.65 -28.30
CA HIS T 184 20.75 36.80 -29.62
C HIS T 184 19.66 37.50 -30.42
N MET T 185 19.93 38.69 -30.95
CA MET T 185 18.96 39.42 -31.76
C MET T 185 18.63 38.69 -33.05
N CYS T 186 19.50 37.80 -33.54
CA CYS T 186 19.23 36.93 -34.70
C CYS T 186 18.08 35.99 -34.44
N MET T 187 17.80 35.70 -33.17
CA MET T 187 16.71 34.82 -32.81
C MET T 187 15.46 35.61 -32.37
N VAL T 188 15.56 36.94 -32.09
CA VAL T 188 14.39 37.70 -31.65
C VAL T 188 13.83 38.58 -32.79
N MET T 189 14.68 39.31 -33.52
CA MET T 189 14.14 40.19 -34.57
C MET T 189 14.13 39.59 -35.97
N ARG T 190 14.28 38.25 -36.06
CA ARG T 190 14.51 37.59 -37.34
C ARG T 190 14.51 36.04 -37.12
N GLY T 191 14.54 35.27 -38.22
CA GLY T 191 14.61 33.80 -38.19
C GLY T 191 13.51 33.14 -37.41
N VAL T 192 13.87 32.50 -36.26
CA VAL T 192 12.84 31.85 -35.43
C VAL T 192 11.91 32.85 -34.76
N GLN T 193 12.38 34.10 -34.54
CA GLN T 193 11.56 35.14 -33.92
C GLN T 193 10.96 34.68 -32.60
N LYS T 194 11.84 34.19 -31.70
CA LYS T 194 11.51 33.72 -30.35
C LYS T 194 11.98 34.81 -29.40
N MET T 195 11.03 35.62 -29.01
CA MET T 195 11.16 36.82 -28.19
C MET T 195 11.90 36.67 -26.89
N ASN T 196 11.55 35.67 -26.09
CA ASN T 196 12.10 35.52 -24.75
C ASN T 196 13.20 34.48 -24.63
N SER T 197 13.69 33.92 -25.74
CA SER T 197 14.72 32.87 -25.66
C SER T 197 16.04 33.49 -25.21
N LYS T 198 16.73 32.76 -24.33
CA LYS T 198 17.97 33.18 -23.74
C LYS T 198 18.91 31.97 -23.84
N THR T 199 20.18 32.21 -24.22
CA THR T 199 21.19 31.16 -24.31
C THR T 199 22.10 31.23 -23.09
N VAL T 200 22.30 30.10 -22.40
CA VAL T 200 23.15 30.05 -21.22
C VAL T 200 24.33 29.10 -21.52
N THR T 201 25.56 29.63 -21.46
CA THR T 201 26.76 28.82 -21.66
C THR T 201 27.66 28.91 -20.43
N SER T 202 28.53 27.92 -20.23
CA SER T 202 29.44 27.91 -19.09
C SER T 202 30.74 27.21 -19.41
N THR T 203 31.82 27.63 -18.74
CA THR T 203 33.15 27.02 -18.82
C THR T 203 33.72 26.94 -17.42
N MET T 204 34.02 25.72 -16.96
CA MET T 204 34.56 25.48 -15.63
C MET T 204 35.95 24.86 -15.77
N LEU T 205 36.94 25.48 -15.16
CA LEU T 205 38.33 25.00 -15.21
C LEU T 205 38.83 24.74 -13.79
N GLY T 206 39.80 23.85 -13.67
CA GLY T 206 40.39 23.51 -12.38
C GLY T 206 39.38 22.93 -11.41
N VAL T 207 39.37 23.45 -10.17
CA VAL T 207 38.50 23.03 -9.07
C VAL T 207 37.03 23.18 -9.41
N PHE T 208 36.68 24.20 -10.24
CA PHE T 208 35.28 24.40 -10.65
C PHE T 208 34.79 23.24 -11.51
N ARG T 209 35.69 22.60 -12.28
CA ARG T 209 35.35 21.47 -13.11
C ARG T 209 35.41 20.16 -12.33
N GLU T 210 36.47 19.98 -11.54
CA GLU T 210 36.71 18.74 -10.79
C GLU T 210 35.93 18.58 -9.47
N ASP T 211 35.64 19.66 -8.74
CA ASP T 211 34.90 19.56 -7.47
C ASP T 211 33.47 20.01 -7.65
N PRO T 212 32.51 19.06 -7.57
CA PRO T 212 31.09 19.43 -7.76
C PRO T 212 30.58 20.43 -6.74
N LYS T 213 31.03 20.35 -5.48
CA LYS T 213 30.58 21.28 -4.43
C LYS T 213 30.98 22.72 -4.71
N THR T 214 32.19 22.93 -5.28
CA THR T 214 32.67 24.27 -5.65
C THR T 214 31.81 24.83 -6.78
N ARG T 215 31.53 24.01 -7.78
CA ARG T 215 30.70 24.31 -8.94
C ARG T 215 29.27 24.71 -8.53
N GLU T 216 28.64 23.96 -7.60
CA GLU T 216 27.28 24.29 -7.17
C GLU T 216 27.22 25.53 -6.32
N GLU T 217 28.25 25.78 -5.51
CA GLU T 217 28.33 26.99 -4.70
C GLU T 217 28.40 28.22 -5.60
N PHE T 218 29.23 28.15 -6.65
CA PHE T 218 29.36 29.22 -7.62
C PHE T 218 28.02 29.49 -8.32
N LEU T 219 27.36 28.43 -8.79
CA LEU T 219 26.08 28.58 -9.49
C LEU T 219 24.97 29.17 -8.62
N THR T 220 24.97 28.90 -7.30
CA THR T 220 23.96 29.49 -6.43
C THR T 220 24.29 30.93 -6.09
N LEU T 221 25.57 31.24 -5.90
CA LEU T 221 25.98 32.60 -5.57
C LEU T 221 25.81 33.61 -6.73
N ILE T 222 25.68 33.13 -7.97
CA ILE T 222 25.47 34.03 -9.10
C ILE T 222 23.97 34.27 -9.40
N ARG T 223 23.05 33.57 -8.70
CA ARG T 223 21.60 33.75 -8.89
C ARG T 223 20.98 34.69 -7.86
ZN ZN U . -22.52 34.93 -1.41
O3 QBQ V . -7.34 55.36 25.33
C4 QBQ V . -2.23 56.49 19.27
C5 QBQ V . -4.76 56.31 19.30
O4 QBQ V . -6.52 53.20 24.36
C6 QBQ V . -6.19 55.88 21.01
N1 QBQ V . -4.40 58.64 17.49
C7 QBQ V . -6.08 55.65 22.49
C8 QBQ V . -6.09 54.62 20.14
N2 QBQ V . -3.50 56.94 18.93
C9 QBQ V . -4.74 54.81 19.44
O5 QBQ V . -5.22 51.03 24.63
C10 QBQ V . -1.67 58.93 16.60
O6 QBQ V . -7.85 51.06 24.67
N3 QBQ V . -2.74 59.68 16.14
O7 QBQ V . -6.60 51.59 22.55
O8 QBQ V . -5.29 50.59 20.65
N QBQ V . -4.97 60.27 15.96
C QBQ V . -4.03 59.53 16.56
O QBQ V . -5.16 56.77 20.57
C1 QBQ V . -3.37 57.90 17.98
C2 QBQ V . -2.02 58.00 17.63
C3 QBQ V . -1.31 57.10 18.47
O1 QBQ V . -7.35 55.10 22.88
O10 QBQ V . -7.81 50.72 20.59
O11 QBQ V . -7.18 54.69 19.22
O12 QBQ V . -4.54 54.08 18.22
O13 QBQ V . -0.56 59.02 16.06
O2 QBQ V . -8.97 53.70 24.17
O9 QBQ V . -6.72 49.13 22.20
P QBQ V . -7.60 54.36 24.24
P1 QBQ V . -6.58 51.63 24.13
P2 QBQ V . -6.58 50.45 21.44
ZN ZN W . -10.91 25.15 11.21
O3 QBQ X . -11.87 11.60 -23.03
C4 QBQ X . -5.30 16.31 -23.37
C5 QBQ X . -6.26 14.80 -21.55
O4 QBQ X . -12.45 14.01 -22.30
C6 QBQ X . -8.16 13.56 -21.54
N1 QBQ X . -3.35 14.18 -21.31
C7 QBQ X . -9.32 13.26 -22.44
C8 QBQ X . -8.36 14.74 -20.59
N2 QBQ X . -5.17 15.36 -22.37
C9 QBQ X . -7.32 15.77 -21.08
O5 QBQ X . -13.48 16.28 -22.56
C10 QBQ X . -1.69 15.95 -22.89
O6 QBQ X . -14.50 14.60 -20.81
N3 QBQ X . -1.21 14.94 -22.08
O7 QBQ X . -12.20 15.60 -20.49
O8 QBQ X . -11.05 17.73 -20.00
N QBQ X . -1.41 13.16 -20.61
C QBQ X . -2.02 14.10 -21.33
O QBQ X . -6.98 13.86 -22.31
C1 QBQ X . -3.84 15.15 -22.14
C2 QBQ X . -3.12 16.02 -22.96
C3 QBQ X . -4.06 16.76 -23.74
O1 QBQ X . -10.37 12.85 -21.54
O10 QBQ X . -11.65 16.10 -18.12
O11 QBQ X . -8.09 14.26 -19.28
O12 QBQ X . -6.82 16.70 -20.11
O13 QBQ X . -0.90 16.74 -23.40
O2 QBQ X . -12.50 12.20 -20.56
O9 QBQ X . -13.41 17.41 -19.29
P QBQ X . -11.87 12.59 -21.88
P1 QBQ X . -13.28 15.12 -21.54
P2 QBQ X . -12.02 16.80 -19.44
ZN ZN Y . -8.56 35.62 -34.97
O3 QBQ Z . -30.35 34.44 -5.22
C4 QBQ Z . -23.80 38.19 -2.28
C5 QBQ Z . -25.05 38.35 -4.49
O4 QBQ Z . -28.21 33.09 -5.57
C6 QBQ Z . -26.83 37.16 -5.23
N1 QBQ Z . -24.54 41.23 -3.94
C7 QBQ Z . -27.80 36.11 -4.77
C8 QBQ Z . -25.59 36.65 -5.96
N2 QBQ Z . -24.39 38.91 -3.32
C9 QBQ Z . -24.44 37.09 -5.06
O5 QBQ Z . -26.72 31.09 -5.21
C10 QBQ Z . -22.75 41.64 -1.71
O6 QBQ Z . -28.10 31.18 -7.35
N3 QBQ Z . -23.27 42.64 -2.52
O7 QBQ Z . -26.23 32.89 -6.96
O8 QBQ Z . -23.77 33.21 -6.83
N QBQ Z . -24.51 43.51 -4.26
C QBQ Z . -24.12 42.43 -3.57
O QBQ Z . -26.37 37.97 -4.13
C1 QBQ Z . -24.08 40.23 -3.15
C2 QBQ Z . -23.24 40.34 -2.03
C3 QBQ Z . -23.09 39.03 -1.48
O1 QBQ Z . -28.28 35.52 -6.00
O10 QBQ Z . -24.96 33.58 -9.00
O11 QBQ Z . -25.53 37.30 -7.23
O12 QBQ Z . -23.20 37.34 -5.73
O13 QBQ Z . -21.88 41.88 -0.88
O2 QBQ Z . -29.36 34.02 -7.60
O9 QBQ Z . -24.69 31.27 -8.10
P QBQ Z . -29.15 34.25 -6.11
P1 QBQ Z . -27.35 31.97 -6.30
P2 QBQ Z . -24.84 32.75 -7.73
ZN ZN AA . -7.52 19.07 -24.27
O3 QBQ BA . 23.44 28.92 -41.96
C4 QBQ BA . 24.60 32.09 -34.40
C5 QBQ BA . 23.61 29.87 -35.15
O4 QBQ BA . 21.70 30.51 -41.06
C6 QBQ BA . 23.21 29.13 -37.28
N1 QBQ BA . 25.29 28.97 -32.87
C7 QBQ BA . 23.45 29.65 -38.67
C8 QBQ BA . 21.87 29.52 -36.65
N2 QBQ BA . 24.48 30.70 -34.33
C9 QBQ BA . 22.28 30.50 -35.55
O5 QBQ BA . 20.31 32.61 -41.26
C10 QBQ BA . 26.32 31.16 -31.29
O6 QBQ BA . 19.39 30.33 -42.12
N3 QBQ BA . 26.44 29.83 -30.97
O7 QBQ BA . 19.76 30.75 -39.64
O8 QBQ BA . 18.86 31.51 -37.47
N QBQ BA . 26.29 27.55 -31.36
C QBQ BA . 25.97 28.79 -31.74
O QBQ BA . 24.24 29.60 -36.38
C1 QBQ BA . 25.17 30.27 -33.22
C2 QBQ BA . 25.67 31.38 -32.55
C3 QBQ BA . 25.31 32.53 -33.31
O1 QBQ BA . 22.70 28.77 -39.54
O10 QBQ BA . 17.94 29.43 -38.53
O11 QBQ BA . 21.25 28.35 -36.16
O12 QBQ BA . 21.39 30.71 -34.45
O13 QBQ BA . 26.66 32.05 -30.50
O2 QBQ BA . 21.11 28.07 -41.28
O9 QBQ BA . 17.37 31.63 -39.56
P QBQ BA . 22.28 29.02 -41.05
P1 QBQ BA . 20.22 31.07 -41.12
P2 QBQ BA . 18.43 30.85 -38.76
ZN ZN CA . -39.15 -47.01 6.38
O3 QBQ DA . -30.17 -30.36 38.05
C4 QBQ DA . -23.45 -29.12 33.57
C5 QBQ DA . -25.92 -29.10 33.04
O4 QBQ DA . -29.18 -32.53 37.14
C6 QBQ DA . -27.71 -29.56 34.37
N1 QBQ DA . -24.99 -26.72 31.48
C7 QBQ DA . -28.01 -29.93 35.79
C8 QBQ DA . -27.53 -30.74 33.42
N2 QBQ DA . -24.57 -28.57 32.97
C9 QBQ DA . -26.06 -30.60 32.96
O5 QBQ DA . -28.01 -34.75 37.42
C10 QBQ DA . -22.11 -26.49 31.43
O6 QBQ DA . -30.57 -34.69 37.04
N3 QBQ DA . -22.98 -25.65 30.75
O7 QBQ DA . -29.00 -33.97 35.18
O8 QBQ DA . -27.31 -34.74 33.55
N QBQ DA . -25.06 -24.87 30.10
C QBQ DA . -24.35 -25.77 30.79
O QBQ DA . -26.50 -28.76 34.28
C1 QBQ DA . -24.16 -27.52 32.19
C2 QBQ DA . -22.76 -27.45 32.25
C3 QBQ DA . -22.33 -28.46 33.15
O1 QBQ DA . -29.30 -30.54 35.70
O10 QBQ DA . -29.68 -34.42 32.86
O11 QBQ DA . -28.44 -30.51 32.36
O12 QBQ DA . -25.71 -31.16 31.69
O13 QBQ DA . -20.91 -26.50 31.13
O2 QBQ DA . -31.38 -31.72 36.26
O9 QBQ DA . -29.06 -36.32 34.34
P QBQ DA . -30.09 -31.25 36.85
P1 QBQ DA . -29.22 -34.08 36.76
P2 QBQ DA . -28.73 -34.90 33.92
ZN ZN EA . 13.38 -46.79 -15.14
O3 QBQ FA . 30.53 -36.54 15.86
C4 QBQ FA . 23.09 -38.45 18.63
C5 QBQ FA . 24.62 -39.48 16.86
O4 QBQ FA . 28.67 -35.24 14.67
C6 QBQ FA . 26.64 -38.79 16.10
N1 QBQ FA . 23.60 -41.95 18.23
C7 QBQ FA . 27.66 -37.73 16.37
C8 QBQ FA . 25.60 -38.48 15.02
N2 QBQ FA . 23.71 -39.54 18.00
C9 QBQ FA . 24.29 -38.47 15.80
O5 QBQ FA . 27.32 -33.19 14.06
C10 QBQ FA . 21.45 -41.40 20.09
O6 QBQ FA . 29.05 -34.09 12.41
N3 QBQ FA . 21.94 -42.65 19.78
O7 QBQ FA . 26.95 -35.44 12.94
O8 QBQ FA . 24.46 -35.34 12.77
N QBQ FA . 23.32 -44.17 18.74
C QBQ FA . 22.97 -42.90 18.90
O QBQ FA . 25.90 -39.10 17.30
C1 QBQ FA . 23.18 -40.69 18.53
C2 QBQ FA . 22.18 -40.33 19.46
C3 QBQ FA . 22.14 -38.90 19.51
O1 QBQ FA . 28.42 -37.66 15.14
O10 QBQ FA . 25.82 -36.70 11.11
O11 QBQ FA . 25.65 -39.55 14.08
O12 QBQ FA . 23.11 -38.78 15.05
O13 QBQ FA . 20.41 -41.28 20.73
O2 QBQ FA . 30.00 -36.93 13.36
O9 QBQ FA . 25.90 -34.21 11.01
P QBQ FA . 29.50 -36.59 14.77
P1 QBQ FA . 28.04 -34.41 13.46
P2 QBQ FA . 25.71 -35.42 11.94
ZN ZN GA . 13.54 -27.63 -11.52
O3 QBQ HA . -15.69 -40.38 -30.26
C4 QBQ HA . -18.48 -40.57 -22.60
C5 QBQ HA . -17.01 -38.93 -23.86
O4 QBQ HA . -14.22 -41.75 -28.69
C6 QBQ HA . -16.21 -39.05 -25.99
N1 QBQ HA . -18.79 -37.05 -22.37
C7 QBQ HA . -16.30 -39.96 -27.18
C8 QBQ HA . -15.04 -39.33 -25.04
N2 QBQ HA . -18.11 -39.29 -22.97
C9 QBQ HA . -15.74 -39.76 -23.74
O5 QBQ HA . -13.20 -43.87 -27.85
C10 QBQ HA . -20.38 -38.39 -20.35
O6 QBQ HA . -11.80 -42.30 -29.34
N3 QBQ HA . -20.32 -37.02 -20.54
O7 QBQ HA . -12.44 -41.59 -27.01
O8 QBQ HA . -12.20 -42.20 -24.57
N QBQ HA . -19.72 -35.08 -21.64
C QBQ HA . -19.59 -36.40 -21.52
O QBQ HA . -17.42 -39.12 -25.19
C1 QBQ HA . -18.85 -38.40 -22.23
C2 QBQ HA . -19.63 -39.13 -21.32
C3 QBQ HA . -19.40 -40.51 -21.59
O1 QBQ HA . -15.13 -39.59 -27.93
O10 QBQ HA . -10.89 -40.25 -25.64
O11 QBQ HA . -14.35 -38.10 -24.92
O12 QBQ HA . -15.04 -39.56 -22.52
O13 QBQ HA . -20.91 -38.84 -19.35
O2 QBQ HA . -13.32 -39.57 -29.57
O9 QBQ HA . -10.33 -42.61 -26.19
P QBQ HA . -14.61 -40.30 -29.23
P1 QBQ HA . -12.84 -42.45 -28.29
P2 QBQ HA . -11.44 -41.68 -25.78
ZN ZN IA . 10.37 -20.30 24.17
O3 QBQ JA . 18.57 -20.41 -11.93
C4 QBQ JA . 11.46 -24.42 -11.79
C5 QBQ JA . 12.35 -22.36 -10.58
O4 QBQ JA . 18.61 -22.44 -10.40
C6 QBQ JA . 14.40 -21.39 -10.67
N1 QBQ JA . 9.60 -21.47 -11.23
C7 QBQ JA . 15.71 -21.58 -11.39
C8 QBQ JA . 14.29 -22.14 -9.34
N2 QBQ JA . 11.34 -23.11 -11.32
C9 QBQ JA . 13.19 -23.17 -9.62
O5 QBQ JA . 19.37 -24.72 -9.63
C10 QBQ JA . 7.95 -23.57 -12.33
O6 QBQ JA . 20.42 -22.67 -8.57
N3 QBQ JA . 7.51 -22.29 -12.03
O7 QBQ JA . 17.92 -23.18 -8.18
O8 QBQ JA . 16.35 -24.89 -7.26
N QBQ JA . 7.76 -20.10 -11.36
C QBQ JA . 8.31 -21.29 -11.52
O QBQ JA . 13.29 -21.82 -11.48
C1 QBQ JA . 10.06 -22.71 -11.52
C2 QBQ JA . 9.35 -23.78 -12.08
C3 QBQ JA . 10.26 -24.85 -12.25
O1 QBQ JA . 16.65 -20.97 -10.49
O10 QBQ JA . 16.93 -22.77 -5.94
O11 QBQ JA . 13.90 -21.21 -8.33
O12 QBQ JA . 12.44 -23.60 -8.49
O13 QBQ JA . 7.17 -24.45 -12.68
O2 QBQ JA . 18.65 -20.15 -9.38
O9 QBQ JA . 18.70 -24.56 -6.23
P QBQ JA . 18.17 -20.92 -10.59
P1 QBQ JA . 19.18 -23.26 -9.16
P2 QBQ JA . 17.44 -23.89 -6.84
ZN ZN KA . -31.82 -58.68 20.39
O3 QBQ LA . -24.69 -69.03 -14.29
C4 QBQ LA . -17.98 -64.84 -12.42
C5 QBQ LA . -19.47 -66.42 -11.07
O4 QBQ LA . -25.28 -66.65 -13.53
C6 QBQ LA . -21.41 -67.45 -11.68
N1 QBQ LA . -16.75 -67.39 -10.27
C7 QBQ LA . -22.28 -67.56 -12.90
C8 QBQ LA . -21.77 -66.31 -10.72
N2 QBQ LA . -18.18 -65.92 -11.55
C9 QBQ LA . -20.54 -65.39 -10.80
O5 QBQ LA . -26.01 -64.27 -13.81
C10 QBQ LA . -14.62 -65.66 -11.19
O6 QBQ LA . -27.60 -65.99 -12.71
N3 QBQ LA . -14.45 -66.79 -10.43
O7 QBQ LA . -25.50 -65.26 -11.52
O8 QBQ LA . -24.35 -63.27 -10.52
N QBQ LA . -15.14 -68.62 -9.18
C QBQ LA . -15.47 -67.60 -9.98
O QBQ LA . -20.03 -67.25 -12.06
C1 QBQ LA . -16.95 -66.31 -11.08
C2 QBQ LA . -15.98 -65.43 -11.59
C3 QBQ LA . -16.66 -64.51 -12.44
O1 QBQ LA . -23.55 -67.97 -12.36
O10 QBQ LA . -25.54 -64.98 -9.07
O11 QBQ LA . -21.95 -66.93 -9.45
O12 QBQ LA . -20.25 -64.54 -9.68
O13 QBQ LA . -13.70 -64.87 -11.38
O2 QBQ LA . -25.90 -68.57 -12.03
O9 QBQ LA . -26.86 -63.39 -10.53
P QBQ LA . -24.92 -68.16 -13.10
P1 QBQ LA . -26.20 -65.50 -12.93
P2 QBQ LA . -25.54 -64.16 -10.38
ZN ZN MA . -22.19 -32.41 34.92
O3 QBQ NA . 9.55 -14.09 30.28
C4 QBQ NA . 8.39 -17.36 22.95
C5 QBQ NA . 6.86 -16.27 24.67
O4 QBQ NA . 9.26 -16.64 30.40
C6 QBQ NA . 7.28 -15.49 26.75
N1 QBQ NA . 5.84 -15.02 22.17
C7 QBQ NA . 8.43 -15.29 27.69
C8 QBQ NA . 6.53 -16.82 26.90
N2 QBQ NA . 7.38 -16.48 23.33
C9 QBQ NA . 6.76 -17.51 25.54
O5 QBQ NA . 10.04 -19.01 30.71
C10 QBQ NA . 6.97 -16.22 19.78
O6 QBQ NA . 8.64 -17.91 32.54
N3 QBQ NA . 5.98 -15.25 19.80
O7 QBQ NA . 7.59 -18.44 30.31
O8 QBQ NA . 6.95 -20.35 28.81
N QBQ NA . 4.50 -13.77 20.78
C QBQ NA . 5.46 -14.69 20.94
O QBQ NA . 7.75 -15.43 25.38
C1 QBQ NA . 6.82 -15.97 22.19
C2 QBQ NA . 7.45 -16.56 21.08
C3 QBQ NA . 8.46 -17.43 21.59
O1 QBQ NA . 7.83 -15.27 28.99
O10 QBQ NA . 5.23 -19.19 30.26
O11 QBQ NA . 5.15 -16.53 27.11
O12 QBQ NA . 5.73 -18.40 25.10
O13 QBQ NA . 7.27 -16.80 18.74
O2 QBQ NA . 7.50 -15.22 31.46
O9 QBQ NA . 6.97 -20.65 31.30
P QBQ NA . 8.57 -15.21 30.36
P1 QBQ NA . 8.91 -18.04 31.09
P2 QBQ NA . 6.65 -19.71 30.15
ZN ZN OA . -19.77 -61.74 -13.76
O3 QBQ PA . 15.10 -52.63 -21.63
C4 QBQ PA . 14.49 -50.16 -13.68
C5 QBQ PA . 13.65 -52.17 -15.01
O4 QBQ PA . 13.19 -51.01 -21.07
C6 QBQ PA . 13.84 -52.73 -17.21
N1 QBQ PA . 14.57 -53.49 -12.51
C7 QBQ PA . 14.49 -52.23 -18.47
C8 QBQ PA . 12.40 -52.24 -17.00
N2 QBQ PA . 14.29 -51.53 -13.86
C9 QBQ PA . 12.48 -51.45 -15.68
O5 QBQ PA . 11.98 -48.83 -21.34
C10 QBQ PA . 15.23 -51.61 -10.41
O6 QBQ PA . 11.39 -50.75 -22.90
N3 QBQ PA . 15.24 -52.99 -10.28
O7 QBQ PA . 10.85 -50.92 -20.48
O8 QBQ PA . 9.87 -49.57 -18.58
N QBQ PA . 15.03 -55.17 -10.99
C QBQ PA . 14.93 -53.87 -11.28
O QBQ PA . 14.59 -52.31 -16.05
C1 QBQ PA . 14.59 -52.16 -12.68
C2 QBQ PA . 14.93 -51.17 -11.74
C3 QBQ PA . 14.89 -49.91 -12.40
O1 QBQ PA . 13.67 -52.82 -19.50
O10 QBQ PA . 8.94 -51.85 -19.37
O11 QBQ PA . 11.58 -53.40 -16.90
O12 QBQ PA . 11.29 -51.48 -14.90
O13 QBQ PA . 15.31 -50.88 -9.42
O2 QBQ PA . 12.71 -53.39 -21.67
O9 QBQ PA . 8.61 -49.82 -20.84
P QBQ PA . 13.73 -52.51 -21.03
P1 QBQ PA . 11.85 -50.32 -21.56
P2 QBQ PA . 9.49 -50.49 -19.77
ZN ZN QA . -5.89 -42.11 40.00
O3 QBQ RA . -33.96 -62.76 27.76
C4 QBQ RA . -29.70 -61.83 21.04
C5 QBQ RA . -29.02 -62.18 23.47
O4 QBQ RA . -33.77 -60.27 27.34
C6 QBQ RA . -30.30 -62.37 25.36
N1 QBQ RA . -27.13 -64.02 22.11
C7 QBQ RA . -31.75 -62.44 25.71
C8 QBQ RA . -29.68 -60.96 25.34
N2 QBQ RA . -28.97 -62.45 22.04
C9 QBQ RA . -29.38 -60.75 23.85
O5 QBQ RA . -34.40 -57.93 26.71
C10 QBQ RA . -27.06 -63.64 19.25
O6 QBQ RA . -33.84 -58.43 29.17
N3 QBQ RA . -26.20 -64.46 19.96
O7 QBQ RA . -32.03 -58.57 27.39
O8 QBQ RA . -30.63 -57.24 25.73
N QBQ RA . -25.40 -65.52 21.84
C QBQ RA . -26.26 -64.65 21.32
O QBQ RA . -30.04 -62.95 24.06
C1 QBQ RA . -27.99 -63.21 21.45
C2 QBQ RA . -28.06 -63.00 20.05
C3 QBQ RA . -29.17 -62.12 19.81
O1 QBQ RA . -31.84 -61.71 26.96
O10 QBQ RA . -29.83 -57.70 28.11
O11 QBQ RA . -28.49 -61.04 26.10
O12 QBQ RA . -28.33 -59.82 23.57
O13 QBQ RA . -26.87 -63.43 18.06
O2 QBQ RA . -32.55 -61.28 29.29
O9 QBQ RA . -31.75 -56.12 27.76
P QBQ RA . -33.06 -61.58 27.89
P1 QBQ RA . -33.58 -58.74 27.72
P2 QBQ RA . -31.01 -57.36 27.20
ZN ZN SA . 22.15 -34.78 18.06
O3 QBQ TA . 0.10 -42.62 46.52
C4 QBQ TA . -4.33 -45.58 40.16
C5 QBQ TA . -1.86 -45.60 40.72
O4 QBQ TA . -0.46 -41.01 44.62
C6 QBQ TA . -0.76 -44.61 42.45
N1 QBQ TA . -2.20 -48.39 39.73
C7 QBQ TA . -1.10 -43.79 43.66
C8 QBQ TA . -0.47 -43.79 41.19
N2 QBQ TA . -3.10 -46.22 40.28
C9 QBQ TA . -1.62 -44.17 40.25
O5 QBQ TA . -1.39 -38.87 43.66
C10 QBQ TA . -4.78 -48.86 38.53
O6 QBQ TA . 0.98 -38.92 44.73
N3 QBQ TA . -3.76 -49.78 38.59
O7 QBQ TA . 0.54 -40.13 42.58
O8 QBQ TA . -0.63 -40.04 40.38
N QBQ TA . -1.70 -50.58 39.26
C QBQ TA . -2.55 -49.55 39.18
O QBQ TA . -1.84 -45.51 42.13
C1 QBQ TA . -3.20 -47.46 39.72
C2 QBQ TA . -4.49 -47.60 39.20
C3 QBQ TA . -5.20 -46.40 39.48
O1 QBQ TA . 0.18 -43.33 44.14
O10 QBQ TA . 1.95 -40.30 40.56
O11 QBQ TA . 0.82 -44.17 40.70
O12 QBQ TA . -1.36 -44.10 38.84
O13 QBQ TA . -5.79 -49.10 37.87
O2 QBQ TA . 1.94 -41.74 44.96
O9 QBQ TA . 0.93 -38.13 41.10
P QBQ TA . 0.47 -42.19 45.15
P1 QBQ TA . -0.09 -39.62 43.96
P2 QBQ TA . 0.67 -39.63 41.08
ZN ZN UA . -17.06 -43.99 -22.27
O3 QBQ VA . -45.89 -46.57 0.72
C4 QBQ VA . -40.05 -43.46 5.48
C5 QBQ VA . -40.80 -43.03 3.12
O4 QBQ VA . -43.79 -48.00 0.78
C6 QBQ VA . -42.42 -44.05 1.89
N1 QBQ VA . -40.29 -40.23 4.07
C7 QBQ VA . -43.51 -45.07 2.03
C8 QBQ VA . -41.06 -44.59 1.43
N2 QBQ VA . -40.38 -42.61 4.44
C9 QBQ VA . -40.14 -44.30 2.61
O5 QBQ VA . -42.39 -49.91 1.49
C10 QBQ VA . -39.00 -40.16 6.65
O6 QBQ VA . -43.34 -49.99 -0.83
N3 QBQ VA . -39.28 -39.04 5.88
O7 QBQ VA . -41.61 -48.21 -0.22
O8 QBQ VA . -39.31 -47.99 0.76
N QBQ VA . -40.07 -37.92 4.03
C QBQ VA . -39.90 -39.09 4.66
O QBQ VA . -42.17 -43.35 3.13
C1 QBQ VA . -40.06 -41.34 4.82
C2 QBQ VA . -39.47 -41.39 6.09
C3 QBQ VA . -39.48 -42.75 6.50
O1 QBQ VA . -43.55 -45.61 0.71
O10 QBQ VA . -39.83 -47.23 -1.64
O11 QBQ VA . -40.68 -43.85 0.28
O12 QBQ VA . -38.77 -44.13 2.32
O13 QBQ VA . -38.28 -40.06 7.64
O2 QBQ VA . -44.30 -46.80 -1.35
O9 QBQ VA . -39.75 -49.65 -1.11
P QBQ VA . -44.51 -46.74 0.14
P1 QBQ VA . -42.80 -49.13 0.26
P2 QBQ VA . -40.04 -48.26 -0.54
ZN ZN WA . 17.56 44.96 21.99
O3 QBQ XA . -11.03 21.80 19.36
C4 QBQ XA . -8.54 22.40 11.58
C5 QBQ XA . -7.39 22.18 13.83
O4 QBQ XA . -10.95 24.18 18.53
C6 QBQ XA . -8.20 22.13 15.94
N1 QBQ XA . -5.78 20.27 12.21
C7 QBQ XA . -9.52 22.12 16.66
C8 QBQ XA . -7.58 23.51 15.72
N2 QBQ XA . -7.62 21.82 12.43
C9 QBQ XA . -7.55 23.64 14.19
O5 QBQ XA . -11.99 26.35 17.80
C10 QBQ XA . -6.35 20.44 9.38
O6 QBQ XA . -10.92 26.15 20.18
N3 QBQ XA . -5.31 19.72 9.94
O7 QBQ XA . -9.47 26.07 18.09
O8 QBQ XA . -8.65 27.33 16.07
N QBQ XA . -4.03 18.87 11.68
C QBQ XA . -5.06 19.64 11.29
O QBQ XA . -8.32 21.51 14.64
C1 QBQ XA . -6.81 20.99 11.70
C2 QBQ XA . -7.19 21.10 10.36
C3 QBQ XA . -8.31 21.99 10.30
O1 QBQ XA . -9.18 22.62 17.96
O10 QBQ XA . -7.22 27.11 18.16
O11 QBQ XA . -6.27 23.49 16.28
O12 QBQ XA . -6.52 24.45 13.65
O13 QBQ XA . -6.43 20.56 8.16
O2 QBQ XA . -9.28 23.48 20.26
O9 QBQ XA . -9.25 28.53 18.21
P QBQ XA . -10.13 22.97 19.12
P1 QBQ XA . -10.90 25.76 18.72
P2 QBQ XA . -8.63 27.32 17.58
ZN ZN YA . 22.46 54.84 -33.87
O3 QBQ ZA . -9.44 38.41 -43.19
C4 QBQ ZA . -10.12 39.02 -35.09
C5 QBQ ZA . -9.21 40.56 -36.89
O4 QBQ ZA . -7.45 37.37 -42.03
C6 QBQ ZA . -8.98 40.25 -39.14
N1 QBQ ZA . -10.74 42.51 -35.22
C7 QBQ ZA . -9.28 39.21 -40.17
C8 QBQ ZA . -7.59 40.14 -38.50
N2 QBQ ZA . -10.02 40.25 -35.71
C9 QBQ ZA . -7.89 39.81 -37.04
O5 QBQ ZA . -6.00 35.41 -41.38
C10 QBQ ZA . -11.62 41.38 -32.72
O6 QBQ ZA . -5.18 36.99 -43.24
N3 QBQ ZA . -11.74 42.71 -33.08
O7 QBQ ZA . -5.38 37.83 -40.85
O8 QBQ ZA . -4.40 37.68 -38.55
N QBQ ZA . -11.44 44.55 -34.44
C QBQ ZA . -11.31 43.23 -34.27
O QBQ ZA . -9.93 40.22 -38.05
C1 QBQ ZA . -10.62 41.19 -34.91
C2 QBQ ZA . -11.05 40.55 -33.74
C3 QBQ ZA . -10.73 39.17 -33.87
O1 QBQ ZA . -8.37 39.52 -41.23
O10 QBQ ZA . -3.63 39.45 -40.13
O11 QBQ ZA . -6.97 41.41 -38.65
O12 QBQ ZA . -6.89 40.20 -36.10
O13 QBQ ZA . -11.89 41.00 -31.58
O2 QBQ ZA . -7.08 39.47 -43.32
O9 QBQ ZA . -3.03 37.03 -40.54
P QBQ ZA . -8.13 38.72 -42.54
P1 QBQ ZA . -5.95 36.84 -41.96
P2 QBQ ZA . -4.07 38.00 -39.95
ZN ZN AB . -0.15 53.38 20.58
O3 QBQ BB . 27.93 72.52 6.08
C4 QBQ BB . 24.98 68.53 -0.32
C5 QBQ BB . 23.78 69.70 1.59
O4 QBQ BB . 27.69 69.98 6.33
C6 QBQ BB . 24.67 70.72 3.43
N1 QBQ BB . 22.13 70.59 -0.72
C7 QBQ BB . 26.04 71.09 3.95
C8 QBQ BB . 24.15 69.35 3.87
N2 QBQ BB . 24.01 69.38 0.19
C9 QBQ BB . 24.07 68.57 2.56
O5 QBQ BB . 28.73 67.75 6.82
C10 QBQ BB . 22.81 69.22 -3.19
O6 QBQ BB . 27.84 69.17 8.74
N3 QBQ BB . 21.78 70.14 -3.03
O7 QBQ BB . 26.24 68.16 7.01
O8 QBQ BB . 25.51 66.09 5.80
N QBQ BB . 20.48 71.69 -1.90
C QBQ BB . 21.48 70.79 -1.86
O QBQ BB . 24.67 70.72 1.99
C1 QBQ BB . 23.17 69.73 -0.84
C2 QBQ BB . 23.59 69.04 -1.99
C3 QBQ BB . 24.74 68.30 -1.64
O1 QBQ BB . 25.87 71.19 5.37
O10 QBQ BB . 24.02 67.26 7.54
O11 QBQ BB . 22.86 69.50 4.45
O12 QBQ BB . 23.11 67.53 2.49
O13 QBQ BB . 22.91 68.55 -4.21
O2 QBQ BB . 26.31 71.48 7.82
O9 QBQ BB . 26.09 66.03 8.32
P QBQ BB . 26.99 71.40 6.44
P1 QBQ BB . 27.70 68.74 7.31
P2 QBQ BB . 25.45 66.79 7.15
ZN ZN CB . 38.52 51.38 -6.96
O3 QBQ DB . 24.94 45.50 26.81
C4 QBQ DB . 19.37 41.74 22.07
C5 QBQ DB . 21.91 41.87 22.00
O4 QBQ DB . 23.90 47.03 25.02
C6 QBQ DB . 23.25 43.07 23.40
N1 QBQ DB . 21.48 39.00 21.25
C7 QBQ DB . 23.11 43.98 24.58
C8 QBQ DB . 23.26 43.76 22.03
N2 QBQ DB . 20.63 41.18 21.88
C9 QBQ DB . 21.96 43.25 21.38
O5 QBQ DB . 22.73 49.12 24.20
C10 QBQ DB . 18.68 38.34 20.89
O6 QBQ DB . 25.30 49.11 24.43
N3 QBQ DB . 19.74 37.45 20.72
O7 QBQ DB . 24.15 47.65 22.69
O8 QBQ DB . 22.70 47.46 20.72
N QBQ DB . 21.95 36.79 20.79
C QBQ DB . 21.06 37.78 20.93
O QBQ DB . 22.18 42.10 23.36
C1 QBQ DB . 20.46 39.88 21.45
C2 QBQ DB . 19.08 39.64 21.33
C3 QBQ DB . 18.41 40.82 21.74
O1 QBQ DB . 24.40 44.64 24.55
O10 QBQ DB . 25.19 47.50 20.41
O11 QBQ DB . 24.43 43.31 21.38
O12 QBQ DB . 21.93 43.13 19.96
O13 QBQ DB . 17.53 38.03 20.55
O2 QBQ DB . 26.29 46.26 24.76
O9 QBQ DB . 23.95 49.57 21.21
P QBQ DB . 24.93 45.87 25.36
P1 QBQ DB . 24.04 48.33 24.12
P2 QBQ DB . 23.97 48.05 21.17
ZN ZN EB . 27.57 65.72 0.44
O3 QBQ FB . 26.75 62.20 -36.26
C4 QBQ FB . 20.20 57.87 -34.04
C5 QBQ FB . 21.22 60.05 -33.23
O4 QBQ FB . 27.33 60.33 -34.62
C6 QBQ FB . 23.11 61.11 -33.88
N1 QBQ FB . 18.32 60.77 -33.24
C7 QBQ FB . 24.22 60.96 -34.88
C8 QBQ FB . 23.38 60.49 -32.50
N2 QBQ FB . 20.11 59.19 -33.65
C9 QBQ FB . 22.31 59.39 -32.41
O5 QBQ FB . 28.38 58.16 -33.92
C10 QBQ FB . 16.59 58.50 -33.73
O6 QBQ FB . 29.49 60.37 -33.24
N3 QBQ FB . 16.16 59.78 -33.45
O7 QBQ FB . 27.25 59.71 -32.25
O8 QBQ FB . 26.09 58.13 -30.74
N QBQ FB . 16.42 62.03 -32.99
C QBQ FB . 17.00 60.85 -33.23
O QBQ FB . 21.89 60.53 -34.38
C1 QBQ FB . 18.79 59.52 -33.55
C2 QBQ FB . 18.03 58.39 -33.84
C3 QBQ FB . 18.94 57.34 -34.17
O1 QBQ FB . 25.30 61.73 -34.32
O10 QBQ FB . 26.82 60.39 -29.89
O11 QBQ FB . 23.18 61.50 -31.52
O12 QBQ FB . 21.87 59.03 -31.10
O13 QBQ FB . 15.80 57.56 -33.78
O2 QBQ FB . 27.49 62.73 -33.85
O9 QBQ FB . 28.53 58.62 -30.40
P QBQ FB . 26.76 61.81 -34.84
P1 QBQ FB . 28.22 59.63 -33.50
P2 QBQ FB . 27.14 59.17 -30.76
ZN ZN GB . 23.03 35.22 -35.73
O3 QBQ HB . 46.28 49.82 -11.08
C4 QBQ HB . 39.87 47.89 -6.34
C5 QBQ HB . 41.08 46.76 -8.27
O4 QBQ HB . 44.12 50.91 -11.85
C6 QBQ HB . 42.80 47.46 -9.58
N1 QBQ HB . 40.67 44.43 -6.44
C7 QBQ HB . 43.76 48.61 -9.70
C8 QBQ HB . 41.50 47.60 -10.41
N2 QBQ HB . 40.48 46.80 -6.94
C9 QBQ HB . 40.41 47.63 -9.33
O5 QBQ HB . 42.58 52.84 -12.27
C10 QBQ HB . 38.92 45.07 -4.21
O6 QBQ HB . 43.84 51.80 -14.22
N3 QBQ HB . 39.42 43.81 -4.49
O7 QBQ HB . 42.06 50.45 -13.06
O8 QBQ HB . 39.64 50.37 -12.59
N QBQ HB . 40.63 42.26 -5.71
C QBQ HB . 40.26 43.53 -5.56
O QBQ HB . 42.41 47.26 -8.20
C1 QBQ HB . 40.22 45.69 -6.17
C2 QBQ HB . 39.39 46.09 -5.11
C3 QBQ HB . 39.20 47.49 -5.23
O1 QBQ HB . 44.16 48.56 -11.08
O10 QBQ HB . 40.56 48.95 -14.44
O11 QBQ HB . 41.37 46.44 -11.21
O12 QBQ HB . 39.11 47.19 -9.71
O13 QBQ HB . 38.04 45.23 -3.37
O2 QBQ HB . 45.13 49.12 -13.29
O9 QBQ HB . 40.46 51.38 -14.76
P QBQ HB . 45.04 49.61 -11.85
P1 QBQ HB . 43.16 51.58 -12.92
P2 QBQ HB . 40.61 50.28 -13.70
#